data_6K7Q
#
_entry.id   6K7Q
#
_cell.length_a   103.270
_cell.length_b   103.458
_cell.length_c   125.768
_cell.angle_alpha   77.40
_cell.angle_beta   84.81
_cell.angle_gamma   61.43
#
_symmetry.space_group_name_H-M   'P 1'
#
loop_
_entity.id
_entity.type
_entity.pdbx_description
1 polymer 'Thymidylate synthase'
2 non-polymer 'SULFATE ION'
3 water water
#
_entity_poly.entity_id   1
_entity_poly.type   'polypeptide(L)'
_entity_poly.pdbx_seq_one_letter_code
;SNAMRHDEYQYLDLIRQIMRTGNRKGDRTGTGTISMFGAQMRYSLRDGIFPLLTTKRVFWRGVAEELLWFVRGSTNAKEL
QEKDIHIWDGNSSKEFLNKMGFHDREEGDLGPVYGFQWRHFGAPYADMHTDYTGQGVDQLQQVIDTIKNNPDDRRIIMCA
WNPVDVPKMALPPCHCLCQFYVANGELSCQLYQRSADMGLGVPFNIASYALLTYMIAHVTDLKPGDFVHTLGDAHVYSNH
CEALEEQLKREPRPFPSLKIKRKVENISDFKFEDFELDGYKPHPKIKMEMAV
;
_entity_poly.pdbx_strand_id   A,B,C,D,E,F,G,H,I,J,K,L,M,N,O,P
#
loop_
_chem_comp.id
_chem_comp.type
_chem_comp.name
_chem_comp.formula
SO4 non-polymer 'SULFATE ION' 'O4 S -2'
#
# COMPACT_ATOMS: atom_id res chain seq x y z
N MET A 4 -25.97 -61.42 5.27
CA MET A 4 -27.06 -61.95 4.46
C MET A 4 -26.63 -63.21 3.64
N ARG A 5 -25.47 -63.11 2.91
CA ARG A 5 -24.72 -64.08 2.07
C ARG A 5 -23.27 -64.02 2.59
N HIS A 6 -22.49 -65.14 2.57
CA HIS A 6 -21.11 -65.24 3.09
C HIS A 6 -20.23 -64.10 2.61
N ASP A 7 -19.59 -63.38 3.57
CA ASP A 7 -18.73 -62.22 3.34
C ASP A 7 -17.57 -62.50 2.37
N GLU A 8 -17.01 -63.75 2.35
CA GLU A 8 -15.94 -64.21 1.45
C GLU A 8 -16.33 -64.11 -0.05
N TYR A 9 -17.63 -64.12 -0.38
CA TYR A 9 -18.11 -63.95 -1.76
C TYR A 9 -17.75 -62.55 -2.35
N GLN A 10 -17.45 -61.55 -1.53
CA GLN A 10 -17.03 -60.22 -1.99
C GLN A 10 -15.62 -60.33 -2.57
N TYR A 11 -14.76 -61.10 -1.85
CA TYR A 11 -13.37 -61.33 -2.23
C TYR A 11 -13.31 -62.22 -3.49
N LEU A 12 -14.15 -63.25 -3.52
CA LEU A 12 -14.25 -64.21 -4.60
C LEU A 12 -14.72 -63.51 -5.89
N ASP A 13 -15.81 -62.72 -5.79
CA ASP A 13 -16.41 -61.97 -6.91
C ASP A 13 -15.45 -60.97 -7.51
N LEU A 14 -14.60 -60.35 -6.67
CA LEU A 14 -13.61 -59.40 -7.13
C LEU A 14 -12.49 -60.07 -7.93
N ILE A 15 -11.93 -61.22 -7.45
CA ILE A 15 -10.90 -61.99 -8.18
C ILE A 15 -11.45 -62.31 -9.58
N ARG A 16 -12.68 -62.87 -9.62
CA ARG A 16 -13.43 -63.21 -10.83
C ARG A 16 -13.54 -62.00 -11.77
N GLN A 17 -13.99 -60.84 -11.24
CA GLN A 17 -14.16 -59.58 -11.95
C GLN A 17 -12.82 -59.07 -12.54
N ILE A 18 -11.71 -59.18 -11.76
CA ILE A 18 -10.37 -58.74 -12.18
C ILE A 18 -9.85 -59.61 -13.31
N MET A 19 -9.91 -60.96 -13.15
CA MET A 19 -9.43 -61.91 -14.16
C MET A 19 -10.21 -61.84 -15.48
N ARG A 20 -11.50 -61.44 -15.42
CA ARG A 20 -12.40 -61.31 -16.57
C ARG A 20 -12.35 -59.94 -17.25
N THR A 21 -12.43 -58.80 -16.50
CA THR A 21 -12.46 -57.48 -17.12
C THR A 21 -11.29 -56.52 -16.75
N GLY A 22 -10.33 -57.00 -15.95
CA GLY A 22 -9.20 -56.20 -15.50
C GLY A 22 -8.19 -55.81 -16.57
N ASN A 23 -7.31 -54.86 -16.22
CA ASN A 23 -6.27 -54.29 -17.09
C ASN A 23 -4.92 -54.96 -16.90
N ARG A 24 -4.37 -55.49 -18.00
CA ARG A 24 -3.09 -56.19 -17.98
C ARG A 24 -1.93 -55.18 -18.02
N LYS A 25 -0.92 -55.38 -17.14
CA LYS A 25 0.26 -54.52 -17.01
C LYS A 25 1.53 -55.37 -16.85
N GLY A 26 2.69 -54.86 -17.30
CA GLY A 26 3.96 -55.57 -17.20
C GLY A 26 4.04 -56.89 -17.95
N ASP A 27 5.08 -57.71 -17.67
CA ASP A 27 5.31 -58.99 -18.33
C ASP A 27 4.45 -60.15 -17.82
N ARG A 28 3.59 -60.64 -18.71
CA ARG A 28 2.68 -61.77 -18.52
C ARG A 28 3.46 -63.09 -18.24
N THR A 29 4.79 -63.05 -18.33
CA THR A 29 5.76 -64.13 -18.11
C THR A 29 6.00 -64.36 -16.61
N GLY A 30 5.77 -63.32 -15.81
CA GLY A 30 5.92 -63.41 -14.36
C GLY A 30 5.43 -62.24 -13.56
N THR A 31 6.22 -61.15 -13.51
CA THR A 31 5.95 -59.92 -12.73
C THR A 31 4.62 -59.25 -13.07
N GLY A 32 4.07 -59.57 -14.23
CA GLY A 32 2.85 -59.01 -14.77
C GLY A 32 1.62 -59.23 -13.93
N THR A 33 0.70 -58.24 -14.00
CA THR A 33 -0.56 -58.21 -13.26
C THR A 33 -1.79 -57.95 -14.17
N ILE A 34 -2.97 -58.24 -13.62
CA ILE A 34 -4.28 -57.93 -14.18
C ILE A 34 -4.90 -57.11 -13.04
N SER A 35 -5.32 -55.86 -13.29
CA SER A 35 -5.81 -55.01 -12.19
C SER A 35 -7.07 -54.21 -12.48
N MET A 36 -7.66 -53.71 -11.40
CA MET A 36 -8.81 -52.80 -11.38
C MET A 36 -8.51 -51.72 -10.33
N PHE A 37 -9.18 -50.57 -10.38
CA PHE A 37 -8.95 -49.51 -9.43
C PHE A 37 -10.18 -49.14 -8.61
N GLY A 38 -10.08 -49.25 -7.30
CA GLY A 38 -11.18 -48.89 -6.41
C GLY A 38 -12.11 -50.04 -6.10
N ALA A 39 -12.08 -50.56 -4.84
CA ALA A 39 -12.99 -51.61 -4.40
C ALA A 39 -13.25 -51.42 -2.90
N GLN A 40 -14.32 -52.03 -2.39
CA GLN A 40 -14.68 -51.98 -0.97
C GLN A 40 -15.46 -53.22 -0.52
N MET A 41 -14.96 -53.87 0.55
CA MET A 41 -15.59 -55.03 1.18
C MET A 41 -15.89 -54.70 2.64
N ARG A 42 -16.91 -55.36 3.19
CA ARG A 42 -17.28 -55.20 4.59
C ARG A 42 -17.34 -56.58 5.20
N TYR A 43 -16.62 -56.76 6.30
CA TYR A 43 -16.58 -58.02 7.03
C TYR A 43 -17.14 -57.80 8.41
N SER A 44 -18.16 -58.54 8.80
CA SER A 44 -18.72 -58.49 10.15
C SER A 44 -17.78 -59.18 11.12
N LEU A 45 -17.60 -58.59 12.29
CA LEU A 45 -16.70 -59.11 13.34
C LEU A 45 -17.51 -59.42 14.58
N ARG A 46 -18.83 -59.32 14.45
CA ARG A 46 -19.80 -59.49 15.52
C ARG A 46 -19.98 -60.93 15.95
N ASP A 47 -20.33 -61.14 17.23
CA ASP A 47 -20.64 -62.45 17.87
C ASP A 47 -19.46 -63.45 17.78
N GLY A 48 -18.26 -62.89 17.97
CA GLY A 48 -17.01 -63.64 17.97
C GLY A 48 -16.51 -64.03 16.60
N ILE A 49 -17.22 -63.64 15.48
CA ILE A 49 -16.81 -64.00 14.12
C ILE A 49 -15.45 -63.39 13.74
N PHE A 50 -14.57 -64.26 13.24
CA PHE A 50 -13.31 -63.80 12.76
C PHE A 50 -13.21 -64.07 11.26
N PRO A 51 -13.06 -63.01 10.42
CA PRO A 51 -13.02 -63.22 8.97
C PRO A 51 -11.70 -63.75 8.42
N LEU A 52 -11.35 -64.99 8.82
CA LEU A 52 -10.17 -65.66 8.32
C LEU A 52 -10.68 -66.46 7.12
N LEU A 53 -10.28 -66.07 5.88
CA LEU A 53 -10.77 -66.65 4.62
C LEU A 53 -10.57 -68.17 4.56
N THR A 54 -11.60 -68.86 4.06
CA THR A 54 -11.70 -70.33 4.05
C THR A 54 -11.48 -71.04 2.68
N THR A 55 -11.45 -70.32 1.54
CA THR A 55 -11.25 -71.02 0.25
C THR A 55 -9.78 -71.40 0.03
N LYS A 56 -8.91 -70.92 0.93
CA LYS A 56 -7.47 -71.14 0.92
C LYS A 56 -7.04 -70.91 2.36
N ARG A 57 -6.20 -71.82 2.92
CA ARG A 57 -5.74 -71.64 4.30
C ARG A 57 -4.86 -70.40 4.38
N VAL A 58 -5.14 -69.55 5.36
CA VAL A 58 -4.39 -68.32 5.62
C VAL A 58 -3.42 -68.62 6.75
N PHE A 59 -2.21 -68.02 6.71
CA PHE A 59 -1.18 -68.23 7.71
C PHE A 59 -1.51 -67.44 8.99
N TRP A 60 -2.40 -67.99 9.85
CA TRP A 60 -2.87 -67.39 11.09
C TRP A 60 -1.74 -66.94 12.04
N ARG A 61 -0.76 -67.83 12.30
CA ARG A 61 0.38 -67.57 13.17
C ARG A 61 1.21 -66.40 12.65
N GLY A 62 1.38 -66.33 11.33
CA GLY A 62 2.06 -65.23 10.64
C GLY A 62 1.32 -63.93 10.83
N VAL A 63 -0.01 -63.94 10.67
CA VAL A 63 -0.91 -62.78 10.87
C VAL A 63 -0.72 -62.22 12.29
N ALA A 64 -0.94 -63.08 13.30
CA ALA A 64 -0.88 -62.70 14.71
C ALA A 64 0.51 -62.28 15.17
N GLU A 65 1.56 -63.05 14.84
CA GLU A 65 2.93 -62.69 15.22
C GLU A 65 3.38 -61.40 14.57
N GLU A 66 3.06 -61.19 13.28
CA GLU A 66 3.43 -59.96 12.56
C GLU A 66 2.80 -58.72 13.19
N LEU A 67 1.52 -58.82 13.60
CA LEU A 67 0.79 -57.73 14.24
C LEU A 67 1.35 -57.38 15.62
N LEU A 68 1.76 -58.38 16.38
CA LEU A 68 2.35 -58.18 17.71
C LEU A 68 3.69 -57.49 17.61
N TRP A 69 4.40 -57.75 16.50
CA TRP A 69 5.70 -57.21 16.13
C TRP A 69 5.50 -55.72 15.71
N PHE A 70 4.38 -55.38 15.00
CA PHE A 70 4.04 -53.98 14.62
C PHE A 70 3.72 -53.16 15.89
N VAL A 71 2.87 -53.73 16.77
CA VAL A 71 2.44 -53.14 18.05
C VAL A 71 3.66 -52.83 18.94
N ARG A 72 4.68 -53.73 18.96
CA ARG A 72 5.95 -53.56 19.68
C ARG A 72 6.75 -52.36 19.15
N GLY A 73 6.45 -51.96 17.91
CA GLY A 73 7.10 -50.87 17.20
C GLY A 73 8.40 -51.31 16.52
N SER A 74 8.54 -52.65 16.32
CA SER A 74 9.75 -53.25 15.75
C SER A 74 9.87 -53.09 14.25
N THR A 75 11.11 -52.88 13.79
CA THR A 75 11.53 -52.75 12.39
C THR A 75 12.61 -53.80 12.08
N ASN A 76 12.73 -54.81 12.96
CA ASN A 76 13.71 -55.90 12.91
C ASN A 76 13.09 -57.23 12.44
N ALA A 77 13.35 -57.60 11.18
CA ALA A 77 12.87 -58.82 10.54
C ALA A 77 13.37 -60.11 11.22
N LYS A 78 14.51 -60.03 11.96
CA LYS A 78 15.09 -61.16 12.70
C LYS A 78 14.19 -61.62 13.86
N GLU A 79 13.40 -60.68 14.41
CA GLU A 79 12.48 -60.94 15.51
C GLU A 79 11.35 -61.82 15.05
N LEU A 80 10.96 -61.70 13.76
CA LEU A 80 9.93 -62.50 13.09
C LEU A 80 10.50 -63.85 12.68
N GLN A 81 11.69 -63.86 12.06
CA GLN A 81 12.43 -65.08 11.64
C GLN A 81 12.61 -66.02 12.82
N GLU A 82 12.86 -65.45 14.00
CA GLU A 82 13.01 -66.14 15.27
C GLU A 82 11.74 -66.94 15.59
N LYS A 83 10.58 -66.40 15.20
CA LYS A 83 9.29 -67.05 15.40
C LYS A 83 8.85 -67.86 14.15
N ASP A 84 9.80 -68.12 13.23
CA ASP A 84 9.69 -68.85 11.96
C ASP A 84 8.69 -68.19 10.99
N ILE A 85 8.70 -66.83 11.00
CA ILE A 85 7.90 -65.99 10.12
C ILE A 85 8.90 -65.36 9.15
N HIS A 86 8.74 -65.67 7.85
CA HIS A 86 9.65 -65.23 6.79
C HIS A 86 8.99 -64.34 5.75
N ILE A 87 7.87 -63.72 6.14
CA ILE A 87 7.10 -62.82 5.27
C ILE A 87 7.87 -61.52 4.92
N TRP A 88 8.81 -61.09 5.78
CA TRP A 88 9.60 -59.89 5.58
C TRP A 88 11.07 -60.15 5.14
N ASP A 89 11.41 -61.40 4.77
CA ASP A 89 12.73 -61.78 4.24
C ASP A 89 12.89 -61.23 2.80
N GLY A 90 11.75 -61.18 2.09
CA GLY A 90 11.59 -60.65 0.73
C GLY A 90 10.17 -60.16 0.46
N ASP A 104 21.87 -48.23 3.32
CA ASP A 104 22.80 -49.36 3.36
C ASP A 104 23.06 -49.78 4.82
N ARG A 105 22.01 -50.28 5.49
CA ARG A 105 22.06 -50.69 6.89
C ARG A 105 22.18 -52.25 7.10
N GLU A 106 22.11 -52.67 8.37
CA GLU A 106 22.31 -54.03 8.86
C GLU A 106 21.24 -55.02 8.39
N GLU A 107 21.58 -56.34 8.40
CA GLU A 107 20.66 -57.43 8.02
C GLU A 107 19.49 -57.50 9.02
N GLY A 108 18.28 -57.56 8.48
CA GLY A 108 17.06 -57.57 9.28
C GLY A 108 16.44 -56.19 9.44
N ASP A 109 17.24 -55.12 9.24
CA ASP A 109 16.78 -53.73 9.32
C ASP A 109 15.96 -53.33 8.10
N LEU A 110 14.66 -53.17 8.29
CA LEU A 110 13.69 -52.84 7.24
C LEU A 110 13.44 -51.34 7.03
N GLY A 111 14.06 -50.52 7.86
CA GLY A 111 13.86 -49.07 7.79
C GLY A 111 12.61 -48.69 8.57
N PRO A 112 12.12 -47.44 8.40
CA PRO A 112 10.93 -46.97 9.16
C PRO A 112 9.57 -47.55 8.68
N VAL A 113 9.39 -48.84 8.86
CA VAL A 113 8.16 -49.52 8.44
C VAL A 113 7.07 -49.41 9.51
N TYR A 114 5.88 -50.05 9.29
CA TYR A 114 4.64 -50.02 10.11
C TYR A 114 4.84 -49.87 11.61
N GLY A 115 5.61 -50.77 12.22
CA GLY A 115 5.88 -50.68 13.64
C GLY A 115 6.30 -49.28 14.05
N PHE A 116 7.29 -48.71 13.32
CA PHE A 116 7.82 -47.35 13.55
C PHE A 116 6.80 -46.24 13.34
N GLN A 117 6.04 -46.27 12.22
CA GLN A 117 5.05 -45.22 11.90
C GLN A 117 3.88 -45.21 12.89
N TRP A 118 3.51 -46.40 13.39
CA TRP A 118 2.40 -46.53 14.34
C TRP A 118 2.74 -45.97 15.70
N ARG A 119 3.96 -46.24 16.20
CA ARG A 119 4.43 -45.83 17.54
C ARG A 119 5.26 -44.55 17.58
N HIS A 120 5.96 -44.21 16.47
CA HIS A 120 6.85 -43.07 16.40
C HIS A 120 6.78 -42.30 15.08
N PHE A 121 5.58 -41.96 14.61
CA PHE A 121 5.44 -41.21 13.36
C PHE A 121 6.17 -39.85 13.47
N GLY A 122 7.01 -39.53 12.49
CA GLY A 122 7.70 -38.24 12.43
C GLY A 122 9.09 -38.20 13.03
N ALA A 123 9.43 -39.18 13.90
CA ALA A 123 10.74 -39.29 14.52
C ALA A 123 11.78 -39.66 13.47
N PRO A 124 13.02 -39.12 13.57
CA PRO A 124 14.02 -39.50 12.56
C PRO A 124 14.50 -40.93 12.80
N TYR A 125 14.58 -41.71 11.71
CA TYR A 125 15.02 -43.07 11.77
C TYR A 125 16.53 -43.21 11.64
N ALA A 126 17.14 -43.97 12.56
CA ALA A 126 18.56 -44.29 12.56
C ALA A 126 18.70 -45.80 12.20
N ASP A 127 18.44 -46.69 13.16
CA ASP A 127 18.48 -48.14 12.96
C ASP A 127 17.46 -48.88 13.86
N MET A 128 17.28 -50.20 13.65
CA MET A 128 16.34 -51.04 14.40
C MET A 128 16.69 -51.23 15.89
N HIS A 129 17.96 -50.95 16.30
CA HIS A 129 18.42 -51.08 17.68
C HIS A 129 18.23 -49.79 18.51
N THR A 130 18.04 -48.62 17.82
CA THR A 130 17.86 -47.30 18.44
C THR A 130 16.62 -47.27 19.34
N ASP A 131 16.76 -46.70 20.55
CA ASP A 131 15.66 -46.52 21.49
C ASP A 131 14.90 -45.25 21.10
N TYR A 132 13.71 -45.43 20.51
CA TYR A 132 12.87 -44.34 20.04
C TYR A 132 11.77 -43.93 21.02
N THR A 133 11.85 -44.43 22.28
CA THR A 133 10.86 -44.16 23.32
C THR A 133 10.67 -42.64 23.49
N GLY A 134 9.43 -42.17 23.40
CA GLY A 134 9.10 -40.75 23.50
C GLY A 134 9.34 -39.94 22.24
N GLN A 135 9.80 -40.59 21.15
CA GLN A 135 10.07 -39.92 19.87
C GLN A 135 8.91 -40.14 18.91
N GLY A 136 8.54 -39.08 18.19
CA GLY A 136 7.45 -39.08 17.23
C GLY A 136 6.09 -39.23 17.85
N VAL A 137 5.07 -39.41 17.01
CA VAL A 137 3.69 -39.54 17.42
C VAL A 137 3.29 -41.00 17.59
N ASP A 138 2.82 -41.35 18.80
CA ASP A 138 2.32 -42.69 19.09
C ASP A 138 0.83 -42.73 18.72
N GLN A 139 0.54 -43.03 17.44
CA GLN A 139 -0.81 -43.06 16.88
C GLN A 139 -1.68 -44.23 17.41
N LEU A 140 -1.06 -45.36 17.70
CA LEU A 140 -1.72 -46.52 18.26
C LEU A 140 -2.26 -46.17 19.66
N GLN A 141 -1.41 -45.59 20.55
CA GLN A 141 -1.87 -45.16 21.88
C GLN A 141 -2.85 -43.97 21.78
N GLN A 142 -2.77 -43.18 20.71
CA GLN A 142 -3.65 -42.04 20.48
C GLN A 142 -5.05 -42.48 20.09
N VAL A 143 -5.15 -43.52 19.23
CA VAL A 143 -6.44 -44.06 18.80
C VAL A 143 -7.18 -44.65 20.03
N ILE A 144 -6.42 -45.36 20.94
CA ILE A 144 -6.88 -46.00 22.19
C ILE A 144 -7.55 -44.95 23.08
N ASP A 145 -6.81 -43.85 23.35
CA ASP A 145 -7.23 -42.74 24.18
C ASP A 145 -8.48 -42.06 23.63
N THR A 146 -8.50 -41.79 22.30
CA THR A 146 -9.64 -41.15 21.65
C THR A 146 -10.89 -42.04 21.72
N ILE A 147 -10.76 -43.34 21.44
CA ILE A 147 -11.89 -44.29 21.52
C ILE A 147 -12.53 -44.27 22.94
N LYS A 148 -11.68 -44.25 23.97
CA LYS A 148 -12.05 -44.22 25.38
C LYS A 148 -12.71 -42.91 25.83
N ASN A 149 -12.08 -41.77 25.52
CA ASN A 149 -12.48 -40.43 25.95
C ASN A 149 -13.50 -39.74 25.05
N ASN A 150 -13.36 -39.87 23.72
CA ASN A 150 -14.32 -39.26 22.79
C ASN A 150 -14.62 -40.25 21.64
N PRO A 151 -15.46 -41.29 21.89
CA PRO A 151 -15.77 -42.28 20.84
C PRO A 151 -16.44 -41.76 19.56
N ASP A 152 -17.11 -40.59 19.63
CA ASP A 152 -17.82 -39.98 18.49
C ASP A 152 -16.90 -39.19 17.55
N ASP A 153 -15.62 -39.06 17.90
CA ASP A 153 -14.59 -38.36 17.13
C ASP A 153 -14.41 -38.99 15.73
N ARG A 154 -14.35 -38.15 14.69
CA ARG A 154 -14.19 -38.61 13.32
C ARG A 154 -12.76 -38.45 12.79
N ARG A 155 -11.77 -38.36 13.73
CA ARG A 155 -10.35 -38.23 13.44
C ARG A 155 -9.55 -39.37 14.09
N ILE A 156 -10.21 -40.52 14.34
CA ILE A 156 -9.53 -41.68 14.94
C ILE A 156 -8.76 -42.40 13.83
N ILE A 157 -7.61 -41.82 13.43
CA ILE A 157 -6.79 -42.29 12.32
C ILE A 157 -5.35 -42.65 12.76
N MET A 158 -4.83 -43.71 12.15
CA MET A 158 -3.47 -44.18 12.27
C MET A 158 -2.99 -44.25 10.82
N CYS A 159 -2.01 -43.42 10.48
CA CYS A 159 -1.44 -43.27 9.15
C CYS A 159 0.00 -43.81 9.10
N ALA A 160 0.29 -44.80 8.22
CA ALA A 160 1.68 -45.30 8.08
C ALA A 160 2.30 -44.69 6.82
N TRP A 161 1.42 -44.12 5.93
CA TRP A 161 1.90 -43.44 4.73
C TRP A 161 2.57 -42.12 5.12
N ASN A 162 3.89 -42.12 5.09
CA ASN A 162 4.71 -40.96 5.41
C ASN A 162 5.48 -40.53 4.16
N PRO A 163 5.03 -39.47 3.44
CA PRO A 163 5.77 -39.01 2.23
C PRO A 163 7.26 -38.75 2.45
N VAL A 164 7.64 -38.33 3.67
CA VAL A 164 9.03 -38.03 4.06
C VAL A 164 9.86 -39.33 4.21
N ASP A 165 9.29 -40.34 4.89
CA ASP A 165 9.95 -41.61 5.15
C ASP A 165 9.82 -42.66 4.07
N VAL A 166 8.84 -42.53 3.13
CA VAL A 166 8.61 -43.57 2.10
C VAL A 166 9.90 -43.85 1.26
N PRO A 167 10.75 -42.87 0.84
CA PRO A 167 11.98 -43.25 0.10
C PRO A 167 13.05 -44.01 0.90
N LYS A 168 13.02 -43.97 2.24
CA LYS A 168 14.02 -44.60 3.11
C LYS A 168 13.57 -45.98 3.68
N MET A 169 12.41 -46.47 3.23
CA MET A 169 11.87 -47.77 3.64
C MET A 169 12.28 -48.87 2.68
N ALA A 170 12.27 -50.14 3.15
CA ALA A 170 12.62 -51.30 2.31
C ALA A 170 11.53 -51.42 1.22
N LEU A 171 10.26 -51.37 1.66
CA LEU A 171 9.08 -51.41 0.80
C LEU A 171 8.13 -50.29 1.25
N PRO A 172 7.56 -49.47 0.33
CA PRO A 172 6.57 -48.45 0.76
C PRO A 172 5.31 -49.13 1.32
N PRO A 173 4.68 -48.59 2.37
CA PRO A 173 3.52 -49.29 2.95
C PRO A 173 2.31 -49.43 2.04
N CYS A 174 1.73 -50.65 1.97
CA CYS A 174 0.51 -50.97 1.21
C CYS A 174 -0.69 -50.48 1.97
N HIS A 175 -0.62 -50.56 3.31
CA HIS A 175 -1.66 -50.18 4.25
C HIS A 175 -1.37 -48.77 4.69
N CYS A 176 -1.92 -47.81 3.94
CA CYS A 176 -1.74 -46.36 4.05
C CYS A 176 -2.23 -45.77 5.32
N LEU A 177 -3.53 -45.96 5.59
CA LEU A 177 -4.22 -45.46 6.76
C LEU A 177 -5.32 -46.42 7.16
N CYS A 178 -5.71 -46.32 8.43
CA CYS A 178 -6.89 -46.98 8.98
C CYS A 178 -7.62 -46.05 9.92
N GLN A 179 -8.94 -46.08 9.86
CA GLN A 179 -9.77 -45.21 10.68
C GLN A 179 -10.64 -46.09 11.56
N PHE A 180 -10.94 -45.61 12.75
CA PHE A 180 -11.80 -46.30 13.71
C PHE A 180 -13.09 -45.53 13.93
N TYR A 181 -14.17 -46.27 14.21
CA TYR A 181 -15.52 -45.75 14.35
C TYR A 181 -16.22 -46.50 15.48
N VAL A 182 -16.97 -45.77 16.30
CA VAL A 182 -17.68 -46.29 17.46
C VAL A 182 -19.17 -45.96 17.35
N ALA A 183 -20.04 -46.99 17.38
CA ALA A 183 -21.51 -46.86 17.40
C ALA A 183 -22.14 -48.08 18.02
N ASN A 184 -23.07 -47.87 18.97
CA ASN A 184 -23.82 -48.91 19.69
C ASN A 184 -22.90 -49.92 20.40
N GLY A 185 -21.86 -49.39 21.04
CA GLY A 185 -20.85 -50.16 21.79
C GLY A 185 -19.97 -51.01 20.92
N GLU A 186 -19.94 -50.72 19.60
CA GLU A 186 -19.16 -51.46 18.63
C GLU A 186 -18.07 -50.67 18.01
N LEU A 187 -16.89 -51.26 17.93
CA LEU A 187 -15.74 -50.68 17.27
C LEU A 187 -15.60 -51.24 15.87
N SER A 188 -15.61 -50.35 14.88
CA SER A 188 -15.40 -50.73 13.49
C SER A 188 -14.05 -50.12 13.03
N CYS A 189 -13.43 -50.70 12.01
CA CYS A 189 -12.17 -50.23 11.46
C CYS A 189 -12.27 -50.17 9.91
N GLN A 190 -11.68 -49.16 9.28
CA GLN A 190 -11.62 -49.08 7.84
C GLN A 190 -10.17 -48.93 7.46
N LEU A 191 -9.68 -49.82 6.59
CA LEU A 191 -8.32 -49.75 6.09
C LEU A 191 -8.32 -49.29 4.65
N TYR A 192 -7.41 -48.33 4.32
CA TYR A 192 -7.18 -47.90 2.94
C TYR A 192 -5.90 -48.63 2.49
N GLN A 193 -6.05 -49.53 1.53
CA GLN A 193 -4.94 -50.28 0.99
C GLN A 193 -4.71 -49.81 -0.47
N ARG A 194 -3.59 -49.13 -0.72
CA ARG A 194 -3.21 -48.60 -2.03
C ARG A 194 -2.91 -49.67 -3.07
N SER A 195 -2.36 -50.82 -2.64
CA SER A 195 -1.95 -51.91 -3.50
C SER A 195 -2.40 -53.20 -2.85
N ALA A 196 -3.20 -53.97 -3.56
CA ALA A 196 -3.77 -55.20 -3.01
C ALA A 196 -3.62 -56.39 -3.90
N ASP A 197 -2.67 -57.28 -3.56
CA ASP A 197 -2.46 -58.56 -4.23
C ASP A 197 -3.61 -59.45 -3.78
N MET A 198 -4.58 -59.68 -4.68
CA MET A 198 -5.76 -60.47 -4.39
C MET A 198 -5.48 -61.89 -3.98
N GLY A 199 -4.42 -62.46 -4.54
CA GLY A 199 -3.97 -63.82 -4.30
C GLY A 199 -3.51 -64.06 -2.89
N LEU A 200 -2.26 -63.70 -2.59
CA LEU A 200 -1.66 -63.94 -1.27
C LEU A 200 -1.89 -62.82 -0.28
N GLY A 201 -1.83 -61.59 -0.75
CA GLY A 201 -1.91 -60.40 0.08
C GLY A 201 -3.18 -60.20 0.86
N VAL A 202 -4.29 -59.93 0.14
CA VAL A 202 -5.60 -59.52 0.63
C VAL A 202 -6.16 -60.37 1.79
N PRO A 203 -6.15 -61.72 1.76
CA PRO A 203 -6.71 -62.45 2.92
C PRO A 203 -5.93 -62.17 4.20
N PHE A 204 -4.60 -62.13 4.10
CA PHE A 204 -3.68 -61.87 5.22
C PHE A 204 -3.97 -60.49 5.78
N ASN A 205 -4.14 -59.51 4.89
CA ASN A 205 -4.51 -58.14 5.21
C ASN A 205 -5.87 -58.05 5.90
N ILE A 206 -6.93 -58.78 5.43
CA ILE A 206 -8.24 -58.79 6.13
C ILE A 206 -8.03 -59.23 7.60
N ALA A 207 -7.37 -60.39 7.80
CA ALA A 207 -7.13 -60.98 9.11
C ALA A 207 -6.35 -60.08 10.04
N SER A 208 -5.25 -59.49 9.54
CA SER A 208 -4.41 -58.54 10.28
C SER A 208 -5.20 -57.40 10.94
N TYR A 209 -6.08 -56.72 10.16
CA TYR A 209 -6.83 -55.58 10.63
C TYR A 209 -8.09 -55.97 11.37
N ALA A 210 -8.67 -57.15 11.07
CA ALA A 210 -9.78 -57.65 11.89
C ALA A 210 -9.23 -57.99 13.30
N LEU A 211 -7.99 -58.56 13.40
CA LEU A 211 -7.31 -58.88 14.68
C LEU A 211 -6.95 -57.64 15.48
N LEU A 212 -6.43 -56.63 14.81
CA LEU A 212 -6.15 -55.33 15.41
C LEU A 212 -7.41 -54.76 16.07
N THR A 213 -8.55 -54.79 15.36
CA THR A 213 -9.86 -54.29 15.83
C THR A 213 -10.28 -55.03 17.11
N TYR A 214 -10.11 -56.38 17.15
CA TYR A 214 -10.40 -57.24 18.28
C TYR A 214 -9.59 -56.85 19.48
N MET A 215 -8.28 -56.59 19.29
CA MET A 215 -7.33 -56.16 20.32
C MET A 215 -7.70 -54.79 20.89
N ILE A 216 -7.93 -53.81 20.02
CA ILE A 216 -8.31 -52.44 20.41
C ILE A 216 -9.68 -52.44 21.12
N ALA A 217 -10.69 -53.19 20.60
CA ALA A 217 -12.00 -53.36 21.23
C ALA A 217 -11.87 -53.87 22.67
N HIS A 218 -10.94 -54.84 22.88
CA HIS A 218 -10.69 -55.49 24.17
C HIS A 218 -10.18 -54.49 25.19
N VAL A 219 -9.08 -53.79 24.88
CA VAL A 219 -8.46 -52.79 25.75
C VAL A 219 -9.35 -51.51 25.91
N THR A 220 -10.32 -51.25 25.00
CA THR A 220 -11.21 -50.09 25.12
C THR A 220 -12.61 -50.47 25.62
N ASP A 221 -12.81 -51.74 26.03
CA ASP A 221 -14.06 -52.30 26.56
C ASP A 221 -15.25 -52.15 25.60
N LEU A 222 -15.00 -52.38 24.30
CA LEU A 222 -16.00 -52.34 23.25
C LEU A 222 -16.10 -53.71 22.57
N LYS A 223 -17.11 -53.89 21.69
CA LYS A 223 -17.30 -55.12 20.94
C LYS A 223 -16.90 -54.86 19.50
N PRO A 224 -16.24 -55.79 18.80
CA PRO A 224 -15.92 -55.56 17.38
C PRO A 224 -17.20 -55.46 16.51
N GLY A 225 -17.18 -54.51 15.59
CA GLY A 225 -18.29 -54.26 14.67
C GLY A 225 -18.01 -54.81 13.30
N ASP A 226 -17.51 -53.95 12.42
CA ASP A 226 -17.19 -54.27 11.03
C ASP A 226 -15.75 -53.94 10.73
N PHE A 227 -15.19 -54.66 9.74
CA PHE A 227 -13.91 -54.34 9.15
C PHE A 227 -14.23 -53.97 7.71
N VAL A 228 -13.98 -52.71 7.35
CA VAL A 228 -14.22 -52.19 6.01
C VAL A 228 -12.87 -52.15 5.30
N HIS A 229 -12.75 -52.92 4.21
CA HIS A 229 -11.53 -53.02 3.42
C HIS A 229 -11.67 -52.27 2.10
N THR A 230 -11.02 -51.10 2.00
CA THR A 230 -11.01 -50.25 0.82
C THR A 230 -9.71 -50.49 0.07
N LEU A 231 -9.83 -50.69 -1.26
CA LEU A 231 -8.68 -50.96 -2.12
C LEU A 231 -8.47 -49.92 -3.19
N GLY A 232 -7.21 -49.65 -3.51
CA GLY A 232 -6.78 -48.78 -4.59
C GLY A 232 -6.53 -49.67 -5.79
N ASP A 233 -5.27 -49.99 -6.06
CA ASP A 233 -4.90 -50.88 -7.16
C ASP A 233 -5.06 -52.34 -6.70
N ALA A 234 -6.24 -52.95 -7.02
CA ALA A 234 -6.61 -54.34 -6.69
C ALA A 234 -6.17 -55.22 -7.87
N HIS A 235 -5.24 -56.18 -7.61
CA HIS A 235 -4.63 -56.97 -8.66
C HIS A 235 -4.32 -58.42 -8.35
N VAL A 236 -4.27 -59.23 -9.43
CA VAL A 236 -3.86 -60.63 -9.39
C VAL A 236 -2.60 -60.73 -10.24
N TYR A 237 -1.64 -61.57 -9.81
CA TYR A 237 -0.43 -61.77 -10.61
C TYR A 237 -0.77 -62.80 -11.68
N SER A 238 -0.32 -62.56 -12.93
CA SER A 238 -0.58 -63.43 -14.08
C SER A 238 -0.16 -64.88 -13.86
N ASN A 239 0.96 -65.10 -13.17
CA ASN A 239 1.48 -66.44 -12.86
C ASN A 239 0.65 -67.18 -11.77
N HIS A 240 -0.25 -66.43 -11.05
CA HIS A 240 -1.12 -66.99 -10.01
C HIS A 240 -2.54 -67.29 -10.51
N CYS A 241 -2.84 -66.97 -11.79
CA CYS A 241 -4.15 -67.13 -12.42
C CYS A 241 -4.65 -68.56 -12.48
N GLU A 242 -3.77 -69.53 -12.74
CA GLU A 242 -4.13 -70.96 -12.79
C GLU A 242 -4.63 -71.41 -11.40
N ALA A 243 -3.90 -71.03 -10.34
CA ALA A 243 -4.19 -71.33 -8.95
C ALA A 243 -5.49 -70.64 -8.47
N LEU A 244 -5.73 -69.39 -8.92
CA LEU A 244 -6.93 -68.61 -8.57
C LEU A 244 -8.19 -69.18 -9.21
N GLU A 245 -8.07 -69.73 -10.44
CA GLU A 245 -9.18 -70.37 -11.15
C GLU A 245 -9.65 -71.62 -10.40
N GLU A 246 -8.68 -72.35 -9.79
CA GLU A 246 -8.92 -73.55 -8.97
C GLU A 246 -9.60 -73.16 -7.66
N GLN A 247 -9.18 -72.02 -7.06
CA GLN A 247 -9.73 -71.47 -5.83
C GLN A 247 -11.16 -71.00 -6.02
N LEU A 248 -11.48 -70.36 -7.18
CA LEU A 248 -12.84 -69.88 -7.51
C LEU A 248 -13.88 -71.01 -7.57
N LYS A 249 -13.43 -72.25 -7.83
CA LYS A 249 -14.26 -73.46 -7.87
C LYS A 249 -14.69 -73.91 -6.45
N ARG A 250 -14.04 -73.34 -5.40
CA ARG A 250 -14.29 -73.63 -3.98
C ARG A 250 -15.40 -72.77 -3.35
N GLU A 251 -16.20 -73.41 -2.51
CA GLU A 251 -17.31 -72.78 -1.79
C GLU A 251 -16.82 -72.32 -0.40
N PRO A 252 -17.00 -71.03 -0.01
CA PRO A 252 -16.58 -70.60 1.34
C PRO A 252 -17.27 -71.38 2.46
N ARG A 253 -16.54 -71.62 3.53
CA ARG A 253 -17.03 -72.34 4.70
C ARG A 253 -17.28 -71.33 5.84
N PRO A 254 -18.16 -71.63 6.83
CA PRO A 254 -18.38 -70.66 7.93
C PRO A 254 -17.08 -70.21 8.59
N PHE A 255 -16.96 -68.91 8.84
CA PHE A 255 -15.77 -68.29 9.44
C PHE A 255 -15.50 -68.81 10.87
N PRO A 256 -14.22 -68.87 11.30
CA PRO A 256 -13.96 -69.28 12.70
C PRO A 256 -14.38 -68.22 13.73
N SER A 257 -14.28 -68.56 15.01
CA SER A 257 -14.58 -67.61 16.07
C SER A 257 -13.25 -67.25 16.80
N LEU A 258 -13.18 -66.03 17.35
CA LEU A 258 -12.03 -65.56 18.08
C LEU A 258 -12.40 -65.06 19.46
N LYS A 259 -11.66 -65.55 20.47
CA LYS A 259 -11.76 -65.19 21.87
C LYS A 259 -10.39 -64.81 22.42
N ILE A 260 -10.35 -63.83 23.33
CA ILE A 260 -9.14 -63.40 24.02
C ILE A 260 -9.26 -64.00 25.41
N LYS A 261 -8.45 -65.05 25.65
CA LYS A 261 -8.39 -65.90 26.84
C LYS A 261 -8.30 -65.18 28.18
N ARG A 262 -7.56 -64.07 28.26
CA ARG A 262 -7.40 -63.31 29.50
C ARG A 262 -7.65 -61.80 29.31
N LYS A 263 -7.79 -61.06 30.42
CA LYS A 263 -7.98 -59.62 30.42
C LYS A 263 -6.60 -58.98 30.25
N VAL A 264 -6.39 -58.30 29.13
CA VAL A 264 -5.13 -57.63 28.79
C VAL A 264 -5.35 -56.12 28.93
N GLU A 265 -4.60 -55.47 29.89
CA GLU A 265 -4.71 -54.04 30.22
C GLU A 265 -4.29 -53.10 29.07
N ASN A 266 -3.10 -53.32 28.48
CA ASN A 266 -2.52 -52.48 27.44
C ASN A 266 -2.32 -53.25 26.14
N ILE A 267 -2.39 -52.53 25.01
CA ILE A 267 -2.23 -53.06 23.65
C ILE A 267 -0.86 -53.76 23.43
N SER A 268 0.18 -53.29 24.12
CA SER A 268 1.55 -53.80 24.06
C SER A 268 1.72 -55.10 24.85
N ASP A 269 0.74 -55.47 25.69
CA ASP A 269 0.77 -56.64 26.56
C ASP A 269 0.19 -57.94 25.96
N PHE A 270 -0.24 -57.94 24.69
CA PHE A 270 -0.76 -59.17 24.06
C PHE A 270 0.36 -60.14 23.68
N LYS A 271 0.08 -61.45 23.74
CA LYS A 271 0.96 -62.56 23.36
C LYS A 271 0.15 -63.48 22.44
N PHE A 272 0.83 -64.26 21.58
CA PHE A 272 0.14 -65.13 20.64
C PHE A 272 -0.83 -66.11 21.33
N GLU A 273 -0.40 -66.64 22.48
CA GLU A 273 -1.13 -67.59 23.33
C GLU A 273 -2.43 -67.02 23.92
N ASP A 274 -2.60 -65.69 23.92
CA ASP A 274 -3.80 -65.02 24.42
C ASP A 274 -5.02 -65.19 23.49
N PHE A 275 -4.76 -65.53 22.22
CA PHE A 275 -5.79 -65.69 21.20
C PHE A 275 -6.27 -67.15 21.10
N GLU A 276 -7.60 -67.31 20.97
CA GLU A 276 -8.26 -68.60 20.87
C GLU A 276 -9.07 -68.64 19.60
N LEU A 277 -8.49 -69.20 18.53
CA LEU A 277 -9.12 -69.35 17.23
C LEU A 277 -9.82 -70.72 17.14
N ASP A 278 -11.14 -70.70 17.30
CA ASP A 278 -11.97 -71.90 17.29
C ASP A 278 -12.71 -72.11 15.98
N GLY A 279 -12.66 -73.35 15.50
CA GLY A 279 -13.35 -73.85 14.32
C GLY A 279 -12.92 -73.32 12.97
N TYR A 280 -11.62 -73.09 12.79
CA TYR A 280 -11.11 -72.65 11.50
C TYR A 280 -10.97 -73.87 10.63
N LYS A 281 -11.86 -74.02 9.66
CA LYS A 281 -11.89 -75.20 8.79
C LYS A 281 -11.71 -74.82 7.32
N PRO A 282 -10.54 -74.32 6.88
CA PRO A 282 -10.39 -73.93 5.47
C PRO A 282 -10.14 -75.08 4.50
N HIS A 283 -10.27 -74.75 3.19
CA HIS A 283 -9.94 -75.64 2.09
C HIS A 283 -8.39 -75.68 2.04
N PRO A 284 -7.72 -76.69 1.43
CA PRO A 284 -6.23 -76.69 1.43
C PRO A 284 -5.54 -75.42 0.90
N LYS A 285 -4.25 -75.23 1.26
CA LYS A 285 -3.43 -74.11 0.78
C LYS A 285 -3.16 -74.29 -0.71
N ILE A 286 -3.00 -73.17 -1.44
CA ILE A 286 -2.66 -73.21 -2.86
C ILE A 286 -1.35 -72.43 -3.07
N LYS A 287 -0.36 -73.06 -3.75
CA LYS A 287 0.94 -72.46 -4.07
C LYS A 287 0.79 -71.30 -5.06
N MET A 288 1.28 -70.12 -4.66
CA MET A 288 1.26 -68.89 -5.47
C MET A 288 2.61 -68.17 -5.38
N ARG B 5 -27.69 -46.42 -15.40
CA ARG B 5 -28.23 -45.66 -14.28
C ARG B 5 -27.31 -44.49 -13.86
N HIS B 6 -27.89 -43.27 -13.75
CA HIS B 6 -27.22 -42.00 -13.38
C HIS B 6 -26.36 -42.18 -12.14
N ASP B 7 -25.06 -41.77 -12.20
CA ASP B 7 -24.10 -41.88 -11.09
C ASP B 7 -24.54 -41.22 -9.79
N GLU B 8 -25.33 -40.14 -9.88
CA GLU B 8 -25.83 -39.38 -8.73
C GLU B 8 -26.76 -40.22 -7.84
N TYR B 9 -27.39 -41.32 -8.38
CA TYR B 9 -28.24 -42.25 -7.60
C TYR B 9 -27.46 -42.94 -6.47
N GLN B 10 -26.10 -43.09 -6.58
CA GLN B 10 -25.23 -43.69 -5.53
C GLN B 10 -25.24 -42.80 -4.27
N TYR B 11 -25.18 -41.48 -4.49
CA TYR B 11 -25.22 -40.44 -3.47
C TYR B 11 -26.60 -40.42 -2.79
N LEU B 12 -27.68 -40.45 -3.57
CA LEU B 12 -29.03 -40.43 -2.99
C LEU B 12 -29.36 -41.71 -2.27
N ASP B 13 -28.99 -42.87 -2.84
CA ASP B 13 -29.20 -44.18 -2.20
C ASP B 13 -28.52 -44.27 -0.85
N LEU B 14 -27.34 -43.61 -0.70
CA LEU B 14 -26.61 -43.55 0.57
C LEU B 14 -27.33 -42.66 1.60
N ILE B 15 -27.80 -41.46 1.20
CA ILE B 15 -28.56 -40.57 2.11
C ILE B 15 -29.77 -41.36 2.64
N ARG B 16 -30.53 -41.99 1.72
CA ARG B 16 -31.71 -42.83 2.02
C ARG B 16 -31.35 -43.97 3.01
N GLN B 17 -30.24 -44.69 2.76
CA GLN B 17 -29.71 -45.77 3.59
C GLN B 17 -29.32 -45.27 4.99
N ILE B 18 -28.68 -44.07 5.09
CA ILE B 18 -28.27 -43.44 6.35
C ILE B 18 -29.48 -43.05 7.18
N MET B 19 -30.44 -42.32 6.58
CA MET B 19 -31.64 -41.88 7.28
C MET B 19 -32.53 -43.04 7.78
N ARG B 20 -32.46 -44.20 7.09
CA ARG B 20 -33.26 -45.36 7.45
C ARG B 20 -32.56 -46.36 8.39
N THR B 21 -31.26 -46.67 8.18
CA THR B 21 -30.54 -47.66 9.02
C THR B 21 -29.33 -47.10 9.82
N GLY B 22 -29.00 -45.83 9.64
CA GLY B 22 -27.87 -45.17 10.30
C GLY B 22 -27.97 -45.05 11.81
N ASN B 23 -26.81 -44.71 12.43
CA ASN B 23 -26.62 -44.58 13.88
C ASN B 23 -26.71 -43.14 14.33
N ARG B 24 -27.66 -42.86 15.22
CA ARG B 24 -27.89 -41.52 15.78
C ARG B 24 -26.86 -41.19 16.86
N LYS B 25 -26.28 -39.99 16.81
CA LYS B 25 -25.26 -39.51 17.75
C LYS B 25 -25.53 -38.06 18.20
N GLY B 26 -25.16 -37.77 19.45
CA GLY B 26 -25.33 -36.45 20.06
C GLY B 26 -24.01 -35.84 20.49
N GLY B 32 -25.80 -33.00 15.98
CA GLY B 32 -26.64 -34.19 16.05
C GLY B 32 -26.72 -34.82 14.68
N THR B 33 -26.08 -36.01 14.51
CA THR B 33 -26.02 -36.70 13.22
C THR B 33 -26.56 -38.13 13.26
N ILE B 34 -26.87 -38.65 12.06
CA ILE B 34 -27.25 -40.03 11.78
C ILE B 34 -26.11 -40.46 10.85
N SER B 35 -25.37 -41.50 11.22
CA SER B 35 -24.20 -41.89 10.42
C SER B 35 -24.08 -43.35 10.12
N MET B 36 -23.22 -43.65 9.15
CA MET B 36 -22.81 -45.00 8.74
C MET B 36 -21.29 -44.97 8.54
N PHE B 37 -20.62 -46.11 8.61
CA PHE B 37 -19.18 -46.14 8.43
C PHE B 37 -18.78 -46.96 7.24
N GLY B 38 -18.07 -46.33 6.31
CA GLY B 38 -17.57 -47.01 5.10
C GLY B 38 -18.53 -47.02 3.95
N ALA B 39 -18.22 -46.27 2.89
CA ALA B 39 -19.01 -46.21 1.67
C ALA B 39 -18.08 -45.94 0.51
N GLN B 40 -18.53 -46.25 -0.72
CA GLN B 40 -17.76 -46.04 -1.94
C GLN B 40 -18.63 -45.78 -3.17
N MET B 41 -18.38 -44.65 -3.86
CA MET B 41 -19.08 -44.27 -5.10
C MET B 41 -18.06 -44.15 -6.22
N ARG B 42 -18.49 -44.36 -7.48
CA ARG B 42 -17.63 -44.21 -8.65
C ARG B 42 -18.34 -43.28 -9.62
N TYR B 43 -17.65 -42.19 -10.02
CA TYR B 43 -18.16 -41.20 -10.95
C TYR B 43 -17.30 -41.22 -12.20
N SER B 44 -17.91 -41.47 -13.36
CA SER B 44 -17.21 -41.45 -14.64
C SER B 44 -16.91 -39.99 -15.00
N LEU B 45 -15.68 -39.74 -15.43
CA LEU B 45 -15.20 -38.42 -15.85
C LEU B 45 -14.96 -38.37 -17.38
N ARG B 46 -15.27 -39.47 -18.06
CA ARG B 46 -15.09 -39.74 -19.51
C ARG B 46 -16.00 -38.93 -20.40
N ASP B 47 -15.52 -38.63 -21.63
CA ASP B 47 -16.21 -37.90 -22.71
C ASP B 47 -16.57 -36.45 -22.33
N GLY B 48 -15.76 -35.85 -21.47
CA GLY B 48 -15.99 -34.49 -20.99
C GLY B 48 -17.01 -34.37 -19.87
N ILE B 49 -17.61 -35.48 -19.41
CA ILE B 49 -18.61 -35.50 -18.32
C ILE B 49 -18.00 -35.03 -16.98
N PHE B 50 -18.65 -34.02 -16.36
CA PHE B 50 -18.24 -33.51 -15.06
C PHE B 50 -19.31 -33.80 -13.99
N PRO B 51 -18.98 -34.62 -12.95
CA PRO B 51 -19.97 -34.95 -11.92
C PRO B 51 -20.29 -33.83 -10.91
N LEU B 52 -20.92 -32.73 -11.41
CA LEU B 52 -21.36 -31.65 -10.54
C LEU B 52 -22.82 -32.01 -10.22
N LEU B 53 -23.13 -32.35 -8.95
CA LEU B 53 -24.45 -32.88 -8.56
C LEU B 53 -25.57 -31.91 -8.86
N THR B 54 -26.70 -32.46 -9.39
CA THR B 54 -27.83 -31.76 -9.96
C THR B 54 -29.13 -31.72 -9.12
N THR B 55 -29.24 -32.51 -8.02
CA THR B 55 -30.50 -32.48 -7.23
C THR B 55 -30.53 -31.26 -6.29
N LYS B 56 -29.43 -30.54 -6.22
CA LYS B 56 -29.22 -29.33 -5.43
C LYS B 56 -28.09 -28.57 -6.13
N ARG B 57 -28.20 -27.23 -6.28
CA ARG B 57 -27.13 -26.45 -6.92
C ARG B 57 -25.86 -26.41 -6.04
N VAL B 58 -24.70 -26.72 -6.66
CA VAL B 58 -23.38 -26.72 -6.00
C VAL B 58 -22.66 -25.41 -6.38
N PHE B 59 -21.90 -24.83 -5.42
CA PHE B 59 -21.13 -23.59 -5.64
C PHE B 59 -19.85 -23.88 -6.47
N TRP B 60 -20.01 -23.99 -7.81
CA TRP B 60 -18.95 -24.29 -8.78
C TRP B 60 -17.73 -23.35 -8.67
N ARG B 61 -17.98 -22.02 -8.61
CA ARG B 61 -16.91 -21.02 -8.48
C ARG B 61 -16.09 -21.25 -7.19
N GLY B 62 -16.78 -21.58 -6.09
CA GLY B 62 -16.17 -21.91 -4.80
C GLY B 62 -15.29 -23.14 -4.91
N VAL B 63 -15.79 -24.21 -5.58
CA VAL B 63 -15.08 -25.47 -5.83
C VAL B 63 -13.74 -25.19 -6.55
N ALA B 64 -13.83 -24.52 -7.72
CA ALA B 64 -12.71 -24.22 -8.57
C ALA B 64 -11.68 -23.29 -7.94
N GLU B 65 -12.16 -22.17 -7.35
CA GLU B 65 -11.26 -21.21 -6.72
C GLU B 65 -10.55 -21.81 -5.52
N GLU B 66 -11.25 -22.60 -4.70
CA GLU B 66 -10.64 -23.25 -3.53
C GLU B 66 -9.52 -24.21 -3.93
N LEU B 67 -9.72 -24.99 -5.01
CA LEU B 67 -8.72 -25.91 -5.53
C LEU B 67 -7.49 -25.21 -6.08
N LEU B 68 -7.69 -24.08 -6.78
CA LEU B 68 -6.58 -23.28 -7.33
C LEU B 68 -5.72 -22.67 -6.22
N TRP B 69 -6.38 -22.36 -5.09
CA TRP B 69 -5.81 -21.81 -3.88
C TRP B 69 -4.93 -22.89 -3.23
N PHE B 70 -5.41 -24.17 -3.19
CA PHE B 70 -4.67 -25.34 -2.64
C PHE B 70 -3.40 -25.59 -3.50
N VAL B 71 -3.57 -25.65 -4.86
CA VAL B 71 -2.51 -25.86 -5.85
C VAL B 71 -1.39 -24.83 -5.67
N ARG B 72 -1.74 -23.55 -5.40
CA ARG B 72 -0.81 -22.44 -5.15
C ARG B 72 0.07 -22.66 -3.91
N GLY B 73 -0.39 -23.49 -2.98
CA GLY B 73 0.31 -23.81 -1.75
C GLY B 73 -0.10 -22.95 -0.56
N SER B 74 -1.01 -21.99 -0.82
CA SER B 74 -1.51 -20.99 0.11
C SER B 74 -2.15 -21.52 1.40
N THR B 75 -1.92 -20.82 2.50
CA THR B 75 -2.39 -21.11 3.86
C THR B 75 -3.07 -19.87 4.42
N ASN B 76 -3.35 -18.91 3.49
CA ASN B 76 -3.93 -17.59 3.72
C ASN B 76 -5.37 -17.54 3.23
N ALA B 77 -6.32 -17.53 4.22
CA ALA B 77 -7.77 -17.50 3.97
C ALA B 77 -8.22 -16.18 3.31
N LYS B 78 -7.42 -15.11 3.46
CA LYS B 78 -7.69 -13.78 2.87
C LYS B 78 -7.59 -13.83 1.35
N GLU B 79 -6.78 -14.76 0.80
CA GLU B 79 -6.63 -14.94 -0.65
C GLU B 79 -7.91 -15.50 -1.28
N LEU B 80 -8.72 -16.24 -0.50
CA LEU B 80 -10.02 -16.78 -0.89
C LEU B 80 -11.13 -15.73 -0.64
N GLN B 81 -11.07 -15.06 0.54
CA GLN B 81 -11.99 -13.96 0.94
C GLN B 81 -11.98 -12.84 -0.11
N GLU B 82 -10.79 -12.65 -0.77
CA GLU B 82 -10.50 -11.70 -1.85
C GLU B 82 -11.35 -12.05 -3.07
N LYS B 83 -11.60 -13.36 -3.28
CA LYS B 83 -12.40 -13.86 -4.38
C LYS B 83 -13.89 -14.02 -3.98
N ASP B 84 -14.29 -13.44 -2.82
CA ASP B 84 -15.63 -13.48 -2.24
C ASP B 84 -16.11 -14.92 -1.96
N ILE B 85 -15.14 -15.76 -1.54
CA ILE B 85 -15.26 -17.17 -1.15
C ILE B 85 -15.15 -17.12 0.36
N HIS B 86 -16.21 -17.52 1.09
CA HIS B 86 -16.16 -17.43 2.55
C HIS B 86 -16.19 -18.80 3.24
N ILE B 87 -15.78 -19.84 2.49
CA ILE B 87 -15.79 -21.22 2.98
C ILE B 87 -14.74 -21.47 4.09
N TRP B 88 -13.64 -20.70 4.11
CA TRP B 88 -12.59 -20.84 5.14
C TRP B 88 -12.59 -19.75 6.24
N ASP B 89 -13.66 -18.92 6.30
CA ASP B 89 -13.81 -17.86 7.31
C ASP B 89 -13.99 -18.42 8.73
N GLU B 106 -1.55 -14.81 13.26
CA GLU B 106 -2.08 -13.69 12.46
C GLU B 106 -3.43 -14.03 11.79
N GLU B 107 -4.28 -13.00 11.56
CA GLU B 107 -5.58 -13.11 10.92
C GLU B 107 -5.47 -13.63 9.48
N GLY B 108 -6.23 -14.68 9.16
CA GLY B 108 -6.23 -15.36 7.86
C GLY B 108 -5.31 -16.58 7.83
N ASP B 109 -4.39 -16.67 8.81
CA ASP B 109 -3.43 -17.77 8.92
C ASP B 109 -4.06 -19.06 9.43
N LEU B 110 -4.25 -20.02 8.52
CA LEU B 110 -4.91 -21.29 8.81
C LEU B 110 -3.99 -22.43 9.34
N GLY B 111 -2.69 -22.18 9.36
CA GLY B 111 -1.71 -23.17 9.76
C GLY B 111 -1.34 -24.04 8.58
N PRO B 112 -0.56 -25.13 8.77
CA PRO B 112 -0.16 -25.96 7.60
C PRO B 112 -1.30 -26.84 6.99
N VAL B 113 -2.33 -26.22 6.38
CA VAL B 113 -3.49 -26.91 5.77
C VAL B 113 -3.16 -27.46 4.37
N TYR B 114 -4.17 -28.05 3.64
CA TYR B 114 -4.08 -28.69 2.31
C TYR B 114 -2.99 -28.15 1.35
N GLY B 115 -3.03 -26.86 1.01
CA GLY B 115 -2.06 -26.24 0.11
C GLY B 115 -0.62 -26.42 0.54
N PHE B 116 -0.38 -26.30 1.86
CA PHE B 116 0.97 -26.53 2.41
C PHE B 116 1.33 -27.99 2.36
N GLN B 117 0.39 -28.91 2.70
CA GLN B 117 0.69 -30.34 2.70
C GLN B 117 0.98 -30.90 1.30
N TRP B 118 0.20 -30.48 0.32
CA TRP B 118 0.33 -30.87 -1.08
C TRP B 118 1.66 -30.46 -1.71
N ARG B 119 2.13 -29.24 -1.42
CA ARG B 119 3.32 -28.69 -2.01
C ARG B 119 4.55 -28.76 -1.17
N HIS B 120 4.39 -28.86 0.16
CA HIS B 120 5.51 -28.80 1.13
C HIS B 120 5.37 -29.79 2.33
N PHE B 121 4.90 -31.02 2.08
CA PHE B 121 4.75 -31.99 3.16
C PHE B 121 6.10 -32.19 3.95
N GLY B 122 6.04 -32.04 5.27
CA GLY B 122 7.17 -32.26 6.15
C GLY B 122 8.00 -31.04 6.50
N ALA B 123 7.77 -29.92 5.77
CA ALA B 123 8.50 -28.68 6.01
C ALA B 123 8.05 -28.07 7.33
N PRO B 124 8.94 -27.36 8.09
CA PRO B 124 8.48 -26.66 9.31
C PRO B 124 7.56 -25.48 8.93
N TYR B 125 6.41 -25.36 9.62
CA TYR B 125 5.51 -24.26 9.32
C TYR B 125 5.84 -23.06 10.22
N ALA B 126 5.94 -21.87 9.63
CA ALA B 126 6.20 -20.64 10.36
C ALA B 126 4.88 -19.82 10.30
N ASP B 127 4.61 -19.15 9.15
CA ASP B 127 3.41 -18.39 8.88
C ASP B 127 3.01 -18.43 7.40
N MET B 128 1.83 -17.85 7.06
CA MET B 128 1.31 -17.79 5.69
C MET B 128 2.09 -16.91 4.70
N HIS B 129 2.93 -16.00 5.21
CA HIS B 129 3.75 -15.11 4.39
C HIS B 129 5.10 -15.69 4.00
N THR B 130 5.62 -16.68 4.80
CA THR B 130 6.89 -17.39 4.60
C THR B 130 6.98 -18.00 3.19
N ASP B 131 8.15 -17.85 2.53
CA ASP B 131 8.44 -18.42 1.22
C ASP B 131 8.94 -19.85 1.47
N TYR B 132 8.10 -20.83 1.14
CA TYR B 132 8.35 -22.25 1.36
C TYR B 132 8.92 -22.99 0.14
N THR B 133 9.27 -22.24 -0.92
CA THR B 133 9.84 -22.77 -2.18
C THR B 133 10.99 -23.74 -1.85
N GLY B 134 10.87 -24.97 -2.34
CA GLY B 134 11.88 -26.01 -2.17
C GLY B 134 11.95 -26.66 -0.79
N GLN B 135 11.00 -26.33 0.10
CA GLN B 135 10.89 -26.90 1.44
C GLN B 135 9.81 -27.99 1.42
N GLY B 136 10.10 -29.13 2.08
CA GLY B 136 9.18 -30.25 2.14
C GLY B 136 9.00 -30.97 0.82
N VAL B 137 8.11 -31.97 0.84
CA VAL B 137 7.81 -32.78 -0.33
C VAL B 137 6.68 -32.17 -1.17
N ASP B 138 6.98 -31.87 -2.45
CA ASP B 138 5.96 -31.38 -3.31
C ASP B 138 5.31 -32.61 -3.84
N GLN B 139 4.26 -33.09 -3.15
CA GLN B 139 3.53 -34.33 -3.52
C GLN B 139 2.80 -34.17 -4.83
N LEU B 140 2.19 -32.98 -5.09
CA LEU B 140 1.43 -32.69 -6.31
C LEU B 140 2.31 -32.86 -7.55
N GLN B 141 3.51 -32.26 -7.55
CA GLN B 141 4.45 -32.38 -8.67
C GLN B 141 5.01 -33.80 -8.77
N GLN B 142 5.19 -34.46 -7.62
CA GLN B 142 5.69 -35.84 -7.58
C GLN B 142 4.68 -36.80 -8.23
N VAL B 143 3.37 -36.62 -7.93
CA VAL B 143 2.32 -37.49 -8.49
C VAL B 143 2.25 -37.31 -10.02
N ILE B 144 2.38 -36.07 -10.52
CA ILE B 144 2.38 -35.69 -11.95
C ILE B 144 3.55 -36.33 -12.70
N ASP B 145 4.80 -36.23 -12.13
CA ASP B 145 6.05 -36.83 -12.65
C ASP B 145 5.95 -38.37 -12.74
N THR B 146 5.37 -39.00 -11.69
CA THR B 146 5.17 -40.45 -11.62
C THR B 146 4.19 -40.91 -12.70
N ILE B 147 3.08 -40.17 -12.90
CA ILE B 147 2.09 -40.50 -13.95
C ILE B 147 2.79 -40.51 -15.34
N LYS B 148 3.72 -39.57 -15.60
CA LYS B 148 4.39 -39.48 -16.90
C LYS B 148 5.51 -40.51 -17.09
N ASN B 149 6.36 -40.67 -16.06
CA ASN B 149 7.52 -41.55 -16.14
C ASN B 149 7.23 -43.02 -15.83
N ASN B 150 6.37 -43.30 -14.85
CA ASN B 150 5.99 -44.67 -14.50
C ASN B 150 4.49 -44.77 -14.21
N PRO B 151 3.61 -44.73 -15.26
CA PRO B 151 2.15 -44.78 -15.02
C PRO B 151 1.59 -46.01 -14.31
N ASP B 152 2.31 -47.14 -14.34
CA ASP B 152 1.91 -48.41 -13.71
C ASP B 152 2.19 -48.47 -12.19
N ASP B 153 2.86 -47.44 -11.64
CA ASP B 153 3.23 -47.31 -10.23
C ASP B 153 2.01 -47.34 -9.32
N ARG B 154 2.09 -48.10 -8.22
CA ARG B 154 0.97 -48.27 -7.28
C ARG B 154 1.09 -47.42 -6.02
N ARG B 155 1.99 -46.40 -6.05
CA ARG B 155 2.29 -45.46 -4.96
C ARG B 155 2.04 -44.01 -5.38
N ILE B 156 1.17 -43.79 -6.39
CA ILE B 156 0.81 -42.43 -6.84
C ILE B 156 -0.21 -41.83 -5.84
N ILE B 157 0.28 -41.42 -4.67
CA ILE B 157 -0.48 -40.88 -3.53
C ILE B 157 -0.05 -39.45 -3.15
N MET B 158 -1.05 -38.63 -2.80
CA MET B 158 -0.95 -37.28 -2.27
C MET B 158 -1.71 -37.33 -0.96
N CYS B 159 -0.98 -37.17 0.15
CA CYS B 159 -1.46 -37.29 1.52
C CYS B 159 -1.46 -35.95 2.23
N ALA B 160 -2.65 -35.52 2.71
CA ALA B 160 -2.80 -34.27 3.48
C ALA B 160 -2.87 -34.58 4.98
N TRP B 161 -3.14 -35.83 5.32
CA TRP B 161 -3.20 -36.23 6.71
C TRP B 161 -1.77 -36.34 7.26
N ASN B 162 -1.35 -35.35 8.04
CA ASN B 162 -0.03 -35.32 8.63
C ASN B 162 -0.18 -35.38 10.16
N PRO B 163 0.05 -36.56 10.80
CA PRO B 163 -0.07 -36.67 12.27
C PRO B 163 0.70 -35.62 13.08
N VAL B 164 1.86 -35.17 12.55
CA VAL B 164 2.68 -34.13 13.16
C VAL B 164 2.01 -32.74 13.06
N ASP B 165 1.50 -32.38 11.86
CA ASP B 165 0.92 -31.07 11.60
C ASP B 165 -0.57 -30.93 11.90
N VAL B 166 -1.33 -32.04 12.08
CA VAL B 166 -2.79 -31.94 12.32
C VAL B 166 -3.10 -31.08 13.59
N PRO B 167 -2.39 -31.16 14.76
CA PRO B 167 -2.72 -30.27 15.88
C PRO B 167 -2.39 -28.78 15.63
N LYS B 168 -1.54 -28.49 14.61
CA LYS B 168 -1.14 -27.12 14.23
C LYS B 168 -2.14 -26.51 13.24
N MET B 169 -3.05 -27.32 12.67
CA MET B 169 -4.02 -26.88 11.67
C MET B 169 -5.27 -26.32 12.34
N ALA B 170 -5.89 -25.28 11.72
CA ALA B 170 -7.13 -24.64 12.18
C ALA B 170 -8.22 -25.70 12.25
N LEU B 171 -8.36 -26.52 11.18
CA LEU B 171 -9.30 -27.64 11.13
C LEU B 171 -8.56 -28.87 10.61
N PRO B 172 -8.75 -30.07 11.18
CA PRO B 172 -8.05 -31.25 10.65
C PRO B 172 -8.62 -31.62 9.28
N PRO B 173 -7.77 -32.06 8.32
CA PRO B 173 -8.28 -32.35 6.98
C PRO B 173 -9.30 -33.48 6.88
N CYS B 174 -10.44 -33.24 6.19
CA CYS B 174 -11.48 -34.26 5.93
C CYS B 174 -11.00 -35.21 4.83
N HIS B 175 -10.23 -34.65 3.87
CA HIS B 175 -9.68 -35.33 2.71
C HIS B 175 -8.24 -35.76 3.06
N CYS B 176 -8.12 -36.96 3.60
CA CYS B 176 -6.90 -37.59 4.14
C CYS B 176 -5.84 -37.85 3.11
N LEU B 177 -6.19 -38.57 2.05
CA LEU B 177 -5.32 -38.85 0.91
C LEU B 177 -6.10 -39.14 -0.37
N CYS B 178 -5.41 -39.06 -1.49
CA CYS B 178 -5.91 -39.44 -2.80
C CYS B 178 -4.85 -40.24 -3.56
N GLN B 179 -5.31 -41.26 -4.27
CA GLN B 179 -4.47 -42.12 -5.08
C GLN B 179 -4.92 -41.97 -6.52
N PHE B 180 -3.98 -42.04 -7.44
CA PHE B 180 -4.21 -41.98 -8.87
C PHE B 180 -3.80 -43.32 -9.52
N TYR B 181 -4.42 -43.66 -10.65
CA TYR B 181 -4.21 -44.91 -11.39
C TYR B 181 -4.29 -44.61 -12.89
N VAL B 182 -3.46 -45.29 -13.68
CA VAL B 182 -3.41 -45.12 -15.14
C VAL B 182 -3.63 -46.46 -15.85
N ALA B 183 -4.63 -46.50 -16.74
CA ALA B 183 -4.95 -47.65 -17.60
C ALA B 183 -5.70 -47.18 -18.85
N ASN B 184 -5.33 -47.72 -20.01
CA ASN B 184 -5.86 -47.42 -21.35
C ASN B 184 -5.92 -45.89 -21.64
N GLY B 185 -4.80 -45.21 -21.35
CA GLY B 185 -4.63 -43.76 -21.51
C GLY B 185 -5.56 -42.93 -20.63
N GLU B 186 -6.17 -43.57 -19.60
CA GLU B 186 -7.10 -42.93 -18.67
C GLU B 186 -6.46 -42.71 -17.34
N LEU B 187 -6.70 -41.54 -16.72
CA LEU B 187 -6.28 -41.23 -15.37
C LEU B 187 -7.47 -41.31 -14.42
N SER B 188 -7.32 -42.18 -13.41
CA SER B 188 -8.31 -42.31 -12.37
C SER B 188 -7.79 -41.82 -11.00
N CYS B 189 -8.71 -41.36 -10.13
CA CYS B 189 -8.43 -40.83 -8.80
C CYS B 189 -9.38 -41.39 -7.74
N GLN B 190 -8.81 -41.78 -6.60
CA GLN B 190 -9.58 -42.22 -5.45
C GLN B 190 -9.26 -41.35 -4.26
N LEU B 191 -10.30 -40.77 -3.65
CA LEU B 191 -10.19 -39.95 -2.47
C LEU B 191 -10.64 -40.72 -1.22
N TYR B 192 -9.86 -40.60 -0.12
CA TYR B 192 -10.27 -41.15 1.17
C TYR B 192 -10.73 -39.99 1.99
N GLN B 193 -12.02 -39.96 2.30
CA GLN B 193 -12.60 -38.90 3.10
C GLN B 193 -13.05 -39.49 4.45
N ARG B 194 -12.37 -39.10 5.53
CA ARG B 194 -12.64 -39.56 6.90
C ARG B 194 -13.98 -39.14 7.47
N SER B 195 -14.45 -37.95 7.08
CA SER B 195 -15.69 -37.34 7.55
C SER B 195 -16.43 -36.75 6.39
N ALA B 196 -17.66 -37.19 6.16
CA ALA B 196 -18.45 -36.75 5.01
C ALA B 196 -19.87 -36.32 5.33
N ASP B 197 -20.18 -35.00 5.19
CA ASP B 197 -21.53 -34.47 5.38
C ASP B 197 -22.25 -34.72 4.06
N MET B 198 -23.28 -35.62 4.07
CA MET B 198 -24.06 -35.96 2.87
C MET B 198 -24.89 -34.81 2.38
N GLY B 199 -25.15 -33.84 3.24
CA GLY B 199 -25.99 -32.71 2.89
C GLY B 199 -25.25 -31.68 2.07
N LEU B 200 -24.46 -30.86 2.75
CA LEU B 200 -23.73 -29.78 2.10
C LEU B 200 -22.32 -30.15 1.60
N GLY B 201 -21.61 -30.95 2.39
CA GLY B 201 -20.22 -31.36 2.15
C GLY B 201 -19.92 -32.15 0.89
N VAL B 202 -20.41 -33.40 0.86
CA VAL B 202 -20.20 -34.43 -0.15
C VAL B 202 -20.32 -33.92 -1.62
N PRO B 203 -21.36 -33.12 -2.08
CA PRO B 203 -21.39 -32.67 -3.50
C PRO B 203 -20.20 -31.81 -3.91
N PHE B 204 -19.73 -30.94 -2.99
CA PHE B 204 -18.62 -30.02 -3.16
C PHE B 204 -17.32 -30.82 -3.23
N ASN B 205 -17.18 -31.81 -2.32
CA ASN B 205 -16.01 -32.73 -2.26
C ASN B 205 -15.83 -33.55 -3.56
N ILE B 206 -16.93 -34.05 -4.16
CA ILE B 206 -16.95 -34.82 -5.43
C ILE B 206 -16.37 -33.94 -6.55
N ALA B 207 -16.86 -32.72 -6.66
CA ALA B 207 -16.45 -31.75 -7.66
C ALA B 207 -15.00 -31.33 -7.54
N SER B 208 -14.51 -31.12 -6.30
CA SER B 208 -13.11 -30.70 -6.07
C SER B 208 -12.13 -31.69 -6.64
N TYR B 209 -12.32 -32.97 -6.32
CA TYR B 209 -11.41 -34.02 -6.73
C TYR B 209 -11.62 -34.48 -8.15
N ALA B 210 -12.81 -34.25 -8.72
CA ALA B 210 -13.11 -34.52 -10.13
C ALA B 210 -12.45 -33.47 -10.95
N LEU B 211 -12.33 -32.25 -10.43
CA LEU B 211 -11.65 -31.15 -11.12
C LEU B 211 -10.13 -31.33 -11.08
N LEU B 212 -9.60 -31.78 -9.91
CA LEU B 212 -8.18 -32.06 -9.75
C LEU B 212 -7.71 -33.11 -10.77
N THR B 213 -8.51 -34.16 -10.98
CA THR B 213 -8.24 -35.25 -11.93
C THR B 213 -8.14 -34.68 -13.33
N TYR B 214 -9.11 -33.81 -13.71
CA TYR B 214 -9.15 -33.15 -15.03
C TYR B 214 -7.87 -32.36 -15.26
N MET B 215 -7.43 -31.62 -14.25
CA MET B 215 -6.21 -30.80 -14.27
C MET B 215 -4.93 -31.65 -14.41
N ILE B 216 -4.80 -32.71 -13.60
CA ILE B 216 -3.64 -33.60 -13.65
C ILE B 216 -3.64 -34.38 -14.99
N ALA B 217 -4.84 -34.80 -15.48
CA ALA B 217 -4.99 -35.52 -16.75
C ALA B 217 -4.46 -34.68 -17.90
N HIS B 218 -4.86 -33.40 -17.89
CA HIS B 218 -4.48 -32.39 -18.87
C HIS B 218 -2.95 -32.16 -18.98
N VAL B 219 -2.29 -31.96 -17.81
CA VAL B 219 -0.83 -31.70 -17.77
C VAL B 219 0.01 -33.00 -18.01
N THR B 220 -0.61 -34.20 -17.86
CA THR B 220 0.10 -35.47 -18.06
C THR B 220 -0.25 -36.15 -19.39
N ASP B 221 -0.98 -35.43 -20.28
CA ASP B 221 -1.41 -35.87 -21.61
C ASP B 221 -2.23 -37.19 -21.56
N LEU B 222 -3.12 -37.29 -20.57
CA LEU B 222 -4.03 -38.42 -20.38
C LEU B 222 -5.47 -37.92 -20.40
N LYS B 223 -6.43 -38.84 -20.48
CA LYS B 223 -7.85 -38.53 -20.48
C LYS B 223 -8.39 -38.89 -19.09
N PRO B 224 -9.29 -38.07 -18.47
CA PRO B 224 -9.86 -38.47 -17.16
C PRO B 224 -10.70 -39.76 -17.26
N GLY B 225 -10.54 -40.63 -16.28
CA GLY B 225 -11.23 -41.91 -16.21
C GLY B 225 -12.38 -41.86 -15.24
N ASP B 226 -12.12 -42.28 -14.00
CA ASP B 226 -13.09 -42.32 -12.92
C ASP B 226 -12.65 -41.56 -11.68
N PHE B 227 -13.62 -41.15 -10.87
CA PHE B 227 -13.38 -40.56 -9.56
C PHE B 227 -14.06 -41.50 -8.59
N VAL B 228 -13.27 -42.16 -7.74
CA VAL B 228 -13.74 -43.11 -6.73
C VAL B 228 -13.75 -42.36 -5.39
N HIS B 229 -14.93 -42.23 -4.80
CA HIS B 229 -15.13 -41.52 -3.54
C HIS B 229 -15.35 -42.51 -2.42
N THR B 230 -14.34 -42.68 -1.56
CA THR B 230 -14.38 -43.56 -0.40
C THR B 230 -14.64 -42.71 0.85
N LEU B 231 -15.62 -43.13 1.66
CA LEU B 231 -16.02 -42.41 2.87
C LEU B 231 -15.79 -43.22 4.11
N GLY B 232 -15.41 -42.53 5.18
CA GLY B 232 -15.23 -43.10 6.51
C GLY B 232 -16.53 -42.87 7.23
N ASP B 233 -16.60 -41.86 8.10
CA ASP B 233 -17.84 -41.53 8.79
C ASP B 233 -18.73 -40.68 7.85
N ALA B 234 -19.69 -41.34 7.15
CA ALA B 234 -20.68 -40.74 6.24
C ALA B 234 -21.94 -40.42 7.02
N HIS B 235 -22.34 -39.12 7.06
CA HIS B 235 -23.45 -38.73 7.91
C HIS B 235 -24.30 -37.57 7.38
N VAL B 236 -25.53 -37.51 7.90
CA VAL B 236 -26.51 -36.45 7.66
C VAL B 236 -26.78 -35.76 9.00
N TYR B 237 -26.98 -34.43 9.01
CA TYR B 237 -27.33 -33.72 10.23
C TYR B 237 -28.83 -33.87 10.40
N SER B 238 -29.26 -34.18 11.64
CA SER B 238 -30.67 -34.40 12.00
C SER B 238 -31.61 -33.25 11.62
N ASN B 239 -31.12 -32.00 11.78
CA ASN B 239 -31.85 -30.78 11.45
C ASN B 239 -31.99 -30.54 9.92
N HIS B 240 -31.23 -31.31 9.12
CA HIS B 240 -31.27 -31.23 7.65
C HIS B 240 -32.17 -32.34 7.03
N CYS B 241 -32.67 -33.30 7.86
CA CYS B 241 -33.42 -34.47 7.38
C CYS B 241 -34.69 -34.16 6.59
N GLU B 242 -35.46 -33.12 6.96
CA GLU B 242 -36.70 -32.73 6.27
C GLU B 242 -36.38 -32.21 4.87
N ALA B 243 -35.24 -31.50 4.74
CA ALA B 243 -34.71 -30.95 3.49
C ALA B 243 -34.16 -32.11 2.61
N LEU B 244 -33.49 -33.09 3.24
CA LEU B 244 -32.96 -34.25 2.52
C LEU B 244 -34.12 -35.11 1.98
N GLU B 245 -35.19 -35.23 2.76
CA GLU B 245 -36.42 -35.93 2.30
C GLU B 245 -36.99 -35.28 1.05
N GLU B 246 -36.95 -33.92 0.99
CA GLU B 246 -37.37 -33.12 -0.16
C GLU B 246 -36.44 -33.32 -1.35
N GLN B 247 -35.12 -33.39 -1.08
CA GLN B 247 -34.09 -33.60 -2.11
C GLN B 247 -34.15 -35.01 -2.70
N LEU B 248 -34.43 -36.05 -1.86
CA LEU B 248 -34.58 -37.45 -2.29
C LEU B 248 -35.70 -37.64 -3.30
N LYS B 249 -36.71 -36.73 -3.31
CA LYS B 249 -37.85 -36.73 -4.24
C LYS B 249 -37.46 -36.20 -5.65
N ARG B 250 -36.25 -35.57 -5.78
CA ARG B 250 -35.76 -35.00 -7.04
C ARG B 250 -35.04 -36.03 -7.92
N GLU B 251 -35.29 -35.93 -9.22
CA GLU B 251 -34.68 -36.81 -10.21
C GLU B 251 -33.36 -36.19 -10.71
N PRO B 252 -32.19 -36.89 -10.63
CA PRO B 252 -30.94 -36.31 -11.14
C PRO B 252 -31.06 -35.94 -12.63
N ARG B 253 -30.42 -34.81 -13.00
CA ARG B 253 -30.42 -34.34 -14.37
C ARG B 253 -29.08 -34.71 -15.00
N PRO B 254 -28.97 -34.84 -16.36
CA PRO B 254 -27.65 -35.16 -16.94
C PRO B 254 -26.57 -34.18 -16.49
N PHE B 255 -25.42 -34.73 -16.12
CA PHE B 255 -24.27 -33.97 -15.61
C PHE B 255 -23.73 -32.97 -16.64
N PRO B 256 -23.17 -31.82 -16.21
CA PRO B 256 -22.56 -30.89 -17.19
C PRO B 256 -21.27 -31.45 -17.83
N SER B 257 -20.73 -30.72 -18.82
CA SER B 257 -19.47 -31.09 -19.47
C SER B 257 -18.39 -30.09 -19.06
N LEU B 258 -17.14 -30.55 -19.01
CA LEU B 258 -16.01 -29.73 -18.61
C LEU B 258 -14.92 -29.80 -19.68
N LYS B 259 -14.46 -28.61 -20.11
CA LYS B 259 -13.39 -28.42 -21.09
C LYS B 259 -12.38 -27.45 -20.51
N ILE B 260 -11.09 -27.71 -20.77
CA ILE B 260 -9.99 -26.80 -20.42
C ILE B 260 -9.67 -26.11 -21.75
N LYS B 261 -10.04 -24.80 -21.82
CA LYS B 261 -9.98 -23.90 -22.97
C LYS B 261 -8.63 -23.82 -23.69
N ARG B 262 -7.51 -23.90 -22.94
CA ARG B 262 -6.16 -23.76 -23.50
C ARG B 262 -5.17 -24.77 -22.93
N LYS B 263 -4.05 -24.99 -23.65
CA LYS B 263 -3.02 -25.92 -23.19
C LYS B 263 -2.27 -25.30 -22.01
N VAL B 264 -2.44 -25.93 -20.85
CA VAL B 264 -1.78 -25.51 -19.61
C VAL B 264 -0.58 -26.45 -19.39
N GLU B 265 0.64 -25.88 -19.33
CA GLU B 265 1.88 -26.65 -19.21
C GLU B 265 2.12 -27.20 -17.80
N ASN B 266 1.95 -26.37 -16.78
CA ASN B 266 2.16 -26.74 -15.38
C ASN B 266 0.85 -26.65 -14.57
N ILE B 267 0.69 -27.51 -13.56
CA ILE B 267 -0.49 -27.55 -12.67
C ILE B 267 -0.72 -26.20 -11.94
N SER B 268 0.38 -25.46 -11.64
CA SER B 268 0.35 -24.16 -10.95
C SER B 268 -0.13 -23.03 -11.83
N ASP B 269 -0.19 -23.26 -13.16
CA ASP B 269 -0.57 -22.28 -14.18
C ASP B 269 -2.07 -22.18 -14.51
N PHE B 270 -2.94 -22.99 -13.84
CA PHE B 270 -4.38 -22.90 -14.10
C PHE B 270 -5.00 -21.66 -13.47
N LYS B 271 -6.03 -21.11 -14.12
CA LYS B 271 -6.81 -19.94 -13.71
C LYS B 271 -8.27 -20.35 -13.84
N PHE B 272 -9.19 -19.69 -13.08
CA PHE B 272 -10.61 -20.03 -13.12
C PHE B 272 -11.18 -19.96 -14.52
N GLU B 273 -10.76 -18.94 -15.29
CA GLU B 273 -11.19 -18.67 -16.67
C GLU B 273 -10.80 -19.77 -17.67
N ASP B 274 -9.83 -20.64 -17.34
CA ASP B 274 -9.39 -21.73 -18.19
C ASP B 274 -10.44 -22.86 -18.29
N PHE B 275 -11.38 -22.92 -17.32
CA PHE B 275 -12.43 -23.94 -17.24
C PHE B 275 -13.71 -23.50 -17.95
N GLU B 276 -14.29 -24.42 -18.71
CA GLU B 276 -15.51 -24.21 -19.46
C GLU B 276 -16.55 -25.23 -19.04
N LEU B 277 -17.46 -24.83 -18.12
CA LEU B 277 -18.54 -25.67 -17.61
C LEU B 277 -19.79 -25.45 -18.40
N ASP B 278 -20.08 -26.38 -19.31
CA ASP B 278 -21.24 -26.31 -20.20
C ASP B 278 -22.39 -27.24 -19.78
N GLY B 279 -23.60 -26.72 -19.83
CA GLY B 279 -24.84 -27.44 -19.55
C GLY B 279 -25.16 -27.79 -18.11
N TYR B 280 -24.71 -26.98 -17.13
CA TYR B 280 -25.03 -27.24 -15.71
C TYR B 280 -26.43 -26.74 -15.43
N LYS B 281 -27.38 -27.67 -15.34
CA LYS B 281 -28.79 -27.34 -15.12
C LYS B 281 -29.32 -28.00 -13.85
N PRO B 282 -28.92 -27.54 -12.64
CA PRO B 282 -29.39 -28.21 -11.42
C PRO B 282 -30.78 -27.79 -10.95
N HIS B 283 -31.32 -28.58 -9.99
CA HIS B 283 -32.57 -28.30 -9.29
C HIS B 283 -32.24 -27.15 -8.31
N PRO B 284 -33.21 -26.33 -7.81
CA PRO B 284 -32.86 -25.24 -6.87
C PRO B 284 -32.04 -25.64 -5.63
N LYS B 285 -31.34 -24.65 -5.02
CA LYS B 285 -30.58 -24.86 -3.76
C LYS B 285 -31.60 -25.09 -2.63
N ILE B 286 -31.21 -25.89 -1.62
CA ILE B 286 -32.06 -26.18 -0.45
C ILE B 286 -31.32 -25.72 0.80
N LYS B 287 -32.01 -24.98 1.68
CA LYS B 287 -31.46 -24.45 2.93
C LYS B 287 -31.21 -25.55 3.95
N MET B 288 -29.95 -25.69 4.33
CA MET B 288 -29.47 -26.66 5.31
C MET B 288 -28.56 -25.87 6.26
N GLU B 289 -29.16 -25.35 7.36
CA GLU B 289 -28.51 -24.47 8.34
C GLU B 289 -27.39 -25.15 9.13
N MET C 4 12.95 -15.80 -8.40
CA MET C 4 11.59 -15.89 -8.95
C MET C 4 10.77 -14.61 -8.66
N ARG C 5 10.33 -14.43 -7.40
CA ARG C 5 9.54 -13.27 -6.94
C ARG C 5 10.49 -12.15 -6.51
N HIS C 6 10.00 -10.89 -6.53
CA HIS C 6 10.67 -9.62 -6.20
C HIS C 6 11.58 -9.69 -4.98
N ASP C 7 12.91 -9.41 -5.19
CA ASP C 7 13.98 -9.51 -4.19
C ASP C 7 13.73 -8.79 -2.89
N GLU C 8 12.92 -7.73 -2.96
CA GLU C 8 12.57 -6.92 -1.80
C GLU C 8 11.66 -7.67 -0.80
N TYR C 9 11.03 -8.80 -1.22
CA TYR C 9 10.25 -9.58 -0.29
C TYR C 9 11.13 -10.27 0.78
N GLN C 10 12.46 -10.45 0.53
CA GLN C 10 13.41 -11.02 1.51
C GLN C 10 13.58 -10.06 2.69
N TYR C 11 13.70 -8.75 2.39
CA TYR C 11 13.83 -7.66 3.33
C TYR C 11 12.53 -7.52 4.15
N LEU C 12 11.38 -7.52 3.46
CA LEU C 12 10.05 -7.44 4.09
C LEU C 12 9.76 -8.63 4.98
N ASP C 13 10.05 -9.85 4.49
CA ASP C 13 9.81 -11.09 5.25
C ASP C 13 10.66 -11.12 6.51
N LEU C 14 11.87 -10.53 6.48
CA LEU C 14 12.76 -10.46 7.64
C LEU C 14 12.23 -9.51 8.71
N ILE C 15 11.76 -8.28 8.34
CA ILE C 15 11.14 -7.33 9.28
C ILE C 15 9.98 -8.05 9.98
N ARG C 16 9.08 -8.71 9.18
CA ARG C 16 7.94 -9.49 9.65
C ARG C 16 8.41 -10.58 10.65
N GLN C 17 9.43 -11.37 10.28
CA GLN C 17 10.01 -12.45 11.09
C GLN C 17 10.59 -11.92 12.41
N ILE C 18 11.26 -10.73 12.39
CA ILE C 18 11.82 -10.07 13.58
C ILE C 18 10.71 -9.61 14.54
N MET C 19 9.71 -8.88 14.02
CA MET C 19 8.60 -8.38 14.82
C MET C 19 7.74 -9.52 15.45
N ARG C 20 7.69 -10.70 14.80
CA ARG C 20 6.93 -11.89 15.22
C ARG C 20 7.72 -12.84 16.16
N THR C 21 8.98 -13.18 15.82
CA THR C 21 9.77 -14.14 16.63
C THR C 21 11.05 -13.59 17.29
N GLY C 22 11.34 -12.31 17.05
CA GLY C 22 12.52 -11.64 17.58
C GLY C 22 12.58 -11.45 19.08
N ASN C 23 13.78 -11.12 19.58
CA ASN C 23 14.11 -10.91 20.99
C ASN C 23 14.08 -9.42 21.34
N ARG C 24 13.21 -9.05 22.24
CA ARG C 24 13.05 -7.66 22.65
C ARG C 24 14.05 -7.34 23.76
N LYS C 25 14.79 -6.23 23.61
CA LYS C 25 15.86 -5.75 24.49
C LYS C 25 15.61 -4.30 24.93
N GLY C 26 15.97 -4.00 26.17
CA GLY C 26 15.82 -2.68 26.77
C GLY C 26 14.39 -2.26 26.96
N THR C 31 16.98 3.74 22.56
CA THR C 31 15.64 3.15 22.57
C THR C 31 15.67 1.63 22.25
N GLY C 32 14.70 0.92 22.82
CA GLY C 32 14.58 -0.53 22.72
C GLY C 32 14.44 -1.10 21.33
N THR C 33 14.92 -2.34 21.16
CA THR C 33 14.85 -3.05 19.89
C THR C 33 14.22 -4.44 20.03
N ILE C 34 13.90 -5.05 18.88
CA ILE C 34 13.44 -6.43 18.71
C ILE C 34 14.47 -6.94 17.71
N SER C 35 15.18 -8.01 18.05
CA SER C 35 16.25 -8.48 17.17
C SER C 35 16.31 -9.97 16.95
N MET C 36 17.03 -10.36 15.91
CA MET C 36 17.35 -11.72 15.55
C MET C 36 18.84 -11.74 15.19
N PHE C 37 19.50 -12.89 15.27
CA PHE C 37 20.92 -12.97 14.95
C PHE C 37 21.18 -13.88 13.78
N GLY C 38 21.81 -13.31 12.74
CA GLY C 38 22.17 -14.06 11.54
C GLY C 38 21.07 -14.11 10.48
N ALA C 39 21.28 -13.40 9.35
CA ALA C 39 20.34 -13.41 8.23
C ALA C 39 21.12 -13.25 6.94
N GLN C 40 20.51 -13.61 5.79
CA GLN C 40 21.15 -13.48 4.48
C GLN C 40 20.14 -13.24 3.37
N MET C 41 20.39 -12.23 2.54
CA MET C 41 19.57 -11.89 1.36
C MET C 41 20.47 -11.85 0.14
N ARG C 42 19.90 -12.08 -1.04
CA ARG C 42 20.60 -12.03 -2.32
C ARG C 42 19.82 -11.13 -3.25
N TYR C 43 20.51 -10.14 -3.81
CA TYR C 43 19.92 -9.17 -4.74
C TYR C 43 20.63 -9.30 -6.06
N SER C 44 19.87 -9.57 -7.12
CA SER C 44 20.42 -9.66 -8.47
C SER C 44 20.78 -8.23 -8.95
N LEU C 45 21.98 -8.08 -9.53
CA LEU C 45 22.49 -6.83 -10.08
C LEU C 45 22.57 -6.90 -11.63
N ARG C 46 22.04 -7.99 -12.19
CA ARG C 46 22.11 -8.33 -13.61
C ARG C 46 21.20 -7.50 -14.49
N ASP C 47 21.61 -7.29 -15.75
CA ASP C 47 20.88 -6.60 -16.84
C ASP C 47 20.48 -5.16 -16.49
N GLY C 48 21.35 -4.47 -15.79
CA GLY C 48 21.14 -3.10 -15.38
C GLY C 48 20.30 -2.89 -14.14
N ILE C 49 19.70 -3.96 -13.58
CA ILE C 49 18.88 -3.89 -12.35
C ILE C 49 19.65 -3.33 -11.13
N PHE C 50 19.11 -2.27 -10.50
CA PHE C 50 19.69 -1.70 -9.30
C PHE C 50 18.76 -1.89 -8.11
N PRO C 51 19.19 -2.64 -7.06
CA PRO C 51 18.30 -2.89 -5.91
C PRO C 51 18.14 -1.69 -4.94
N LEU C 52 17.52 -0.62 -5.42
CA LEU C 52 17.19 0.52 -4.58
C LEU C 52 15.76 0.23 -4.10
N LEU C 53 15.58 -0.05 -2.80
CA LEU C 53 14.30 -0.50 -2.23
C LEU C 53 13.18 0.50 -2.48
N THR C 54 11.99 -0.03 -2.84
CA THR C 54 10.82 0.72 -3.29
C THR C 54 9.64 0.83 -2.31
N THR C 55 9.62 0.10 -1.18
CA THR C 55 8.47 0.24 -0.25
C THR C 55 8.60 1.49 0.63
N LYS C 56 9.72 2.18 0.52
CA LYS C 56 10.06 3.40 1.21
C LYS C 56 11.16 4.06 0.35
N ARG C 57 11.10 5.40 0.17
CA ARG C 57 12.11 6.11 -0.62
C ARG C 57 13.45 6.12 0.10
N VAL C 58 14.54 5.75 -0.62
CA VAL C 58 15.92 5.73 -0.12
C VAL C 58 16.65 6.99 -0.65
N PHE C 59 17.51 7.61 0.17
CA PHE C 59 18.30 8.79 -0.20
C PHE C 59 19.48 8.41 -1.13
N TRP C 60 19.17 8.25 -2.44
CA TRP C 60 20.10 7.86 -3.51
C TRP C 60 21.36 8.74 -3.57
N ARG C 61 21.19 10.08 -3.55
CA ARG C 61 22.30 11.03 -3.61
C ARG C 61 23.24 10.85 -2.39
N GLY C 62 22.66 10.63 -1.22
CA GLY C 62 23.42 10.35 0.00
C GLY C 62 24.24 9.08 -0.12
N VAL C 63 23.64 8.01 -0.69
CA VAL C 63 24.28 6.72 -0.94
C VAL C 63 25.51 6.91 -1.83
N ALA C 64 25.29 7.53 -3.02
CA ALA C 64 26.32 7.71 -4.03
C ALA C 64 27.45 8.63 -3.56
N GLU C 65 27.10 9.80 -2.99
CA GLU C 65 28.10 10.74 -2.51
C GLU C 65 28.93 10.15 -1.36
N GLU C 66 28.30 9.45 -0.41
CA GLU C 66 29.00 8.82 0.71
C GLU C 66 30.03 7.80 0.23
N LEU C 67 29.66 6.99 -0.79
CA LEU C 67 30.55 5.97 -1.36
C LEU C 67 31.75 6.59 -2.08
N LEU C 68 31.54 7.71 -2.79
CA LEU C 68 32.60 8.43 -3.51
C LEU C 68 33.61 9.03 -2.53
N TRP C 69 33.12 9.47 -1.35
CA TRP C 69 33.89 9.98 -0.21
C TRP C 69 34.78 8.84 0.37
N PHE C 70 34.21 7.63 0.52
CA PHE C 70 34.94 6.45 1.01
C PHE C 70 36.07 6.09 0.04
N VAL C 71 35.75 6.03 -1.28
CA VAL C 71 36.68 5.71 -2.38
C VAL C 71 37.86 6.70 -2.40
N ARG C 72 37.58 8.00 -2.14
CA ARG C 72 38.59 9.07 -2.04
C ARG C 72 39.57 8.83 -0.89
N GLY C 73 39.15 8.01 0.09
CA GLY C 73 39.92 7.68 1.28
C GLY C 73 39.77 8.71 2.38
N SER C 74 38.73 9.56 2.26
CA SER C 74 38.48 10.67 3.17
C SER C 74 37.91 10.25 4.51
N THR C 75 38.33 10.97 5.57
CA THR C 75 37.89 10.80 6.97
C THR C 75 37.38 12.14 7.49
N ASN C 76 37.12 13.08 6.55
CA ASN C 76 36.67 14.44 6.78
C ASN C 76 35.18 14.62 6.48
N ALA C 77 34.34 14.72 7.54
CA ALA C 77 32.88 14.88 7.46
C ALA C 77 32.44 16.16 6.76
N LYS C 78 33.33 17.20 6.76
CA LYS C 78 33.09 18.50 6.13
C LYS C 78 33.01 18.35 4.61
N GLU C 79 33.71 17.36 4.03
CA GLU C 79 33.70 17.08 2.59
C GLU C 79 32.33 16.56 2.12
N LEU C 80 31.58 15.91 3.03
CA LEU C 80 30.22 15.41 2.79
C LEU C 80 29.20 16.51 3.00
N GLN C 81 29.36 17.29 4.12
CA GLN C 81 28.53 18.46 4.47
C GLN C 81 28.56 19.46 3.34
N GLU C 82 29.71 19.58 2.66
CA GLU C 82 29.97 20.45 1.51
C GLU C 82 29.02 20.08 0.37
N LYS C 83 28.67 18.80 0.27
CA LYS C 83 27.75 18.30 -0.74
C LYS C 83 26.30 18.19 -0.19
N ASP C 84 26.05 18.86 0.96
CA ASP C 84 24.79 18.92 1.69
C ASP C 84 24.29 17.53 2.15
N ILE C 85 25.24 16.67 2.56
CA ILE C 85 24.98 15.32 3.10
C ILE C 85 25.38 15.39 4.55
N HIS C 86 24.43 15.16 5.43
CA HIS C 86 24.63 15.31 6.87
C HIS C 86 24.50 13.98 7.66
N ILE C 87 24.74 12.86 6.97
CA ILE C 87 24.63 11.53 7.56
C ILE C 87 25.74 11.25 8.60
N TRP C 88 26.89 11.94 8.50
CA TRP C 88 28.04 11.77 9.43
C TRP C 88 28.19 12.90 10.46
N ASP C 89 27.18 13.80 10.57
CA ASP C 89 27.17 14.91 11.53
C ASP C 89 27.00 14.42 12.97
N ASP C 104 40.63 17.73 21.54
CA ASP C 104 41.85 17.11 21.04
C ASP C 104 41.83 17.02 19.50
N ARG C 105 40.86 16.27 18.93
CA ARG C 105 40.68 16.10 17.48
C ARG C 105 39.97 17.33 16.90
N GLU C 106 40.22 17.64 15.61
CA GLU C 106 39.61 18.77 14.91
C GLU C 106 38.16 18.46 14.47
N GLU C 107 37.32 19.50 14.27
CA GLU C 107 35.93 19.38 13.82
C GLU C 107 35.88 18.80 12.40
N GLY C 108 35.08 17.74 12.22
CA GLY C 108 34.95 17.04 10.95
C GLY C 108 35.79 15.77 10.90
N ASP C 109 36.82 15.69 11.78
CA ASP C 109 37.71 14.53 11.87
C ASP C 109 37.03 13.36 12.56
N LEU C 110 36.70 12.33 11.77
CA LEU C 110 35.99 11.13 12.22
C LEU C 110 36.88 9.98 12.71
N GLY C 111 38.18 10.16 12.59
CA GLY C 111 39.15 9.15 12.96
C GLY C 111 39.39 8.19 11.80
N PRO C 112 40.02 7.03 12.05
CA PRO C 112 40.30 6.09 10.95
C PRO C 112 39.11 5.23 10.46
N VAL C 113 38.07 5.89 9.95
CA VAL C 113 36.84 5.25 9.46
C VAL C 113 37.01 4.57 8.06
N TYR C 114 35.89 4.17 7.38
CA TYR C 114 35.85 3.40 6.12
C TYR C 114 36.87 3.82 5.05
N GLY C 115 36.86 5.09 4.68
CA GLY C 115 37.79 5.63 3.68
C GLY C 115 39.25 5.36 4.00
N PHE C 116 39.64 5.59 5.28
CA PHE C 116 41.00 5.35 5.74
C PHE C 116 41.32 3.87 5.71
N GLN C 117 40.41 3.01 6.19
CA GLN C 117 40.61 1.53 6.20
C GLN C 117 40.68 0.90 4.82
N TRP C 118 39.83 1.33 3.87
CA TRP C 118 39.80 0.84 2.50
C TRP C 118 41.09 1.13 1.70
N ARG C 119 41.65 2.35 1.89
CA ARG C 119 42.81 2.80 1.15
C ARG C 119 44.13 2.71 1.91
N HIS C 120 44.09 2.65 3.26
CA HIS C 120 45.32 2.66 4.07
C HIS C 120 45.28 1.79 5.30
N PHE C 121 44.71 0.57 5.20
CA PHE C 121 44.62 -0.34 6.36
C PHE C 121 46.01 -0.59 7.01
N GLY C 122 46.10 -0.38 8.33
CA GLY C 122 47.32 -0.65 9.09
C GLY C 122 48.27 0.51 9.30
N ALA C 123 48.12 1.58 8.52
CA ALA C 123 48.90 2.79 8.65
C ALA C 123 48.54 3.51 9.96
N PRO C 124 49.51 4.19 10.66
CA PRO C 124 49.14 4.94 11.88
C PRO C 124 48.27 6.15 11.53
N TYR C 125 47.19 6.39 12.28
CA TYR C 125 46.32 7.54 12.01
C TYR C 125 46.77 8.76 12.81
N ALA C 126 46.91 9.89 12.13
CA ALA C 126 47.26 11.16 12.74
C ALA C 126 46.01 12.04 12.70
N ASP C 127 45.65 12.55 11.52
CA ASP C 127 44.38 13.30 11.34
C ASP C 127 43.88 13.23 9.87
N MET C 128 42.76 13.92 9.58
CA MET C 128 42.15 13.93 8.25
C MET C 128 42.95 14.70 7.18
N HIS C 129 43.90 15.58 7.59
CA HIS C 129 44.72 16.39 6.69
C HIS C 129 46.04 15.71 6.25
N THR C 130 46.52 14.73 7.04
CA THR C 130 47.75 13.96 6.80
C THR C 130 47.74 13.26 5.42
N ASP C 131 48.87 13.34 4.71
CA ASP C 131 49.08 12.70 3.42
C ASP C 131 49.51 11.26 3.70
N TYR C 132 48.59 10.32 3.46
CA TYR C 132 48.81 8.90 3.72
C TYR C 132 49.24 8.11 2.48
N THR C 133 49.62 8.78 1.38
CA THR C 133 50.08 8.19 0.11
C THR C 133 51.14 7.11 0.38
N GLY C 134 50.86 5.89 -0.06
CA GLY C 134 51.75 4.73 0.09
C GLY C 134 51.83 4.13 1.49
N GLN C 135 50.96 4.62 2.42
CA GLN C 135 50.88 4.11 3.79
C GLN C 135 49.71 3.15 3.89
N GLY C 136 49.97 2.03 4.58
CA GLY C 136 48.99 1.00 4.80
C GLY C 136 48.66 0.20 3.56
N VAL C 137 47.65 -0.68 3.68
CA VAL C 137 47.22 -1.53 2.60
C VAL C 137 46.03 -0.89 1.86
N ASP C 138 46.22 -0.65 0.57
CA ASP C 138 45.18 -0.12 -0.30
C ASP C 138 44.35 -1.33 -0.77
N GLN C 139 43.39 -1.71 0.07
CA GLN C 139 42.52 -2.85 -0.11
C GLN C 139 41.64 -2.73 -1.34
N LEU C 140 41.09 -1.51 -1.62
CA LEU C 140 40.26 -1.25 -2.77
C LEU C 140 41.03 -1.52 -4.09
N GLN C 141 42.25 -0.98 -4.24
CA GLN C 141 43.07 -1.17 -5.43
C GLN C 141 43.55 -2.63 -5.53
N GLN C 142 43.81 -3.28 -4.38
CA GLN C 142 44.25 -4.66 -4.31
C GLN C 142 43.14 -5.58 -4.84
N VAL C 143 41.88 -5.29 -4.48
CA VAL C 143 40.69 -6.01 -4.91
C VAL C 143 40.53 -5.91 -6.45
N ILE C 144 40.67 -4.70 -7.02
CA ILE C 144 40.57 -4.43 -8.46
C ILE C 144 41.65 -5.20 -9.25
N ASP C 145 42.91 -5.15 -8.78
CA ASP C 145 44.05 -5.86 -9.37
C ASP C 145 43.81 -7.38 -9.36
N THR C 146 43.32 -7.93 -8.23
CA THR C 146 43.04 -9.34 -8.07
C THR C 146 41.91 -9.79 -9.01
N ILE C 147 40.83 -9.02 -9.12
CA ILE C 147 39.70 -9.34 -10.03
C ILE C 147 40.21 -9.43 -11.50
N LYS C 148 41.10 -8.50 -11.89
CA LYS C 148 41.70 -8.41 -13.22
C LYS C 148 42.69 -9.53 -13.51
N ASN C 149 43.65 -9.77 -12.61
CA ASN C 149 44.76 -10.72 -12.78
C ASN C 149 44.44 -12.17 -12.37
N ASN C 150 43.73 -12.36 -11.24
CA ASN C 150 43.35 -13.70 -10.79
C ASN C 150 41.88 -13.73 -10.31
N PRO C 151 40.89 -13.70 -11.24
CA PRO C 151 39.47 -13.68 -10.83
C PRO C 151 38.96 -14.86 -9.99
N ASP C 152 39.64 -16.02 -10.05
CA ASP C 152 39.29 -17.25 -9.32
C ASP C 152 39.76 -17.27 -7.86
N ASP C 153 40.51 -16.23 -7.44
CA ASP C 153 41.05 -16.05 -6.10
C ASP C 153 39.91 -15.97 -5.06
N ARG C 154 40.06 -16.70 -3.95
CA ARG C 154 39.07 -16.77 -2.87
C ARG C 154 39.41 -15.86 -1.68
N ARG C 155 40.33 -14.91 -1.89
CA ARG C 155 40.80 -13.96 -0.88
C ARG C 155 40.56 -12.52 -1.30
N ILE C 156 39.58 -12.28 -2.22
CA ILE C 156 39.26 -10.92 -2.68
C ILE C 156 38.41 -10.24 -1.58
N ILE C 157 39.08 -9.82 -0.49
CA ILE C 157 38.46 -9.19 0.69
C ILE C 157 38.95 -7.75 0.94
N MET C 158 38.03 -6.89 1.37
CA MET C 158 38.24 -5.54 1.82
C MET C 158 37.61 -5.49 3.23
N CYS C 159 38.45 -5.27 4.24
CA CYS C 159 38.09 -5.30 5.66
C CYS C 159 38.19 -3.91 6.30
N ALA C 160 37.10 -3.40 6.85
CA ALA C 160 37.04 -2.12 7.55
C ALA C 160 37.12 -2.33 9.07
N TRP C 161 36.81 -3.55 9.53
CA TRP C 161 36.91 -3.84 10.96
C TRP C 161 38.38 -4.01 11.35
N ASN C 162 38.92 -2.99 12.02
CA ASN C 162 40.31 -2.98 12.50
C ASN C 162 40.31 -2.94 14.02
N PRO C 163 40.58 -4.08 14.71
CA PRO C 163 40.57 -4.07 16.20
C PRO C 163 41.48 -3.03 16.84
N VAL C 164 42.60 -2.71 16.17
CA VAL C 164 43.57 -1.71 16.64
C VAL C 164 42.99 -0.27 16.53
N ASP C 165 42.37 0.05 15.38
CA ASP C 165 41.82 1.37 15.09
C ASP C 165 40.36 1.63 15.51
N VAL C 166 39.51 0.60 15.78
CA VAL C 166 38.10 0.83 16.16
C VAL C 166 37.98 1.77 17.43
N PRO C 167 38.82 1.69 18.51
CA PRO C 167 38.66 2.67 19.61
C PRO C 167 39.00 4.12 19.22
N LYS C 168 39.77 4.30 18.12
CA LYS C 168 40.18 5.61 17.60
C LYS C 168 39.09 6.18 16.67
N MET C 169 38.12 5.36 16.23
CA MET C 169 37.05 5.81 15.32
C MET C 169 35.90 6.39 16.14
N ALA C 170 35.19 7.37 15.54
CA ALA C 170 34.01 8.05 16.10
C ALA C 170 32.90 7.03 16.39
N LEU C 171 32.59 6.19 15.40
CA LEU C 171 31.61 5.11 15.51
C LEU C 171 32.27 3.84 14.96
N PRO C 172 32.11 2.67 15.63
CA PRO C 172 32.70 1.43 15.09
C PRO C 172 31.99 1.04 13.79
N PRO C 173 32.73 0.51 12.78
CA PRO C 173 32.07 0.21 11.49
C PRO C 173 31.02 -0.89 11.55
N CYS C 174 29.83 -0.63 10.97
CA CYS C 174 28.76 -1.61 10.85
C CYS C 174 29.13 -2.65 9.81
N HIS C 175 29.70 -2.19 8.70
CA HIS C 175 30.11 -2.99 7.55
C HIS C 175 31.54 -3.44 7.78
N CYS C 176 31.67 -4.62 8.39
CA CYS C 176 32.93 -5.25 8.83
C CYS C 176 33.87 -5.60 7.71
N LEU C 177 33.37 -6.32 6.71
CA LEU C 177 34.12 -6.69 5.52
C LEU C 177 33.19 -7.02 4.36
N CYS C 178 33.79 -7.03 3.17
CA CYS C 178 33.11 -7.48 1.96
C CYS C 178 34.04 -8.37 1.11
N GLN C 179 33.47 -9.37 0.46
CA GLN C 179 34.22 -10.26 -0.38
C GLN C 179 33.67 -10.17 -1.80
N PHE C 180 34.55 -10.35 -2.79
CA PHE C 180 34.19 -10.36 -4.20
C PHE C 180 34.41 -11.74 -4.81
N TYR C 181 33.59 -12.06 -5.83
CA TYR C 181 33.56 -13.36 -6.50
C TYR C 181 33.31 -13.15 -7.98
N VAL C 182 34.03 -13.88 -8.83
CA VAL C 182 33.93 -13.78 -10.28
C VAL C 182 33.60 -15.13 -10.89
N ALA C 183 32.50 -15.18 -11.67
CA ALA C 183 32.04 -16.36 -12.39
C ALA C 183 31.18 -15.96 -13.57
N ASN C 184 31.45 -16.55 -14.75
CA ASN C 184 30.71 -16.34 -15.99
C ASN C 184 30.64 -14.86 -16.40
N GLY C 185 31.79 -14.17 -16.26
CA GLY C 185 31.97 -12.76 -16.58
C GLY C 185 31.21 -11.83 -15.66
N GLU C 186 30.76 -12.34 -14.49
CA GLU C 186 29.99 -11.59 -13.51
C GLU C 186 30.69 -11.39 -12.21
N LEU C 187 30.64 -10.16 -11.71
CA LEU C 187 31.21 -9.85 -10.40
C LEU C 187 30.13 -9.80 -9.29
N SER C 188 30.27 -10.68 -8.30
CA SER C 188 29.39 -10.75 -7.14
C SER C 188 30.10 -10.18 -5.89
N CYS C 189 29.33 -9.61 -4.96
CA CYS C 189 29.85 -9.03 -3.72
C CYS C 189 29.05 -9.53 -2.51
N GLN C 190 29.73 -9.83 -1.40
CA GLN C 190 29.07 -10.24 -0.17
C GLN C 190 29.55 -9.33 0.92
N LEU C 191 28.60 -8.70 1.63
CA LEU C 191 28.92 -7.82 2.75
C LEU C 191 28.54 -8.49 4.06
N TYR C 192 29.44 -8.41 5.08
CA TYR C 192 29.13 -8.85 6.44
C TYR C 192 28.81 -7.61 7.24
N GLN C 193 27.55 -7.50 7.66
CA GLN C 193 27.09 -6.35 8.46
C GLN C 193 26.78 -6.84 9.89
N ARG C 194 27.59 -6.42 10.86
CA ARG C 194 27.45 -6.80 12.27
C ARG C 194 26.19 -6.29 12.97
N SER C 195 25.70 -5.10 12.57
CA SER C 195 24.56 -4.43 13.14
C SER C 195 23.72 -3.85 12.02
N ALA C 196 22.44 -4.25 11.92
CA ALA C 196 21.57 -3.83 10.84
C ALA C 196 20.19 -3.33 11.30
N ASP C 197 19.97 -1.99 11.25
CA ASP C 197 18.66 -1.41 11.55
C ASP C 197 17.81 -1.63 10.29
N MET C 198 16.84 -2.57 10.39
CA MET C 198 15.97 -2.95 9.26
C MET C 198 15.16 -1.80 8.73
N GLY C 199 14.74 -0.91 9.62
CA GLY C 199 13.97 0.28 9.31
C GLY C 199 14.66 1.23 8.35
N LEU C 200 15.56 2.05 8.87
CA LEU C 200 16.24 3.10 8.11
C LEU C 200 17.57 2.69 7.47
N GLY C 201 18.33 1.87 8.19
CA GLY C 201 19.67 1.45 7.83
C GLY C 201 19.83 0.59 6.59
N VAL C 202 19.37 -0.68 6.66
CA VAL C 202 19.50 -1.78 5.67
C VAL C 202 19.20 -1.36 4.18
N PRO C 203 18.14 -0.54 3.81
CA PRO C 203 17.99 -0.16 2.38
C PRO C 203 19.16 0.67 1.83
N PHE C 204 19.75 1.54 2.67
CA PHE C 204 20.87 2.43 2.34
C PHE C 204 22.14 1.56 2.16
N ASN C 205 22.38 0.62 3.09
CA ASN C 205 23.53 -0.29 3.03
C ASN C 205 23.46 -1.27 1.85
N ILE C 206 22.24 -1.62 1.37
CA ILE C 206 22.04 -2.47 0.19
C ILE C 206 22.58 -1.69 -1.05
N ALA C 207 22.09 -0.45 -1.21
CA ALA C 207 22.43 0.43 -2.30
C ALA C 207 23.92 0.76 -2.34
N SER C 208 24.57 1.02 -1.16
CA SER C 208 25.99 1.38 -1.08
C SER C 208 26.88 0.33 -1.71
N TYR C 209 26.67 -0.94 -1.31
CA TYR C 209 27.48 -2.06 -1.76
C TYR C 209 27.08 -2.58 -3.11
N ALA C 210 25.83 -2.29 -3.56
CA ALA C 210 25.34 -2.64 -4.90
C ALA C 210 25.94 -1.69 -5.88
N LEU C 211 26.16 -0.44 -5.45
CA LEU C 211 26.79 0.61 -6.27
C LEU C 211 28.29 0.35 -6.38
N LEU C 212 28.94 -0.06 -5.28
CA LEU C 212 30.36 -0.40 -5.24
C LEU C 212 30.63 -1.54 -6.25
N THR C 213 29.74 -2.58 -6.27
CA THR C 213 29.81 -3.72 -7.19
C THR C 213 29.71 -3.29 -8.66
N TYR C 214 28.84 -2.28 -8.96
CA TYR C 214 28.67 -1.70 -10.30
C TYR C 214 29.94 -0.96 -10.72
N MET C 215 30.54 -0.20 -9.79
CA MET C 215 31.75 0.59 -10.03
C MET C 215 32.96 -0.29 -10.29
N ILE C 216 33.19 -1.30 -9.43
CA ILE C 216 34.29 -2.24 -9.58
C ILE C 216 34.11 -3.08 -10.85
N ALA C 217 32.88 -3.56 -11.13
CA ALA C 217 32.57 -4.34 -12.34
C ALA C 217 32.91 -3.54 -13.61
N HIS C 218 32.57 -2.23 -13.62
CA HIS C 218 32.81 -1.29 -14.72
C HIS C 218 34.31 -1.11 -15.05
N VAL C 219 35.14 -0.86 -14.03
CA VAL C 219 36.58 -0.66 -14.16
C VAL C 219 37.35 -1.99 -14.39
N THR C 220 36.74 -3.15 -14.07
CA THR C 220 37.40 -4.47 -14.26
C THR C 220 36.86 -5.23 -15.48
N ASP C 221 36.06 -4.54 -16.32
CA ASP C 221 35.43 -5.04 -17.55
C ASP C 221 34.59 -6.32 -17.32
N LEU C 222 33.83 -6.33 -16.21
CA LEU C 222 32.91 -7.40 -15.84
C LEU C 222 31.49 -6.86 -15.72
N LYS C 223 30.52 -7.76 -15.61
CA LYS C 223 29.12 -7.39 -15.45
C LYS C 223 28.71 -7.65 -13.99
N PRO C 224 27.90 -6.80 -13.35
CA PRO C 224 27.46 -7.11 -11.96
C PRO C 224 26.60 -8.39 -11.86
N GLY C 225 26.86 -9.20 -10.84
CA GLY C 225 26.17 -10.47 -10.62
C GLY C 225 25.13 -10.36 -9.55
N ASP C 226 25.50 -10.74 -8.33
CA ASP C 226 24.64 -10.70 -7.16
C ASP C 226 25.29 -9.87 -6.05
N PHE C 227 24.44 -9.30 -5.19
CA PHE C 227 24.86 -8.68 -3.94
C PHE C 227 24.27 -9.54 -2.85
N VAL C 228 25.14 -10.16 -2.05
CA VAL C 228 24.76 -11.02 -0.94
C VAL C 228 24.92 -10.20 0.35
N HIS C 229 23.80 -10.02 1.06
CA HIS C 229 23.77 -9.22 2.28
C HIS C 229 23.64 -10.12 3.49
N THR C 230 24.75 -10.30 4.23
CA THR C 230 24.79 -11.10 5.45
C THR C 230 24.68 -10.16 6.66
N LEU C 231 23.81 -10.52 7.62
CA LEU C 231 23.57 -9.71 8.82
C LEU C 231 23.90 -10.45 10.09
N GLY C 232 24.39 -9.72 11.07
CA GLY C 232 24.70 -10.21 12.41
C GLY C 232 23.48 -9.90 13.26
N ASP C 233 23.52 -8.80 14.03
CA ASP C 233 22.38 -8.37 14.83
C ASP C 233 21.41 -7.56 13.94
N ALA C 234 20.38 -8.24 13.40
CA ALA C 234 19.34 -7.68 12.54
C ALA C 234 18.18 -7.24 13.46
N HIS C 235 17.89 -5.94 13.49
CA HIS C 235 16.90 -5.39 14.40
C HIS C 235 15.99 -4.28 13.86
N VAL C 236 14.88 -4.10 14.60
CA VAL C 236 13.92 -3.03 14.39
C VAL C 236 13.81 -2.29 15.72
N TYR C 237 13.62 -0.96 15.69
CA TYR C 237 13.43 -0.18 16.91
C TYR C 237 11.96 -0.28 17.27
N SER C 238 11.67 -0.54 18.56
CA SER C 238 10.30 -0.68 19.09
C SER C 238 9.37 0.50 18.76
N ASN C 239 9.90 1.73 18.78
CA ASN C 239 9.16 2.95 18.47
C ASN C 239 8.84 3.09 16.96
N HIS C 240 9.49 2.27 16.10
CA HIS C 240 9.28 2.27 14.65
C HIS C 240 8.30 1.19 14.20
N CYS C 241 7.82 0.35 15.12
CA CYS C 241 7.03 -0.84 14.82
C CYS C 241 5.71 -0.57 14.11
N GLU C 242 4.99 0.49 14.46
CA GLU C 242 3.74 0.75 13.76
C GLU C 242 3.98 1.26 12.32
N ALA C 243 5.07 2.05 12.10
CA ALA C 243 5.50 2.51 10.77
C ALA C 243 5.99 1.30 9.91
N LEU C 244 6.64 0.30 10.55
CA LEU C 244 7.13 -0.94 9.93
C LEU C 244 5.97 -1.80 9.49
N GLU C 245 4.87 -1.86 10.29
CA GLU C 245 3.62 -2.56 10.00
C GLU C 245 2.91 -1.93 8.79
N GLU C 246 2.96 -0.60 8.67
CA GLU C 246 2.39 0.14 7.54
C GLU C 246 3.17 -0.15 6.25
N GLN C 247 4.51 -0.23 6.36
CA GLN C 247 5.40 -0.52 5.24
C GLN C 247 5.23 -1.95 4.73
N LEU C 248 4.99 -2.92 5.64
CA LEU C 248 4.78 -4.33 5.29
C LEU C 248 3.55 -4.53 4.41
N LYS C 249 2.57 -3.62 4.52
CA LYS C 249 1.32 -3.63 3.75
C LYS C 249 1.53 -3.21 2.31
N ARG C 250 2.69 -2.56 2.00
CA ARG C 250 3.10 -2.05 0.67
C ARG C 250 3.72 -3.10 -0.21
N GLU C 251 3.35 -3.03 -1.49
CA GLU C 251 3.80 -3.99 -2.51
C GLU C 251 5.06 -3.45 -3.21
N PRO C 252 6.22 -4.19 -3.20
CA PRO C 252 7.41 -3.70 -3.90
C PRO C 252 7.14 -3.39 -5.37
N ARG C 253 7.79 -2.33 -5.87
CA ARG C 253 7.64 -1.90 -7.26
C ARG C 253 8.87 -2.35 -8.03
N PRO C 254 8.82 -2.58 -9.37
CA PRO C 254 10.04 -3.01 -10.07
C PRO C 254 11.23 -2.07 -9.78
N PHE C 255 12.40 -2.66 -9.49
CA PHE C 255 13.61 -1.92 -9.16
C PHE C 255 14.04 -0.97 -10.29
N PRO C 256 14.73 0.16 -9.99
CA PRO C 256 15.24 1.01 -11.08
C PRO C 256 16.43 0.35 -11.84
N SER C 257 16.85 0.98 -12.93
CA SER C 257 18.02 0.50 -13.69
C SER C 257 19.20 1.48 -13.47
N LEU C 258 20.46 0.97 -13.45
CA LEU C 258 21.66 1.81 -13.26
C LEU C 258 22.66 1.66 -14.41
N LYS C 259 22.96 2.80 -15.07
CA LYS C 259 23.91 2.90 -16.17
C LYS C 259 25.01 3.88 -15.78
N ILE C 260 26.25 3.55 -16.19
CA ILE C 260 27.40 4.42 -16.01
C ILE C 260 27.60 5.04 -17.39
N LYS C 261 27.25 6.33 -17.49
CA LYS C 261 27.18 7.17 -18.70
C LYS C 261 28.40 7.12 -19.65
N ARG C 262 29.63 7.10 -19.09
CA ARG C 262 30.84 7.07 -19.93
C ARG C 262 31.93 6.21 -19.33
N LYS C 263 32.99 6.00 -20.12
CA LYS C 263 34.19 5.22 -19.83
C LYS C 263 34.96 5.77 -18.63
N VAL C 264 34.84 5.09 -17.46
CA VAL C 264 35.61 5.47 -16.26
C VAL C 264 36.78 4.51 -16.14
N GLU C 265 38.01 5.05 -16.24
CA GLU C 265 39.25 4.28 -16.23
C GLU C 265 39.63 3.72 -14.86
N ASN C 266 39.62 4.58 -13.81
CA ASN C 266 39.97 4.22 -12.44
C ASN C 266 38.78 4.46 -11.49
N ILE C 267 38.71 3.66 -10.40
CA ILE C 267 37.67 3.74 -9.37
C ILE C 267 37.60 5.09 -8.69
N SER C 268 38.75 5.80 -8.55
CA SER C 268 38.87 7.11 -7.94
C SER C 268 38.33 8.25 -8.84
N ASP C 269 38.10 7.95 -10.14
CA ASP C 269 37.64 8.91 -11.15
C ASP C 269 36.11 9.05 -11.29
N PHE C 270 35.30 8.43 -10.40
CA PHE C 270 33.84 8.55 -10.50
C PHE C 270 33.28 9.84 -9.87
N LYS C 271 32.26 10.38 -10.51
CA LYS C 271 31.56 11.58 -10.10
C LYS C 271 30.10 11.22 -10.05
N PHE C 272 29.32 11.99 -9.26
CA PHE C 272 27.88 11.72 -9.09
C PHE C 272 27.09 11.75 -10.43
N GLU C 273 27.51 12.65 -11.34
CA GLU C 273 26.95 12.83 -12.68
C GLU C 273 27.19 11.65 -13.64
N ASP C 274 28.15 10.76 -13.32
CA ASP C 274 28.47 9.57 -14.14
C ASP C 274 27.39 8.50 -14.06
N PHE C 275 26.58 8.51 -12.99
CA PHE C 275 25.51 7.57 -12.72
C PHE C 275 24.17 8.02 -13.29
N GLU C 276 23.46 7.06 -13.91
CA GLU C 276 22.16 7.27 -14.54
C GLU C 276 21.16 6.29 -13.91
N LEU C 277 20.41 6.75 -12.92
CA LEU C 277 19.39 5.95 -12.26
C LEU C 277 18.03 6.17 -12.93
N ASP C 278 17.61 5.22 -13.75
CA ASP C 278 16.34 5.31 -14.48
C ASP C 278 15.22 4.47 -13.88
N GLY C 279 14.03 5.07 -13.82
CA GLY C 279 12.79 4.46 -13.35
C GLY C 279 12.66 4.19 -11.87
N TYR C 280 13.25 5.02 -11.00
CA TYR C 280 13.10 4.85 -9.55
C TYR C 280 11.76 5.42 -9.15
N LYS C 281 10.80 4.53 -8.88
CA LYS C 281 9.42 4.95 -8.54
C LYS C 281 9.00 4.41 -7.17
N PRO C 282 9.61 4.85 -6.04
CA PRO C 282 9.25 4.26 -4.74
C PRO C 282 7.95 4.75 -4.13
N HIS C 283 7.48 4.02 -3.10
CA HIS C 283 6.34 4.39 -2.28
C HIS C 283 6.83 5.55 -1.40
N PRO C 284 5.95 6.44 -0.86
CA PRO C 284 6.46 7.56 -0.04
C PRO C 284 7.37 7.17 1.13
N LYS C 285 8.18 8.14 1.61
CA LYS C 285 9.04 7.97 2.79
C LYS C 285 8.12 7.80 4.02
N ILE C 286 8.57 7.06 5.03
CA ILE C 286 7.80 6.87 6.28
C ILE C 286 8.67 7.37 7.44
N LYS C 287 8.07 8.20 8.32
CA LYS C 287 8.78 8.77 9.48
C LYS C 287 9.12 7.68 10.51
N MET C 288 10.43 7.53 10.79
CA MET C 288 10.98 6.61 11.76
C MET C 288 12.04 7.31 12.59
N MET D 4 13.09 -29.66 14.78
CA MET D 4 12.38 -30.03 13.55
C MET D 4 13.30 -30.83 12.60
N ARG D 5 13.28 -30.53 11.25
CA ARG D 5 14.13 -31.19 10.23
C ARG D 5 15.58 -31.02 10.65
N HIS D 6 16.37 -32.12 10.58
CA HIS D 6 17.78 -32.21 10.97
C HIS D 6 18.60 -31.12 10.36
N ASP D 7 19.36 -30.39 11.19
CA ASP D 7 20.21 -29.25 10.79
C ASP D 7 21.26 -29.60 9.72
N GLU D 8 21.75 -30.85 9.69
CA GLU D 8 22.75 -31.29 8.71
C GLU D 8 22.21 -31.35 7.26
N TYR D 9 20.88 -31.34 7.09
CA TYR D 9 20.28 -31.26 5.76
C TYR D 9 20.66 -29.94 5.05
N GLN D 10 20.99 -28.86 5.80
CA GLN D 10 21.44 -27.58 5.22
C GLN D 10 22.76 -27.73 4.48
N TYR D 11 23.68 -28.49 5.10
CA TYR D 11 25.00 -28.84 4.59
C TYR D 11 24.87 -29.75 3.36
N LEU D 12 24.01 -30.80 3.47
CA LEU D 12 23.73 -31.74 2.39
C LEU D 12 23.08 -31.09 1.19
N ASP D 13 22.05 -30.25 1.43
CA ASP D 13 21.34 -29.53 0.36
C ASP D 13 22.24 -28.60 -0.40
N LEU D 14 23.20 -27.97 0.28
CA LEU D 14 24.19 -27.09 -0.35
C LEU D 14 25.18 -27.87 -1.24
N ILE D 15 25.74 -29.02 -0.77
CA ILE D 15 26.64 -29.86 -1.59
C ILE D 15 25.90 -30.24 -2.89
N ARG D 16 24.64 -30.74 -2.76
CA ARG D 16 23.75 -31.11 -3.85
C ARG D 16 23.57 -29.95 -4.83
N GLN D 17 23.21 -28.74 -4.30
CA GLN D 17 23.03 -27.50 -5.05
C GLN D 17 24.30 -27.08 -5.82
N ILE D 18 25.50 -27.19 -5.16
CA ILE D 18 26.81 -26.85 -5.76
C ILE D 18 27.14 -27.81 -6.91
N MET D 19 27.02 -29.12 -6.70
CA MET D 19 27.33 -30.12 -7.73
C MET D 19 26.38 -30.06 -8.95
N ARG D 20 25.14 -29.60 -8.74
CA ARG D 20 24.11 -29.45 -9.77
C ARG D 20 24.15 -28.11 -10.52
N THR D 21 24.24 -26.97 -9.80
CA THR D 21 24.19 -25.65 -10.44
C THR D 21 25.45 -24.79 -10.32
N GLY D 22 26.45 -25.27 -9.58
CA GLY D 22 27.69 -24.54 -9.31
C GLY D 22 28.53 -24.20 -10.51
N ASN D 23 29.49 -23.27 -10.30
CA ASN D 23 30.41 -22.77 -11.31
C ASN D 23 31.73 -23.52 -11.25
N ARG D 24 32.05 -24.21 -12.35
CA ARG D 24 33.25 -25.01 -12.48
C ARG D 24 34.45 -24.06 -12.77
N LYS D 25 35.59 -24.24 -12.05
CA LYS D 25 36.81 -23.42 -12.15
C LYS D 25 38.10 -24.25 -12.13
N GLY D 26 39.18 -23.65 -12.63
CA GLY D 26 40.51 -24.25 -12.66
C GLY D 26 41.43 -23.60 -11.63
N GLY D 32 40.71 -28.80 -9.67
CA GLY D 32 39.57 -27.95 -9.99
C GLY D 32 38.42 -28.03 -8.99
N THR D 33 37.55 -27.00 -8.99
CA THR D 33 36.39 -26.94 -8.08
C THR D 33 35.10 -26.61 -8.83
N ILE D 34 33.98 -26.78 -8.14
CA ILE D 34 32.63 -26.39 -8.53
C ILE D 34 32.20 -25.53 -7.36
N SER D 35 31.82 -24.27 -7.59
CA SER D 35 31.50 -23.38 -6.49
C SER D 35 30.23 -22.53 -6.64
N MET D 36 29.81 -21.94 -5.53
CA MET D 36 28.67 -21.04 -5.38
C MET D 36 29.15 -19.93 -4.44
N PHE D 37 28.54 -18.75 -4.53
CA PHE D 37 28.93 -17.64 -3.66
C PHE D 37 27.82 -17.18 -2.72
N GLY D 38 28.10 -17.26 -1.42
CA GLY D 38 27.16 -16.83 -0.40
C GLY D 38 26.18 -17.88 0.05
N ALA D 39 26.33 -18.33 1.31
CA ALA D 39 25.45 -19.32 1.92
C ALA D 39 25.41 -19.08 3.43
N GLN D 40 24.40 -19.61 4.10
CA GLN D 40 24.21 -19.48 5.53
C GLN D 40 23.43 -20.63 6.12
N MET D 41 24.01 -21.26 7.16
CA MET D 41 23.42 -22.37 7.90
C MET D 41 23.28 -21.96 9.36
N ARG D 42 22.30 -22.55 10.06
CA ARG D 42 22.07 -22.28 11.47
C ARG D 42 22.03 -23.62 12.16
N TYR D 43 22.88 -23.77 13.18
CA TYR D 43 22.93 -25.01 13.97
C TYR D 43 22.53 -24.68 15.39
N SER D 44 21.52 -25.35 15.92
CA SER D 44 21.09 -25.17 17.31
C SER D 44 22.13 -25.87 18.20
N LEU D 45 22.55 -25.17 19.25
CA LEU D 45 23.54 -25.62 20.26
C LEU D 45 22.83 -25.74 21.63
N ARG D 46 21.46 -25.74 21.62
CA ARG D 46 20.56 -25.84 22.79
C ARG D 46 20.36 -27.29 23.26
N ASP D 47 20.06 -27.46 24.57
CA ASP D 47 19.76 -28.73 25.25
C ASP D 47 20.92 -29.75 25.18
N GLY D 48 22.15 -29.24 25.17
CA GLY D 48 23.36 -30.04 25.10
C GLY D 48 23.72 -30.56 23.73
N ILE D 49 22.90 -30.25 22.69
CA ILE D 49 23.11 -30.68 21.29
C ILE D 49 24.42 -30.11 20.73
N PHE D 50 25.26 -31.01 20.18
CA PHE D 50 26.49 -30.61 19.55
C PHE D 50 26.45 -30.97 18.06
N PRO D 51 26.56 -29.94 17.16
CA PRO D 51 26.47 -30.22 15.73
C PRO D 51 27.73 -30.82 15.10
N LEU D 52 28.07 -32.06 15.50
CA LEU D 52 29.19 -32.78 14.89
C LEU D 52 28.51 -33.62 13.80
N LEU D 53 28.80 -33.31 12.51
CA LEU D 53 28.14 -33.94 11.36
C LEU D 53 28.30 -35.47 11.35
N THR D 54 27.19 -36.15 11.01
CA THR D 54 27.00 -37.60 11.09
C THR D 54 27.01 -38.39 9.76
N THR D 55 26.95 -37.73 8.58
CA THR D 55 26.95 -38.50 7.32
C THR D 55 28.36 -38.98 6.95
N LYS D 56 29.37 -38.55 7.71
CA LYS D 56 30.78 -38.86 7.56
C LYS D 56 31.38 -38.59 8.95
N ARG D 57 32.28 -39.49 9.43
CA ARG D 57 32.91 -39.28 10.73
C ARG D 57 33.88 -38.09 10.67
N VAL D 58 33.74 -37.16 11.64
CA VAL D 58 34.56 -35.95 11.75
C VAL D 58 35.62 -36.22 12.84
N PHE D 59 36.85 -35.70 12.64
CA PHE D 59 37.98 -35.86 13.56
C PHE D 59 37.79 -34.96 14.80
N TRP D 60 36.97 -35.44 15.77
CA TRP D 60 36.61 -34.74 17.02
C TRP D 60 37.83 -34.28 17.82
N ARG D 61 38.79 -35.19 18.05
CA ARG D 61 40.00 -34.91 18.80
C ARG D 61 40.83 -33.80 18.14
N GLY D 62 40.90 -33.82 16.81
CA GLY D 62 41.56 -32.80 16.02
C GLY D 62 40.91 -31.45 16.21
N VAL D 63 39.56 -31.41 16.15
CA VAL D 63 38.73 -30.20 16.35
C VAL D 63 39.05 -29.58 17.70
N ALA D 64 38.90 -30.37 18.79
CA ALA D 64 39.09 -29.91 20.15
C ALA D 64 40.52 -29.49 20.47
N GLU D 65 41.51 -30.31 20.09
CA GLU D 65 42.92 -29.98 20.33
C GLU D 65 43.35 -28.74 19.57
N GLU D 66 42.93 -28.60 18.30
CA GLU D 66 43.26 -27.41 17.50
C GLU D 66 42.71 -26.12 18.12
N LEU D 67 41.51 -26.17 18.67
CA LEU D 67 40.86 -25.00 19.27
C LEU D 67 41.54 -24.58 20.56
N LEU D 68 41.97 -25.57 21.36
CA LEU D 68 42.69 -25.34 22.61
C LEU D 68 44.04 -24.67 22.37
N TRP D 69 44.64 -25.00 21.21
CA TRP D 69 45.91 -24.49 20.71
C TRP D 69 45.74 -23.04 20.21
N PHE D 70 44.59 -22.71 19.59
CA PHE D 70 44.27 -21.34 19.17
C PHE D 70 44.10 -20.45 20.43
N VAL D 71 43.31 -20.94 21.43
CA VAL D 71 43.04 -20.27 22.71
C VAL D 71 44.34 -19.95 23.46
N ARG D 72 45.32 -20.89 23.41
CA ARG D 72 46.66 -20.74 24.01
C ARG D 72 47.46 -19.62 23.33
N GLY D 73 47.05 -19.26 22.11
CA GLY D 73 47.68 -18.22 21.30
C GLY D 73 48.89 -18.71 20.53
N SER D 74 49.04 -20.06 20.44
CA SER D 74 50.13 -20.73 19.77
C SER D 74 50.00 -20.75 18.26
N THR D 75 51.15 -20.60 17.60
CA THR D 75 51.41 -20.61 16.14
C THR D 75 52.44 -21.72 15.84
N ASN D 76 52.62 -22.65 16.80
CA ASN D 76 53.55 -23.77 16.75
C ASN D 76 52.84 -25.11 16.40
N ALA D 77 53.03 -25.57 15.15
CA ALA D 77 52.47 -26.82 14.63
C ALA D 77 52.99 -28.09 15.36
N LYS D 78 54.17 -27.99 16.00
CA LYS D 78 54.79 -29.09 16.76
C LYS D 78 54.00 -29.43 17.99
N GLU D 79 53.28 -28.44 18.55
CA GLU D 79 52.41 -28.62 19.73
C GLU D 79 51.20 -29.46 19.39
N LEU D 80 50.77 -29.45 18.10
CA LEU D 80 49.68 -30.29 17.57
C LEU D 80 50.18 -31.68 17.23
N GLN D 81 51.35 -31.77 16.56
CA GLN D 81 52.06 -33.00 16.15
C GLN D 81 52.32 -33.87 17.37
N GLU D 82 52.68 -33.21 18.49
CA GLU D 82 52.93 -33.80 19.80
C GLU D 82 51.66 -34.60 20.24
N LYS D 83 50.48 -34.08 19.92
CA LYS D 83 49.21 -34.67 20.27
C LYS D 83 48.66 -35.52 19.10
N ASP D 84 49.54 -35.89 18.13
CA ASP D 84 49.24 -36.65 16.91
C ASP D 84 48.19 -35.95 16.01
N ILE D 85 48.24 -34.61 15.96
CA ILE D 85 47.39 -33.77 15.12
C ILE D 85 48.29 -33.22 14.02
N HIS D 86 48.01 -33.62 12.77
CA HIS D 86 48.83 -33.28 11.61
C HIS D 86 48.10 -32.43 10.57
N ILE D 87 47.04 -31.75 11.01
CA ILE D 87 46.21 -30.88 10.16
C ILE D 87 46.98 -29.64 9.64
N TRP D 88 48.03 -29.17 10.37
CA TRP D 88 48.82 -28.00 9.99
C TRP D 88 50.22 -28.33 9.44
N ASP D 89 50.49 -29.64 9.13
CA ASP D 89 51.78 -30.09 8.60
C ASP D 89 52.09 -29.58 7.19
N GLY D 90 51.07 -29.58 6.31
CA GLY D 90 51.14 -29.15 4.92
C GLY D 90 51.91 -27.87 4.64
N GLU D 106 61.53 -21.01 11.14
CA GLU D 106 61.81 -22.34 11.72
C GLU D 106 60.71 -23.36 11.54
N GLU D 107 61.05 -24.67 11.63
CA GLU D 107 60.11 -25.81 11.48
C GLU D 107 59.03 -25.77 12.57
N GLY D 108 57.77 -25.85 12.13
CA GLY D 108 56.62 -25.76 13.02
C GLY D 108 56.02 -24.36 13.11
N ASP D 109 56.82 -23.32 12.77
CA ASP D 109 56.36 -21.93 12.80
C ASP D 109 55.41 -21.58 11.63
N LEU D 110 54.10 -21.33 11.92
CA LEU D 110 53.07 -20.97 10.92
C LEU D 110 53.00 -19.45 10.61
N GLY D 111 53.65 -18.68 11.45
CA GLY D 111 53.61 -17.24 11.30
C GLY D 111 52.44 -16.71 12.10
N PRO D 112 51.91 -15.51 11.77
CA PRO D 112 50.83 -14.95 12.57
C PRO D 112 49.40 -15.48 12.26
N VAL D 113 49.18 -16.77 12.47
CA VAL D 113 47.90 -17.40 12.23
C VAL D 113 46.90 -17.16 13.42
N TYR D 114 45.69 -17.80 13.36
CA TYR D 114 44.55 -17.67 14.30
C TYR D 114 44.91 -17.39 15.78
N GLY D 115 45.75 -18.23 16.39
CA GLY D 115 46.14 -18.08 17.79
C GLY D 115 46.77 -16.74 18.12
N PHE D 116 47.55 -16.19 17.17
CA PHE D 116 48.21 -14.88 17.30
C PHE D 116 47.23 -13.70 17.10
N GLN D 117 46.29 -13.81 16.16
CA GLN D 117 45.31 -12.76 15.85
C GLN D 117 44.29 -12.63 16.96
N TRP D 118 43.84 -13.79 17.49
CA TRP D 118 42.87 -13.88 18.57
C TRP D 118 43.38 -13.24 19.89
N ARG D 119 44.65 -13.49 20.25
CA ARG D 119 45.24 -13.04 21.51
C ARG D 119 46.14 -11.78 21.41
N HIS D 120 46.70 -11.49 20.20
CA HIS D 120 47.62 -10.36 20.01
C HIS D 120 47.45 -9.63 18.67
N PHE D 121 46.22 -9.39 18.22
CA PHE D 121 45.98 -8.66 16.96
C PHE D 121 46.73 -7.30 16.90
N GLY D 122 47.51 -7.08 15.83
CA GLY D 122 48.22 -5.84 15.58
C GLY D 122 49.66 -5.78 16.05
N ALA D 123 50.05 -6.70 16.95
CA ALA D 123 51.41 -6.79 17.45
C ALA D 123 52.35 -7.28 16.35
N PRO D 124 53.63 -6.81 16.30
CA PRO D 124 54.55 -7.33 15.27
C PRO D 124 54.93 -8.78 15.55
N TYR D 125 54.86 -9.63 14.52
CA TYR D 125 55.20 -11.04 14.66
C TYR D 125 56.67 -11.27 14.43
N ALA D 126 57.30 -12.00 15.35
CA ALA D 126 58.72 -12.36 15.31
C ALA D 126 58.79 -13.88 15.04
N ASP D 127 58.54 -14.71 16.08
CA ASP D 127 58.50 -16.19 15.98
C ASP D 127 57.53 -16.79 16.99
N MET D 128 57.27 -18.09 16.89
CA MET D 128 56.34 -18.85 17.73
C MET D 128 56.75 -18.91 19.22
N HIS D 129 58.04 -18.67 19.53
CA HIS D 129 58.57 -18.70 20.91
C HIS D 129 58.56 -17.34 21.62
N THR D 130 58.41 -16.23 20.87
CA THR D 130 58.38 -14.87 21.41
C THR D 130 57.23 -14.68 22.42
N ASP D 131 57.53 -13.97 23.53
CA ASP D 131 56.55 -13.65 24.57
C ASP D 131 55.81 -12.39 24.12
N TYR D 132 54.56 -12.55 23.68
CA TYR D 132 53.74 -11.46 23.19
C TYR D 132 52.80 -10.84 24.24
N THR D 133 52.98 -11.20 25.52
CA THR D 133 52.17 -10.71 26.64
C THR D 133 52.13 -9.17 26.64
N GLY D 134 50.93 -8.60 26.63
CA GLY D 134 50.73 -7.16 26.59
C GLY D 134 50.83 -6.51 25.23
N GLN D 135 51.13 -7.33 24.19
CA GLN D 135 51.26 -6.88 22.80
C GLN D 135 49.99 -7.20 22.02
N GLY D 136 49.57 -6.23 21.24
CA GLY D 136 48.36 -6.34 20.43
C GLY D 136 47.07 -6.43 21.22
N VAL D 137 45.98 -6.64 20.49
CA VAL D 137 44.63 -6.74 21.05
C VAL D 137 44.27 -8.19 21.37
N ASP D 138 43.98 -8.47 22.66
CA ASP D 138 43.49 -9.78 23.11
C ASP D 138 41.99 -9.76 22.89
N GLN D 139 41.57 -10.16 21.66
CA GLN D 139 40.18 -10.19 21.22
C GLN D 139 39.40 -11.25 21.96
N LEU D 140 39.98 -12.44 22.21
CA LEU D 140 39.30 -13.54 22.90
C LEU D 140 38.78 -13.06 24.22
N GLN D 141 39.66 -12.45 25.02
CA GLN D 141 39.37 -11.94 26.35
C GLN D 141 38.45 -10.74 26.31
N GLN D 142 38.56 -9.92 25.25
CA GLN D 142 37.70 -8.75 25.05
C GLN D 142 36.27 -9.20 24.80
N VAL D 143 36.07 -10.28 24.01
CA VAL D 143 34.73 -10.79 23.72
C VAL D 143 34.09 -11.35 25.02
N ILE D 144 34.85 -12.06 25.88
CA ILE D 144 34.38 -12.63 27.16
C ILE D 144 33.97 -11.52 28.13
N ASP D 145 34.80 -10.47 28.27
CA ASP D 145 34.55 -9.30 29.10
C ASP D 145 33.28 -8.58 28.67
N THR D 146 33.10 -8.39 27.34
CA THR D 146 31.93 -7.73 26.76
C THR D 146 30.65 -8.56 27.00
N ILE D 147 30.70 -9.88 26.83
CA ILE D 147 29.55 -10.77 27.09
C ILE D 147 29.09 -10.62 28.56
N LYS D 148 30.06 -10.59 29.49
CA LYS D 148 29.83 -10.47 30.92
C LYS D 148 29.31 -9.10 31.36
N ASN D 149 29.96 -8.01 30.91
CA ASN D 149 29.67 -6.63 31.31
C ASN D 149 28.58 -5.93 30.49
N ASN D 150 28.56 -6.12 29.15
CA ASN D 150 27.53 -5.53 28.29
C ASN D 150 27.05 -6.55 27.25
N PRO D 151 26.20 -7.54 27.65
CA PRO D 151 25.74 -8.58 26.69
C PRO D 151 24.96 -8.11 25.46
N ASP D 152 24.34 -6.91 25.52
CA ASP D 152 23.53 -6.34 24.45
C ASP D 152 24.34 -5.64 23.36
N ASP D 153 25.66 -5.53 23.57
CA ASP D 153 26.62 -4.92 22.65
C ASP D 153 26.61 -5.62 21.25
N ARG D 154 26.59 -4.81 20.19
CA ARG D 154 26.55 -5.32 18.81
C ARG D 154 27.95 -5.32 18.11
N ARG D 155 29.03 -5.19 18.92
CA ARG D 155 30.42 -5.17 18.48
C ARG D 155 31.24 -6.31 19.10
N ILE D 156 30.59 -7.42 19.51
CA ILE D 156 31.28 -8.56 20.11
C ILE D 156 31.92 -9.39 18.98
N ILE D 157 33.04 -8.87 18.42
CA ILE D 157 33.73 -9.43 17.26
C ILE D 157 35.17 -9.83 17.57
N MET D 158 35.60 -10.94 16.96
CA MET D 158 36.95 -11.49 17.00
C MET D 158 37.29 -11.68 15.51
N CYS D 159 38.27 -10.91 15.05
CA CYS D 159 38.70 -10.85 13.65
C CYS D 159 40.08 -11.44 13.46
N ALA D 160 40.18 -12.50 12.63
CA ALA D 160 41.47 -13.13 12.32
C ALA D 160 42.02 -12.60 10.98
N TRP D 161 41.14 -12.02 10.14
CA TRP D 161 41.54 -11.44 8.87
C TRP D 161 42.30 -10.15 9.11
N ASN D 162 43.62 -10.20 8.94
CA ASN D 162 44.52 -9.08 9.13
C ASN D 162 45.19 -8.74 7.80
N PRO D 163 44.70 -7.70 7.06
CA PRO D 163 45.34 -7.33 5.78
C PRO D 163 46.86 -7.11 5.84
N VAL D 164 47.36 -6.63 7.00
CA VAL D 164 48.79 -6.38 7.22
C VAL D 164 49.58 -7.72 7.35
N ASP D 165 49.05 -8.66 8.15
CA ASP D 165 49.70 -9.94 8.42
C ASP D 165 49.41 -11.07 7.42
N VAL D 166 48.36 -10.95 6.57
CA VAL D 166 47.99 -11.98 5.59
C VAL D 166 49.20 -12.34 4.64
N PRO D 167 50.04 -11.42 4.10
CA PRO D 167 51.20 -11.87 3.30
C PRO D 167 52.31 -12.59 4.11
N LYS D 168 52.38 -12.30 5.41
CA LYS D 168 53.36 -12.85 6.37
C LYS D 168 52.92 -14.24 6.93
N MET D 169 51.68 -14.68 6.56
CA MET D 169 51.02 -15.93 6.95
C MET D 169 51.28 -17.09 6.01
N ALA D 170 51.49 -18.29 6.60
CA ALA D 170 51.69 -19.54 5.86
C ALA D 170 50.50 -19.74 4.91
N LEU D 171 49.28 -19.61 5.46
CA LEU D 171 48.02 -19.68 4.71
C LEU D 171 47.15 -18.53 5.19
N PRO D 172 46.52 -17.76 4.27
CA PRO D 172 45.58 -16.69 4.72
C PRO D 172 44.36 -17.32 5.41
N PRO D 173 43.84 -16.73 6.51
CA PRO D 173 42.74 -17.39 7.24
C PRO D 173 41.44 -17.54 6.46
N CYS D 174 40.83 -18.74 6.52
CA CYS D 174 39.54 -19.06 5.89
C CYS D 174 38.43 -18.48 6.75
N HIS D 175 38.63 -18.47 8.07
CA HIS D 175 37.71 -17.99 9.10
C HIS D 175 38.09 -16.55 9.43
N CYS D 176 37.52 -15.62 8.67
CA CYS D 176 37.76 -14.18 8.69
C CYS D 176 37.42 -13.49 10.00
N LEU D 177 36.19 -13.68 10.47
CA LEU D 177 35.73 -13.15 11.75
C LEU D 177 34.55 -13.93 12.28
N CYS D 178 34.27 -13.75 13.57
CA CYS D 178 33.13 -14.32 14.25
C CYS D 178 32.54 -13.29 15.21
N GLN D 179 31.22 -13.30 15.32
CA GLN D 179 30.49 -12.36 16.14
C GLN D 179 29.69 -13.13 17.15
N PHE D 180 29.52 -12.58 18.35
CA PHE D 180 28.73 -13.18 19.42
C PHE D 180 27.50 -12.35 19.70
N TYR D 181 26.44 -13.02 20.16
CA TYR D 181 25.12 -12.46 20.44
C TYR D 181 24.53 -13.08 21.67
N VAL D 182 23.93 -12.26 22.52
CA VAL D 182 23.31 -12.68 23.80
C VAL D 182 21.84 -12.28 23.84
N ALA D 183 20.96 -13.27 24.01
CA ALA D 183 19.51 -13.07 24.16
C ALA D 183 18.88 -14.23 24.93
N ASN D 184 18.03 -13.91 25.93
CA ASN D 184 17.32 -14.87 26.78
C ASN D 184 18.26 -15.88 27.46
N GLY D 185 19.38 -15.37 27.97
CA GLY D 185 20.41 -16.14 28.65
C GLY D 185 21.18 -17.09 27.75
N GLU D 186 21.09 -16.88 26.42
CA GLU D 186 21.73 -17.72 25.42
C GLU D 186 22.79 -17.01 24.62
N LEU D 187 23.91 -17.70 24.42
CA LEU D 187 25.01 -17.19 23.64
C LEU D 187 25.02 -17.81 22.24
N SER D 188 24.95 -16.96 21.20
CA SER D 188 25.06 -17.41 19.83
C SER D 188 26.35 -16.87 19.20
N CYS D 189 26.83 -17.57 18.18
CA CYS D 189 28.03 -17.21 17.46
C CYS D 189 27.78 -17.24 15.93
N GLN D 190 28.36 -16.31 15.19
CA GLN D 190 28.27 -16.31 13.74
C GLN D 190 29.65 -16.22 13.18
N LEU D 191 30.00 -17.15 12.29
CA LEU D 191 31.30 -17.14 11.64
C LEU D 191 31.19 -16.81 10.17
N TYR D 192 32.07 -15.85 9.69
CA TYR D 192 32.23 -15.53 8.27
C TYR D 192 33.41 -16.35 7.73
N GLN D 193 33.11 -17.33 6.87
CA GLN D 193 34.12 -18.16 6.23
C GLN D 193 34.24 -17.79 4.73
N ARG D 194 35.35 -17.15 4.32
CA ARG D 194 35.60 -16.71 2.94
C ARG D 194 35.76 -17.84 1.90
N SER D 195 36.28 -18.99 2.34
CA SER D 195 36.55 -20.15 1.51
C SER D 195 36.14 -21.38 2.27
N ALA D 196 35.21 -22.17 1.72
CA ALA D 196 34.69 -23.33 2.40
C ALA D 196 34.66 -24.59 1.54
N ASP D 197 35.56 -25.54 1.81
CA ASP D 197 35.57 -26.85 1.15
C ASP D 197 34.46 -27.65 1.83
N MET D 198 33.34 -27.83 1.11
CA MET D 198 32.14 -28.57 1.58
C MET D 198 32.45 -30.02 1.94
N GLY D 199 33.38 -30.60 1.20
CA GLY D 199 33.89 -31.95 1.46
C GLY D 199 34.48 -32.08 2.85
N LEU D 200 35.79 -31.92 2.96
CA LEU D 200 36.54 -32.16 4.20
C LEU D 200 36.49 -31.02 5.24
N GLY D 201 36.63 -29.79 4.79
CA GLY D 201 36.69 -28.62 5.64
C GLY D 201 35.48 -28.29 6.49
N VAL D 202 34.35 -27.90 5.84
CA VAL D 202 33.09 -27.44 6.44
C VAL D 202 32.64 -28.21 7.72
N PRO D 203 32.63 -29.58 7.79
CA PRO D 203 32.21 -30.25 9.05
C PRO D 203 33.11 -29.95 10.25
N PHE D 204 34.42 -29.84 10.01
CA PHE D 204 35.45 -29.53 11.01
C PHE D 204 35.25 -28.08 11.52
N ASN D 205 34.99 -27.17 10.60
CA ASN D 205 34.76 -25.75 10.86
C ASN D 205 33.51 -25.53 11.72
N ILE D 206 32.41 -26.29 11.45
CA ILE D 206 31.16 -26.22 12.21
C ILE D 206 31.42 -26.56 13.68
N ALA D 207 32.13 -27.67 13.90
CA ALA D 207 32.49 -28.19 15.20
C ALA D 207 33.42 -27.28 16.03
N SER D 208 34.46 -26.67 15.38
CA SER D 208 35.43 -25.76 16.01
C SER D 208 34.77 -24.57 16.66
N TYR D 209 33.84 -23.92 15.94
CA TYR D 209 33.15 -22.72 16.40
C TYR D 209 31.96 -23.02 17.27
N ALA D 210 31.36 -24.21 17.12
CA ALA D 210 30.28 -24.64 18.00
C ALA D 210 30.90 -24.86 19.41
N LEU D 211 32.06 -25.56 19.49
CA LEU D 211 32.82 -25.86 20.69
C LEU D 211 33.33 -24.60 21.38
N LEU D 212 33.77 -23.60 20.57
CA LEU D 212 34.19 -22.28 21.03
C LEU D 212 33.01 -21.59 21.74
N THR D 213 31.77 -21.71 21.17
CA THR D 213 30.56 -21.12 21.76
C THR D 213 30.27 -21.75 23.13
N TYR D 214 30.38 -23.11 23.21
CA TYR D 214 30.18 -23.93 24.42
C TYR D 214 31.13 -23.51 25.53
N MET D 215 32.40 -23.30 25.18
CA MET D 215 33.46 -22.87 26.10
C MET D 215 33.20 -21.46 26.62
N ILE D 216 32.92 -20.49 25.71
CA ILE D 216 32.63 -19.11 26.07
C ILE D 216 31.35 -19.02 26.91
N ALA D 217 30.28 -19.80 26.56
CA ALA D 217 29.02 -19.84 27.29
C ALA D 217 29.23 -20.30 28.72
N HIS D 218 30.06 -21.37 28.91
CA HIS D 218 30.43 -21.98 30.19
C HIS D 218 31.11 -20.99 31.15
N VAL D 219 32.16 -20.35 30.65
CA VAL D 219 32.98 -19.36 31.32
C VAL D 219 32.25 -17.97 31.56
N THR D 220 31.13 -17.66 30.82
CA THR D 220 30.35 -16.41 30.97
C THR D 220 28.98 -16.62 31.63
N ASP D 221 28.74 -17.84 32.14
CA ASP D 221 27.52 -18.28 32.82
C ASP D 221 26.25 -18.11 31.97
N LEU D 222 26.37 -18.46 30.68
CA LEU D 222 25.27 -18.44 29.71
C LEU D 222 25.09 -19.83 29.11
N LYS D 223 24.00 -20.04 28.39
CA LYS D 223 23.70 -21.32 27.73
C LYS D 223 23.90 -21.18 26.24
N PRO D 224 24.49 -22.17 25.52
CA PRO D 224 24.67 -22.00 24.06
C PRO D 224 23.33 -21.89 23.32
N GLY D 225 23.28 -20.98 22.34
CA GLY D 225 22.10 -20.70 21.53
C GLY D 225 22.23 -21.35 20.16
N ASP D 226 22.69 -20.57 19.18
CA ASP D 226 22.88 -21.02 17.81
C ASP D 226 24.31 -20.81 17.34
N PHE D 227 24.70 -21.56 16.31
CA PHE D 227 25.93 -21.32 15.57
C PHE D 227 25.47 -21.01 14.16
N VAL D 228 25.67 -19.77 13.69
CA VAL D 228 25.30 -19.45 12.34
C VAL D 228 26.59 -19.38 11.51
N HIS D 229 26.62 -20.21 10.47
CA HIS D 229 27.76 -20.40 9.58
C HIS D 229 27.52 -19.71 8.25
N THR D 230 28.24 -18.59 8.01
CA THR D 230 28.14 -17.83 6.78
C THR D 230 29.32 -18.19 5.88
N LEU D 231 29.04 -18.44 4.59
CA LEU D 231 30.07 -18.84 3.63
C LEU D 231 30.20 -17.89 2.46
N GLY D 232 31.43 -17.66 2.02
CA GLY D 232 31.77 -16.87 0.86
C GLY D 232 31.81 -17.81 -0.33
N ASP D 233 33.01 -18.18 -0.75
CA ASP D 233 33.21 -19.13 -1.84
C ASP D 233 33.05 -20.57 -1.26
N ALA D 234 31.82 -21.14 -1.42
CA ALA D 234 31.45 -22.48 -0.97
C ALA D 234 31.67 -23.42 -2.15
N HIS D 235 32.61 -24.39 -1.99
CA HIS D 235 33.01 -25.27 -3.09
C HIS D 235 33.25 -26.71 -2.74
N VAL D 236 33.23 -27.54 -3.78
CA VAL D 236 33.54 -28.96 -3.73
C VAL D 236 34.66 -29.18 -4.75
N TYR D 237 35.63 -30.04 -4.43
CA TYR D 237 36.69 -30.35 -5.37
C TYR D 237 36.14 -31.38 -6.34
N SER D 238 36.42 -31.20 -7.64
CA SER D 238 35.95 -32.07 -8.72
C SER D 238 36.29 -33.54 -8.51
N ASN D 239 37.48 -33.83 -7.96
CA ASN D 239 37.94 -35.19 -7.67
C ASN D 239 37.22 -35.84 -6.47
N HIS D 240 36.48 -35.03 -5.68
CA HIS D 240 35.73 -35.49 -4.49
C HIS D 240 34.25 -35.74 -4.79
N CYS D 241 33.80 -35.41 -6.02
CA CYS D 241 32.41 -35.49 -6.46
C CYS D 241 31.81 -36.88 -6.38
N GLU D 242 32.56 -37.94 -6.73
CA GLU D 242 32.11 -39.33 -6.65
C GLU D 242 31.80 -39.70 -5.19
N ALA D 243 32.71 -39.34 -4.26
CA ALA D 243 32.59 -39.58 -2.83
C ALA D 243 31.44 -38.79 -2.18
N LEU D 244 31.22 -37.55 -2.65
CA LEU D 244 30.15 -36.69 -2.16
C LEU D 244 28.78 -37.19 -2.57
N GLU D 245 28.65 -37.77 -3.79
CA GLU D 245 27.42 -38.37 -4.30
C GLU D 245 27.01 -39.56 -3.42
N GLU D 246 28.00 -40.33 -2.94
CA GLU D 246 27.81 -41.48 -2.04
C GLU D 246 27.33 -40.98 -0.67
N GLN D 247 27.92 -39.87 -0.18
CA GLN D 247 27.58 -39.24 1.09
C GLN D 247 26.16 -38.62 1.05
N LEU D 248 25.76 -38.06 -0.11
CA LEU D 248 24.46 -37.46 -0.40
C LEU D 248 23.28 -38.50 -0.30
N LYS D 249 23.62 -39.78 -0.38
CA LYS D 249 22.66 -40.89 -0.27
C LYS D 249 22.41 -41.23 1.20
N ARG D 250 23.29 -40.75 2.14
CA ARG D 250 23.23 -41.02 3.58
C ARG D 250 22.29 -40.12 4.33
N GLU D 251 21.58 -40.70 5.30
CA GLU D 251 20.60 -40.01 6.13
C GLU D 251 21.28 -39.52 7.42
N PRO D 252 21.21 -38.21 7.75
CA PRO D 252 21.83 -37.75 9.00
C PRO D 252 21.24 -38.44 10.22
N ARG D 253 22.08 -38.70 11.21
CA ARG D 253 21.69 -39.35 12.45
C ARG D 253 21.61 -38.29 13.55
N PRO D 254 20.77 -38.48 14.61
CA PRO D 254 20.70 -37.44 15.66
C PRO D 254 22.08 -37.05 16.18
N PHE D 255 22.32 -35.73 16.29
CA PHE D 255 23.56 -35.14 16.74
C PHE D 255 23.91 -35.59 18.16
N PRO D 256 25.22 -35.76 18.49
CA PRO D 256 25.57 -36.10 19.87
C PRO D 256 25.41 -34.92 20.84
N SER D 257 25.57 -35.22 22.12
CA SER D 257 25.47 -34.23 23.17
C SER D 257 26.87 -33.88 23.70
N LEU D 258 27.03 -32.64 24.17
CA LEU D 258 28.27 -32.18 24.75
C LEU D 258 28.07 -31.62 26.16
N LYS D 259 28.92 -32.09 27.08
CA LYS D 259 28.95 -31.71 28.49
C LYS D 259 30.38 -31.34 28.87
N ILE D 260 30.52 -30.30 29.69
CA ILE D 260 31.80 -29.89 30.24
C ILE D 260 31.78 -30.45 31.68
N LYS D 261 32.58 -31.51 31.88
CA LYS D 261 32.71 -32.33 33.10
C LYS D 261 32.91 -31.58 34.42
N ARG D 262 33.62 -30.45 34.40
CA ARG D 262 33.89 -29.66 35.62
C ARG D 262 33.62 -28.17 35.41
N LYS D 263 33.57 -27.40 36.51
CA LYS D 263 33.40 -25.96 36.42
C LYS D 263 34.77 -25.36 36.14
N VAL D 264 34.88 -24.74 34.97
CA VAL D 264 36.11 -24.09 34.55
C VAL D 264 35.86 -22.58 34.54
N GLU D 265 36.74 -21.82 35.22
CA GLU D 265 36.65 -20.38 35.41
C GLU D 265 37.13 -19.56 34.20
N ASN D 266 38.34 -19.84 33.68
CA ASN D 266 38.93 -19.10 32.57
C ASN D 266 39.00 -19.94 31.29
N ILE D 267 38.86 -19.27 30.12
CA ILE D 267 38.90 -19.87 28.79
C ILE D 267 40.22 -20.63 28.51
N SER D 268 41.33 -20.15 29.09
CA SER D 268 42.66 -20.72 28.92
C SER D 268 42.84 -22.00 29.75
N ASP D 269 41.92 -22.27 30.71
CA ASP D 269 41.97 -23.42 31.63
C ASP D 269 41.31 -24.71 31.10
N PHE D 270 40.75 -24.74 29.88
CA PHE D 270 40.17 -25.95 29.33
C PHE D 270 41.23 -26.95 28.88
N LYS D 271 40.92 -28.24 29.04
CA LYS D 271 41.76 -29.38 28.64
C LYS D 271 40.84 -30.30 27.83
N PHE D 272 41.41 -31.14 26.93
CA PHE D 272 40.62 -32.06 26.10
C PHE D 272 39.71 -32.96 26.94
N GLU D 273 40.25 -33.45 28.06
CA GLU D 273 39.58 -34.35 29.01
C GLU D 273 38.34 -33.73 29.68
N ASP D 274 38.20 -32.38 29.65
CA ASP D 274 37.06 -31.66 30.25
C ASP D 274 35.78 -31.84 29.44
N PHE D 275 35.91 -32.23 28.16
CA PHE D 275 34.78 -32.41 27.24
C PHE D 275 34.26 -33.83 27.25
N GLU D 276 32.93 -33.97 27.26
CA GLU D 276 32.24 -35.25 27.29
C GLU D 276 31.28 -35.30 26.10
N LEU D 277 31.72 -35.94 25.01
CA LEU D 277 30.92 -36.10 23.81
C LEU D 277 30.19 -37.44 23.85
N ASP D 278 28.88 -37.38 24.17
CA ASP D 278 28.03 -38.55 24.31
C ASP D 278 27.11 -38.76 23.11
N GLY D 279 27.02 -40.01 22.66
CA GLY D 279 26.14 -40.41 21.57
C GLY D 279 26.52 -40.01 20.16
N TYR D 280 27.83 -39.89 19.86
CA TYR D 280 28.26 -39.56 18.50
C TYR D 280 28.27 -40.85 17.72
N LYS D 281 27.27 -41.02 16.86
CA LYS D 281 27.11 -42.25 16.06
C LYS D 281 27.14 -41.93 14.57
N PRO D 282 28.30 -41.58 13.97
CA PRO D 282 28.29 -41.23 12.54
C PRO D 282 28.36 -42.41 11.58
N HIS D 283 28.10 -42.14 10.30
CA HIS D 283 28.24 -43.07 9.19
C HIS D 283 29.76 -43.20 8.95
N PRO D 284 30.29 -44.25 8.28
CA PRO D 284 31.76 -44.35 8.09
C PRO D 284 32.43 -43.17 7.40
N ARG E 5 -14.81 34.48 -3.07
CA ARG E 5 -15.46 34.46 -4.38
C ARG E 5 -16.97 34.16 -4.31
N HIS E 6 -17.71 35.06 -4.94
CA HIS E 6 -19.16 35.12 -5.03
C HIS E 6 -19.75 33.82 -5.60
N ASP E 7 -20.75 33.27 -4.91
CA ASP E 7 -21.47 32.02 -5.29
C ASP E 7 -22.09 32.10 -6.70
N GLU E 8 -22.44 33.32 -7.17
CA GLU E 8 -23.02 33.54 -8.50
C GLU E 8 -22.09 33.16 -9.63
N TYR E 9 -20.79 33.34 -9.43
CA TYR E 9 -19.79 32.91 -10.42
C TYR E 9 -19.91 31.41 -10.84
N GLN E 10 -20.45 30.49 -9.97
CA GLN E 10 -20.66 29.07 -10.32
C GLN E 10 -21.62 28.97 -11.49
N TYR E 11 -22.69 29.79 -11.45
CA TYR E 11 -23.71 29.95 -12.46
C TYR E 11 -23.11 30.56 -13.75
N LEU E 12 -22.32 31.62 -13.63
CA LEU E 12 -21.73 32.28 -14.82
C LEU E 12 -20.70 31.39 -15.52
N ASP E 13 -19.70 30.86 -14.77
CA ASP E 13 -18.69 29.97 -15.33
C ASP E 13 -19.34 28.75 -16.03
N LEU E 14 -20.45 28.21 -15.50
CA LEU E 14 -21.19 27.16 -16.19
C LEU E 14 -21.79 27.66 -17.53
N ILE E 15 -22.44 28.90 -17.60
CA ILE E 15 -22.98 29.50 -18.84
C ILE E 15 -21.83 29.58 -19.85
N ARG E 16 -20.67 30.12 -19.41
CA ARG E 16 -19.43 30.26 -20.17
C ARG E 16 -18.99 28.91 -20.74
N GLN E 17 -18.91 27.87 -19.86
CA GLN E 17 -18.50 26.50 -20.21
C GLN E 17 -19.42 25.89 -21.26
N ILE E 18 -20.75 26.12 -21.16
CA ILE E 18 -21.75 25.58 -22.08
C ILE E 18 -21.67 26.27 -23.46
N MET E 19 -21.59 27.61 -23.49
CA MET E 19 -21.47 28.36 -24.75
C MET E 19 -20.15 28.06 -25.51
N ARG E 20 -19.07 27.71 -24.78
CA ARG E 20 -17.74 27.40 -25.32
C ARG E 20 -17.56 25.91 -25.74
N THR E 21 -17.92 24.95 -24.86
CA THR E 21 -17.69 23.51 -25.15
C THR E 21 -18.96 22.64 -25.27
N GLY E 22 -20.14 23.22 -25.04
CA GLY E 22 -21.42 22.52 -25.07
C GLY E 22 -21.84 21.94 -26.40
N ASN E 23 -22.84 21.04 -26.34
CA ASN E 23 -23.38 20.30 -27.49
C ASN E 23 -24.65 20.96 -28.05
N ARG E 24 -24.61 21.30 -29.33
CA ARG E 24 -25.74 21.93 -30.02
C ARG E 24 -26.78 20.90 -30.42
N LYS E 25 -28.06 21.22 -30.19
CA LYS E 25 -29.18 20.31 -30.51
C LYS E 25 -30.32 21.03 -31.20
N THR E 31 -36.85 26.29 -31.07
CA THR E 31 -35.53 26.89 -30.86
C THR E 31 -34.57 25.87 -30.20
N GLY E 32 -33.37 25.81 -30.76
CA GLY E 32 -32.31 24.91 -30.32
C GLY E 32 -31.55 25.35 -29.09
N THR E 33 -30.83 24.39 -28.48
CA THR E 33 -30.04 24.60 -27.26
C THR E 33 -28.61 24.11 -27.43
N ILE E 34 -27.70 24.68 -26.62
CA ILE E 34 -26.30 24.29 -26.46
C ILE E 34 -26.33 23.72 -25.04
N SER E 35 -25.92 22.46 -24.85
CA SER E 35 -26.02 21.83 -23.53
C SER E 35 -24.82 21.03 -23.06
N MET E 36 -24.83 20.71 -21.77
CA MET E 36 -23.87 19.87 -21.08
C MET E 36 -24.66 18.97 -20.11
N PHE E 37 -24.08 17.86 -19.65
CA PHE E 37 -24.78 16.99 -18.72
C PHE E 37 -24.07 16.84 -17.40
N GLY E 38 -24.78 17.16 -16.32
CA GLY E 38 -24.26 17.02 -14.97
C GLY E 38 -23.52 18.24 -14.44
N ALA E 39 -24.09 18.91 -13.43
CA ALA E 39 -23.45 20.05 -12.79
C ALA E 39 -23.93 20.12 -11.34
N GLN E 40 -23.19 20.82 -10.48
CA GLN E 40 -23.55 21.02 -9.07
C GLN E 40 -23.02 22.35 -8.54
N MET E 41 -23.91 23.16 -7.98
CA MET E 41 -23.61 24.46 -7.35
C MET E 41 -24.06 24.41 -5.91
N ARG E 42 -23.43 25.20 -5.06
CA ARG E 42 -23.75 25.30 -3.64
C ARG E 42 -23.89 26.76 -3.32
N TYR E 43 -25.02 27.13 -2.76
CA TYR E 43 -25.33 28.50 -2.37
C TYR E 43 -25.53 28.53 -0.87
N SER E 44 -24.72 29.36 -0.18
CA SER E 44 -24.84 29.52 1.26
C SER E 44 -26.10 30.35 1.55
N LEU E 45 -26.90 29.92 2.55
CA LEU E 45 -28.12 30.63 2.97
C LEU E 45 -27.96 31.10 4.42
N ARG E 46 -26.71 31.06 4.91
CA ARG E 46 -26.32 31.45 6.26
C ARG E 46 -26.28 32.96 6.44
N ASP E 47 -26.51 33.42 7.69
CA ASP E 47 -26.48 34.83 8.14
C ASP E 47 -27.49 35.75 7.41
N GLY E 48 -28.63 35.18 7.05
CA GLY E 48 -29.70 35.89 6.37
C GLY E 48 -29.50 36.06 4.87
N ILE E 49 -28.38 35.57 4.31
CA ILE E 49 -28.07 35.66 2.88
C ILE E 49 -29.10 34.92 2.01
N PHE E 50 -29.66 35.62 1.03
CA PHE E 50 -30.60 35.02 0.08
C PHE E 50 -30.01 35.01 -1.33
N PRO E 51 -29.78 33.82 -1.93
CA PRO E 51 -29.14 33.78 -3.25
C PRO E 51 -30.04 34.16 -4.44
N LEU E 52 -30.47 35.41 -4.49
CA LEU E 52 -31.25 35.94 -5.60
C LEU E 52 -30.18 36.52 -6.53
N LEU E 53 -29.97 35.90 -7.71
CA LEU E 53 -28.92 36.30 -8.68
C LEU E 53 -29.02 37.78 -9.10
N THR E 54 -27.84 38.43 -9.18
CA THR E 54 -27.67 39.87 -9.39
C THR E 54 -27.17 40.33 -10.78
N THR E 55 -26.69 39.43 -11.67
CA THR E 55 -26.20 39.88 -13.00
C THR E 55 -27.38 40.17 -13.96
N LYS E 56 -28.60 39.89 -13.52
CA LYS E 56 -29.86 40.07 -14.24
C LYS E 56 -30.93 40.08 -13.14
N ARG E 57 -31.90 41.00 -13.23
CA ARG E 57 -33.00 41.05 -12.24
C ARG E 57 -33.90 39.79 -12.36
N VAL E 58 -34.16 39.13 -11.22
CA VAL E 58 -34.98 37.92 -11.08
C VAL E 58 -36.35 38.38 -10.54
N PHE E 59 -37.43 37.77 -11.06
CA PHE E 59 -38.79 38.10 -10.68
C PHE E 59 -39.14 37.55 -9.29
N TRP E 60 -38.73 38.30 -8.21
CA TRP E 60 -38.93 37.91 -6.81
C TRP E 60 -40.40 37.60 -6.43
N ARG E 61 -41.36 38.44 -6.84
CA ARG E 61 -42.78 38.21 -6.54
C ARG E 61 -43.29 36.95 -7.18
N GLY E 62 -42.81 36.68 -8.39
CA GLY E 62 -43.15 35.47 -9.13
C GLY E 62 -42.66 34.25 -8.39
N VAL E 63 -41.40 34.28 -7.92
CA VAL E 63 -40.77 33.21 -7.14
C VAL E 63 -41.60 32.91 -5.89
N ALA E 64 -41.84 33.95 -5.06
CA ALA E 64 -42.53 33.79 -3.78
C ALA E 64 -43.99 33.37 -3.93
N GLU E 65 -44.75 34.04 -4.82
CA GLU E 65 -46.16 33.69 -5.05
C GLU E 65 -46.31 32.29 -5.62
N GLU E 66 -45.42 31.87 -6.56
CA GLU E 66 -45.46 30.52 -7.15
C GLU E 66 -45.25 29.44 -6.11
N LEU E 67 -44.32 29.65 -5.18
CA LEU E 67 -43.99 28.71 -4.12
C LEU E 67 -45.14 28.57 -3.11
N LEU E 68 -45.81 29.69 -2.77
CA LEU E 68 -46.95 29.71 -1.85
C LEU E 68 -48.12 28.96 -2.45
N TRP E 69 -48.19 29.01 -3.80
CA TRP E 69 -49.19 28.39 -4.64
C TRP E 69 -48.99 26.88 -4.66
N PHE E 70 -47.71 26.41 -4.69
CA PHE E 70 -47.30 24.99 -4.62
C PHE E 70 -47.63 24.43 -3.23
N VAL E 71 -47.27 25.18 -2.16
CA VAL E 71 -47.48 24.82 -0.75
C VAL E 71 -48.96 24.61 -0.46
N ARG E 72 -49.84 25.47 -1.05
CA ARG E 72 -51.30 25.38 -0.97
C ARG E 72 -51.81 24.06 -1.58
N GLY E 73 -51.02 23.47 -2.49
CA GLY E 73 -51.36 22.26 -3.22
C GLY E 73 -52.20 22.56 -4.45
N SER E 74 -52.14 23.83 -4.94
CA SER E 74 -52.91 24.28 -6.09
C SER E 74 -52.31 23.86 -7.43
N THR E 75 -53.20 23.56 -8.39
CA THR E 75 -52.88 23.16 -9.77
C THR E 75 -53.65 24.07 -10.71
N ASN E 76 -54.06 25.25 -10.19
CA ASN E 76 -54.85 26.27 -10.87
C ASN E 76 -54.01 27.50 -11.23
N ALA E 77 -53.69 27.65 -12.52
CA ALA E 77 -52.93 28.77 -13.09
C ALA E 77 -53.66 30.14 -12.92
N LYS E 78 -54.99 30.13 -12.76
CA LYS E 78 -55.79 31.34 -12.59
C LYS E 78 -55.50 32.03 -11.25
N GLU E 79 -55.10 31.25 -10.23
CA GLU E 79 -54.78 31.72 -8.89
C GLU E 79 -53.51 32.54 -8.90
N LEU E 80 -52.59 32.22 -9.85
CA LEU E 80 -51.32 32.91 -10.10
C LEU E 80 -51.57 34.13 -10.94
N GLN E 81 -52.35 34.01 -12.05
CA GLN E 81 -52.75 35.10 -12.96
C GLN E 81 -53.40 36.22 -12.18
N GLU E 82 -54.21 35.86 -11.18
CA GLU E 82 -54.88 36.75 -10.26
C GLU E 82 -53.87 37.64 -9.55
N LYS E 83 -52.70 37.09 -9.25
CA LYS E 83 -51.59 37.79 -8.59
C LYS E 83 -50.57 38.36 -9.59
N ASP E 84 -50.98 38.47 -10.87
CA ASP E 84 -50.25 38.96 -12.03
C ASP E 84 -49.00 38.15 -12.31
N ILE E 85 -49.08 36.83 -12.09
CA ILE E 85 -48.01 35.87 -12.35
C ILE E 85 -48.46 35.06 -13.56
N HIS E 86 -47.73 35.18 -14.67
CA HIS E 86 -48.06 34.57 -15.96
C HIS E 86 -47.03 33.58 -16.43
N ILE E 87 -46.23 33.03 -15.49
CA ILE E 87 -45.19 32.04 -15.75
C ILE E 87 -45.78 30.68 -16.19
N TRP E 88 -47.03 30.37 -15.77
CA TRP E 88 -47.71 29.11 -16.12
C TRP E 88 -48.79 29.26 -17.21
N ASP E 89 -48.84 30.42 -17.93
CA ASP E 89 -49.79 30.66 -19.02
C ASP E 89 -49.46 29.82 -20.26
N ARG E 105 -60.06 19.30 -20.49
CA ARG E 105 -59.66 19.97 -19.24
C ARG E 105 -59.92 21.49 -19.31
N GLU E 106 -60.40 22.07 -18.19
CA GLU E 106 -60.77 23.47 -18.04
C GLU E 106 -59.55 24.42 -18.12
N GLU E 107 -59.78 25.70 -18.48
CA GLU E 107 -58.73 26.74 -18.58
C GLU E 107 -58.14 27.02 -17.18
N GLY E 108 -56.81 27.00 -17.09
CA GLY E 108 -56.11 27.16 -15.82
C GLY E 108 -55.69 25.84 -15.20
N ASP E 109 -56.39 24.73 -15.57
CA ASP E 109 -56.10 23.38 -15.04
C ASP E 109 -54.84 22.79 -15.66
N LEU E 110 -53.77 22.73 -14.87
CA LEU E 110 -52.43 22.24 -15.27
C LEU E 110 -52.21 20.75 -15.10
N GLY E 111 -53.11 20.11 -14.40
CA GLY E 111 -53.00 18.69 -14.15
C GLY E 111 -52.30 18.45 -12.84
N PRO E 112 -51.81 17.23 -12.61
CA PRO E 112 -51.22 16.92 -11.29
C PRO E 112 -49.79 17.39 -11.11
N VAL E 113 -49.55 18.70 -11.32
CA VAL E 113 -48.25 19.34 -11.23
C VAL E 113 -47.76 19.45 -9.76
N TYR E 114 -46.59 20.13 -9.51
CA TYR E 114 -45.87 20.29 -8.23
C TYR E 114 -46.72 20.34 -6.97
N GLY E 115 -47.73 21.19 -6.92
CA GLY E 115 -48.57 21.32 -5.73
C GLY E 115 -49.22 20.00 -5.35
N PHE E 116 -49.76 19.32 -6.34
CA PHE E 116 -50.48 18.08 -6.17
C PHE E 116 -49.57 16.94 -5.73
N GLN E 117 -48.33 16.88 -6.23
CA GLN E 117 -47.35 15.83 -5.92
C GLN E 117 -46.76 16.03 -4.54
N TRP E 118 -46.55 17.33 -4.17
CA TRP E 118 -46.02 17.71 -2.86
C TRP E 118 -46.98 17.34 -1.73
N ARG E 119 -48.27 17.55 -1.93
CA ARG E 119 -49.28 17.38 -0.89
C ARG E 119 -50.14 16.09 -0.99
N HIS E 120 -50.25 15.48 -2.18
CA HIS E 120 -51.12 14.33 -2.41
C HIS E 120 -50.51 13.34 -3.40
N PHE E 121 -49.19 13.04 -3.29
CA PHE E 121 -48.53 12.10 -4.19
C PHE E 121 -49.27 10.74 -4.21
N GLY E 122 -49.60 10.24 -5.41
CA GLY E 122 -50.24 8.95 -5.58
C GLY E 122 -51.75 8.95 -5.69
N ALA E 123 -52.39 10.05 -5.27
CA ALA E 123 -53.84 10.21 -5.35
C ALA E 123 -54.27 10.37 -6.80
N PRO E 124 -55.45 9.85 -7.21
CA PRO E 124 -55.88 10.03 -8.60
C PRO E 124 -56.28 11.48 -8.89
N TYR E 125 -55.98 11.97 -10.08
CA TYR E 125 -56.30 13.34 -10.45
C TYR E 125 -57.53 13.46 -11.33
N ALA E 126 -58.45 14.34 -10.91
CA ALA E 126 -59.71 14.74 -11.53
C ALA E 126 -59.65 16.21 -12.11
N ASP E 127 -60.14 17.22 -11.37
CA ASP E 127 -60.05 18.63 -11.82
C ASP E 127 -59.34 19.48 -10.75
N MET E 128 -58.91 20.72 -11.08
CA MET E 128 -58.19 21.60 -10.11
C MET E 128 -59.06 22.08 -8.94
N HIS E 129 -60.36 21.80 -9.01
CA HIS E 129 -61.36 22.16 -8.00
C HIS E 129 -61.66 21.03 -7.01
N THR E 130 -61.23 19.80 -7.33
CA THR E 130 -61.45 18.61 -6.49
C THR E 130 -60.79 18.78 -5.11
N ASP E 131 -61.49 18.35 -4.03
CA ASP E 131 -60.95 18.41 -2.67
C ASP E 131 -60.16 17.11 -2.47
N TYR E 132 -58.82 17.24 -2.44
CA TYR E 132 -57.91 16.10 -2.31
C TYR E 132 -57.45 15.84 -0.85
N THR E 133 -58.05 16.52 0.13
CA THR E 133 -57.72 16.38 1.56
C THR E 133 -57.77 14.92 1.99
N GLY E 134 -56.68 14.44 2.57
CA GLY E 134 -56.54 13.06 3.01
C GLY E 134 -56.20 12.05 1.93
N GLN E 135 -56.06 12.53 0.66
CA GLN E 135 -55.72 11.69 -0.50
C GLN E 135 -54.24 11.81 -0.81
N GLY E 136 -53.62 10.68 -1.12
CA GLY E 136 -52.21 10.60 -1.43
C GLY E 136 -51.29 10.89 -0.26
N VAL E 137 -49.99 10.98 -0.55
CA VAL E 137 -48.97 11.24 0.44
C VAL E 137 -48.64 12.73 0.52
N ASP E 138 -48.71 13.31 1.72
CA ASP E 138 -48.30 14.69 1.94
C ASP E 138 -46.82 14.65 2.29
N GLN E 139 -46.00 14.74 1.26
CA GLN E 139 -44.52 14.74 1.30
C GLN E 139 -43.97 15.97 1.97
N LEU E 140 -44.60 17.17 1.80
CA LEU E 140 -44.18 18.41 2.45
C LEU E 140 -44.33 18.31 3.99
N GLN E 141 -45.50 17.87 4.49
CA GLN E 141 -45.74 17.71 5.93
C GLN E 141 -44.90 16.58 6.52
N GLN E 142 -44.66 15.52 5.74
CA GLN E 142 -43.87 14.37 6.15
C GLN E 142 -42.41 14.81 6.38
N VAL E 143 -41.90 15.68 5.50
CA VAL E 143 -40.55 16.25 5.54
C VAL E 143 -40.38 17.07 6.85
N ILE E 144 -41.34 17.93 7.16
CA ILE E 144 -41.35 18.78 8.37
C ILE E 144 -41.33 17.93 9.65
N ASP E 145 -42.19 16.88 9.70
CA ASP E 145 -42.31 15.93 10.82
C ASP E 145 -41.00 15.17 11.04
N THR E 146 -40.34 14.75 9.95
CA THR E 146 -39.07 14.02 9.99
C THR E 146 -37.94 14.93 10.48
N ILE E 147 -37.86 16.18 9.99
CA ILE E 147 -36.83 17.14 10.42
C ILE E 147 -36.92 17.37 11.94
N LYS E 148 -38.15 17.49 12.46
CA LYS E 148 -38.45 17.72 13.88
C LYS E 148 -38.15 16.50 14.77
N ASN E 149 -38.64 15.30 14.38
CA ASN E 149 -38.53 14.07 15.18
C ASN E 149 -37.25 13.26 14.97
N ASN E 150 -36.77 13.14 13.72
CA ASN E 150 -35.52 12.43 13.44
C ASN E 150 -34.66 13.22 12.41
N PRO E 151 -33.99 14.32 12.85
CA PRO E 151 -33.19 15.14 11.91
C PRO E 151 -32.03 14.45 11.18
N ASP E 152 -31.51 13.34 11.73
CA ASP E 152 -30.40 12.57 11.14
C ASP E 152 -30.83 11.60 10.02
N ASP E 153 -32.14 11.50 9.78
CA ASP E 153 -32.75 10.62 8.76
C ASP E 153 -32.23 10.97 7.35
N ARG E 154 -31.89 9.94 6.59
CA ARG E 154 -31.33 10.05 5.24
C ARG E 154 -32.38 9.86 4.13
N ARG E 155 -33.70 9.93 4.50
CA ARG E 155 -34.83 9.74 3.59
C ARG E 155 -35.76 10.95 3.59
N ILE E 156 -35.24 12.15 3.97
CA ILE E 156 -36.06 13.37 3.99
C ILE E 156 -36.19 13.88 2.52
N ILE E 157 -37.07 13.24 1.74
CA ILE E 157 -37.26 13.49 0.31
C ILE E 157 -38.71 13.87 -0.02
N MET E 158 -38.84 14.79 -0.98
CA MET E 158 -40.06 15.28 -1.58
C MET E 158 -39.81 15.12 -3.06
N CYS E 159 -40.57 14.25 -3.70
CA CYS E 159 -40.48 13.86 -5.11
C CYS E 159 -41.70 14.35 -5.90
N ALA E 160 -41.47 15.14 -6.93
CA ALA E 160 -42.52 15.62 -7.84
C ALA E 160 -42.54 14.76 -9.12
N TRP E 161 -41.44 14.03 -9.40
CA TRP E 161 -41.37 13.16 -10.56
C TRP E 161 -42.22 11.92 -10.32
N ASN E 162 -43.41 11.87 -10.97
CA ASN E 162 -44.35 10.76 -10.88
C ASN E 162 -44.51 10.11 -12.24
N PRO E 163 -43.82 8.97 -12.51
CA PRO E 163 -43.96 8.29 -13.82
C PRO E 163 -45.42 8.02 -14.27
N VAL E 164 -46.31 7.75 -13.29
CA VAL E 164 -47.73 7.49 -13.55
C VAL E 164 -48.48 8.78 -14.01
N ASP E 165 -48.24 9.90 -13.31
CA ASP E 165 -48.91 11.16 -13.59
C ASP E 165 -48.26 12.04 -14.62
N VAL E 166 -46.98 11.78 -14.99
CA VAL E 166 -46.22 12.60 -15.95
C VAL E 166 -46.94 12.71 -17.32
N PRO E 167 -47.64 11.69 -17.91
CA PRO E 167 -48.39 11.94 -19.17
C PRO E 167 -49.65 12.81 -19.00
N LYS E 168 -50.18 12.92 -17.76
CA LYS E 168 -51.37 13.70 -17.40
C LYS E 168 -51.06 15.19 -17.15
N MET E 169 -49.77 15.51 -16.96
CA MET E 169 -49.27 16.86 -16.65
C MET E 169 -49.09 17.70 -17.89
N ALA E 170 -49.41 19.01 -17.77
CA ALA E 170 -49.27 19.99 -18.86
C ALA E 170 -47.80 20.00 -19.32
N LEU E 171 -46.88 20.11 -18.35
CA LEU E 171 -45.45 20.06 -18.57
C LEU E 171 -44.84 19.11 -17.55
N PRO E 172 -43.93 18.19 -17.96
CA PRO E 172 -43.31 17.30 -16.97
C PRO E 172 -42.42 18.11 -16.02
N PRO E 173 -42.38 17.76 -14.71
CA PRO E 173 -41.59 18.57 -13.79
C PRO E 173 -40.08 18.58 -14.05
N CYS E 174 -39.47 19.80 -14.06
CA CYS E 174 -38.03 20.04 -14.21
C CYS E 174 -37.34 19.71 -12.90
N HIS E 175 -38.03 20.00 -11.79
CA HIS E 175 -37.56 19.80 -10.42
C HIS E 175 -38.12 18.48 -9.95
N CYS E 176 -37.33 17.40 -10.21
CA CYS E 176 -37.65 15.99 -9.96
C CYS E 176 -37.87 15.68 -8.50
N LEU E 177 -36.88 16.01 -7.66
CA LEU E 177 -36.93 15.78 -6.22
C LEU E 177 -35.98 16.69 -5.48
N CYS E 178 -36.19 16.78 -4.18
CA CYS E 178 -35.34 17.53 -3.26
C CYS E 178 -35.17 16.77 -1.96
N GLN E 179 -33.98 16.85 -1.41
CA GLN E 179 -33.65 16.17 -0.16
C GLN E 179 -33.22 17.20 0.86
N PHE E 180 -33.54 16.93 2.12
CA PHE E 180 -33.19 17.79 3.24
C PHE E 180 -32.20 17.11 4.16
N TYR E 181 -31.36 17.94 4.79
CA TYR E 181 -30.27 17.52 5.67
C TYR E 181 -30.15 18.48 6.84
N VAL E 182 -29.93 17.92 8.03
CA VAL E 182 -29.80 18.68 9.27
C VAL E 182 -28.45 18.37 9.95
N ALA E 183 -27.65 19.40 10.23
CA ALA E 183 -26.37 19.32 10.93
C ALA E 183 -26.00 20.67 11.51
N ASN E 184 -25.57 20.66 12.80
CA ASN E 184 -25.16 21.83 13.58
C ASN E 184 -26.24 22.94 13.61
N GLY E 185 -27.50 22.52 13.78
CA GLY E 185 -28.68 23.37 13.82
C GLY E 185 -29.02 24.02 12.49
N GLU E 186 -28.44 23.52 11.39
CA GLU E 186 -28.65 24.05 10.05
C GLU E 186 -29.36 23.09 9.14
N LEU E 187 -30.33 23.60 8.40
CA LEU E 187 -31.09 22.84 7.43
C LEU E 187 -30.56 23.16 6.07
N SER E 188 -30.17 22.12 5.34
CA SER E 188 -29.71 22.21 3.96
C SER E 188 -30.68 21.50 3.05
N CYS E 189 -30.78 21.97 1.80
CA CYS E 189 -31.64 21.37 0.79
C CYS E 189 -30.85 21.06 -0.51
N GLN E 190 -31.14 19.92 -1.15
CA GLN E 190 -30.54 19.60 -2.43
C GLN E 190 -31.65 19.34 -3.41
N LEU E 191 -31.60 20.01 -4.56
CA LEU E 191 -32.59 19.84 -5.60
C LEU E 191 -31.95 19.11 -6.78
N TYR E 192 -32.67 18.08 -7.33
CA TYR E 192 -32.25 17.44 -8.57
C TYR E 192 -33.11 18.07 -9.69
N GLN E 193 -32.47 18.80 -10.59
CA GLN E 193 -33.14 19.42 -11.71
C GLN E 193 -32.70 18.72 -13.02
N ARG E 194 -33.61 17.98 -13.65
CA ARG E 194 -33.37 17.23 -14.90
C ARG E 194 -33.08 18.09 -16.11
N SER E 195 -33.69 19.29 -16.18
CA SER E 195 -33.59 20.22 -17.28
C SER E 195 -33.42 21.60 -16.70
N ALA E 196 -32.32 22.26 -17.06
CA ALA E 196 -32.03 23.58 -16.52
C ALA E 196 -31.69 24.60 -17.58
N ASP E 197 -32.63 25.52 -17.88
CA ASP E 197 -32.40 26.64 -18.80
C ASP E 197 -31.60 27.64 -17.99
N MET E 198 -30.28 27.77 -18.28
CA MET E 198 -29.33 28.63 -17.60
C MET E 198 -29.70 30.10 -17.75
N GLY E 199 -30.34 30.46 -18.87
CA GLY E 199 -30.73 31.83 -19.16
C GLY E 199 -31.78 32.36 -18.22
N LEU E 200 -33.05 31.97 -18.45
CA LEU E 200 -34.21 32.45 -17.69
C LEU E 200 -34.61 31.59 -16.49
N GLY E 201 -34.60 30.28 -16.67
CA GLY E 201 -35.04 29.29 -15.70
C GLY E 201 -34.26 29.16 -14.41
N VAL E 202 -32.93 28.90 -14.48
CA VAL E 202 -32.04 28.61 -13.33
C VAL E 202 -32.02 29.70 -12.22
N PRO E 203 -31.96 31.04 -12.48
CA PRO E 203 -31.99 31.99 -11.36
C PRO E 203 -33.23 31.88 -10.51
N PHE E 204 -34.38 31.66 -11.17
CA PHE E 204 -35.72 31.52 -10.57
C PHE E 204 -35.77 30.23 -9.74
N ASN E 205 -35.24 29.16 -10.30
CA ASN E 205 -35.15 27.82 -9.71
C ASN E 205 -34.38 27.86 -8.41
N ILE E 206 -33.18 28.48 -8.40
CA ILE E 206 -32.31 28.73 -7.25
C ILE E 206 -33.09 29.39 -6.09
N ALA E 207 -33.77 30.54 -6.37
CA ALA E 207 -34.58 31.31 -5.44
C ALA E 207 -35.78 30.54 -4.86
N SER E 208 -36.57 29.75 -5.68
CA SER E 208 -37.70 28.98 -5.15
C SER E 208 -37.27 28.07 -4.04
N TYR E 209 -36.24 27.24 -4.29
CA TYR E 209 -35.79 26.22 -3.34
C TYR E 209 -34.99 26.79 -2.18
N ALA E 210 -34.33 27.95 -2.36
CA ALA E 210 -33.67 28.65 -1.27
C ALA E 210 -34.78 29.16 -0.34
N LEU E 211 -35.86 29.71 -0.91
CA LEU E 211 -37.01 30.23 -0.15
C LEU E 211 -37.74 29.12 0.62
N LEU E 212 -37.95 27.96 -0.02
CA LEU E 212 -38.54 26.79 0.59
C LEU E 212 -37.73 26.37 1.84
N THR E 213 -36.40 26.35 1.74
CA THR E 213 -35.49 26.00 2.84
C THR E 213 -35.65 26.96 4.00
N TYR E 214 -35.77 28.31 3.71
CA TYR E 214 -35.97 29.37 4.71
C TYR E 214 -37.28 29.14 5.45
N MET E 215 -38.35 28.77 4.72
CA MET E 215 -39.69 28.51 5.26
C MET E 215 -39.70 27.27 6.16
N ILE E 216 -39.15 26.16 5.67
CA ILE E 216 -39.07 24.91 6.43
C ILE E 216 -38.15 25.09 7.69
N ALA E 217 -36.99 25.79 7.56
CA ALA E 217 -36.09 26.13 8.66
C ALA E 217 -36.79 26.92 9.77
N HIS E 218 -37.65 27.86 9.37
CA HIS E 218 -38.44 28.71 10.25
C HIS E 218 -39.45 27.92 11.09
N VAL E 219 -40.24 27.05 10.45
CA VAL E 219 -41.26 26.23 11.12
C VAL E 219 -40.64 25.02 11.91
N THR E 220 -39.39 24.62 11.60
CA THR E 220 -38.73 23.50 12.30
C THR E 220 -37.68 23.96 13.32
N ASP E 221 -37.62 25.28 13.57
CA ASP E 221 -36.72 25.94 14.53
C ASP E 221 -35.23 25.67 14.22
N LEU E 222 -34.88 25.72 12.92
CA LEU E 222 -33.52 25.56 12.44
C LEU E 222 -33.08 26.79 11.64
N LYS E 223 -31.78 26.89 11.36
CA LYS E 223 -31.21 27.98 10.58
C LYS E 223 -30.90 27.46 9.18
N PRO E 224 -31.11 28.25 8.10
CA PRO E 224 -30.75 27.74 6.75
C PRO E 224 -29.23 27.55 6.61
N GLY E 225 -28.85 26.44 5.99
CA GLY E 225 -27.47 26.06 5.73
C GLY E 225 -27.06 26.37 4.31
N ASP E 226 -27.15 25.37 3.45
CA ASP E 226 -26.81 25.46 2.04
C ASP E 226 -27.96 25.04 1.15
N PHE E 227 -27.95 25.55 -0.09
CA PHE E 227 -28.84 25.09 -1.14
C PHE E 227 -27.91 24.49 -2.19
N VAL E 228 -28.02 23.18 -2.39
CA VAL E 228 -27.21 22.42 -3.35
C VAL E 228 -28.08 22.22 -4.60
N HIS E 229 -27.64 22.78 -5.72
CA HIS E 229 -28.35 22.72 -6.98
C HIS E 229 -27.65 21.75 -7.91
N THR E 230 -28.26 20.56 -8.10
CA THR E 230 -27.75 19.53 -9.00
C THR E 230 -28.52 19.59 -10.31
N LEU E 231 -27.78 19.60 -11.44
CA LEU E 231 -28.36 19.69 -12.78
C LEU E 231 -28.10 18.47 -13.64
N GLY E 232 -29.09 18.11 -14.45
CA GLY E 232 -29.02 17.05 -15.44
C GLY E 232 -28.61 17.71 -16.73
N ASP E 233 -29.59 17.95 -17.62
CA ASP E 233 -29.34 18.63 -18.89
C ASP E 233 -29.33 20.16 -18.64
N ALA E 234 -28.12 20.76 -18.40
CA ALA E 234 -27.91 22.23 -18.20
C ALA E 234 -27.63 22.89 -19.55
N HIS E 235 -28.59 23.73 -20.03
CA HIS E 235 -28.55 24.34 -21.36
C HIS E 235 -28.83 25.84 -21.45
N VAL E 236 -28.44 26.42 -22.59
CA VAL E 236 -28.69 27.80 -22.96
C VAL E 236 -29.41 27.75 -24.32
N TYR E 237 -30.41 28.61 -24.53
CA TYR E 237 -31.08 28.65 -25.82
C TYR E 237 -30.24 29.46 -26.79
N SER E 238 -30.09 28.96 -28.03
CA SER E 238 -29.32 29.61 -29.10
C SER E 238 -29.86 31.01 -29.40
N ASN E 239 -31.18 31.22 -29.18
CA ASN E 239 -31.89 32.50 -29.35
C ASN E 239 -31.47 33.53 -28.29
N HIS E 240 -31.24 33.07 -27.04
CA HIS E 240 -30.85 33.89 -25.88
C HIS E 240 -29.32 34.08 -25.74
N CYS E 241 -28.55 33.59 -26.73
CA CYS E 241 -27.09 33.53 -26.78
C CYS E 241 -26.34 34.89 -26.66
N GLU E 242 -26.28 35.75 -27.72
CA GLU E 242 -25.51 37.02 -27.70
C GLU E 242 -25.82 37.93 -26.49
N ALA E 243 -27.03 37.77 -25.89
CA ALA E 243 -27.51 38.46 -24.69
C ALA E 243 -26.74 37.96 -23.46
N LEU E 244 -26.51 36.63 -23.39
CA LEU E 244 -25.78 35.96 -22.30
C LEU E 244 -24.30 36.33 -22.29
N GLU E 245 -23.72 36.62 -23.49
CA GLU E 245 -22.35 37.13 -23.64
C GLU E 245 -22.26 38.52 -22.98
N GLU E 246 -23.34 39.32 -23.08
CA GLU E 246 -23.44 40.65 -22.46
C GLU E 246 -23.55 40.49 -20.93
N GLN E 247 -24.29 39.47 -20.46
CA GLN E 247 -24.47 39.17 -19.04
C GLN E 247 -23.17 38.68 -18.39
N LEU E 248 -22.37 37.87 -19.12
CA LEU E 248 -21.08 37.35 -18.63
C LEU E 248 -20.07 38.46 -18.33
N LYS E 249 -20.21 39.61 -19.01
CA LYS E 249 -19.36 40.80 -18.83
C LYS E 249 -19.68 41.52 -17.51
N ARG E 250 -20.82 41.18 -16.85
CA ARG E 250 -21.30 41.77 -15.60
C ARG E 250 -20.70 41.13 -14.37
N GLU E 251 -20.36 41.94 -13.38
CA GLU E 251 -19.78 41.50 -12.12
C GLU E 251 -20.90 41.29 -11.07
N PRO E 252 -21.00 40.09 -10.45
CA PRO E 252 -22.04 39.88 -9.44
C PRO E 252 -21.91 40.85 -8.27
N ARG E 253 -23.03 41.33 -7.77
CA ARG E 253 -23.14 42.25 -6.64
C ARG E 253 -23.49 41.41 -5.39
N PRO E 254 -23.18 41.87 -4.15
CA PRO E 254 -23.54 41.08 -2.95
C PRO E 254 -25.03 40.72 -2.92
N PHE E 255 -25.32 39.46 -2.56
CA PHE E 255 -26.70 38.92 -2.50
C PHE E 255 -27.56 39.66 -1.47
N PRO E 256 -28.89 39.77 -1.69
CA PRO E 256 -29.75 40.41 -0.66
C PRO E 256 -29.89 39.58 0.62
N SER E 257 -30.51 40.14 1.65
CA SER E 257 -30.77 39.43 2.90
C SER E 257 -32.28 39.15 2.98
N LEU E 258 -32.65 38.02 3.60
CA LEU E 258 -34.05 37.62 3.78
C LEU E 258 -34.39 37.40 5.25
N LYS E 259 -35.49 38.02 5.67
CA LYS E 259 -36.04 37.95 7.01
C LYS E 259 -37.52 37.59 6.93
N ILE E 260 -37.98 36.72 7.83
CA ILE E 260 -39.39 36.37 7.97
C ILE E 260 -39.85 37.21 9.15
N LYS E 261 -40.66 38.26 8.83
CA LYS E 261 -41.16 39.32 9.70
C LYS E 261 -41.80 38.85 11.01
N ARG E 262 -42.52 37.71 11.00
CA ARG E 262 -43.17 37.23 12.22
C ARG E 262 -42.88 35.75 12.50
N LYS E 263 -43.64 35.14 13.44
CA LYS E 263 -43.49 33.74 13.82
C LYS E 263 -44.65 32.97 13.18
N VAL E 264 -44.33 32.25 12.10
CA VAL E 264 -45.28 31.43 11.33
C VAL E 264 -45.25 29.99 11.91
N GLU E 265 -46.41 29.50 12.35
CA GLU E 265 -46.58 28.19 12.98
C GLU E 265 -46.48 27.02 12.01
N ASN E 266 -47.24 27.06 10.89
CA ASN E 266 -47.31 26.01 9.88
C ASN E 266 -46.85 26.54 8.51
N ILE E 267 -46.31 25.65 7.67
CA ILE E 267 -45.82 25.94 6.32
C ILE E 267 -46.89 26.51 5.40
N SER E 268 -48.15 26.08 5.59
CA SER E 268 -49.31 26.52 4.81
C SER E 268 -49.76 27.95 5.17
N ASP E 269 -49.27 28.49 6.31
CA ASP E 269 -49.64 29.81 6.85
C ASP E 269 -48.79 31.00 6.38
N PHE E 270 -47.82 30.78 5.47
CA PHE E 270 -47.01 31.90 4.97
C PHE E 270 -47.77 32.73 3.94
N LYS E 271 -47.52 34.04 3.94
CA LYS E 271 -48.11 35.03 3.02
C LYS E 271 -46.95 35.81 2.43
N PHE E 272 -47.13 36.38 1.23
CA PHE E 272 -46.06 37.14 0.56
C PHE E 272 -45.48 38.25 1.45
N GLU E 273 -46.35 38.95 2.17
CA GLU E 273 -46.03 40.06 3.07
C GLU E 273 -45.14 39.65 4.27
N ASP E 274 -45.07 38.34 4.59
CA ASP E 274 -44.25 37.83 5.69
C ASP E 274 -42.75 37.88 5.39
N PHE E 275 -42.38 37.97 4.10
CA PHE E 275 -41.00 38.01 3.64
C PHE E 275 -40.46 39.44 3.50
N GLU E 276 -39.23 39.65 3.96
CA GLU E 276 -38.56 40.94 3.92
C GLU E 276 -37.24 40.78 3.17
N LEU E 277 -37.24 41.11 1.88
CA LEU E 277 -36.04 41.05 1.04
C LEU E 277 -35.32 42.42 1.03
N ASP E 278 -34.23 42.50 1.80
CA ASP E 278 -33.46 43.73 1.95
C ASP E 278 -32.17 43.74 1.13
N GLY E 279 -31.91 44.88 0.47
CA GLY E 279 -30.70 45.13 -0.31
C GLY E 279 -30.55 44.39 -1.63
N TYR E 280 -31.67 44.10 -2.33
CA TYR E 280 -31.58 43.44 -3.63
C TYR E 280 -31.26 44.50 -4.67
N LYS E 281 -30.00 44.53 -5.10
CA LYS E 281 -29.51 45.53 -6.06
C LYS E 281 -28.95 44.87 -7.32
N PRO E 282 -29.80 44.37 -8.23
CA PRO E 282 -29.27 43.68 -9.41
C PRO E 282 -28.94 44.60 -10.59
N HIS E 283 -28.23 44.03 -11.56
CA HIS E 283 -27.94 44.69 -12.83
C HIS E 283 -29.27 44.68 -13.63
N PRO E 284 -29.48 45.53 -14.67
CA PRO E 284 -30.78 45.52 -15.38
C PRO E 284 -31.22 44.16 -15.95
N ARG F 5 -5.47 13.52 -13.97
CA ARG F 5 -5.58 12.93 -12.63
C ARG F 5 -6.67 11.86 -12.58
N HIS F 6 -6.32 10.69 -11.99
CA HIS F 6 -7.17 9.50 -11.83
C HIS F 6 -8.52 9.85 -11.21
N ASP F 7 -9.64 9.44 -11.88
CA ASP F 7 -11.01 9.71 -11.45
C ASP F 7 -11.30 9.23 -10.02
N GLU F 8 -10.56 8.21 -9.57
CA GLU F 8 -10.69 7.61 -8.22
C GLU F 8 -10.38 8.61 -7.12
N TYR F 9 -9.48 9.55 -7.39
CA TYR F 9 -9.11 10.57 -6.42
C TYR F 9 -10.31 11.42 -5.95
N GLN F 10 -11.42 11.51 -6.73
CA GLN F 10 -12.64 12.24 -6.33
C GLN F 10 -13.28 11.56 -5.12
N TYR F 11 -13.35 10.23 -5.18
CA TYR F 11 -13.88 9.35 -4.16
C TYR F 11 -13.00 9.42 -2.88
N LEU F 12 -11.67 9.35 -3.03
CA LEU F 12 -10.71 9.43 -1.93
C LEU F 12 -10.70 10.80 -1.27
N ASP F 13 -10.72 11.87 -2.08
CA ASP F 13 -10.70 13.26 -1.57
C ASP F 13 -11.94 13.54 -0.75
N LEU F 14 -13.10 12.90 -1.13
CA LEU F 14 -14.35 13.05 -0.39
C LEU F 14 -14.31 12.34 0.94
N ILE F 15 -13.82 11.08 1.00
CA ILE F 15 -13.63 10.33 2.26
C ILE F 15 -12.80 11.16 3.21
N ARG F 16 -11.65 11.68 2.72
CA ARG F 16 -10.72 12.55 3.45
C ARG F 16 -11.45 13.77 3.99
N GLN F 17 -12.21 14.48 3.13
CA GLN F 17 -12.97 15.70 3.45
C GLN F 17 -14.03 15.42 4.53
N ILE F 18 -14.74 14.25 4.44
CA ILE F 18 -15.75 13.81 5.41
C ILE F 18 -15.12 13.53 6.78
N MET F 19 -14.05 12.72 6.82
CA MET F 19 -13.38 12.37 8.08
C MET F 19 -12.73 13.56 8.79
N ARG F 20 -12.35 14.60 8.04
CA ARG F 20 -11.70 15.82 8.52
C ARG F 20 -12.71 16.92 8.94
N THR F 21 -13.70 17.24 8.09
CA THR F 21 -14.65 18.33 8.37
C THR F 21 -16.12 17.93 8.55
N GLY F 22 -16.43 16.64 8.36
CA GLY F 22 -17.79 16.09 8.45
C GLY F 22 -18.45 16.17 9.82
N ASN F 23 -19.77 15.96 9.80
CA ASN F 23 -20.65 16.04 10.96
C ASN F 23 -20.93 14.66 11.55
N ARG F 24 -20.62 14.49 12.84
CA ARG F 24 -20.84 13.24 13.55
C ARG F 24 -22.29 13.12 13.99
N LYS F 25 -22.91 11.95 13.73
CA LYS F 25 -24.30 11.66 14.08
C LYS F 25 -24.47 10.31 14.78
N GLY F 32 -22.98 4.78 14.40
CA GLY F 32 -22.75 6.19 14.13
C GLY F 32 -21.98 6.49 12.85
N THR F 33 -22.21 7.69 12.28
CA THR F 33 -21.57 8.13 11.05
C THR F 33 -20.94 9.53 11.18
N ILE F 34 -20.12 9.89 10.19
CA ILE F 34 -19.52 11.21 9.98
C ILE F 34 -20.02 11.54 8.57
N SER F 35 -20.73 12.66 8.39
CA SER F 35 -21.32 12.96 7.09
C SER F 35 -21.17 14.40 6.59
N MET F 36 -21.42 14.56 5.29
CA MET F 36 -21.45 15.81 4.55
C MET F 36 -22.68 15.73 3.62
N PHE F 37 -23.21 16.89 3.19
CA PHE F 37 -24.38 16.87 2.31
C PHE F 37 -24.10 17.46 0.96
N GLY F 38 -24.33 16.69 -0.09
CA GLY F 38 -24.19 17.15 -1.46
C GLY F 38 -22.79 17.01 -2.01
N ALA F 39 -22.61 16.07 -2.97
CA ALA F 39 -21.33 15.84 -3.65
C ALA F 39 -21.62 15.38 -5.07
N GLN F 40 -20.62 15.47 -5.95
CA GLN F 40 -20.74 15.05 -7.34
C GLN F 40 -19.40 14.64 -7.92
N MET F 41 -19.36 13.42 -8.48
CA MET F 41 -18.17 12.84 -9.13
C MET F 41 -18.54 12.53 -10.57
N ARG F 42 -17.56 12.57 -11.46
CA ARG F 42 -17.74 12.24 -12.85
C ARG F 42 -16.71 11.20 -13.22
N TYR F 43 -17.19 10.07 -13.76
CA TYR F 43 -16.33 8.97 -14.18
C TYR F 43 -16.50 8.79 -15.67
N SER F 44 -15.41 8.91 -16.41
CA SER F 44 -15.41 8.67 -17.85
C SER F 44 -15.55 7.15 -18.09
N LEU F 45 -16.48 6.77 -19.00
CA LEU F 45 -16.72 5.35 -19.42
C LEU F 45 -16.28 5.17 -20.87
N ARG F 46 -15.50 6.16 -21.39
CA ARG F 46 -15.03 6.20 -22.77
C ARG F 46 -13.84 5.30 -23.00
N ASP F 47 -13.70 4.81 -24.26
CA ASP F 47 -12.61 3.97 -24.79
C ASP F 47 -12.48 2.62 -24.04
N GLY F 48 -13.62 2.09 -23.61
CA GLY F 48 -13.68 0.83 -22.88
C GLY F 48 -13.38 0.88 -21.40
N ILE F 49 -13.04 2.08 -20.88
CA ILE F 49 -12.70 2.28 -19.46
C ILE F 49 -13.87 1.97 -18.54
N PHE F 50 -13.63 1.09 -17.55
CA PHE F 50 -14.66 0.75 -16.57
C PHE F 50 -14.24 1.23 -15.18
N PRO F 51 -15.01 2.18 -14.57
CA PRO F 51 -14.60 2.69 -13.25
C PRO F 51 -14.89 1.76 -12.07
N LEU F 52 -14.20 0.62 -12.03
CA LEU F 52 -14.29 -0.31 -10.90
C LEU F 52 -13.14 0.11 -10.00
N LEU F 53 -13.45 0.62 -8.82
CA LEU F 53 -12.48 1.21 -7.91
C LEU F 53 -11.35 0.24 -7.53
N THR F 54 -10.14 0.76 -7.46
CA THR F 54 -8.93 -0.05 -7.26
C THR F 54 -8.25 0.04 -5.89
N THR F 55 -8.64 0.98 -5.01
CA THR F 55 -7.93 1.09 -3.71
C THR F 55 -8.43 0.00 -2.72
N LYS F 56 -9.45 -0.79 -3.13
CA LYS F 56 -10.07 -1.91 -2.40
C LYS F 56 -10.79 -2.75 -3.46
N ARG F 57 -10.70 -4.08 -3.34
CA ARG F 57 -11.37 -4.97 -4.30
C ARG F 57 -12.88 -4.93 -4.14
N VAL F 58 -13.58 -4.69 -5.27
CA VAL F 58 -15.05 -4.64 -5.30
C VAL F 58 -15.59 -5.97 -5.87
N PHE F 59 -16.73 -6.45 -5.33
CA PHE F 59 -17.35 -7.73 -5.73
C PHE F 59 -18.08 -7.55 -7.08
N TRP F 60 -17.30 -7.60 -8.19
CA TRP F 60 -17.76 -7.43 -9.58
C TRP F 60 -18.92 -8.34 -9.96
N ARG F 61 -18.84 -9.63 -9.62
CA ARG F 61 -19.87 -10.64 -9.91
C ARG F 61 -21.19 -10.27 -9.20
N GLY F 62 -21.09 -9.80 -7.97
CA GLY F 62 -22.23 -9.28 -7.20
C GLY F 62 -22.91 -8.10 -7.88
N VAL F 63 -22.16 -7.10 -8.38
CA VAL F 63 -22.74 -5.93 -9.07
C VAL F 63 -23.42 -6.30 -10.40
N ALA F 64 -22.75 -7.15 -11.21
CA ALA F 64 -23.31 -7.58 -12.47
C ALA F 64 -24.54 -8.49 -12.28
N GLU F 65 -24.47 -9.50 -11.38
CA GLU F 65 -25.61 -10.40 -11.13
C GLU F 65 -26.81 -9.64 -10.53
N GLU F 66 -26.55 -8.70 -9.59
CA GLU F 66 -27.62 -7.90 -8.97
C GLU F 66 -28.34 -7.06 -10.01
N LEU F 67 -27.60 -6.46 -10.95
CA LEU F 67 -28.15 -5.62 -12.01
C LEU F 67 -29.00 -6.40 -12.98
N LEU F 68 -28.57 -7.62 -13.35
CA LEU F 68 -29.32 -8.51 -14.23
C LEU F 68 -30.65 -8.94 -13.60
N TRP F 69 -30.64 -9.04 -12.27
CA TRP F 69 -31.77 -9.35 -11.41
C TRP F 69 -32.77 -8.19 -11.39
N PHE F 70 -32.27 -6.94 -11.33
CA PHE F 70 -33.11 -5.73 -11.37
C PHE F 70 -33.80 -5.63 -12.74
N VAL F 71 -33.00 -5.81 -13.83
CA VAL F 71 -33.43 -5.76 -15.23
C VAL F 71 -34.54 -6.78 -15.49
N ARG F 72 -34.45 -7.99 -14.89
CA ARG F 72 -35.47 -9.05 -14.97
C ARG F 72 -36.81 -8.62 -14.35
N GLY F 73 -36.74 -7.65 -13.44
CA GLY F 73 -37.89 -7.13 -12.72
C GLY F 73 -38.17 -7.90 -11.44
N SER F 74 -37.18 -8.67 -10.98
CA SER F 74 -37.31 -9.57 -9.83
C SER F 74 -37.28 -8.86 -8.48
N THR F 75 -38.09 -9.36 -7.54
CA THR F 75 -38.20 -8.90 -6.15
C THR F 75 -37.95 -10.08 -5.23
N ASN F 76 -37.36 -11.17 -5.78
CA ASN F 76 -37.06 -12.45 -5.14
C ASN F 76 -35.58 -12.61 -4.80
N ALA F 77 -35.23 -12.45 -3.51
CA ALA F 77 -33.83 -12.57 -3.01
C ALA F 77 -33.22 -13.96 -3.21
N LYS F 78 -34.07 -14.99 -3.33
CA LYS F 78 -33.66 -16.38 -3.53
C LYS F 78 -32.99 -16.57 -4.90
N GLU F 79 -33.37 -15.72 -5.88
CA GLU F 79 -32.83 -15.76 -7.25
C GLU F 79 -31.36 -15.33 -7.27
N LEU F 80 -30.98 -14.46 -6.30
CA LEU F 80 -29.61 -13.99 -6.12
C LEU F 80 -28.80 -15.00 -5.31
N GLN F 81 -29.39 -15.50 -4.18
CA GLN F 81 -28.80 -16.53 -3.29
C GLN F 81 -28.41 -17.76 -4.09
N GLU F 82 -29.25 -18.10 -5.11
CA GLU F 82 -29.08 -19.19 -6.06
C GLU F 82 -27.72 -19.03 -6.78
N LYS F 83 -27.32 -17.77 -7.07
CA LYS F 83 -26.09 -17.43 -7.75
C LYS F 83 -24.95 -17.12 -6.74
N ASP F 84 -25.16 -17.49 -5.46
CA ASP F 84 -24.26 -17.25 -4.33
C ASP F 84 -24.01 -15.74 -4.08
N ILE F 85 -25.07 -14.92 -4.28
CA ILE F 85 -25.06 -13.47 -4.04
C ILE F 85 -25.94 -13.24 -2.81
N HIS F 86 -25.35 -12.75 -1.71
CA HIS F 86 -26.03 -12.61 -0.42
C HIS F 86 -26.15 -11.15 0.07
N ILE F 87 -26.10 -10.21 -0.88
CA ILE F 87 -26.19 -8.78 -0.60
C ILE F 87 -27.60 -8.36 -0.12
N TRP F 88 -28.65 -9.14 -0.47
CA TRP F 88 -30.04 -8.85 -0.05
C TRP F 88 -30.57 -9.77 1.06
N ASP F 89 -29.69 -10.54 1.72
CA ASP F 89 -30.05 -11.44 2.82
C ASP F 89 -30.40 -10.67 4.10
N GLU F 106 -43.92 -13.81 2.11
CA GLU F 106 -43.12 -15.04 1.96
C GLU F 106 -41.62 -14.76 2.05
N GLU F 107 -40.82 -15.80 2.41
CA GLU F 107 -39.36 -15.75 2.51
C GLU F 107 -38.75 -15.48 1.12
N GLY F 108 -37.87 -14.47 1.05
CA GLY F 108 -37.23 -14.04 -0.18
C GLY F 108 -37.92 -12.84 -0.80
N ASP F 109 -39.20 -12.60 -0.44
CA ASP F 109 -40.02 -11.48 -0.94
C ASP F 109 -39.61 -10.15 -0.29
N LEU F 110 -38.96 -9.29 -1.09
CA LEU F 110 -38.43 -7.99 -0.65
C LEU F 110 -39.38 -6.81 -0.81
N GLY F 111 -40.58 -7.07 -1.32
CA GLY F 111 -41.56 -6.03 -1.56
C GLY F 111 -41.31 -5.34 -2.88
N PRO F 112 -41.90 -4.13 -3.10
CA PRO F 112 -41.71 -3.42 -4.38
C PRO F 112 -40.38 -2.67 -4.51
N VAL F 113 -39.28 -3.39 -4.60
CA VAL F 113 -37.95 -2.77 -4.70
C VAL F 113 -37.57 -2.48 -6.17
N TYR F 114 -36.28 -2.16 -6.44
CA TYR F 114 -35.73 -1.70 -7.73
C TYR F 114 -36.30 -2.40 -8.96
N GLY F 115 -36.30 -3.73 -9.01
CA GLY F 115 -36.83 -4.51 -10.13
C GLY F 115 -38.31 -4.30 -10.48
N PHE F 116 -39.15 -4.22 -9.44
CA PHE F 116 -40.58 -3.94 -9.61
C PHE F 116 -40.80 -2.47 -10.05
N GLN F 117 -40.05 -1.51 -9.44
CA GLN F 117 -40.16 -0.08 -9.76
C GLN F 117 -39.70 0.20 -11.19
N TRP F 118 -38.62 -0.43 -11.66
CA TRP F 118 -38.02 -0.25 -12.99
C TRP F 118 -38.90 -0.75 -14.12
N ARG F 119 -39.58 -1.92 -13.91
CA ARG F 119 -40.39 -2.58 -14.94
C ARG F 119 -41.89 -2.43 -14.76
N HIS F 120 -42.37 -2.05 -13.54
CA HIS F 120 -43.82 -1.92 -13.28
C HIS F 120 -44.18 -0.80 -12.31
N PHE F 121 -43.53 0.37 -12.42
CA PHE F 121 -43.79 1.49 -11.52
C PHE F 121 -45.30 1.83 -11.47
N GLY F 122 -45.84 1.92 -10.25
CA GLY F 122 -47.23 2.32 -10.04
C GLY F 122 -48.24 1.21 -9.93
N ALA F 123 -47.86 0.00 -10.36
CA ALA F 123 -48.73 -1.16 -10.29
C ALA F 123 -48.91 -1.58 -8.82
N PRO F 124 -50.10 -2.11 -8.42
CA PRO F 124 -50.22 -2.58 -7.04
C PRO F 124 -49.34 -3.84 -6.78
N TYR F 125 -48.57 -3.85 -5.70
CA TYR F 125 -47.72 -4.98 -5.38
C TYR F 125 -48.49 -5.98 -4.53
N ALA F 126 -48.42 -7.27 -4.94
CA ALA F 126 -49.03 -8.38 -4.23
C ALA F 126 -47.87 -9.20 -3.65
N ASP F 127 -47.19 -10.00 -4.49
CA ASP F 127 -46.03 -10.83 -4.11
C ASP F 127 -45.04 -11.02 -5.28
N MET F 128 -43.86 -11.63 -5.00
CA MET F 128 -42.78 -11.87 -5.98
C MET F 128 -43.16 -12.87 -7.10
N HIS F 129 -44.22 -13.67 -6.90
CA HIS F 129 -44.65 -14.67 -7.88
C HIS F 129 -45.66 -14.13 -8.88
N THR F 130 -46.42 -13.05 -8.50
CA THR F 130 -47.47 -12.41 -9.30
C THR F 130 -46.98 -12.01 -10.69
N ASP F 131 -47.83 -12.25 -11.71
CA ASP F 131 -47.59 -11.89 -13.11
C ASP F 131 -48.01 -10.43 -13.28
N TYR F 132 -47.01 -9.54 -13.36
CA TYR F 132 -47.23 -8.10 -13.50
C TYR F 132 -47.14 -7.60 -14.95
N THR F 133 -47.11 -8.52 -15.93
CA THR F 133 -47.06 -8.21 -17.37
C THR F 133 -48.13 -7.16 -17.75
N GLY F 134 -47.66 -6.04 -18.30
CA GLY F 134 -48.49 -4.92 -18.73
C GLY F 134 -49.02 -4.03 -17.62
N GLN F 135 -48.61 -4.27 -16.38
CA GLN F 135 -48.99 -3.48 -15.20
C GLN F 135 -47.87 -2.49 -14.88
N GLY F 136 -48.28 -1.28 -14.56
CA GLY F 136 -47.38 -0.18 -14.23
C GLY F 136 -46.56 0.28 -15.41
N VAL F 137 -45.61 1.19 -15.13
CA VAL F 137 -44.75 1.79 -16.14
C VAL F 137 -43.43 1.03 -16.25
N ASP F 138 -43.08 0.61 -17.50
CA ASP F 138 -41.79 -0.02 -17.80
C ASP F 138 -40.82 1.11 -18.08
N GLN F 139 -40.28 1.69 -17.01
CA GLN F 139 -39.32 2.81 -17.12
C GLN F 139 -38.04 2.44 -17.85
N LEU F 140 -37.55 1.19 -17.70
CA LEU F 140 -36.34 0.72 -18.37
C LEU F 140 -36.56 0.67 -19.89
N GLN F 141 -37.66 0.06 -20.36
CA GLN F 141 -37.98 -0.01 -21.79
C GLN F 141 -38.34 1.35 -22.35
N GLN F 142 -38.97 2.22 -21.54
CA GLN F 142 -39.34 3.57 -21.94
C GLN F 142 -38.08 4.41 -22.21
N VAL F 143 -37.05 4.24 -21.35
CA VAL F 143 -35.76 4.92 -21.44
C VAL F 143 -35.06 4.51 -22.75
N ILE F 144 -35.03 3.21 -23.08
CA ILE F 144 -34.42 2.66 -24.28
C ILE F 144 -35.08 3.18 -25.54
N ASP F 145 -36.44 3.16 -25.58
CA ASP F 145 -37.25 3.69 -26.69
C ASP F 145 -36.97 5.18 -26.91
N THR F 146 -36.91 5.97 -25.81
CA THR F 146 -36.64 7.40 -25.87
C THR F 146 -35.26 7.69 -26.40
N ILE F 147 -34.22 6.97 -25.93
CA ILE F 147 -32.85 7.15 -26.41
C ILE F 147 -32.78 6.92 -27.94
N LYS F 148 -33.48 5.87 -28.43
CA LYS F 148 -33.55 5.47 -29.83
C LYS F 148 -34.33 6.46 -30.72
N ASN F 149 -35.56 6.85 -30.30
CA ASN F 149 -36.47 7.70 -31.08
C ASN F 149 -36.27 9.22 -30.88
N ASN F 150 -36.00 9.67 -29.66
CA ASN F 150 -35.77 11.10 -29.40
C ASN F 150 -34.59 11.27 -28.42
N PRO F 151 -33.34 11.11 -28.91
CA PRO F 151 -32.17 11.22 -28.00
C PRO F 151 -31.96 12.56 -27.30
N ASP F 152 -32.51 13.65 -27.83
CA ASP F 152 -32.38 15.00 -27.28
C ASP F 152 -33.33 15.29 -26.10
N ASP F 153 -34.25 14.34 -25.80
CA ASP F 153 -35.24 14.44 -24.73
C ASP F 153 -34.58 14.62 -23.35
N ARG F 154 -35.12 15.54 -22.56
CA ARG F 154 -34.62 15.89 -21.24
C ARG F 154 -35.38 15.25 -20.09
N ARG F 155 -36.20 14.21 -20.41
CA ARG F 155 -37.03 13.44 -19.47
C ARG F 155 -36.69 11.96 -19.47
N ILE F 156 -35.44 11.61 -19.89
CA ILE F 156 -34.99 10.21 -19.90
C ILE F 156 -34.64 9.79 -18.46
N ILE F 157 -35.67 9.55 -17.63
CA ILE F 157 -35.56 9.23 -16.21
C ILE F 157 -36.16 7.86 -15.85
N MET F 158 -35.49 7.18 -14.91
CA MET F 158 -35.90 5.91 -14.30
C MET F 158 -35.83 6.19 -12.81
N CYS F 159 -36.99 6.18 -12.16
CA CYS F 159 -37.22 6.56 -10.77
C CYS F 159 -37.62 5.35 -9.93
N ALA F 160 -36.84 5.06 -8.90
CA ALA F 160 -37.13 3.95 -7.99
C ALA F 160 -37.74 4.49 -6.69
N TRP F 161 -37.61 5.80 -6.46
CA TRP F 161 -38.19 6.41 -5.28
C TRP F 161 -39.69 6.57 -5.50
N ASN F 162 -40.48 5.72 -4.85
CA ASN F 162 -41.94 5.73 -4.92
C ASN F 162 -42.48 6.03 -3.53
N PRO F 163 -42.90 7.31 -3.25
CA PRO F 163 -43.45 7.65 -1.92
C PRO F 163 -44.59 6.75 -1.44
N VAL F 164 -45.40 6.21 -2.37
CA VAL F 164 -46.52 5.31 -2.06
C VAL F 164 -46.01 3.92 -1.62
N ASP F 165 -45.03 3.37 -2.37
CA ASP F 165 -44.49 2.03 -2.12
C ASP F 165 -43.34 1.97 -1.13
N VAL F 166 -42.70 3.10 -0.77
CA VAL F 166 -41.53 3.05 0.12
C VAL F 166 -41.89 2.39 1.48
N PRO F 167 -43.03 2.68 2.16
CA PRO F 167 -43.30 1.96 3.42
C PRO F 167 -43.50 0.44 3.27
N LYS F 168 -43.86 -0.02 2.04
CA LYS F 168 -44.05 -1.44 1.68
C LYS F 168 -42.72 -2.15 1.32
N MET F 169 -41.63 -1.38 1.12
CA MET F 169 -40.32 -1.95 0.76
C MET F 169 -39.54 -2.40 1.98
N ALA F 170 -38.78 -3.51 1.83
CA ALA F 170 -37.90 -4.04 2.88
C ALA F 170 -36.95 -2.92 3.36
N LEU F 171 -36.28 -2.24 2.39
CA LEU F 171 -35.39 -1.12 2.64
C LEU F 171 -35.74 -0.02 1.65
N PRO F 172 -35.82 1.28 2.08
CA PRO F 172 -36.10 2.36 1.11
C PRO F 172 -34.93 2.51 0.13
N PRO F 173 -35.19 2.77 -1.17
CA PRO F 173 -34.09 2.82 -2.13
C PRO F 173 -33.10 3.96 -1.93
N CYS F 174 -31.77 3.63 -1.96
CA CYS F 174 -30.67 4.61 -1.85
C CYS F 174 -30.51 5.33 -3.17
N HIS F 175 -30.76 4.60 -4.27
CA HIS F 175 -30.67 5.06 -5.65
C HIS F 175 -32.06 5.52 -6.06
N CYS F 176 -32.35 6.80 -5.80
CA CYS F 176 -33.65 7.47 -6.01
C CYS F 176 -34.07 7.49 -7.46
N LEU F 177 -33.21 8.01 -8.32
CA LEU F 177 -33.44 8.08 -9.75
C LEU F 177 -32.13 8.17 -10.53
N CYS F 178 -32.20 7.89 -11.81
CA CYS F 178 -31.12 8.09 -12.73
C CYS F 178 -31.64 8.72 -14.03
N GLN F 179 -30.85 9.62 -14.61
CA GLN F 179 -31.20 10.29 -15.85
C GLN F 179 -30.16 9.92 -16.90
N PHE F 180 -30.59 9.81 -18.15
CA PHE F 180 -29.73 9.53 -19.29
C PHE F 180 -29.68 10.74 -20.23
N TYR F 181 -28.54 10.88 -20.93
CA TYR F 181 -28.27 12.00 -21.83
C TYR F 181 -27.49 11.50 -23.02
N VAL F 182 -27.85 12.01 -24.21
CA VAL F 182 -27.23 11.64 -25.49
C VAL F 182 -26.64 12.88 -26.19
N ALA F 183 -25.32 12.84 -26.48
CA ALA F 183 -24.59 13.89 -27.21
C ALA F 183 -23.37 13.28 -27.87
N ASN F 184 -23.17 13.60 -29.18
CA ASN F 184 -22.05 13.14 -30.03
C ASN F 184 -21.91 11.60 -30.01
N GLY F 185 -23.05 10.92 -30.14
CA GLY F 185 -23.16 9.47 -30.14
C GLY F 185 -22.81 8.81 -28.84
N GLU F 186 -22.80 9.60 -27.73
CA GLU F 186 -22.46 9.10 -26.41
C GLU F 186 -23.59 9.13 -25.43
N LEU F 187 -23.71 8.06 -24.66
CA LEU F 187 -24.71 7.93 -23.62
C LEU F 187 -24.12 8.17 -22.23
N SER F 188 -24.63 9.20 -21.54
CA SER F 188 -24.21 9.47 -20.19
C SER F 188 -25.34 9.14 -19.21
N CYS F 189 -24.99 8.87 -17.97
CA CYS F 189 -25.96 8.56 -16.94
C CYS F 189 -25.64 9.35 -15.67
N GLN F 190 -26.69 9.86 -14.99
CA GLN F 190 -26.52 10.54 -13.73
C GLN F 190 -27.43 9.90 -12.75
N LEU F 191 -26.91 9.47 -11.62
CA LEU F 191 -27.72 8.88 -10.59
C LEU F 191 -27.75 9.82 -9.39
N TYR F 192 -28.89 9.85 -8.76
CA TYR F 192 -29.06 10.61 -7.54
C TYR F 192 -29.12 9.58 -6.44
N GLN F 193 -28.12 9.61 -5.57
CA GLN F 193 -28.03 8.70 -4.44
C GLN F 193 -28.25 9.52 -3.15
N ARG F 194 -29.37 9.29 -2.48
CA ARG F 194 -29.76 9.99 -1.25
C ARG F 194 -28.90 9.68 -0.05
N SER F 195 -28.35 8.46 0.02
CA SER F 195 -27.55 7.96 1.12
C SER F 195 -26.39 7.20 0.53
N ALA F 196 -25.18 7.67 0.81
CA ALA F 196 -23.98 7.09 0.23
C ALA F 196 -22.95 6.60 1.24
N ASP F 197 -22.80 5.30 1.38
CA ASP F 197 -21.76 4.78 2.28
C ASP F 197 -20.41 4.80 1.54
N MET F 198 -19.56 5.78 1.86
CA MET F 198 -18.23 5.94 1.26
C MET F 198 -17.29 4.78 1.48
N GLY F 199 -17.66 3.86 2.37
CA GLY F 199 -16.88 2.65 2.65
C GLY F 199 -17.04 1.57 1.59
N LEU F 200 -17.90 0.59 1.85
CA LEU F 200 -18.11 -0.54 0.92
C LEU F 200 -19.30 -0.33 -0.02
N GLY F 201 -19.92 0.84 0.13
CA GLY F 201 -21.11 1.19 -0.60
C GLY F 201 -20.91 1.89 -1.91
N VAL F 202 -20.27 3.09 -1.96
CA VAL F 202 -20.22 3.83 -3.24
C VAL F 202 -19.30 3.13 -4.29
N PRO F 203 -18.26 2.30 -3.98
CA PRO F 203 -17.55 1.61 -5.07
C PRO F 203 -18.52 0.71 -5.90
N PHE F 204 -19.35 -0.10 -5.21
CA PHE F 204 -20.34 -1.02 -5.76
C PHE F 204 -21.43 -0.29 -6.57
N ASN F 205 -21.94 0.85 -6.04
CA ASN F 205 -22.99 1.66 -6.67
C ASN F 205 -22.53 2.27 -7.98
N ILE F 206 -21.30 2.77 -8.02
CA ILE F 206 -20.64 3.34 -9.20
C ILE F 206 -20.63 2.29 -10.29
N ALA F 207 -20.25 1.06 -9.93
CA ALA F 207 -20.13 -0.04 -10.88
C ALA F 207 -21.47 -0.45 -11.46
N SER F 208 -22.53 -0.51 -10.60
CA SER F 208 -23.90 -0.90 -10.96
C SER F 208 -24.44 -0.01 -12.06
N TYR F 209 -24.21 1.32 -11.93
CA TYR F 209 -24.78 2.27 -12.87
C TYR F 209 -23.89 2.51 -14.07
N ALA F 210 -22.57 2.29 -13.95
CA ALA F 210 -21.63 2.37 -15.07
C ALA F 210 -21.90 1.14 -15.98
N LEU F 211 -22.20 -0.04 -15.37
CA LEU F 211 -22.55 -1.29 -16.11
C LEU F 211 -23.87 -1.12 -16.82
N LEU F 212 -24.87 -0.51 -16.15
CA LEU F 212 -26.18 -0.20 -16.74
C LEU F 212 -26.02 0.67 -17.98
N THR F 213 -25.12 1.71 -17.92
CA THR F 213 -24.85 2.65 -19.02
C THR F 213 -24.22 1.96 -20.21
N TYR F 214 -23.32 0.99 -19.96
CA TYR F 214 -22.67 0.16 -20.99
C TYR F 214 -23.73 -0.72 -21.68
N MET F 215 -24.67 -1.31 -20.90
CA MET F 215 -25.74 -2.17 -21.39
C MET F 215 -26.73 -1.42 -22.25
N ILE F 216 -27.23 -0.28 -21.76
CA ILE F 216 -28.17 0.56 -22.50
C ILE F 216 -27.51 1.14 -23.77
N ALA F 217 -26.23 1.53 -23.67
CA ALA F 217 -25.47 2.08 -24.82
C ALA F 217 -25.34 1.06 -25.93
N HIS F 218 -25.07 -0.20 -25.56
CA HIS F 218 -24.94 -1.37 -26.42
C HIS F 218 -26.24 -1.67 -27.22
N VAL F 219 -27.39 -1.73 -26.52
CA VAL F 219 -28.70 -2.01 -27.13
C VAL F 219 -29.28 -0.80 -27.92
N THR F 220 -28.79 0.42 -27.67
CA THR F 220 -29.28 1.62 -28.37
C THR F 220 -28.30 2.13 -29.45
N ASP F 221 -27.25 1.32 -29.74
CA ASP F 221 -26.20 1.60 -30.73
C ASP F 221 -25.46 2.93 -30.48
N LEU F 222 -25.17 3.20 -29.19
CA LEU F 222 -24.43 4.37 -28.74
C LEU F 222 -23.18 3.93 -27.98
N LYS F 223 -22.30 4.87 -27.66
CA LYS F 223 -21.07 4.59 -26.92
C LYS F 223 -21.23 5.17 -25.52
N PRO F 224 -20.71 4.52 -24.46
CA PRO F 224 -20.81 5.14 -23.13
C PRO F 224 -19.97 6.43 -23.05
N GLY F 225 -20.45 7.39 -22.29
CA GLY F 225 -19.77 8.67 -22.09
C GLY F 225 -19.31 8.84 -20.66
N ASP F 226 -20.17 9.42 -19.82
CA ASP F 226 -19.83 9.67 -18.42
C ASP F 226 -20.82 9.06 -17.50
N PHE F 227 -20.36 8.72 -16.28
CA PHE F 227 -21.23 8.35 -15.19
C PHE F 227 -21.06 9.43 -14.15
N VAL F 228 -22.15 10.19 -13.92
CA VAL F 228 -22.17 11.29 -12.97
C VAL F 228 -22.86 10.76 -11.70
N HIS F 229 -22.10 10.74 -10.60
CA HIS F 229 -22.56 10.25 -9.32
C HIS F 229 -22.82 11.41 -8.40
N THR F 230 -24.11 11.71 -8.18
CA THR F 230 -24.55 12.77 -7.29
C THR F 230 -24.93 12.14 -5.98
N LEU F 231 -24.46 12.74 -4.88
CA LEU F 231 -24.72 12.23 -3.53
C LEU F 231 -25.49 13.24 -2.67
N GLY F 232 -26.36 12.71 -1.82
CA GLY F 232 -27.10 13.48 -0.84
C GLY F 232 -26.32 13.40 0.44
N ASP F 233 -26.73 12.52 1.35
CA ASP F 233 -26.02 12.30 2.61
C ASP F 233 -24.83 11.33 2.35
N ALA F 234 -23.62 11.92 2.13
CA ALA F 234 -22.37 11.20 1.88
C ALA F 234 -21.69 10.99 3.23
N HIS F 235 -21.45 9.71 3.59
CA HIS F 235 -20.93 9.37 4.92
C HIS F 235 -19.99 8.20 5.01
N VAL F 236 -19.36 8.13 6.16
CA VAL F 236 -18.48 7.05 6.56
C VAL F 236 -18.95 6.58 7.93
N TYR F 237 -18.92 5.28 8.19
CA TYR F 237 -19.29 4.77 9.51
C TYR F 237 -18.08 4.94 10.42
N SER F 238 -18.32 5.42 11.66
CA SER F 238 -17.30 5.68 12.67
C SER F 238 -16.38 4.48 12.95
N ASN F 239 -16.95 3.27 12.95
CA ASN F 239 -16.21 2.03 13.19
C ASN F 239 -15.32 1.62 11.98
N HIS F 240 -15.53 2.26 10.81
CA HIS F 240 -14.76 2.00 9.57
C HIS F 240 -13.64 3.02 9.36
N CYS F 241 -13.51 4.03 10.25
CA CYS F 241 -12.55 5.13 10.13
C CYS F 241 -11.09 4.70 10.10
N GLU F 242 -10.70 3.72 10.94
CA GLU F 242 -9.34 3.20 10.98
C GLU F 242 -8.99 2.56 9.63
N ALA F 243 -9.91 1.74 9.06
CA ALA F 243 -9.78 1.05 7.78
C ALA F 243 -9.73 2.03 6.59
N LEU F 244 -10.49 3.14 6.68
CA LEU F 244 -10.52 4.17 5.64
C LEU F 244 -9.23 4.97 5.59
N GLU F 245 -8.61 5.22 6.77
CA GLU F 245 -7.32 5.92 6.89
C GLU F 245 -6.23 5.12 6.20
N GLU F 246 -6.29 3.78 6.32
CA GLU F 246 -5.36 2.84 5.67
C GLU F 246 -5.57 2.85 4.16
N GLN F 247 -6.86 2.93 3.70
CA GLN F 247 -7.24 2.97 2.29
C GLN F 247 -6.79 4.27 1.63
N LEU F 248 -6.89 5.42 2.34
CA LEU F 248 -6.45 6.73 1.84
C LEU F 248 -4.97 6.78 1.49
N LYS F 249 -4.16 5.92 2.15
CA LYS F 249 -2.71 5.79 1.95
C LYS F 249 -2.38 5.04 0.66
N ARG F 250 -3.38 4.38 0.04
CA ARG F 250 -3.27 3.61 -1.20
C ARG F 250 -3.43 4.46 -2.44
N GLU F 251 -2.58 4.18 -3.44
CA GLU F 251 -2.53 4.91 -4.70
C GLU F 251 -3.43 4.21 -5.72
N PRO F 252 -4.41 4.91 -6.35
CA PRO F 252 -5.27 4.24 -7.34
C PRO F 252 -4.47 3.66 -8.49
N ARG F 253 -4.94 2.51 -9.00
CA ARG F 253 -4.29 1.83 -10.11
C ARG F 253 -5.14 2.07 -11.36
N PRO F 254 -4.57 2.03 -12.59
CA PRO F 254 -5.42 2.26 -13.79
C PRO F 254 -6.64 1.35 -13.80
N PHE F 255 -7.79 1.92 -14.14
CA PHE F 255 -9.08 1.22 -14.18
C PHE F 255 -9.09 0.05 -15.17
N PRO F 256 -9.88 -1.02 -14.92
CA PRO F 256 -9.98 -2.10 -15.93
C PRO F 256 -10.76 -1.65 -17.18
N SER F 257 -10.79 -2.52 -18.20
CA SER F 257 -11.56 -2.27 -19.41
C SER F 257 -12.75 -3.22 -19.47
N LEU F 258 -13.86 -2.79 -20.10
CA LEU F 258 -15.05 -3.60 -20.23
C LEU F 258 -15.49 -3.71 -21.68
N LYS F 259 -15.76 -4.95 -22.09
CA LYS F 259 -16.23 -5.31 -23.42
C LYS F 259 -17.45 -6.22 -23.31
N ILE F 260 -18.42 -6.04 -24.20
CA ILE F 260 -19.58 -6.92 -24.30
C ILE F 260 -19.25 -7.85 -25.50
N LYS F 261 -18.94 -9.13 -25.17
CA LYS F 261 -18.49 -10.21 -26.05
C LYS F 261 -19.34 -10.46 -27.31
N ARG F 262 -20.67 -10.35 -27.20
CA ARG F 262 -21.59 -10.57 -28.32
C ARG F 262 -22.58 -9.43 -28.48
N LYS F 263 -23.27 -9.38 -29.64
CA LYS F 263 -24.30 -8.39 -29.89
C LYS F 263 -25.57 -8.86 -29.21
N VAL F 264 -26.01 -8.10 -28.20
CA VAL F 264 -27.21 -8.37 -27.41
C VAL F 264 -28.31 -7.43 -27.94
N GLU F 265 -29.43 -8.00 -28.40
CA GLU F 265 -30.55 -7.26 -28.98
C GLU F 265 -31.39 -6.48 -27.98
N ASN F 266 -31.83 -7.14 -26.90
CA ASN F 266 -32.67 -6.55 -25.86
C ASN F 266 -31.95 -6.51 -24.51
N ILE F 267 -32.29 -5.50 -23.68
CA ILE F 267 -31.71 -5.29 -22.34
C ILE F 267 -31.91 -6.50 -21.40
N SER F 268 -33.06 -7.21 -21.57
CA SER F 268 -33.43 -8.39 -20.79
C SER F 268 -32.62 -9.65 -21.18
N ASP F 269 -31.92 -9.61 -22.32
CA ASP F 269 -31.15 -10.74 -22.88
C ASP F 269 -29.68 -10.83 -22.42
N PHE F 270 -29.21 -9.93 -21.53
CA PHE F 270 -27.83 -10.02 -21.06
C PHE F 270 -27.64 -11.15 -20.06
N LYS F 271 -26.45 -11.73 -20.05
CA LYS F 271 -26.00 -12.81 -19.16
C LYS F 271 -24.65 -12.38 -18.61
N PHE F 272 -24.28 -12.85 -17.41
CA PHE F 272 -23.00 -12.50 -16.78
C PHE F 272 -21.80 -12.78 -17.70
N GLU F 273 -21.82 -13.91 -18.41
CA GLU F 273 -20.80 -14.37 -19.35
C GLU F 273 -20.58 -13.44 -20.55
N ASP F 274 -21.54 -12.53 -20.85
CA ASP F 274 -21.46 -11.58 -21.96
C ASP F 274 -20.46 -10.47 -21.69
N PHE F 275 -20.11 -10.23 -20.40
CA PHE F 275 -19.18 -9.19 -19.96
C PHE F 275 -17.75 -9.68 -19.85
N GLU F 276 -16.82 -8.87 -20.37
CA GLU F 276 -15.38 -9.17 -20.40
C GLU F 276 -14.63 -8.06 -19.67
N LEU F 277 -14.32 -8.29 -18.39
CA LEU F 277 -13.62 -7.33 -17.55
C LEU F 277 -12.14 -7.65 -17.56
N ASP F 278 -11.38 -6.86 -18.33
CA ASP F 278 -9.95 -7.07 -18.51
C ASP F 278 -9.09 -6.09 -17.70
N GLY F 279 -8.04 -6.61 -17.09
CA GLY F 279 -7.06 -5.85 -16.33
C GLY F 279 -7.47 -5.27 -14.99
N TYR F 280 -8.40 -5.93 -14.27
CA TYR F 280 -8.82 -5.42 -12.95
C TYR F 280 -7.78 -5.85 -11.95
N LYS F 281 -6.93 -4.90 -11.51
CA LYS F 281 -5.84 -5.21 -10.58
C LYS F 281 -5.95 -4.38 -9.32
N PRO F 282 -6.95 -4.66 -8.44
CA PRO F 282 -7.15 -3.80 -7.27
C PRO F 282 -6.25 -4.11 -6.09
N HIS F 283 -6.14 -3.17 -5.15
CA HIS F 283 -5.40 -3.32 -3.90
C HIS F 283 -6.24 -4.32 -3.07
N PRO F 284 -5.68 -5.05 -2.06
CA PRO F 284 -6.51 -6.01 -1.31
C PRO F 284 -7.80 -5.45 -0.67
N LYS F 285 -8.74 -6.33 -0.35
CA LYS F 285 -10.00 -5.98 0.33
C LYS F 285 -9.67 -5.53 1.76
N ILE F 286 -10.46 -4.61 2.33
CA ILE F 286 -10.30 -4.14 3.72
C ILE F 286 -11.60 -4.42 4.48
N LYS F 287 -11.50 -5.03 5.69
CA LYS F 287 -12.66 -5.35 6.53
C LYS F 287 -13.39 -4.09 7.03
N MET F 288 -14.69 -3.98 6.66
CA MET F 288 -15.58 -2.89 7.07
C MET F 288 -16.97 -3.50 7.38
N GLU F 289 -17.25 -3.75 8.68
CA GLU F 289 -18.50 -4.38 9.15
C GLU F 289 -19.54 -3.36 9.61
N ARG G 5 24.65 65.87 1.40
CA ARG G 5 24.12 66.29 0.10
C ARG G 5 22.58 66.21 0.10
N HIS G 6 21.91 67.24 -0.46
CA HIS G 6 20.44 67.34 -0.56
C HIS G 6 19.80 66.07 -1.14
N ASP G 7 18.77 65.52 -0.44
CA ASP G 7 18.07 64.30 -0.81
C ASP G 7 17.45 64.33 -2.20
N GLU G 8 17.03 65.52 -2.69
CA GLU G 8 16.43 65.70 -4.03
C GLU G 8 17.41 65.36 -5.17
N TYR G 9 18.73 65.41 -4.89
CA TYR G 9 19.72 65.04 -5.90
C TYR G 9 19.58 63.58 -6.35
N GLN G 10 18.97 62.68 -5.51
CA GLN G 10 18.72 61.27 -5.87
C GLN G 10 17.73 61.17 -7.02
N TYR G 11 16.67 62.00 -6.94
CA TYR G 11 15.62 62.14 -7.93
C TYR G 11 16.17 62.73 -9.24
N LEU G 12 16.98 63.82 -9.12
CA LEU G 12 17.62 64.49 -10.25
C LEU G 12 18.64 63.58 -10.94
N ASP G 13 19.51 62.87 -10.17
CA ASP G 13 20.53 61.95 -10.70
C ASP G 13 19.89 60.80 -11.47
N LEU G 14 18.72 60.32 -11.03
CA LEU G 14 17.97 59.29 -11.72
C LEU G 14 17.42 59.75 -13.05
N ILE G 15 16.77 60.96 -13.12
CA ILE G 15 16.26 61.53 -14.39
C ILE G 15 17.42 61.60 -15.39
N ARG G 16 18.57 62.14 -14.94
CA ARG G 16 19.80 62.28 -15.70
C ARG G 16 20.26 60.93 -16.24
N GLN G 17 20.35 59.91 -15.35
CA GLN G 17 20.75 58.54 -15.66
C GLN G 17 19.80 57.89 -16.69
N ILE G 18 18.47 58.14 -16.57
CA ILE G 18 17.44 57.60 -17.47
C ILE G 18 17.59 58.22 -18.87
N MET G 19 17.67 59.55 -18.96
CA MET G 19 17.78 60.26 -20.24
C MET G 19 19.09 59.94 -20.99
N ARG G 20 20.16 59.58 -20.26
CA ARG G 20 21.49 59.25 -20.78
C ARG G 20 21.65 57.75 -21.15
N THR G 21 21.26 56.82 -20.25
CA THR G 21 21.47 55.36 -20.51
C THR G 21 20.19 54.51 -20.60
N GLY G 22 19.02 55.13 -20.42
CA GLY G 22 17.74 54.43 -20.43
C GLY G 22 17.33 53.80 -21.74
N ASN G 23 16.32 52.91 -21.66
CA ASN G 23 15.78 52.15 -22.79
C ASN G 23 14.54 52.81 -23.38
N ARG G 24 14.59 53.13 -24.68
CA ARG G 24 13.48 53.73 -25.41
C ARG G 24 12.43 52.67 -25.78
N LYS G 25 11.15 53.00 -25.53
CA LYS G 25 10.00 52.12 -25.81
C LYS G 25 8.87 52.88 -26.51
N THR G 33 8.47 56.45 -24.16
CA THR G 33 9.23 56.64 -22.92
C THR G 33 10.68 56.19 -23.05
N ILE G 34 11.50 56.59 -22.07
CA ILE G 34 12.89 56.19 -21.88
C ILE G 34 12.86 55.64 -20.46
N SER G 35 13.24 54.39 -20.23
CA SER G 35 13.14 53.81 -18.89
C SER G 35 14.34 53.01 -18.40
N MET G 36 14.34 52.76 -17.10
CA MET G 36 15.31 51.93 -16.38
C MET G 36 14.50 51.07 -15.38
N PHE G 37 15.08 49.94 -14.91
CA PHE G 37 14.38 49.10 -13.97
C PHE G 37 15.09 48.97 -12.64
N GLY G 38 14.39 49.30 -11.55
CA GLY G 38 14.91 49.19 -10.20
C GLY G 38 15.70 50.38 -9.72
N ALA G 39 15.16 51.11 -8.75
CA ALA G 39 15.81 52.25 -8.14
C ALA G 39 15.36 52.34 -6.69
N GLN G 40 16.11 53.10 -5.87
CA GLN G 40 15.81 53.30 -4.46
C GLN G 40 16.37 54.61 -3.95
N MET G 41 15.50 55.43 -3.32
CA MET G 41 15.85 56.73 -2.74
C MET G 41 15.46 56.68 -1.29
N ARG G 42 16.14 57.48 -0.46
CA ARG G 42 15.85 57.61 0.97
C ARG G 42 15.71 59.07 1.28
N TYR G 43 14.58 59.43 1.88
CA TYR G 43 14.29 60.81 2.27
C TYR G 43 14.13 60.87 3.77
N SER G 44 14.94 61.70 4.44
CA SER G 44 14.85 61.90 5.89
C SER G 44 13.62 62.76 6.19
N LEU G 45 12.88 62.40 7.26
CA LEU G 45 11.66 63.10 7.70
C LEU G 45 11.86 63.64 9.12
N ARG G 46 13.10 63.50 9.61
CA ARG G 46 13.57 63.92 10.94
C ARG G 46 13.61 65.42 11.11
N ASP G 47 13.54 65.91 12.38
CA ASP G 47 13.60 67.32 12.79
C ASP G 47 12.54 68.20 12.10
N GLY G 48 11.46 67.57 11.64
CA GLY G 48 10.35 68.24 10.95
C GLY G 48 10.55 68.46 9.47
N ILE G 49 11.56 67.79 8.84
CA ILE G 49 11.82 67.91 7.40
C ILE G 49 10.70 67.18 6.60
N PHE G 50 10.08 67.89 5.64
CA PHE G 50 9.10 67.35 4.72
C PHE G 50 9.69 67.37 3.29
N PRO G 51 9.94 66.18 2.70
CA PRO G 51 10.54 66.13 1.35
C PRO G 51 9.60 66.50 0.19
N LEU G 52 9.20 67.78 0.14
CA LEU G 52 8.39 68.32 -0.93
C LEU G 52 9.42 68.88 -1.91
N LEU G 53 9.54 68.22 -3.10
CA LEU G 53 10.56 68.57 -4.10
C LEU G 53 10.47 70.03 -4.53
N THR G 54 11.64 70.67 -4.64
CA THR G 54 11.81 72.10 -4.86
C THR G 54 12.27 72.54 -6.27
N THR G 55 12.74 71.62 -7.16
CA THR G 55 13.18 72.06 -8.52
C THR G 55 12.00 72.33 -9.44
N LYS G 56 10.79 72.01 -8.97
CA LYS G 56 9.50 72.16 -9.65
C LYS G 56 8.47 72.21 -8.51
N ARG G 57 7.48 73.14 -8.56
CA ARG G 57 6.43 73.19 -7.54
C ARG G 57 5.55 71.93 -7.63
N VAL G 58 5.32 71.26 -6.48
CA VAL G 58 4.48 70.06 -6.34
C VAL G 58 3.15 70.50 -5.76
N PHE G 59 2.03 69.91 -6.25
CA PHE G 59 0.67 70.25 -5.84
C PHE G 59 0.37 69.73 -4.42
N TRP G 60 0.83 70.48 -3.39
CA TRP G 60 0.69 70.17 -1.95
C TRP G 60 -0.73 69.87 -1.52
N ARG G 61 -1.68 70.73 -1.90
CA ARG G 61 -3.10 70.63 -1.61
C ARG G 61 -3.65 69.32 -2.15
N GLY G 62 -3.26 68.98 -3.37
CA GLY G 62 -3.64 67.75 -4.02
C GLY G 62 -3.13 66.52 -3.29
N VAL G 63 -1.85 66.55 -2.86
CA VAL G 63 -1.17 65.48 -2.11
C VAL G 63 -1.95 65.20 -0.80
N ALA G 64 -2.15 66.24 0.01
CA ALA G 64 -2.81 66.14 1.30
C ALA G 64 -4.28 65.73 1.21
N GLU G 65 -5.08 66.39 0.33
CA GLU G 65 -6.49 66.07 0.18
C GLU G 65 -6.69 64.67 -0.36
N GLU G 66 -5.85 64.23 -1.34
CA GLU G 66 -5.95 62.87 -1.90
C GLU G 66 -5.71 61.80 -0.83
N LEU G 67 -4.74 62.03 0.04
CA LEU G 67 -4.37 61.08 1.11
C LEU G 67 -5.48 60.98 2.16
N LEU G 68 -6.11 62.11 2.51
CA LEU G 68 -7.22 62.14 3.47
C LEU G 68 -8.45 61.37 2.94
N TRP G 69 -8.60 61.36 1.61
CA TRP G 69 -9.61 60.70 0.80
C TRP G 69 -9.35 59.18 0.70
N PHE G 70 -8.07 58.78 0.73
CA PHE G 70 -7.68 57.37 0.78
C PHE G 70 -7.95 56.81 2.19
N VAL G 71 -7.54 57.57 3.23
CA VAL G 71 -7.70 57.22 4.65
C VAL G 71 -9.19 57.02 4.98
N ARG G 72 -10.09 57.87 4.42
CA ARG G 72 -11.54 57.79 4.58
C ARG G 72 -12.10 56.48 3.99
N GLY G 73 -11.34 55.87 3.08
CA GLY G 73 -11.70 54.64 2.39
C GLY G 73 -12.54 54.91 1.15
N SER G 74 -12.57 56.19 0.72
CA SER G 74 -13.38 56.63 -0.40
C SER G 74 -12.86 56.19 -1.76
N THR G 75 -13.79 55.78 -2.63
CA THR G 75 -13.57 55.37 -4.03
C THR G 75 -14.39 56.34 -4.95
N ASN G 76 -14.79 57.49 -4.40
CA ASN G 76 -15.62 58.53 -5.02
C ASN G 76 -14.82 59.77 -5.43
N ALA G 77 -14.57 59.93 -6.75
CA ALA G 77 -13.82 61.03 -7.35
C ALA G 77 -14.52 62.42 -7.15
N LYS G 78 -15.84 62.43 -6.93
CA LYS G 78 -16.63 63.65 -6.69
C LYS G 78 -16.26 64.30 -5.36
N GLU G 79 -15.78 63.48 -4.38
CA GLU G 79 -15.37 63.96 -3.07
C GLU G 79 -14.07 64.76 -3.15
N LEU G 80 -13.22 64.45 -4.16
CA LEU G 80 -11.98 65.16 -4.46
C LEU G 80 -12.29 66.40 -5.29
N GLN G 81 -13.14 66.28 -6.34
CA GLN G 81 -13.60 67.37 -7.22
C GLN G 81 -14.20 68.49 -6.38
N GLU G 82 -14.93 68.13 -5.31
CA GLU G 82 -15.57 68.98 -4.31
C GLU G 82 -14.54 69.89 -3.71
N LYS G 83 -13.32 69.37 -3.51
CA LYS G 83 -12.19 70.11 -2.94
C LYS G 83 -11.26 70.68 -4.02
N ASP G 84 -11.76 70.73 -5.28
CA ASP G 84 -11.11 71.22 -6.50
C ASP G 84 -9.84 70.43 -6.85
N ILE G 85 -9.88 69.13 -6.60
CA ILE G 85 -8.82 68.18 -6.93
C ILE G 85 -9.35 67.34 -8.09
N HIS G 86 -8.68 67.45 -9.25
CA HIS G 86 -9.10 66.79 -10.49
C HIS G 86 -8.08 65.77 -11.00
N ILE G 87 -7.22 65.27 -10.09
CA ILE G 87 -6.18 64.27 -10.40
C ILE G 87 -6.76 62.91 -10.79
N TRP G 88 -7.99 62.58 -10.33
CA TRP G 88 -8.67 61.31 -10.64
C TRP G 88 -9.81 61.44 -11.66
N ASP G 89 -9.93 62.59 -12.37
CA ASP G 89 -10.97 62.80 -13.38
C ASP G 89 -10.75 61.97 -14.65
N ASP G 109 -17.37 57.00 -9.58
CA ASP G 109 -17.04 55.66 -9.09
C ASP G 109 -15.81 55.07 -9.78
N LEU G 110 -14.68 55.02 -9.05
CA LEU G 110 -13.39 54.55 -9.56
C LEU G 110 -13.13 53.04 -9.39
N GLY G 111 -14.09 52.36 -8.78
CA GLY G 111 -13.93 50.93 -8.51
C GLY G 111 -13.12 50.73 -7.23
N PRO G 112 -12.62 49.50 -6.99
CA PRO G 112 -11.91 49.22 -5.73
C PRO G 112 -10.47 49.73 -5.66
N VAL G 113 -10.29 51.06 -5.70
CA VAL G 113 -8.96 51.69 -5.67
C VAL G 113 -8.37 51.80 -4.22
N TYR G 114 -7.20 52.51 -4.03
CA TYR G 114 -6.43 52.65 -2.78
C TYR G 114 -7.26 52.74 -1.50
N GLY G 115 -8.26 53.61 -1.46
CA GLY G 115 -9.17 53.76 -0.34
C GLY G 115 -9.89 52.47 0.05
N PHE G 116 -10.34 51.67 -0.96
CA PHE G 116 -11.00 50.36 -0.74
C PHE G 116 -10.02 49.27 -0.31
N GLN G 117 -8.79 49.27 -0.88
CA GLN G 117 -7.77 48.25 -0.57
C GLN G 117 -7.15 48.49 0.79
N TRP G 118 -7.06 49.74 1.24
CA TRP G 118 -6.46 50.05 2.53
C TRP G 118 -7.38 49.69 3.69
N ARG G 119 -8.70 49.91 3.53
CA ARG G 119 -9.68 49.73 4.59
C ARG G 119 -10.53 48.44 4.51
N HIS G 120 -10.66 47.81 3.31
CA HIS G 120 -11.54 46.66 3.07
C HIS G 120 -10.93 45.62 2.11
N PHE G 121 -9.62 45.37 2.20
CA PHE G 121 -8.99 44.41 1.30
C PHE G 121 -9.71 43.05 1.32
N GLY G 122 -10.07 42.57 0.13
CA GLY G 122 -10.67 41.26 -0.06
C GLY G 122 -12.18 41.23 -0.15
N ALA G 123 -12.83 42.28 0.34
CA ALA G 123 -14.28 42.40 0.30
C ALA G 123 -14.78 42.56 -1.14
N PRO G 124 -15.96 41.98 -1.49
CA PRO G 124 -16.49 42.20 -2.85
C PRO G 124 -16.92 43.67 -3.04
N TYR G 125 -16.52 44.26 -4.16
CA TYR G 125 -16.88 45.65 -4.46
C TYR G 125 -18.19 45.74 -5.22
N ALA G 126 -19.06 46.64 -4.75
CA ALA G 126 -20.35 46.95 -5.36
C ALA G 126 -20.28 48.35 -5.99
N ASP G 127 -20.61 49.42 -5.19
CA ASP G 127 -20.63 50.83 -5.59
C ASP G 127 -20.10 51.71 -4.45
N MET G 128 -19.46 52.85 -4.80
CA MET G 128 -18.80 53.81 -3.87
C MET G 128 -19.64 54.16 -2.61
N HIS G 129 -20.99 54.08 -2.71
CA HIS G 129 -21.98 54.41 -1.67
C HIS G 129 -22.21 53.32 -0.62
N THR G 130 -21.86 52.04 -0.94
CA THR G 130 -22.10 50.87 -0.08
C THR G 130 -21.43 51.00 1.28
N ASP G 131 -22.12 50.58 2.32
CA ASP G 131 -21.56 50.51 3.65
C ASP G 131 -20.75 49.18 3.73
N TYR G 132 -19.41 49.29 3.72
CA TYR G 132 -18.53 48.13 3.73
C TYR G 132 -17.99 47.77 5.13
N THR G 133 -18.63 48.31 6.22
CA THR G 133 -18.28 48.08 7.63
C THR G 133 -18.23 46.56 7.93
N GLY G 134 -17.10 46.11 8.46
CA GLY G 134 -16.88 44.71 8.81
C GLY G 134 -16.51 43.81 7.65
N GLN G 135 -16.41 44.36 6.43
CA GLN G 135 -16.06 43.61 5.22
C GLN G 135 -14.58 43.86 4.88
N GLY G 136 -13.89 42.77 4.55
CA GLY G 136 -12.48 42.79 4.19
C GLY G 136 -11.54 43.13 5.34
N VAL G 137 -10.25 43.26 5.00
CA VAL G 137 -9.17 43.57 5.94
C VAL G 137 -8.89 45.07 5.97
N ASP G 138 -8.99 45.67 7.17
CA ASP G 138 -8.62 47.06 7.39
C ASP G 138 -7.13 47.09 7.72
N GLN G 139 -6.33 47.16 6.64
CA GLN G 139 -4.87 47.16 6.69
C GLN G 139 -4.31 48.37 7.35
N LEU G 140 -4.92 49.56 7.14
CA LEU G 140 -4.47 50.82 7.75
C LEU G 140 -4.55 50.74 9.27
N GLN G 141 -5.70 50.29 9.81
CA GLN G 141 -5.89 50.15 11.25
C GLN G 141 -5.04 49.04 11.83
N GLN G 142 -4.81 47.96 11.05
CA GLN G 142 -3.99 46.82 11.46
C GLN G 142 -2.53 47.27 11.62
N VAL G 143 -2.05 48.12 10.72
CA VAL G 143 -0.71 48.70 10.71
C VAL G 143 -0.48 49.54 11.98
N ILE G 144 -1.45 50.41 12.31
CA ILE G 144 -1.42 51.30 13.48
C ILE G 144 -1.41 50.49 14.77
N ASP G 145 -2.27 49.46 14.88
CA ASP G 145 -2.35 48.56 16.02
C ASP G 145 -1.03 47.81 16.23
N THR G 146 -0.42 47.31 15.12
CA THR G 146 0.86 46.59 15.15
C THR G 146 1.99 47.51 15.59
N ILE G 147 2.05 48.75 15.08
CA ILE G 147 3.07 49.73 15.48
C ILE G 147 3.02 49.98 17.01
N LYS G 148 1.79 50.12 17.55
CA LYS G 148 1.50 50.36 18.95
C LYS G 148 1.79 49.16 19.87
N ASN G 149 1.30 47.96 19.52
CA ASN G 149 1.42 46.74 20.32
C ASN G 149 2.71 45.94 20.11
N ASN G 150 3.19 45.80 18.85
CA ASN G 150 4.42 45.08 18.56
C ASN G 150 5.26 45.85 17.52
N PRO G 151 5.94 46.95 17.93
CA PRO G 151 6.74 47.75 16.97
C PRO G 151 7.89 47.03 16.25
N ASP G 152 8.40 45.92 16.82
CA ASP G 152 9.51 45.14 16.25
C ASP G 152 9.07 44.16 15.15
N ASP G 153 7.75 44.04 14.89
CA ASP G 153 7.16 43.16 13.88
C ASP G 153 7.67 43.51 12.48
N ARG G 154 8.04 42.48 11.71
CA ARG G 154 8.60 42.62 10.37
C ARG G 154 7.56 42.40 9.26
N ARG G 155 6.25 42.43 9.63
CA ARG G 155 5.12 42.22 8.71
C ARG G 155 4.17 43.42 8.71
N ILE G 156 4.67 44.63 9.07
CA ILE G 156 3.82 45.84 9.08
C ILE G 156 3.65 46.33 7.63
N ILE G 157 2.78 45.64 6.88
CA ILE G 157 2.53 45.88 5.46
C ILE G 157 1.07 46.25 5.17
N MET G 158 0.92 47.19 4.25
CA MET G 158 -0.35 47.65 3.68
C MET G 158 -0.18 47.47 2.18
N CYS G 159 -0.99 46.59 1.61
CA CYS G 159 -0.94 46.16 0.21
C CYS G 159 -2.16 46.64 -0.58
N ALA G 160 -1.93 47.40 -1.64
CA ALA G 160 -3.03 47.87 -2.50
C ALA G 160 -3.12 47.01 -3.77
N TRP G 161 -2.02 46.30 -4.09
CA TRP G 161 -2.00 45.43 -5.24
C TRP G 161 -2.82 44.17 -4.94
N ASN G 162 -4.00 44.08 -5.55
CA ASN G 162 -4.92 42.97 -5.40
C ASN G 162 -5.09 42.31 -6.76
N PRO G 163 -4.39 41.16 -7.02
CA PRO G 163 -4.54 40.44 -8.30
C PRO G 163 -5.98 40.14 -8.71
N VAL G 164 -6.88 39.93 -7.73
CA VAL G 164 -8.30 39.64 -7.99
C VAL G 164 -9.05 40.93 -8.47
N ASP G 165 -8.81 42.08 -7.81
CA ASP G 165 -9.49 43.34 -8.10
C ASP G 165 -8.82 44.20 -9.18
N VAL G 166 -7.53 43.94 -9.53
CA VAL G 166 -6.83 44.76 -10.53
C VAL G 166 -7.56 44.80 -11.91
N PRO G 167 -8.13 43.71 -12.48
CA PRO G 167 -8.84 43.87 -13.77
C PRO G 167 -10.13 44.72 -13.70
N LYS G 168 -10.70 44.89 -12.51
CA LYS G 168 -11.94 45.63 -12.34
C LYS G 168 -11.81 47.16 -12.32
N MET G 169 -10.75 47.71 -11.72
CA MET G 169 -10.53 49.17 -11.63
C MET G 169 -10.15 49.80 -12.98
N ALA G 170 -10.24 51.15 -13.08
CA ALA G 170 -9.92 51.96 -14.27
C ALA G 170 -8.43 51.94 -14.55
N LEU G 171 -7.62 52.12 -13.50
CA LEU G 171 -6.17 52.10 -13.55
C LEU G 171 -5.64 51.17 -12.46
N PRO G 172 -4.72 50.24 -12.78
CA PRO G 172 -4.14 49.38 -11.74
C PRO G 172 -3.25 50.21 -10.81
N PRO G 173 -3.18 49.92 -9.49
CA PRO G 173 -2.37 50.75 -8.59
C PRO G 173 -0.87 50.76 -8.87
N CYS G 174 -0.26 51.98 -8.92
CA CYS G 174 1.19 52.18 -9.12
C CYS G 174 1.92 51.85 -7.83
N HIS G 175 1.26 52.14 -6.70
CA HIS G 175 1.78 51.98 -5.34
C HIS G 175 1.26 50.64 -4.83
N CYS G 176 2.04 49.59 -5.09
CA CYS G 176 1.75 48.19 -4.81
C CYS G 176 1.60 47.87 -3.33
N LEU G 177 2.60 48.21 -2.54
CA LEU G 177 2.59 48.04 -1.10
C LEU G 177 3.55 48.99 -0.41
N CYS G 178 3.37 49.15 0.89
CA CYS G 178 4.26 49.91 1.75
C CYS G 178 4.49 49.18 3.07
N GLN G 179 5.70 49.27 3.59
CA GLN G 179 6.07 48.59 4.83
C GLN G 179 6.52 49.63 5.82
N PHE G 180 6.24 49.39 7.12
CA PHE G 180 6.62 50.27 8.23
C PHE G 180 7.63 49.60 9.12
N TYR G 181 8.49 50.42 9.74
CA TYR G 181 9.60 49.98 10.61
C TYR G 181 9.76 50.96 11.77
N VAL G 182 9.98 50.42 12.98
CA VAL G 182 10.14 51.20 14.20
C VAL G 182 11.49 50.91 14.87
N ALA G 183 12.31 51.95 15.07
CA ALA G 183 13.60 51.88 15.77
C ALA G 183 13.99 53.25 16.30
N ASN G 184 14.46 53.29 17.56
CA ASN G 184 14.88 54.49 18.29
C ASN G 184 13.80 55.58 18.31
N GLY G 185 12.56 55.15 18.56
CA GLY G 185 11.36 55.98 18.62
C GLY G 185 10.97 56.58 17.29
N GLU G 186 11.52 56.06 16.19
CA GLU G 186 11.28 56.57 14.84
C GLU G 186 10.52 55.62 13.97
N LEU G 187 9.55 56.15 13.22
CA LEU G 187 8.77 55.40 12.27
C LEU G 187 9.27 55.65 10.85
N SER G 188 9.62 54.58 10.17
CA SER G 188 10.09 54.58 8.80
C SER G 188 9.08 53.88 7.90
N CYS G 189 9.05 54.28 6.61
CA CYS G 189 8.11 53.72 5.64
C CYS G 189 8.84 53.43 4.32
N GLN G 190 8.53 52.30 3.69
CA GLN G 190 9.09 51.95 2.38
C GLN G 190 7.95 51.67 1.44
N LEU G 191 7.95 52.35 0.29
CA LEU G 191 6.93 52.15 -0.72
C LEU G 191 7.52 51.38 -1.90
N TYR G 192 6.80 50.35 -2.41
CA TYR G 192 7.18 49.67 -3.64
C TYR G 192 6.28 50.26 -4.73
N GLN G 193 6.88 51.00 -5.67
CA GLN G 193 6.17 51.61 -6.79
C GLN G 193 6.57 50.89 -8.08
N ARG G 194 5.64 50.16 -8.68
CA ARG G 194 5.86 49.37 -9.90
C ARG G 194 6.14 50.19 -11.15
N SER G 195 5.54 51.40 -11.23
CA SER G 195 5.61 52.32 -12.37
C SER G 195 5.74 53.72 -11.83
N ALA G 196 6.82 54.42 -12.24
CA ALA G 196 7.16 55.76 -11.78
C ALA G 196 7.56 56.65 -12.95
N ASP G 197 6.80 57.73 -13.15
CA ASP G 197 7.03 58.79 -14.13
C ASP G 197 7.82 59.83 -13.32
N MET G 198 9.09 60.03 -13.70
CA MET G 198 9.98 60.93 -12.98
C MET G 198 9.50 62.35 -13.07
N GLY G 199 8.94 62.70 -14.23
CA GLY G 199 8.44 64.04 -14.53
C GLY G 199 7.35 64.51 -13.59
N LEU G 200 6.12 64.03 -13.81
CA LEU G 200 4.95 64.46 -13.04
C LEU G 200 4.65 63.64 -11.79
N GLY G 201 4.76 62.32 -11.93
CA GLY G 201 4.38 61.35 -10.92
C GLY G 201 5.16 61.33 -9.62
N VAL G 202 6.46 60.99 -9.70
CA VAL G 202 7.35 60.71 -8.57
C VAL G 202 7.33 61.79 -7.47
N PRO G 203 7.40 63.14 -7.75
CA PRO G 203 7.38 64.10 -6.62
C PRO G 203 6.12 63.99 -5.77
N PHE G 204 4.98 63.84 -6.44
CA PHE G 204 3.69 63.71 -5.80
C PHE G 204 3.67 62.47 -4.92
N ASN G 205 4.17 61.34 -5.45
CA ASN G 205 4.28 60.06 -4.78
C ASN G 205 5.11 60.12 -3.53
N ILE G 206 6.29 60.81 -3.57
CA ILE G 206 7.20 61.01 -2.42
C ILE G 206 6.47 61.74 -1.28
N ALA G 207 5.79 62.85 -1.62
CA ALA G 207 5.06 63.67 -0.67
C ALA G 207 3.88 62.93 0.01
N SER G 208 3.04 62.18 -0.77
CA SER G 208 1.92 61.38 -0.24
C SER G 208 2.35 60.44 0.88
N TYR G 209 3.37 59.62 0.62
CA TYR G 209 3.83 58.61 1.55
C TYR G 209 4.66 59.16 2.69
N ALA G 210 5.31 60.33 2.48
CA ALA G 210 6.02 61.01 3.55
C ALA G 210 4.98 61.57 4.53
N LEU G 211 3.85 62.08 3.97
CA LEU G 211 2.75 62.63 4.76
C LEU G 211 2.02 61.53 5.56
N LEU G 212 1.81 60.37 4.94
CA LEU G 212 1.22 59.19 5.59
C LEU G 212 2.05 58.78 6.82
N THR G 213 3.40 58.75 6.67
CA THR G 213 4.35 58.42 7.74
C THR G 213 4.25 59.42 8.91
N TYR G 214 4.10 60.73 8.60
CA TYR G 214 3.92 61.81 9.58
C TYR G 214 2.63 61.60 10.37
N MET G 215 1.54 61.25 9.68
CA MET G 215 0.22 61.02 10.26
C MET G 215 0.23 59.80 11.16
N ILE G 216 0.74 58.65 10.68
CA ILE G 216 0.82 57.41 11.45
C ILE G 216 1.74 57.60 12.66
N ALA G 217 2.92 58.25 12.48
CA ALA G 217 3.87 58.54 13.57
C ALA G 217 3.20 59.36 14.68
N HIS G 218 2.38 60.37 14.32
CA HIS G 218 1.64 61.26 15.20
C HIS G 218 0.63 60.50 16.09
N VAL G 219 -0.21 59.64 15.48
CA VAL G 219 -1.22 58.84 16.18
C VAL G 219 -0.61 57.64 16.97
N THR G 220 0.63 57.22 16.65
CA THR G 220 1.27 56.10 17.35
C THR G 220 2.34 56.56 18.35
N ASP G 221 2.41 57.89 18.60
CA ASP G 221 3.33 58.56 19.52
C ASP G 221 4.82 58.28 19.21
N LEU G 222 5.15 58.30 17.92
CA LEU G 222 6.50 58.12 17.39
C LEU G 222 6.91 59.33 16.55
N LYS G 223 8.17 59.40 16.20
CA LYS G 223 8.71 60.49 15.38
C LYS G 223 8.99 59.95 13.98
N PRO G 224 8.74 60.72 12.90
CA PRO G 224 9.11 60.23 11.56
C PRO G 224 10.62 60.03 11.37
N GLY G 225 10.97 58.91 10.74
CA GLY G 225 12.37 58.54 10.47
C GLY G 225 12.74 58.83 9.03
N ASP G 226 12.64 57.80 8.17
CA ASP G 226 12.94 57.87 6.74
C ASP G 226 11.76 57.44 5.90
N PHE G 227 11.74 57.90 4.65
CA PHE G 227 10.83 57.43 3.62
C PHE G 227 11.73 56.82 2.55
N VAL G 228 11.60 55.52 2.35
CA VAL G 228 12.38 54.75 1.38
C VAL G 228 11.47 54.52 0.15
N HIS G 229 11.88 55.06 -1.00
CA HIS G 229 11.12 54.98 -2.23
C HIS G 229 11.78 54.02 -3.18
N THR G 230 11.18 52.81 -3.32
CA THR G 230 11.66 51.77 -4.22
C THR G 230 10.84 51.82 -5.50
N LEU G 231 11.53 51.80 -6.66
CA LEU G 231 10.89 51.87 -7.97
C LEU G 231 11.14 50.64 -8.82
N GLY G 232 10.14 50.28 -9.61
CA GLY G 232 10.20 49.20 -10.59
C GLY G 232 10.58 49.83 -11.91
N ASP G 233 9.59 50.03 -12.78
CA ASP G 233 9.80 50.70 -14.07
C ASP G 233 9.82 52.24 -13.85
N ALA G 234 11.04 52.82 -13.75
CA ALA G 234 11.29 54.26 -13.58
C ALA G 234 11.52 54.85 -14.99
N HIS G 235 10.64 55.75 -15.44
CA HIS G 235 10.70 56.32 -16.79
C HIS G 235 10.43 57.80 -16.88
N VAL G 236 10.76 58.39 -18.04
CA VAL G 236 10.51 59.78 -18.45
C VAL G 236 9.81 59.69 -19.80
N TYR G 237 8.86 60.62 -20.08
CA TYR G 237 8.20 60.67 -21.37
C TYR G 237 9.10 61.43 -22.31
N SER G 238 9.26 60.92 -23.53
CA SER G 238 10.12 61.50 -24.57
C SER G 238 9.82 62.98 -24.87
N ASN G 239 8.52 63.34 -24.87
CA ASN G 239 8.06 64.72 -25.13
C ASN G 239 8.34 65.67 -23.95
N HIS G 240 8.69 65.13 -22.76
CA HIS G 240 9.01 65.91 -21.56
C HIS G 240 10.52 66.12 -21.37
N CYS G 241 11.36 65.52 -22.25
CA CYS G 241 12.82 65.55 -22.18
C CYS G 241 13.42 66.96 -22.24
N GLU G 242 12.88 67.85 -23.10
CA GLU G 242 13.34 69.24 -23.23
C GLU G 242 13.13 69.99 -21.90
N ALA G 243 11.94 69.83 -21.29
CA ALA G 243 11.55 70.43 -20.01
C ALA G 243 12.39 69.89 -18.84
N LEU G 244 12.71 68.57 -18.87
CA LEU G 244 13.51 67.91 -17.83
C LEU G 244 14.96 68.36 -17.86
N GLU G 245 15.51 68.63 -19.07
CA GLU G 245 16.87 69.18 -19.26
C GLU G 245 17.00 70.55 -18.60
N GLU G 246 15.92 71.35 -18.69
CA GLU G 246 15.82 72.69 -18.09
C GLU G 246 15.73 72.56 -16.56
N GLN G 247 14.98 71.55 -16.07
CA GLN G 247 14.82 71.29 -14.63
C GLN G 247 16.13 70.79 -13.99
N LEU G 248 16.96 69.99 -14.71
CA LEU G 248 18.25 69.48 -14.17
C LEU G 248 19.22 70.66 -13.89
N LYS G 249 19.07 71.76 -14.64
CA LYS G 249 19.89 72.96 -14.49
C LYS G 249 19.57 73.72 -13.19
N ARG G 250 18.39 73.42 -12.57
CA ARG G 250 17.94 74.02 -11.31
C ARG G 250 18.53 73.28 -10.10
N GLU G 251 18.94 74.06 -9.09
CA GLU G 251 19.56 73.63 -7.83
C GLU G 251 18.49 73.44 -6.75
N PRO G 252 18.38 72.25 -6.11
CA PRO G 252 17.38 72.06 -5.05
C PRO G 252 17.55 73.06 -3.92
N ARG G 253 16.42 73.48 -3.37
CA ARG G 253 16.36 74.43 -2.27
C ARG G 253 16.07 73.68 -0.97
N PRO G 254 16.48 74.17 0.23
CA PRO G 254 16.16 73.43 1.47
C PRO G 254 14.68 73.07 1.56
N PHE G 255 14.40 71.82 1.92
CA PHE G 255 13.05 71.29 2.03
C PHE G 255 12.22 72.03 3.06
N PRO G 256 10.90 72.20 2.84
CA PRO G 256 10.07 72.83 3.89
C PRO G 256 10.03 72.02 5.20
N SER G 257 9.33 72.55 6.20
CA SER G 257 9.11 71.85 7.45
C SER G 257 7.59 71.60 7.59
N LEU G 258 7.21 70.46 8.19
CA LEU G 258 5.80 70.13 8.42
C LEU G 258 5.55 69.93 9.93
N LYS G 259 4.50 70.54 10.42
CA LYS G 259 4.00 70.46 11.78
C LYS G 259 2.51 70.10 11.76
N ILE G 260 2.09 69.26 12.72
CA ILE G 260 0.69 68.91 12.93
C ILE G 260 0.25 69.79 14.11
N LYS G 261 -0.54 70.83 13.80
CA LYS G 261 -1.03 71.91 14.68
C LYS G 261 -1.67 71.44 16.00
N ARG G 262 -2.44 70.32 15.97
CA ARG G 262 -3.14 69.83 17.16
C ARG G 262 -2.90 68.33 17.40
N LYS G 263 -3.31 67.83 18.59
CA LYS G 263 -3.20 66.40 18.89
C LYS G 263 -4.41 65.70 18.26
N VAL G 264 -4.14 64.86 17.25
CA VAL G 264 -5.14 64.08 16.52
C VAL G 264 -5.07 62.66 17.08
N GLU G 265 -6.22 62.15 17.58
CA GLU G 265 -6.33 60.85 18.23
C GLU G 265 -6.30 59.67 17.27
N ASN G 266 -7.10 59.71 16.19
CA ASN G 266 -7.22 58.65 15.19
C ASN G 266 -6.82 59.13 13.81
N ILE G 267 -6.31 58.23 12.95
CA ILE G 267 -5.88 58.50 11.57
C ILE G 267 -6.98 59.07 10.71
N SER G 268 -8.24 58.66 10.93
CA SER G 268 -9.43 59.10 10.21
C SER G 268 -9.85 60.53 10.57
N ASP G 269 -9.32 61.08 11.69
CA ASP G 269 -9.66 62.40 12.23
C ASP G 269 -8.83 63.60 11.70
N PHE G 270 -7.90 63.36 10.77
CA PHE G 270 -7.10 64.46 10.20
C PHE G 270 -7.91 65.31 9.22
N LYS G 271 -7.62 66.61 9.17
CA LYS G 271 -8.21 67.60 8.26
C LYS G 271 -7.03 68.32 7.61
N PHE G 272 -7.22 68.89 6.41
CA PHE G 272 -6.16 69.60 5.70
C PHE G 272 -5.54 70.72 6.55
N GLU G 273 -6.40 71.46 7.26
CA GLU G 273 -6.05 72.58 8.14
C GLU G 273 -5.16 72.20 9.33
N ASP G 274 -5.07 70.89 9.66
CA ASP G 274 -4.24 70.39 10.77
C ASP G 274 -2.75 70.45 10.43
N PHE G 275 -2.44 70.61 9.12
CA PHE G 275 -1.09 70.65 8.61
C PHE G 275 -0.53 72.04 8.42
N GLU G 276 0.72 72.19 8.86
CA GLU G 276 1.40 73.46 8.80
C GLU G 276 2.68 73.30 7.98
N LEU G 277 2.62 73.65 6.68
CA LEU G 277 3.78 73.58 5.79
C LEU G 277 4.52 74.93 5.77
N ASP G 278 5.67 74.98 6.46
CA ASP G 278 6.48 76.20 6.57
C ASP G 278 7.73 76.18 5.71
N GLY G 279 8.01 77.32 5.06
CA GLY G 279 9.19 77.54 4.24
C GLY G 279 9.33 76.78 2.94
N TYR G 280 8.21 76.42 2.28
CA TYR G 280 8.27 75.73 0.98
C TYR G 280 8.45 76.79 -0.08
N LYS G 281 9.68 76.89 -0.57
CA LYS G 281 10.08 77.89 -1.55
C LYS G 281 10.56 77.18 -2.84
N PRO G 282 9.68 76.57 -3.66
CA PRO G 282 10.17 75.88 -4.86
C PRO G 282 10.45 76.80 -6.05
N HIS G 283 11.15 76.24 -7.06
CA HIS G 283 11.40 76.87 -8.34
C HIS G 283 10.04 76.81 -9.09
N PRO G 284 9.78 77.65 -10.14
CA PRO G 284 8.48 77.56 -10.82
C PRO G 284 8.07 76.18 -11.37
N LYS G 285 6.76 75.98 -11.60
CA LYS G 285 6.18 74.78 -12.20
C LYS G 285 6.64 74.65 -13.65
N ARG H 5 33.43 45.84 -10.27
CA ARG H 5 33.39 45.30 -8.91
C ARG H 5 32.33 44.17 -8.75
N HIS H 6 32.76 43.01 -8.17
CA HIS H 6 31.95 41.80 -7.94
C HIS H 6 30.64 42.12 -7.24
N ASP H 7 29.51 41.61 -7.78
CA ASP H 7 28.16 41.87 -7.28
C ASP H 7 27.94 41.49 -5.83
N GLU H 8 28.65 40.44 -5.35
CA GLU H 8 28.61 39.94 -3.97
C GLU H 8 29.05 41.00 -2.95
N TYR H 9 29.88 41.98 -3.35
CA TYR H 9 30.31 43.05 -2.44
C TYR H 9 29.14 43.88 -1.90
N GLN H 10 28.00 43.94 -2.62
CA GLN H 10 26.79 44.68 -2.19
C GLN H 10 26.21 44.02 -0.93
N TYR H 11 26.16 42.68 -0.93
CA TYR H 11 25.72 41.83 0.15
C TYR H 11 26.67 41.98 1.37
N LEU H 12 27.98 41.90 1.13
CA LEU H 12 29.03 42.05 2.15
C LEU H 12 29.06 43.43 2.78
N ASP H 13 28.96 44.49 1.96
CA ASP H 13 28.94 45.89 2.42
C ASP H 13 27.74 46.18 3.29
N LEU H 14 26.59 45.52 3.00
CA LEU H 14 25.38 45.68 3.80
C LEU H 14 25.50 45.02 5.17
N ILE H 15 26.05 43.78 5.25
CA ILE H 15 26.30 43.10 6.53
C ILE H 15 27.18 44.00 7.40
N ARG H 16 28.26 44.51 6.82
CA ARG H 16 29.22 45.42 7.46
C ARG H 16 28.52 46.67 8.00
N GLN H 17 27.67 47.31 7.16
CA GLN H 17 26.89 48.49 7.49
C GLN H 17 25.90 48.22 8.64
N ILE H 18 25.22 47.05 8.64
CA ILE H 18 24.25 46.63 9.67
C ILE H 18 24.97 46.41 11.01
N MET H 19 26.07 45.62 11.02
CA MET H 19 26.81 45.34 12.25
C MET H 19 27.42 46.59 12.89
N ARG H 20 27.76 47.61 12.08
CA ARG H 20 28.35 48.88 12.51
C ARG H 20 27.32 49.95 12.94
N THR H 21 26.28 50.20 12.11
CA THR H 21 25.30 51.28 12.39
C THR H 21 23.85 50.81 12.66
N GLY H 22 23.59 49.51 12.58
CA GLY H 22 22.26 48.95 12.75
C GLY H 22 21.63 49.08 14.13
N ASN H 23 20.32 48.83 14.20
CA ASN H 23 19.50 48.91 15.41
C ASN H 23 19.30 47.54 16.07
N ARG H 24 19.72 47.43 17.34
CA ARG H 24 19.58 46.19 18.11
C ARG H 24 18.16 46.06 18.66
N LYS H 25 17.59 44.86 18.55
CA LYS H 25 16.23 44.54 19.00
C LYS H 25 16.20 43.19 19.74
N GLY H 26 15.42 43.09 20.80
CA GLY H 26 15.30 41.87 21.59
C GLY H 26 14.46 42.03 22.84
N GLY H 32 17.71 37.72 19.27
CA GLY H 32 18.01 39.12 19.04
C GLY H 32 18.68 39.40 17.71
N THR H 33 18.36 40.58 17.13
CA THR H 33 18.90 41.00 15.84
C THR H 33 19.47 42.42 15.87
N ILE H 34 20.24 42.77 14.82
CA ILE H 34 20.79 44.10 14.54
C ILE H 34 20.22 44.35 13.17
N SER H 35 19.47 45.44 12.97
CA SER H 35 18.81 45.66 11.69
C SER H 35 18.90 47.06 11.13
N MET H 36 18.54 47.19 9.85
CA MET H 36 18.47 48.42 9.06
C MET H 36 17.20 48.31 8.23
N PHE H 37 16.64 49.43 7.76
CA PHE H 37 15.43 49.38 6.96
C PHE H 37 15.64 49.96 5.57
N GLY H 38 15.40 49.14 4.56
CA GLY H 38 15.52 49.55 3.17
C GLY H 38 16.89 49.37 2.57
N ALA H 39 16.99 48.43 1.62
CA ALA H 39 18.21 48.17 0.87
C ALA H 39 17.85 47.73 -0.54
N GLN H 40 18.83 47.78 -1.46
CA GLN H 40 18.67 47.35 -2.85
C GLN H 40 19.97 46.92 -3.47
N MET H 41 20.00 45.69 -4.01
CA MET H 41 21.15 45.08 -4.70
C MET H 41 20.72 44.75 -6.12
N ARG H 42 21.66 44.75 -7.05
CA ARG H 42 21.43 44.38 -8.44
C ARG H 42 22.43 43.32 -8.81
N TYR H 43 21.96 42.18 -9.29
CA TYR H 43 22.79 41.06 -9.72
C TYR H 43 22.58 40.83 -11.19
N SER H 44 23.67 40.89 -11.97
CA SER H 44 23.63 40.61 -13.41
C SER H 44 23.43 39.12 -13.63
N LEU H 45 22.45 38.79 -14.50
CA LEU H 45 22.12 37.40 -14.87
C LEU H 45 22.56 37.10 -16.33
N ARG H 46 23.33 38.02 -16.94
CA ARG H 46 23.81 38.00 -18.33
C ARG H 46 24.97 37.05 -18.59
N ASP H 47 25.05 36.52 -19.83
CA ASP H 47 26.10 35.62 -20.36
C ASP H 47 26.27 34.32 -19.56
N GLY H 48 25.14 33.79 -19.11
CA GLY H 48 25.07 32.57 -18.35
C GLY H 48 25.43 32.69 -16.89
N ILE H 49 25.80 33.89 -16.42
CA ILE H 49 26.19 34.14 -15.01
C ILE H 49 25.05 33.89 -14.04
N PHE H 50 25.31 33.02 -13.03
CA PHE H 50 24.33 32.74 -11.99
C PHE H 50 24.80 33.25 -10.62
N PRO H 51 24.07 34.23 -10.00
CA PRO H 51 24.53 34.78 -8.72
C PRO H 51 24.30 33.88 -7.50
N LEU H 52 25.01 32.74 -7.46
CA LEU H 52 24.98 31.84 -6.32
C LEU H 52 26.17 32.31 -5.48
N LEU H 53 25.92 32.91 -4.29
CA LEU H 53 26.95 33.52 -3.44
C LEU H 53 28.07 32.55 -3.07
N THR H 54 29.31 33.07 -3.08
CA THR H 54 30.55 32.32 -2.95
C THR H 54 31.34 32.49 -1.63
N THR H 55 31.02 33.48 -0.77
CA THR H 55 31.79 33.65 0.49
C THR H 55 31.37 32.63 1.55
N LYS H 56 30.31 31.85 1.23
CA LYS H 56 29.71 30.78 2.03
C LYS H 56 28.96 29.90 1.04
N ARG H 57 29.05 28.56 1.20
CA ARG H 57 28.32 27.65 0.31
C ARG H 57 26.78 27.74 0.51
N VAL H 58 26.01 27.85 -0.60
CA VAL H 58 24.54 27.90 -0.63
C VAL H 58 23.99 26.52 -1.08
N PHE H 59 22.85 26.08 -0.52
CA PHE H 59 22.23 24.78 -0.84
C PHE H 59 21.47 24.86 -2.18
N TRP H 60 22.22 24.70 -3.31
CA TRP H 60 21.72 24.80 -4.68
C TRP H 60 20.52 23.90 -4.97
N ARG H 61 20.64 22.60 -4.61
CA ARG H 61 19.59 21.61 -4.81
C ARG H 61 18.30 22.00 -4.08
N GLY H 62 18.43 22.52 -2.86
CA GLY H 62 17.34 23.05 -2.05
C GLY H 62 16.65 24.20 -2.73
N VAL H 63 17.44 25.16 -3.29
CA VAL H 63 16.94 26.34 -4.02
C VAL H 63 16.08 25.89 -5.20
N ALA H 64 16.65 25.04 -6.09
CA ALA H 64 16.01 24.57 -7.30
C ALA H 64 14.79 23.71 -7.03
N GLU H 65 14.89 22.72 -6.12
CA GLU H 65 13.77 21.83 -5.77
C GLU H 65 12.63 22.61 -5.14
N GLU H 66 12.94 23.56 -4.23
CA GLU H 66 11.91 24.40 -3.59
C GLU H 66 11.12 25.22 -4.62
N LEU H 67 11.82 25.78 -5.60
CA LEU H 67 11.19 26.60 -6.66
C LEU H 67 10.30 25.76 -7.57
N LEU H 68 10.72 24.53 -7.90
CA LEU H 68 9.95 23.61 -8.73
C LEU H 68 8.66 23.17 -8.02
N TRP H 69 8.71 23.12 -6.68
CA TRP H 69 7.62 22.78 -5.77
C TRP H 69 6.62 23.93 -5.75
N PHE H 70 7.12 25.20 -5.77
CA PHE H 70 6.28 26.41 -5.86
C PHE H 70 5.55 26.45 -7.20
N VAL H 71 6.29 26.21 -8.31
CA VAL H 71 5.78 26.23 -9.70
C VAL H 71 4.66 25.20 -9.88
N ARG H 72 4.81 24.01 -9.26
CA ARG H 72 3.83 22.92 -9.25
C ARG H 72 2.54 23.37 -8.54
N GLY H 73 2.62 24.43 -7.71
CA GLY H 73 1.55 24.96 -6.91
C GLY H 73 1.28 24.13 -5.66
N SER H 74 2.30 23.42 -5.19
CA SER H 74 2.19 22.55 -4.03
C SER H 74 2.32 23.31 -2.72
N THR H 75 1.57 22.83 -1.69
CA THR H 75 1.55 23.38 -0.33
C THR H 75 1.85 22.24 0.66
N ASN H 76 2.37 21.11 0.13
CA ASN H 76 2.67 19.87 0.83
C ASN H 76 4.15 19.73 1.11
N ALA H 77 4.56 19.95 2.39
CA ALA H 77 5.96 19.88 2.84
C ALA H 77 6.57 18.47 2.67
N LYS H 78 5.72 17.42 2.62
CA LYS H 78 6.13 16.02 2.45
C LYS H 78 6.72 15.79 1.06
N GLU H 79 6.29 16.58 0.05
CA GLU H 79 6.79 16.50 -1.33
C GLU H 79 8.23 16.99 -1.41
N LEU H 80 8.64 17.90 -0.52
CA LEU H 80 10.01 18.39 -0.41
C LEU H 80 10.85 17.42 0.40
N GLN H 81 10.33 16.93 1.56
CA GLN H 81 10.98 15.95 2.45
C GLN H 81 11.34 14.70 1.68
N GLU H 82 10.46 14.33 0.72
CA GLU H 82 10.60 13.23 -0.22
C GLU H 82 11.89 13.39 -1.02
N LYS H 83 12.25 14.63 -1.34
CA LYS H 83 13.47 14.98 -2.08
C LYS H 83 14.64 15.33 -1.14
N ASP H 84 14.49 14.98 0.17
CA ASP H 84 15.47 15.21 1.25
C ASP H 84 15.78 16.72 1.47
N ILE H 85 14.79 17.60 1.25
CA ILE H 85 14.83 19.05 1.47
C ILE H 85 13.98 19.26 2.72
N HIS H 86 14.59 19.73 3.83
CA HIS H 86 13.91 19.89 5.12
C HIS H 86 13.78 21.37 5.58
N ILE H 87 13.77 22.27 4.61
CA ILE H 87 13.68 23.69 4.90
C ILE H 87 12.29 24.08 5.44
N TRP H 88 11.23 23.39 5.02
CA TRP H 88 9.87 23.70 5.47
C TRP H 88 9.37 22.82 6.66
N ASP H 89 10.27 22.07 7.30
CA ASP H 89 9.97 21.24 8.47
C ASP H 89 9.77 22.13 9.70
N HIS H 103 -5.27 24.04 12.67
CA HIS H 103 -5.97 23.33 13.75
C HIS H 103 -6.68 22.03 13.33
N ASP H 104 -7.14 21.99 12.06
CA ASP H 104 -7.86 20.83 11.50
C ASP H 104 -7.05 20.13 10.39
N ARG H 105 -6.00 20.80 9.90
CA ARG H 105 -5.09 20.35 8.84
C ARG H 105 -4.27 19.15 9.29
N GLU H 106 -3.66 18.44 8.30
CA GLU H 106 -2.81 17.30 8.58
C GLU H 106 -1.34 17.65 8.39
N GLU H 107 -0.45 16.75 8.81
CA GLU H 107 1.00 16.84 8.76
C GLU H 107 1.47 17.07 7.33
N GLY H 108 2.29 18.09 7.16
CA GLY H 108 2.79 18.48 5.85
C GLY H 108 2.06 19.67 5.23
N ASP H 109 0.81 19.91 5.68
CA ASP H 109 -0.04 20.97 5.15
C ASP H 109 0.36 22.34 5.68
N LEU H 110 1.04 23.13 4.83
CA LEU H 110 1.57 24.47 5.10
C LEU H 110 0.52 25.63 4.96
N GLY H 111 -0.65 25.32 4.43
CA GLY H 111 -1.67 26.32 4.20
C GLY H 111 -1.44 26.97 2.84
N PRO H 112 -2.08 28.12 2.56
CA PRO H 112 -1.93 28.74 1.22
C PRO H 112 -0.60 29.51 1.02
N VAL H 113 0.55 28.77 1.03
CA VAL H 113 1.88 29.38 0.87
C VAL H 113 2.17 29.60 -0.64
N TYR H 114 3.35 30.18 -0.96
CA TYR H 114 3.83 30.62 -2.27
C TYR H 114 3.20 29.88 -3.48
N GLY H 115 3.22 28.55 -3.46
CA GLY H 115 2.68 27.70 -4.52
C GLY H 115 1.23 27.99 -4.90
N PHE H 116 0.36 28.06 -3.87
CA PHE H 116 -1.05 28.33 -4.03
C PHE H 116 -1.32 29.78 -4.45
N GLN H 117 -0.53 30.74 -3.94
CA GLN H 117 -0.68 32.14 -4.28
C GLN H 117 -0.23 32.43 -5.71
N TRP H 118 0.89 31.81 -6.16
CA TRP H 118 1.39 31.98 -7.52
C TRP H 118 0.47 31.40 -8.60
N ARG H 119 -0.13 30.22 -8.34
CA ARG H 119 -0.97 29.52 -9.31
C ARG H 119 -2.45 29.68 -9.10
N HIS H 120 -2.88 30.01 -7.87
CA HIS H 120 -4.32 30.07 -7.57
C HIS H 120 -4.69 31.22 -6.67
N PHE H 121 -4.08 32.42 -6.84
CA PHE H 121 -4.37 33.58 -5.99
C PHE H 121 -5.86 33.90 -5.92
N GLY H 122 -6.39 34.06 -4.72
CA GLY H 122 -7.78 34.44 -4.49
C GLY H 122 -8.74 33.30 -4.34
N ALA H 123 -8.29 32.10 -4.71
CA ALA H 123 -9.04 30.87 -4.63
C ALA H 123 -9.17 30.47 -3.17
N PRO H 124 -10.31 29.85 -2.74
CA PRO H 124 -10.39 29.45 -1.32
C PRO H 124 -9.59 28.18 -1.04
N TYR H 125 -8.75 28.23 0.01
CA TYR H 125 -7.92 27.11 0.40
C TYR H 125 -8.66 26.14 1.33
N ALA H 126 -8.57 24.84 1.00
CA ALA H 126 -9.15 23.76 1.78
C ALA H 126 -7.96 22.98 2.40
N ASP H 127 -7.29 22.14 1.59
CA ASP H 127 -6.13 21.35 2.01
C ASP H 127 -5.17 21.10 0.86
N MET H 128 -3.97 20.56 1.16
CA MET H 128 -2.92 20.28 0.19
C MET H 128 -3.25 19.22 -0.86
N HIS H 129 -4.26 18.39 -0.61
CA HIS H 129 -4.69 17.33 -1.53
C HIS H 129 -5.73 17.80 -2.55
N THR H 130 -6.49 18.89 -2.23
CA THR H 130 -7.54 19.50 -3.07
C THR H 130 -7.03 19.86 -4.47
N ASP H 131 -7.79 19.52 -5.50
CA ASP H 131 -7.52 19.83 -6.90
C ASP H 131 -8.02 21.25 -7.17
N TYR H 132 -7.07 22.20 -7.28
CA TYR H 132 -7.36 23.63 -7.47
C TYR H 132 -7.31 24.08 -8.94
N THR H 133 -7.25 23.11 -9.89
CA THR H 133 -7.22 23.36 -11.34
C THR H 133 -8.31 24.35 -11.74
N GLY H 134 -7.91 25.45 -12.37
CA GLY H 134 -8.82 26.49 -12.85
C GLY H 134 -9.38 27.42 -11.78
N GLN H 135 -8.93 27.27 -10.52
CA GLN H 135 -9.36 28.11 -9.40
C GLN H 135 -8.30 29.20 -9.14
N GLY H 136 -8.78 30.41 -8.82
CA GLY H 136 -7.97 31.58 -8.54
C GLY H 136 -7.22 32.10 -9.75
N VAL H 137 -6.36 33.09 -9.52
CA VAL H 137 -5.55 33.70 -10.56
C VAL H 137 -4.19 32.98 -10.70
N ASP H 138 -3.94 32.46 -11.91
CA ASP H 138 -2.68 31.87 -12.27
C ASP H 138 -1.80 33.07 -12.58
N GLN H 139 -1.17 33.64 -11.53
CA GLN H 139 -0.28 34.80 -11.62
C GLN H 139 0.97 34.52 -12.45
N LEU H 140 1.55 33.30 -12.30
CA LEU H 140 2.76 32.82 -12.99
C LEU H 140 2.51 32.76 -14.49
N GLN H 141 1.41 32.11 -14.92
CA GLN H 141 1.05 32.00 -16.34
C GLN H 141 0.67 33.35 -16.93
N GLN H 142 0.07 34.23 -16.14
CA GLN H 142 -0.32 35.58 -16.58
C GLN H 142 0.93 36.41 -16.88
N VAL H 143 1.97 36.27 -16.04
CA VAL H 143 3.26 36.95 -16.19
C VAL H 143 3.94 36.52 -17.52
N ILE H 144 3.96 35.19 -17.81
CA ILE H 144 4.54 34.60 -19.01
C ILE H 144 3.83 35.11 -20.27
N ASP H 145 2.48 35.09 -20.26
CA ASP H 145 1.63 35.59 -21.35
C ASP H 145 1.89 37.08 -21.63
N THR H 146 2.00 37.90 -20.56
CA THR H 146 2.26 39.34 -20.67
C THR H 146 3.64 39.59 -21.25
N ILE H 147 4.68 38.86 -20.79
CA ILE H 147 6.04 39.03 -21.32
C ILE H 147 6.06 38.76 -22.84
N LYS H 148 5.32 37.73 -23.28
CA LYS H 148 5.20 37.31 -24.67
C LYS H 148 4.41 38.28 -25.56
N ASN H 149 3.22 38.69 -25.10
CA ASN H 149 2.29 39.52 -25.86
C ASN H 149 2.53 41.04 -25.73
N ASN H 150 2.84 41.52 -24.52
CA ASN H 150 3.13 42.94 -24.31
C ASN H 150 4.33 43.12 -23.36
N PRO H 151 5.57 42.92 -23.87
CA PRO H 151 6.77 43.03 -23.00
C PRO H 151 7.04 44.41 -22.34
N ASP H 152 6.48 45.49 -22.90
CA ASP H 152 6.64 46.85 -22.37
C ASP H 152 5.70 47.18 -21.21
N ASP H 153 4.78 46.26 -20.86
CA ASP H 153 3.79 46.41 -19.79
C ASP H 153 4.47 46.62 -18.43
N ARG H 154 3.94 47.57 -17.65
CA ARG H 154 4.50 47.96 -16.35
C ARG H 154 3.75 47.34 -15.17
N ARG H 155 2.90 46.32 -15.45
CA ARG H 155 2.09 45.60 -14.46
C ARG H 155 2.43 44.08 -14.42
N ILE H 156 3.65 43.70 -14.86
CA ILE H 156 4.06 42.29 -14.86
C ILE H 156 4.45 41.90 -13.41
N ILE H 157 3.44 41.71 -12.56
CA ILE H 157 3.59 41.41 -11.13
C ILE H 157 3.00 40.04 -10.72
N MET H 158 3.70 39.35 -9.81
CA MET H 158 3.31 38.12 -9.16
C MET H 158 3.45 38.44 -7.67
N CYS H 159 2.32 38.45 -6.97
CA CYS H 159 2.20 38.82 -5.58
C CYS H 159 1.85 37.62 -4.71
N ALA H 160 2.71 37.36 -3.72
CA ALA H 160 2.54 36.27 -2.76
C ALA H 160 1.88 36.78 -1.46
N TRP H 161 1.99 38.08 -1.21
CA TRP H 161 1.42 38.70 -0.04
C TRP H 161 -0.07 38.88 -0.24
N ASN H 162 -0.84 38.01 0.41
CA ASN H 162 -2.29 38.02 0.37
C ASN H 162 -2.82 38.35 1.78
N PRO H 163 -3.24 39.62 2.04
CA PRO H 163 -3.77 39.97 3.38
C PRO H 163 -4.88 39.06 3.91
N VAL H 164 -5.70 38.50 3.00
CA VAL H 164 -6.77 37.55 3.36
C VAL H 164 -6.18 36.18 3.79
N ASP H 165 -5.23 35.63 3.03
CA ASP H 165 -4.66 34.31 3.27
C ASP H 165 -3.45 34.27 4.23
N VAL H 166 -2.81 35.41 4.56
CA VAL H 166 -1.63 35.43 5.44
C VAL H 166 -1.96 34.78 6.83
N PRO H 167 -3.12 35.03 7.50
CA PRO H 167 -3.37 34.32 8.79
C PRO H 167 -3.58 32.81 8.67
N LYS H 168 -3.95 32.32 7.46
CA LYS H 168 -4.18 30.89 7.14
C LYS H 168 -2.87 30.14 6.82
N MET H 169 -1.77 30.88 6.58
CA MET H 169 -0.46 30.33 6.24
C MET H 169 0.36 29.93 7.47
N ALA H 170 1.15 28.84 7.35
CA ALA H 170 2.05 28.34 8.42
C ALA H 170 2.99 29.48 8.87
N LEU H 171 3.62 30.15 7.89
CA LEU H 171 4.49 31.31 8.08
C LEU H 171 4.08 32.37 7.04
N PRO H 172 4.00 33.67 7.42
CA PRO H 172 3.69 34.71 6.43
C PRO H 172 4.84 34.84 5.42
N PRO H 173 4.54 35.08 4.13
CA PRO H 173 5.61 35.14 3.13
C PRO H 173 6.62 36.29 3.30
N CYS H 174 7.96 35.97 3.26
CA CYS H 174 9.07 36.96 3.31
C CYS H 174 9.14 37.69 1.96
N HIS H 175 8.85 36.96 0.89
CA HIS H 175 8.91 37.40 -0.50
C HIS H 175 7.51 37.83 -0.90
N CYS H 176 7.22 39.11 -0.66
CA CYS H 176 5.92 39.76 -0.87
C CYS H 176 5.44 39.77 -2.31
N LEU H 177 6.27 40.26 -3.22
CA LEU H 177 5.99 40.31 -4.65
C LEU H 177 7.24 40.39 -5.48
N CYS H 178 7.10 40.10 -6.76
CA CYS H 178 8.16 40.27 -7.76
C CYS H 178 7.59 40.88 -9.06
N GLN H 179 8.36 41.73 -9.69
CA GLN H 179 7.96 42.40 -10.92
C GLN H 179 8.95 42.04 -12.00
N PHE H 180 8.47 41.96 -13.25
CA PHE H 180 9.31 41.64 -14.40
C PHE H 180 9.39 42.81 -15.35
N TYR H 181 10.51 42.91 -16.10
CA TYR H 181 10.83 43.99 -17.04
C TYR H 181 11.58 43.44 -18.24
N VAL H 182 11.24 43.94 -19.44
CA VAL H 182 11.83 43.51 -20.70
C VAL H 182 12.45 44.71 -21.45
N ALA H 183 13.75 44.60 -21.78
CA ALA H 183 14.51 45.60 -22.56
C ALA H 183 15.69 44.96 -23.26
N ASN H 184 15.88 45.24 -24.57
CA ASN H 184 16.97 44.73 -25.42
C ASN H 184 17.04 43.17 -25.41
N GLY H 185 15.87 42.53 -25.50
CA GLY H 185 15.73 41.08 -25.48
C GLY H 185 16.11 40.42 -24.16
N GLU H 186 16.13 41.22 -23.07
CA GLU H 186 16.50 40.76 -21.74
C GLU H 186 15.39 40.86 -20.74
N LEU H 187 15.23 39.80 -19.95
CA LEU H 187 14.25 39.75 -18.89
C LEU H 187 14.88 40.02 -17.53
N SER H 188 14.41 41.06 -16.87
CA SER H 188 14.81 41.45 -15.52
C SER H 188 13.69 41.17 -14.51
N CYS H 189 14.07 40.94 -13.24
CA CYS H 189 13.12 40.66 -12.15
C CYS H 189 13.49 41.46 -10.91
N GLN H 190 12.48 41.95 -10.19
CA GLN H 190 12.71 42.66 -8.93
C GLN H 190 11.85 42.02 -7.89
N LEU H 191 12.47 41.62 -6.77
CA LEU H 191 11.79 41.04 -5.64
C LEU H 191 11.71 42.03 -4.48
N TYR H 192 10.54 42.15 -3.85
CA TYR H 192 10.38 42.92 -2.62
C TYR H 192 10.36 41.92 -1.48
N GLN H 193 11.39 41.97 -0.64
CA GLN H 193 11.52 41.08 0.51
C GLN H 193 11.34 41.90 1.80
N ARG H 194 10.23 41.66 2.53
CA ARG H 194 9.89 42.37 3.78
C ARG H 194 10.85 42.10 4.95
N SER H 195 11.40 40.89 5.01
CA SER H 195 12.26 40.43 6.09
C SER H 195 13.43 39.67 5.48
N ALA H 196 14.64 40.11 5.79
CA ALA H 196 15.86 39.57 5.22
C ALA H 196 16.95 39.21 6.25
N ASP H 197 17.29 37.94 6.36
CA ASP H 197 18.38 37.53 7.22
C ASP H 197 19.59 37.33 6.30
N MET H 198 20.53 38.26 6.40
CA MET H 198 21.77 38.26 5.62
C MET H 198 22.56 36.98 5.85
N GLY H 199 22.69 36.60 7.13
CA GLY H 199 23.40 35.39 7.55
C GLY H 199 23.09 34.17 6.71
N LEU H 200 21.88 33.59 6.86
CA LEU H 200 21.49 32.39 6.16
C LEU H 200 20.44 32.55 5.03
N GLY H 201 19.48 33.44 5.24
CA GLY H 201 18.33 33.65 4.37
C GLY H 201 18.56 34.23 2.99
N VAL H 202 19.22 35.43 2.91
CA VAL H 202 19.46 36.25 1.71
C VAL H 202 20.21 35.49 0.58
N PRO H 203 21.32 34.71 0.80
CA PRO H 203 21.94 34.02 -0.33
C PRO H 203 21.01 33.06 -1.07
N PHE H 204 20.15 32.34 -0.32
CA PHE H 204 19.15 31.39 -0.82
C PHE H 204 18.09 32.11 -1.63
N ASN H 205 17.59 33.25 -1.08
CA ASN H 205 16.58 34.11 -1.71
C ASN H 205 17.03 34.66 -3.05
N ILE H 206 18.32 35.10 -3.17
CA ILE H 206 18.92 35.63 -4.42
C ILE H 206 18.87 34.59 -5.51
N ALA H 207 19.31 33.37 -5.18
CA ALA H 207 19.33 32.22 -6.07
C ALA H 207 17.91 31.78 -6.58
N SER H 208 16.89 31.70 -5.71
CA SER H 208 15.50 31.32 -6.08
C SER H 208 14.92 32.23 -7.18
N TYR H 209 15.07 33.54 -7.00
CA TYR H 209 14.48 34.47 -7.91
C TYR H 209 15.30 34.69 -9.15
N ALA H 210 16.61 34.45 -9.07
CA ALA H 210 17.49 34.50 -10.23
C ALA H 210 17.15 33.28 -11.09
N LEU H 211 16.87 32.13 -10.45
CA LEU H 211 16.49 30.88 -11.15
C LEU H 211 15.14 31.00 -11.83
N LEU H 212 14.17 31.60 -11.13
CA LEU H 212 12.84 31.91 -11.67
C LEU H 212 12.95 32.74 -12.95
N THR H 213 13.78 33.79 -12.94
CA THR H 213 14.05 34.67 -14.08
C THR H 213 14.63 33.90 -15.26
N TYR H 214 15.57 32.96 -15.00
CA TYR H 214 16.18 32.11 -16.01
C TYR H 214 15.13 31.23 -16.68
N MET H 215 14.23 30.65 -15.88
CA MET H 215 13.14 29.77 -16.33
C MET H 215 12.14 30.51 -17.17
N ILE H 216 11.66 31.66 -16.68
CA ILE H 216 10.71 32.52 -17.41
C ILE H 216 11.33 33.06 -18.72
N ALA H 217 12.61 33.49 -18.67
CA ALA H 217 13.34 33.95 -19.85
C ALA H 217 13.41 32.86 -20.92
N HIS H 218 13.61 31.62 -20.48
CA HIS H 218 13.69 30.43 -21.30
C HIS H 218 12.37 30.08 -22.05
N VAL H 219 11.23 30.22 -21.38
CA VAL H 219 9.92 29.89 -21.95
C VAL H 219 9.35 31.08 -22.74
N THR H 220 9.95 32.27 -22.59
CA THR H 220 9.48 33.46 -23.31
C THR H 220 10.44 33.90 -24.41
N ASP H 221 11.46 33.08 -24.73
CA ASP H 221 12.49 33.31 -25.75
C ASP H 221 13.28 34.62 -25.55
N LEU H 222 13.61 34.89 -24.29
CA LEU H 222 14.39 36.05 -23.88
C LEU H 222 15.65 35.59 -23.14
N LYS H 223 16.58 36.51 -22.91
CA LYS H 223 17.82 36.24 -22.20
C LYS H 223 17.71 36.86 -20.81
N PRO H 224 18.31 36.27 -19.75
CA PRO H 224 18.21 36.91 -18.43
C PRO H 224 19.00 38.23 -18.36
N GLY H 225 18.41 39.23 -17.70
CA GLY H 225 18.98 40.56 -17.55
C GLY H 225 19.58 40.75 -16.17
N ASP H 226 18.82 41.37 -15.28
CA ASP H 226 19.20 41.65 -13.89
C ASP H 226 18.22 41.08 -12.91
N PHE H 227 18.71 40.82 -11.67
CA PHE H 227 17.87 40.47 -10.56
C PHE H 227 18.08 41.60 -9.55
N VAL H 228 17.04 42.37 -9.29
CA VAL H 228 17.03 43.50 -8.35
C VAL H 228 16.40 43.00 -7.04
N HIS H 229 17.18 43.01 -5.98
CA HIS H 229 16.79 42.54 -4.67
C HIS H 229 16.55 43.72 -3.75
N THR H 230 15.27 44.00 -3.46
CA THR H 230 14.87 45.08 -2.58
C THR H 230 14.53 44.49 -1.22
N LEU H 231 15.05 45.08 -0.15
CA LEU H 231 14.83 44.62 1.23
C LEU H 231 14.12 45.63 2.11
N GLY H 232 13.27 45.13 3.01
CA GLY H 232 12.57 45.90 4.01
C GLY H 232 13.41 45.86 5.26
N ASP H 233 13.04 44.99 6.21
CA ASP H 233 13.82 44.83 7.45
C ASP H 233 14.99 43.88 7.17
N ALA H 234 16.18 44.46 6.88
CA ALA H 234 17.44 43.75 6.60
C ALA H 234 18.21 43.57 7.93
N HIS H 235 18.45 42.32 8.33
CA HIS H 235 19.06 42.03 9.64
C HIS H 235 20.04 40.88 9.74
N VAL H 236 20.81 40.88 10.82
CA VAL H 236 21.78 39.85 11.20
C VAL H 236 21.40 39.41 12.61
N TYR H 237 21.50 38.13 12.92
CA TYR H 237 21.23 37.64 14.26
C TYR H 237 22.46 37.88 15.11
N SER H 238 22.27 38.39 16.33
CA SER H 238 23.35 38.72 17.26
C SER H 238 24.33 37.56 17.53
N ASN H 239 23.79 36.33 17.61
CA ASN H 239 24.58 35.11 17.84
C ASN H 239 25.42 34.69 16.60
N HIS H 240 25.13 35.27 15.41
CA HIS H 240 25.82 34.99 14.14
C HIS H 240 26.91 36.01 13.82
N CYS H 241 27.04 37.07 14.64
CA CYS H 241 27.96 38.20 14.42
C CYS H 241 29.42 37.82 14.31
N GLU H 242 29.92 36.94 15.18
CA GLU H 242 31.32 36.50 15.08
C GLU H 242 31.59 35.74 13.76
N ALA H 243 30.67 34.84 13.36
CA ALA H 243 30.75 34.06 12.11
C ALA H 243 30.68 34.97 10.87
N LEU H 244 29.89 36.05 10.95
CA LEU H 244 29.77 37.03 9.87
C LEU H 244 31.07 37.85 9.73
N GLU H 245 31.74 38.16 10.86
CA GLU H 245 33.05 38.86 10.88
C GLU H 245 34.10 38.04 10.13
N GLU H 246 34.06 36.71 10.30
CA GLU H 246 34.94 35.76 9.62
C GLU H 246 34.63 35.72 8.11
N GLN H 247 33.32 35.77 7.75
CA GLN H 247 32.85 35.77 6.36
C GLN H 247 33.21 37.06 5.64
N LEU H 248 33.17 38.22 6.34
CA LEU H 248 33.52 39.53 5.77
C LEU H 248 34.98 39.61 5.33
N LYS H 249 35.86 38.82 5.98
CA LYS H 249 37.29 38.69 5.65
C LYS H 249 37.52 37.93 4.33
N ARG H 250 36.49 37.20 3.86
CA ARG H 250 36.54 36.41 2.63
C ARG H 250 36.36 37.25 1.36
N GLU H 251 37.05 36.85 0.29
CA GLU H 251 37.00 37.54 -0.99
C GLU H 251 36.05 36.77 -1.92
N PRO H 252 35.00 37.43 -2.49
CA PRO H 252 34.09 36.72 -3.40
C PRO H 252 34.83 36.10 -4.58
N ARG H 253 34.37 34.91 -5.00
CA ARG H 253 34.96 34.18 -6.12
C ARG H 253 34.05 34.33 -7.34
N PRO H 254 34.56 34.21 -8.59
CA PRO H 254 33.66 34.36 -9.75
C PRO H 254 32.44 33.46 -9.65
N PHE H 255 31.27 34.02 -9.92
CA PHE H 255 29.98 33.31 -9.86
C PHE H 255 29.92 32.13 -10.83
N PRO H 256 29.18 31.05 -10.50
CA PRO H 256 29.04 29.95 -11.47
C PRO H 256 28.19 30.34 -12.72
N SER H 257 28.13 29.44 -13.71
CA SER H 257 27.34 29.64 -14.91
C SER H 257 26.14 28.67 -14.89
N LEU H 258 25.04 29.06 -15.54
CA LEU H 258 23.83 28.27 -15.60
C LEU H 258 23.35 28.09 -17.03
N LYS H 259 23.07 26.84 -17.39
CA LYS H 259 22.56 26.41 -18.68
C LYS H 259 21.33 25.51 -18.47
N ILE H 260 20.34 25.67 -19.34
CA ILE H 260 19.15 24.83 -19.35
C ILE H 260 19.41 23.87 -20.52
N LYS H 261 19.71 22.59 -20.16
CA LYS H 261 20.11 21.48 -21.04
C LYS H 261 19.22 21.24 -22.26
N ARG H 262 17.90 21.41 -22.13
CA ARG H 262 16.95 21.18 -23.23
C ARG H 262 15.96 22.32 -23.41
N LYS H 263 15.21 22.31 -24.52
CA LYS H 263 14.16 23.30 -24.77
C LYS H 263 12.92 22.84 -24.00
N VAL H 264 12.53 23.62 -22.99
CA VAL H 264 11.38 23.39 -22.13
C VAL H 264 10.27 24.32 -22.63
N GLU H 265 9.12 23.73 -22.99
CA GLU H 265 7.99 24.41 -23.59
C GLU H 265 7.17 25.23 -22.60
N ASN H 266 6.78 24.63 -21.48
CA ASN H 266 5.98 25.25 -20.43
C ASN H 266 6.77 25.32 -19.09
N ILE H 267 6.46 26.34 -18.26
CA ILE H 267 7.11 26.59 -16.96
C ILE H 267 6.94 25.40 -15.98
N SER H 268 5.82 24.69 -16.09
CA SER H 268 5.47 23.52 -15.26
C SER H 268 6.26 22.26 -15.67
N ASP H 269 6.92 22.28 -16.85
CA ASP H 269 7.68 21.15 -17.40
C ASP H 269 9.16 21.08 -16.99
N PHE H 270 9.66 22.00 -16.14
CA PHE H 270 11.05 21.94 -15.68
C PHE H 270 11.26 20.87 -14.63
N LYS H 271 12.44 20.25 -14.65
CA LYS H 271 12.88 19.21 -13.74
C LYS H 271 14.25 19.64 -13.25
N PHE H 272 14.67 19.17 -12.05
CA PHE H 272 15.98 19.54 -11.49
C PHE H 272 17.12 19.23 -12.46
N GLU H 273 17.06 18.07 -13.13
CA GLU H 273 18.04 17.57 -14.09
C GLU H 273 18.22 18.45 -15.33
N ASP H 274 17.24 19.35 -15.61
CA ASP H 274 17.29 20.27 -16.76
C ASP H 274 18.33 21.38 -16.58
N PHE H 275 18.72 21.66 -15.32
CA PHE H 275 19.67 22.69 -14.95
C PHE H 275 21.11 22.19 -14.89
N GLU H 276 22.04 22.98 -15.44
CA GLU H 276 23.45 22.67 -15.51
C GLU H 276 24.25 23.82 -14.87
N LEU H 277 24.60 23.65 -13.58
CA LEU H 277 25.36 24.63 -12.81
C LEU H 277 26.84 24.30 -12.88
N ASP H 278 27.56 25.09 -13.69
CA ASP H 278 28.98 24.89 -13.92
C ASP H 278 29.85 25.90 -13.18
N GLY H 279 30.93 25.39 -12.58
CA GLY H 279 31.98 26.16 -11.91
C GLY H 279 31.62 26.81 -10.59
N TYR H 280 30.75 26.15 -9.79
CA TYR H 280 30.40 26.70 -8.47
C TYR H 280 31.52 26.36 -7.50
N LYS H 281 32.34 27.35 -7.17
CA LYS H 281 33.50 27.14 -6.31
C LYS H 281 33.42 28.03 -5.06
N PRO H 282 32.48 27.77 -4.11
CA PRO H 282 32.42 28.64 -2.93
C PRO H 282 33.44 28.35 -1.84
N HIS H 283 33.56 29.32 -0.90
CA HIS H 283 34.38 29.22 0.31
C HIS H 283 33.60 28.26 1.23
N PRO H 284 34.23 27.59 2.23
CA PRO H 284 33.45 26.69 3.10
C PRO H 284 32.22 27.30 3.75
N LYS H 285 31.23 26.45 4.07
CA LYS H 285 30.04 26.85 4.81
C LYS H 285 30.50 27.16 6.26
N ILE H 286 29.69 27.91 7.04
CA ILE H 286 30.10 28.22 8.41
C ILE H 286 28.91 28.33 9.36
N LYS H 287 29.11 27.81 10.59
CA LYS H 287 28.16 27.70 11.68
C LYS H 287 27.39 28.98 11.98
N MET H 288 26.07 28.93 11.72
CA MET H 288 25.13 30.02 12.01
C MET H 288 23.82 29.45 12.55
N MET I 4 19.31 -3.56 61.56
CA MET I 4 19.54 -2.15 61.30
C MET I 4 19.22 -1.79 59.84
N ARG I 5 19.81 -2.50 58.83
CA ARG I 5 19.56 -2.23 57.40
C ARG I 5 18.05 -2.46 57.09
N HIS I 6 17.41 -1.50 56.36
CA HIS I 6 15.98 -1.53 56.03
C HIS I 6 15.56 -2.82 55.40
N ASP I 7 14.46 -3.42 55.91
CA ASP I 7 13.92 -4.68 55.40
C ASP I 7 13.43 -4.58 53.95
N GLU I 8 12.96 -3.36 53.52
CA GLU I 8 12.51 -3.02 52.16
C GLU I 8 13.59 -3.31 51.12
N TYR I 9 14.90 -3.29 51.53
CA TYR I 9 16.05 -3.56 50.67
C TYR I 9 16.08 -4.95 50.07
N GLN I 10 15.39 -5.92 50.71
CA GLN I 10 15.27 -7.29 50.23
C GLN I 10 14.45 -7.27 48.95
N TYR I 11 13.40 -6.44 48.98
CA TYR I 11 12.45 -6.23 47.90
C TYR I 11 13.14 -5.50 46.75
N LEU I 12 13.88 -4.45 47.07
CA LEU I 12 14.61 -3.63 46.09
C LEU I 12 15.72 -4.41 45.40
N ASP I 13 16.54 -5.17 46.18
CA ASP I 13 17.62 -6.03 45.67
C ASP I 13 17.09 -7.12 44.71
N LEU I 14 15.90 -7.66 45.00
CA LEU I 14 15.28 -8.65 44.14
C LEU I 14 14.82 -8.06 42.79
N ILE I 15 14.16 -6.88 42.80
CA ILE I 15 13.76 -6.20 41.56
C ILE I 15 14.98 -6.01 40.67
N ARG I 16 16.07 -5.47 41.27
CA ARG I 16 17.37 -5.23 40.64
C ARG I 16 17.90 -6.52 40.03
N GLN I 17 17.94 -7.62 40.81
CA GLN I 17 18.41 -8.94 40.39
C GLN I 17 17.59 -9.51 39.20
N ILE I 18 16.24 -9.48 39.28
CA ILE I 18 15.30 -9.97 38.26
C ILE I 18 15.52 -9.22 36.94
N MET I 19 15.66 -7.89 37.01
CA MET I 19 15.81 -7.02 35.83
C MET I 19 17.13 -7.21 35.07
N ARG I 20 18.25 -7.40 35.81
CA ARG I 20 19.53 -7.60 35.17
C ARG I 20 19.84 -9.08 34.83
N THR I 21 19.26 -10.07 35.56
CA THR I 21 19.61 -11.48 35.25
C THR I 21 18.40 -12.44 35.04
N GLY I 22 17.18 -11.92 35.18
CA GLY I 22 15.96 -12.71 35.02
C GLY I 22 15.69 -13.24 33.62
N ASN I 23 14.72 -14.18 33.52
CA ASN I 23 14.30 -14.85 32.29
C ASN I 23 13.08 -14.18 31.64
N ARG I 24 13.27 -13.74 30.38
CA ARG I 24 12.22 -13.11 29.60
C ARG I 24 11.24 -14.13 29.02
N LYS I 25 9.93 -13.85 29.13
CA LYS I 25 8.83 -14.67 28.60
C LYS I 25 7.78 -13.65 28.05
N GLY I 26 7.65 -13.50 26.72
CA GLY I 26 6.75 -12.52 26.10
C GLY I 26 7.42 -11.23 25.58
N ASP I 27 6.85 -10.59 24.51
CA ASP I 27 7.37 -9.37 23.84
C ASP I 27 6.27 -8.50 23.12
N THR I 31 2.07 -7.29 26.79
CA THR I 31 3.51 -7.30 27.04
C THR I 31 3.91 -8.39 28.05
N GLY I 32 5.17 -8.81 27.96
CA GLY I 32 5.77 -9.86 28.76
C GLY I 32 6.34 -9.52 30.12
N THR I 33 6.98 -10.53 30.71
CA THR I 33 7.58 -10.52 32.04
C THR I 33 9.06 -10.88 31.95
N ILE I 34 9.78 -10.63 33.03
CA ILE I 34 11.17 -11.00 33.25
C ILE I 34 11.06 -11.65 34.62
N SER I 35 11.49 -12.92 34.79
CA SER I 35 11.29 -13.61 36.06
C SER I 35 12.47 -14.39 36.59
N MET I 36 12.34 -14.82 37.86
CA MET I 36 13.26 -15.67 38.59
C MET I 36 12.39 -16.64 39.42
N PHE I 37 12.94 -17.78 39.81
CA PHE I 37 12.19 -18.75 40.59
C PHE I 37 12.77 -19.00 41.97
N GLY I 38 11.97 -18.76 42.99
CA GLY I 38 12.37 -19.01 44.38
C GLY I 38 13.05 -17.84 45.05
N ALA I 39 12.37 -17.19 46.00
CA ALA I 39 12.94 -16.07 46.78
C ALA I 39 12.34 -16.07 48.18
N GLN I 40 13.01 -15.41 49.12
CA GLN I 40 12.56 -15.35 50.52
C GLN I 40 13.00 -14.07 51.20
N MET I 41 12.02 -13.35 51.78
CA MET I 41 12.20 -12.09 52.49
CA MET I 41 12.19 -12.09 52.50
C MET I 41 11.66 -12.25 53.91
N ARG I 42 12.22 -11.55 54.88
CA ARG I 42 11.78 -11.58 56.27
C ARG I 42 11.57 -10.14 56.70
N TYR I 43 10.38 -9.85 57.21
CA TYR I 43 10.00 -8.54 57.69
C TYR I 43 9.69 -8.62 59.17
N SER I 44 10.39 -7.82 59.97
CA SER I 44 10.14 -7.74 61.41
C SER I 44 8.81 -6.95 61.65
N LEU I 45 7.93 -7.46 62.55
CA LEU I 45 6.64 -6.84 62.93
C LEU I 45 6.70 -6.47 64.42
N ARG I 46 7.89 -6.52 64.99
CA ARG I 46 8.19 -6.23 66.41
C ARG I 46 8.18 -4.74 66.72
N ASP I 47 7.86 -4.39 68.00
CA ASP I 47 7.84 -3.03 68.56
C ASP I 47 6.86 -2.08 67.82
N GLY I 48 5.75 -2.63 67.34
CA GLY I 48 4.73 -1.88 66.63
C GLY I 48 5.02 -1.60 65.16
N ILE I 49 6.20 -2.04 64.64
CA ILE I 49 6.63 -1.83 63.25
C ILE I 49 5.71 -2.52 62.24
N PHE I 50 5.21 -1.78 61.25
CA PHE I 50 4.36 -2.32 60.20
C PHE I 50 5.05 -2.23 58.85
N PRO I 51 5.34 -3.37 58.17
CA PRO I 51 6.06 -3.31 56.89
C PRO I 51 5.24 -2.85 55.68
N LEU I 52 4.78 -1.58 55.70
CA LEU I 52 4.08 -0.99 54.57
C LEU I 52 5.17 -0.29 53.75
N LEU I 53 5.43 -0.80 52.52
CA LEU I 53 6.50 -0.33 51.65
C LEU I 53 6.51 1.19 51.42
N THR I 54 7.71 1.84 51.52
CA THR I 54 7.90 3.32 51.47
C THR I 54 8.53 3.91 50.19
N THR I 55 9.12 3.10 49.28
CA THR I 55 9.71 3.68 48.06
C THR I 55 8.63 4.04 47.03
N LYS I 56 7.38 3.65 47.29
CA LYS I 56 6.18 3.85 46.48
C LYS I 56 5.00 3.79 47.46
N ARG I 57 4.01 4.69 47.32
CA ARG I 57 2.84 4.65 48.20
C ARG I 57 1.97 3.41 47.91
N VAL I 58 1.58 2.67 48.99
CA VAL I 58 0.75 1.46 48.93
C VAL I 58 -0.65 1.85 49.39
N PHE I 59 -1.67 1.19 48.81
CA PHE I 59 -3.06 1.43 49.15
C PHE I 59 -3.44 0.71 50.45
N TRP I 60 -3.11 1.37 51.60
CA TRP I 60 -3.37 0.89 52.95
C TRP I 60 -4.83 0.53 53.18
N ARG I 61 -5.76 1.47 52.85
CA ARG I 61 -7.19 1.26 53.02
C ARG I 61 -7.67 0.07 52.21
N GLY I 62 -7.09 -0.10 51.01
CA GLY I 62 -7.37 -1.23 50.14
C GLY I 62 -7.05 -2.53 50.84
N VAL I 63 -5.78 -2.63 51.31
CA VAL I 63 -5.16 -3.74 52.05
C VAL I 63 -6.06 -4.15 53.20
N ALA I 64 -6.38 -3.20 54.11
CA ALA I 64 -7.17 -3.45 55.31
C ALA I 64 -8.61 -3.87 54.99
N GLU I 65 -9.29 -3.16 54.07
CA GLU I 65 -10.66 -3.51 53.66
C GLU I 65 -10.70 -4.91 53.01
N GLU I 66 -9.73 -5.27 52.17
CA GLU I 66 -9.68 -6.59 51.53
C GLU I 66 -9.47 -7.73 52.53
N LEU I 67 -8.67 -7.47 53.54
CA LEU I 67 -8.39 -8.49 54.53
C LEU I 67 -9.59 -8.71 55.44
N LEU I 68 -10.28 -7.63 55.81
CA LEU I 68 -11.49 -7.70 56.63
C LEU I 68 -12.65 -8.33 55.83
N TRP I 69 -12.52 -8.29 54.50
CA TRP I 69 -13.46 -8.82 53.53
C TRP I 69 -13.25 -10.30 53.37
N PHE I 70 -11.97 -10.80 53.46
CA PHE I 70 -11.55 -12.21 53.43
C PHE I 70 -11.99 -12.88 54.75
N VAL I 71 -11.73 -12.21 55.91
CA VAL I 71 -12.07 -12.68 57.27
C VAL I 71 -13.60 -12.90 57.38
N ARG I 72 -14.40 -12.01 56.76
CA ARG I 72 -15.86 -12.06 56.66
C ARG I 72 -16.33 -13.34 55.95
N GLY I 73 -15.45 -13.91 55.11
CA GLY I 73 -15.72 -15.09 54.30
C GLY I 73 -16.40 -14.72 52.98
N SER I 74 -16.32 -13.41 52.63
CA SER I 74 -16.95 -12.84 51.44
C SER I 74 -16.23 -13.17 50.13
N THR I 75 -17.02 -13.33 49.05
CA THR I 75 -16.61 -13.64 47.66
C THR I 75 -17.35 -12.67 46.69
N ASN I 76 -17.88 -11.56 47.27
CA ASN I 76 -18.64 -10.52 46.58
C ASN I 76 -17.82 -9.23 46.39
N ALA I 77 -17.41 -8.97 45.12
CA ALA I 77 -16.62 -7.82 44.71
C ALA I 77 -17.36 -6.48 44.92
N LYS I 78 -18.72 -6.51 44.94
CA LYS I 78 -19.56 -5.33 45.13
C LYS I 78 -19.41 -4.75 46.53
N GLU I 79 -19.10 -5.62 47.52
CA GLU I 79 -18.90 -5.22 48.92
C GLU I 79 -17.64 -4.36 49.06
N LEU I 80 -16.64 -4.58 48.18
CA LEU I 80 -15.40 -3.82 48.11
C LEU I 80 -15.62 -2.55 47.31
N GLN I 81 -16.28 -2.64 46.14
CA GLN I 81 -16.62 -1.51 45.26
C GLN I 81 -17.39 -0.44 46.02
N GLU I 82 -18.33 -0.86 46.89
CA GLU I 82 -19.13 0.07 47.66
C GLU I 82 -18.23 0.86 48.66
N LYS I 83 -17.04 0.30 49.06
CA LYS I 83 -16.03 0.97 49.90
C LYS I 83 -14.95 1.62 48.99
N ASP I 84 -15.24 1.79 47.69
CA ASP I 84 -14.40 2.38 46.63
C ASP I 84 -13.06 1.64 46.44
N ILE I 85 -13.11 0.30 46.59
CA ILE I 85 -11.97 -0.58 46.37
C ILE I 85 -12.29 -1.34 45.07
N HIS I 86 -11.46 -1.13 44.05
CA HIS I 86 -11.68 -1.71 42.71
C HIS I 86 -10.59 -2.72 42.30
N ILE I 87 -9.90 -3.29 43.28
CA ILE I 87 -8.81 -4.25 43.08
C ILE I 87 -9.31 -5.60 42.52
N TRP I 88 -10.60 -5.96 42.75
CA TRP I 88 -11.17 -7.21 42.26
C TRP I 88 -12.09 -7.04 41.05
N ASP I 89 -12.15 -5.81 40.45
CA ASP I 89 -12.98 -5.52 39.27
C ASP I 89 -12.44 -6.21 38.00
N ARG I 105 -22.73 -16.96 36.18
CA ARG I 105 -22.58 -16.48 37.56
C ARG I 105 -22.91 -15.00 37.64
N GLU I 106 -23.52 -14.56 38.77
CA GLU I 106 -23.97 -13.17 39.01
C GLU I 106 -22.80 -12.16 39.05
N GLU I 107 -23.10 -10.89 38.73
CA GLU I 107 -22.14 -9.78 38.71
C GLU I 107 -21.59 -9.55 40.12
N GLY I 108 -20.26 -9.54 40.23
CA GLY I 108 -19.56 -9.40 41.50
C GLY I 108 -19.09 -10.72 42.08
N ASP I 109 -19.79 -11.84 41.75
CA ASP I 109 -19.48 -13.19 42.21
C ASP I 109 -18.15 -13.69 41.65
N LEU I 110 -17.12 -13.77 42.51
CA LEU I 110 -15.76 -14.19 42.15
C LEU I 110 -15.48 -15.68 42.23
N GLY I 111 -16.46 -16.44 42.68
CA GLY I 111 -16.31 -17.88 42.87
C GLY I 111 -15.65 -18.19 44.19
N PRO I 112 -15.16 -19.43 44.38
CA PRO I 112 -14.58 -19.81 45.68
C PRO I 112 -13.15 -19.26 45.96
N VAL I 113 -13.06 -17.96 46.09
CA VAL I 113 -11.77 -17.29 46.34
C VAL I 113 -11.41 -17.29 47.86
N TYR I 114 -10.36 -16.53 48.28
CA TYR I 114 -9.75 -16.50 49.63
C TYR I 114 -10.72 -16.52 50.81
N GLY I 115 -11.70 -15.62 50.81
CA GLY I 115 -12.71 -15.56 51.85
C GLY I 115 -13.42 -16.88 52.06
N PHE I 116 -13.76 -17.60 50.95
CA PHE I 116 -14.44 -18.91 50.95
C PHE I 116 -13.54 -20.05 51.43
N GLN I 117 -12.30 -20.13 50.93
CA GLN I 117 -11.33 -21.16 51.30
C GLN I 117 -10.85 -21.05 52.75
N TRP I 118 -10.75 -19.82 53.31
CA TRP I 118 -10.29 -19.59 54.69
C TRP I 118 -11.33 -20.03 55.73
N ARG I 119 -12.62 -19.77 55.45
CA ARG I 119 -13.70 -20.06 56.40
C ARG I 119 -14.46 -21.34 56.10
N HIS I 120 -14.42 -21.85 54.84
CA HIS I 120 -15.20 -23.01 54.42
C HIS I 120 -14.49 -23.96 53.44
N PHE I 121 -13.20 -24.25 53.66
CA PHE I 121 -12.46 -25.13 52.74
C PHE I 121 -13.17 -26.50 52.54
N GLY I 122 -13.42 -26.86 51.29
CA GLY I 122 -13.99 -28.16 50.94
C GLY I 122 -15.49 -28.17 50.75
N ALA I 123 -16.19 -27.12 51.23
CA ALA I 123 -17.62 -27.00 51.09
C ALA I 123 -17.99 -26.78 49.63
N PRO I 124 -19.13 -27.33 49.11
CA PRO I 124 -19.47 -27.06 47.71
C PRO I 124 -19.87 -25.59 47.55
N TYR I 125 -19.26 -24.90 46.55
CA TYR I 125 -19.56 -23.49 46.30
C TYR I 125 -20.75 -23.37 45.38
N ALA I 126 -21.72 -22.55 45.80
CA ALA I 126 -22.93 -22.29 45.03
C ALA I 126 -22.80 -20.87 44.50
N ASP I 127 -23.00 -19.87 45.38
CA ASP I 127 -22.89 -18.45 45.04
C ASP I 127 -22.41 -17.59 46.26
N MET I 128 -22.18 -16.28 46.06
CA MET I 128 -21.74 -15.32 47.10
C MET I 128 -22.82 -15.02 48.18
N HIS I 129 -24.11 -15.30 47.89
CA HIS I 129 -25.23 -15.06 48.82
C HIS I 129 -25.54 -16.25 49.74
N THR I 130 -25.12 -17.47 49.34
CA THR I 130 -25.31 -18.73 50.09
C THR I 130 -24.72 -18.65 51.51
N ASP I 131 -25.51 -19.16 52.47
CA ASP I 131 -25.15 -19.26 53.88
C ASP I 131 -24.33 -20.54 54.05
N TYR I 132 -23.01 -20.38 54.22
CA TYR I 132 -22.08 -21.50 54.34
C TYR I 132 -21.74 -21.87 55.80
N THR I 133 -22.46 -21.29 56.77
CA THR I 133 -22.28 -21.54 58.20
C THR I 133 -22.22 -23.05 58.50
N GLY I 134 -21.13 -23.49 59.12
CA GLY I 134 -20.90 -24.89 59.46
C GLY I 134 -20.44 -25.80 58.33
N GLN I 135 -20.27 -25.25 57.11
CA GLN I 135 -19.85 -25.98 55.92
C GLN I 135 -18.37 -25.79 55.68
N GLY I 136 -17.69 -26.89 55.33
CA GLY I 136 -16.26 -26.94 55.11
C GLY I 136 -15.42 -26.71 56.35
N VAL I 137 -14.12 -26.56 56.16
CA VAL I 137 -13.16 -26.34 57.23
C VAL I 137 -12.90 -24.85 57.45
N ASP I 138 -13.17 -24.37 58.69
CA ASP I 138 -12.89 -23.00 59.07
C ASP I 138 -11.44 -22.99 59.55
N GLN I 139 -10.54 -22.86 58.57
CA GLN I 139 -9.09 -22.83 58.72
C GLN I 139 -8.60 -21.70 59.59
N LEU I 140 -9.20 -20.49 59.43
CA LEU I 140 -8.87 -19.29 60.19
C LEU I 140 -9.10 -19.52 61.70
N GLN I 141 -10.30 -20.00 62.08
CA GLN I 141 -10.63 -20.29 63.48
C GLN I 141 -9.82 -21.46 64.04
N GLN I 142 -9.49 -22.44 63.19
CA GLN I 142 -8.70 -23.60 63.56
C GLN I 142 -7.27 -23.17 63.94
N VAL I 143 -6.72 -22.21 63.16
CA VAL I 143 -5.40 -21.63 63.35
C VAL I 143 -5.32 -20.93 64.72
N ILE I 144 -6.35 -20.10 65.03
CA ILE I 144 -6.45 -19.34 66.29
C ILE I 144 -6.53 -20.27 67.49
N ASP I 145 -7.37 -21.31 67.42
CA ASP I 145 -7.54 -22.32 68.47
C ASP I 145 -6.23 -23.06 68.73
N THR I 146 -5.49 -23.43 67.65
CA THR I 146 -4.21 -24.14 67.74
C THR I 146 -3.14 -23.24 68.38
N ILE I 147 -3.07 -21.96 67.98
CA ILE I 147 -2.10 -21.02 68.56
C ILE I 147 -2.32 -20.90 70.10
N LYS I 148 -3.60 -20.83 70.51
CA LYS I 148 -4.02 -20.74 71.91
C LYS I 148 -3.77 -22.00 72.75
N ASN I 149 -4.19 -23.18 72.24
CA ASN I 149 -4.13 -24.46 72.94
C ASN I 149 -2.80 -25.22 72.78
N ASN I 150 -2.20 -25.23 71.57
CA ASN I 150 -0.91 -25.89 71.35
C ASN I 150 -0.01 -25.02 70.47
N PRO I 151 0.59 -23.94 71.04
CA PRO I 151 1.45 -23.03 70.23
C PRO I 151 2.68 -23.64 69.55
N ASP I 152 3.18 -24.79 70.07
CA ASP I 152 4.36 -25.47 69.54
C ASP I 152 4.07 -26.34 68.30
N ASP I 153 2.78 -26.52 67.95
CA ASP I 153 2.28 -27.29 66.80
C ASP I 153 2.91 -26.80 65.49
N ARG I 154 3.35 -27.76 64.65
CA ARG I 154 4.02 -27.45 63.38
C ARG I 154 3.09 -27.63 62.17
N ARG I 155 1.76 -27.66 62.41
CA ARG I 155 0.73 -27.81 61.40
C ARG I 155 -0.27 -26.65 61.41
N ILE I 156 0.16 -25.46 61.90
CA ILE I 156 -0.69 -24.26 61.95
C ILE I 156 -0.71 -23.65 60.53
N ILE I 157 -1.50 -24.27 59.64
CA ILE I 157 -1.60 -23.90 58.22
C ILE I 157 -3.03 -23.49 57.82
N MET I 158 -3.11 -22.48 56.93
CA MET I 158 -4.32 -22.00 56.27
C MET I 158 -3.98 -22.06 54.78
N CYS I 159 -4.70 -22.90 54.04
CA CYS I 159 -4.47 -23.20 52.64
C CYS I 159 -5.60 -22.69 51.75
N ALA I 160 -5.30 -21.81 50.81
CA ALA I 160 -6.28 -21.28 49.87
C ALA I 160 -6.19 -22.02 48.52
N TRP I 161 -5.05 -22.71 48.26
CA TRP I 161 -4.88 -23.47 47.04
C TRP I 161 -5.69 -24.75 47.14
N ASN I 162 -6.82 -24.77 46.40
CA ASN I 162 -7.72 -25.90 46.34
C ASN I 162 -7.75 -26.44 44.90
N PRO I 163 -7.00 -27.56 44.61
CA PRO I 163 -7.01 -28.14 43.24
C PRO I 163 -8.41 -28.40 42.66
N VAL I 164 -9.38 -28.74 43.53
CA VAL I 164 -10.76 -29.00 43.10
C VAL I 164 -11.50 -27.70 42.70
N ASP I 165 -11.34 -26.63 43.49
CA ASP I 165 -12.03 -25.36 43.28
C ASP I 165 -11.28 -24.38 42.39
N VAL I 166 -9.96 -24.57 42.10
CA VAL I 166 -9.18 -23.63 41.28
C VAL I 166 -9.84 -23.42 39.87
N PRO I 167 -10.35 -24.45 39.13
CA PRO I 167 -11.06 -24.14 37.86
C PRO I 167 -12.38 -23.33 37.99
N LYS I 168 -13.00 -23.34 39.18
CA LYS I 168 -14.25 -22.64 39.51
C LYS I 168 -14.02 -21.16 39.92
N MET I 169 -12.76 -20.80 40.22
CA MET I 169 -12.39 -19.46 40.67
C MET I 169 -12.13 -18.53 39.49
N ALA I 170 -12.52 -17.23 39.64
CA ALA I 170 -12.30 -16.20 38.62
C ALA I 170 -10.78 -16.13 38.28
N LEU I 171 -9.93 -16.10 39.33
CA LEU I 171 -8.48 -16.10 39.23
C LEU I 171 -7.93 -17.12 40.21
N PRO I 172 -6.99 -18.01 39.81
CA PRO I 172 -6.42 -18.97 40.78
C PRO I 172 -5.63 -18.23 41.86
N PRO I 173 -5.67 -18.66 43.15
CA PRO I 173 -5.01 -17.88 44.20
C PRO I 173 -3.50 -17.82 44.08
N CYS I 174 -2.92 -16.59 44.20
CA CYS I 174 -1.48 -16.33 44.18
C CYS I 174 -0.90 -16.76 45.53
N HIS I 175 -1.67 -16.57 46.60
CA HIS I 175 -1.30 -16.87 47.99
C HIS I 175 -1.83 -18.26 48.31
N CYS I 176 -0.99 -19.27 48.03
CA CYS I 176 -1.28 -20.69 48.15
C CYS I 176 -1.59 -21.14 49.56
N LEU I 177 -0.70 -20.84 50.49
CA LEU I 177 -0.85 -21.17 51.90
C LEU I 177 0.00 -20.27 52.78
N CYS I 178 -0.34 -20.25 54.06
CA CYS I 178 0.43 -19.55 55.06
C CYS I 178 0.53 -20.40 56.33
N GLN I 179 1.69 -20.36 56.99
CA GLN I 179 1.93 -21.11 58.18
C GLN I 179 2.24 -20.15 59.33
N PHE I 180 1.85 -20.52 60.56
CA PHE I 180 2.09 -19.74 61.76
C PHE I 180 3.01 -20.46 62.69
N TYR I 181 3.78 -19.67 63.47
CA TYR I 181 4.79 -20.12 64.39
C TYR I 181 4.79 -19.26 65.65
N VAL I 182 4.94 -19.90 66.82
CA VAL I 182 4.97 -19.25 68.12
C VAL I 182 6.27 -19.56 68.86
N ALA I 183 7.03 -18.51 69.24
CA ALA I 183 8.27 -18.60 70.01
C ALA I 183 8.55 -17.28 70.67
N ASN I 184 8.97 -17.34 71.94
CA ASN I 184 9.32 -16.19 72.79
C ASN I 184 8.18 -15.17 72.91
N GLY I 185 6.95 -15.68 73.04
CA GLY I 185 5.73 -14.88 73.14
C GLY I 185 5.38 -14.15 71.85
N GLU I 186 6.00 -14.55 70.72
CA GLU I 186 5.81 -13.91 69.42
C GLU I 186 5.18 -14.81 68.39
N LEU I 187 4.23 -14.21 67.61
CA LEU I 187 3.55 -14.89 66.51
C LEU I 187 4.21 -14.47 65.19
N SER I 188 4.74 -15.47 64.44
CA SER I 188 5.36 -15.31 63.11
C SER I 188 4.49 -16.00 62.06
N CYS I 189 4.53 -15.49 60.83
CA CYS I 189 3.76 -16.02 59.70
C CYS I 189 4.64 -16.20 58.47
N GLN I 190 4.43 -17.29 57.72
CA GLN I 190 5.14 -17.49 56.45
C GLN I 190 4.11 -17.71 55.37
N LEU I 191 4.19 -16.92 54.28
CA LEU I 191 3.30 -17.03 53.15
C LEU I 191 4.04 -17.66 51.97
N TYR I 192 3.41 -18.64 51.29
CA TYR I 192 3.93 -19.19 50.06
C TYR I 192 3.15 -18.53 48.93
N GLN I 193 3.83 -17.70 48.13
CA GLN I 193 3.22 -17.02 47.01
C GLN I 193 3.76 -17.60 45.71
N ARG I 194 2.92 -18.30 44.95
CA ARG I 194 3.29 -18.98 43.69
C ARG I 194 3.65 -18.05 42.55
N SER I 195 3.02 -16.88 42.52
CA SER I 195 3.18 -15.86 41.48
C SER I 195 3.25 -14.50 42.15
N ALA I 196 4.35 -13.78 41.94
CA ALA I 196 4.56 -12.48 42.56
C ALA I 196 5.01 -11.37 41.59
N ASP I 197 4.12 -10.39 41.30
CA ASP I 197 4.45 -9.22 40.48
C ASP I 197 5.09 -8.27 41.48
N MET I 198 6.39 -8.06 41.33
CA MET I 198 7.20 -7.22 42.19
C MET I 198 6.81 -5.76 42.15
N GLY I 199 6.32 -5.32 41.00
CA GLY I 199 5.87 -3.96 40.79
C GLY I 199 4.72 -3.55 41.69
N LEU I 200 3.50 -3.91 41.32
CA LEU I 200 2.30 -3.49 42.05
C LEU I 200 1.81 -4.48 43.10
N GLY I 201 1.93 -5.77 42.82
CA GLY I 201 1.44 -6.86 43.67
C GLY I 201 2.08 -7.07 45.02
N VAL I 202 3.39 -7.38 45.05
CA VAL I 202 4.12 -7.73 46.27
C VAL I 202 3.98 -6.73 47.44
N PRO I 203 4.10 -5.37 47.27
CA PRO I 203 3.93 -4.47 48.44
C PRO I 203 2.59 -4.61 49.14
N PHE I 204 1.53 -4.81 48.37
CA PHE I 204 0.18 -5.03 48.86
C PHE I 204 0.13 -6.37 49.61
N ASN I 205 0.76 -7.40 49.01
CA ASN I 205 0.86 -8.75 49.60
C ASN I 205 1.66 -8.76 50.89
N ILE I 206 2.69 -7.87 51.05
CA ILE I 206 3.44 -7.85 52.29
C ILE I 206 2.54 -7.34 53.42
N ALA I 207 1.82 -6.27 53.14
CA ALA I 207 0.94 -5.63 54.09
C ALA I 207 -0.23 -6.52 54.53
N SER I 208 -0.84 -7.23 53.58
CA SER I 208 -1.99 -8.11 53.88
C SER I 208 -1.68 -9.17 54.95
N TYR I 209 -0.57 -9.88 54.78
CA TYR I 209 -0.22 -10.97 55.67
C TYR I 209 0.43 -10.49 56.94
N ALA I 210 1.04 -9.30 56.92
CA ALA I 210 1.58 -8.67 58.13
C ALA I 210 0.39 -8.29 59.01
N LEU I 211 -0.66 -7.67 58.38
CA LEU I 211 -1.87 -7.22 59.07
C LEU I 211 -2.62 -8.39 59.69
N LEU I 212 -2.71 -9.51 58.95
CA LEU I 212 -3.32 -10.73 59.42
C LEU I 212 -2.62 -11.21 60.70
N THR I 213 -1.24 -11.21 60.72
CA THR I 213 -0.38 -11.59 61.86
C THR I 213 -0.59 -10.68 63.08
N TYR I 214 -0.86 -9.37 62.85
CA TYR I 214 -1.19 -8.39 63.91
C TYR I 214 -2.54 -8.70 64.53
N MET I 215 -3.53 -9.06 63.70
CA MET I 215 -4.89 -9.40 64.12
C MET I 215 -4.91 -10.70 64.91
N ILE I 216 -4.28 -11.74 64.37
CA ILE I 216 -4.21 -13.06 65.03
C ILE I 216 -3.43 -12.96 66.35
N ALA I 217 -2.28 -12.21 66.36
CA ALA I 217 -1.46 -11.94 67.54
C ALA I 217 -2.38 -11.42 68.65
N HIS I 218 -3.00 -10.25 68.40
CA HIS I 218 -3.95 -9.55 69.24
C HIS I 218 -4.93 -10.48 69.94
N VAL I 219 -5.80 -11.18 69.16
CA VAL I 219 -6.84 -12.04 69.70
C VAL I 219 -6.29 -13.37 70.33
N THR I 220 -4.98 -13.73 70.15
CA THR I 220 -4.36 -14.93 70.77
C THR I 220 -3.39 -14.57 71.92
N ASP I 221 -3.35 -13.28 72.31
CA ASP I 221 -2.54 -12.73 73.40
C ASP I 221 -1.03 -12.97 73.20
N LEU I 222 -0.60 -12.87 71.93
CA LEU I 222 0.79 -13.00 71.50
C LEU I 222 1.17 -11.69 70.84
N LYS I 223 2.49 -11.40 70.70
CA LYS I 223 3.03 -10.18 70.07
C LYS I 223 3.49 -10.55 68.64
N PRO I 224 3.35 -9.68 67.63
CA PRO I 224 3.85 -10.05 66.28
C PRO I 224 5.38 -10.22 66.22
N GLY I 225 5.84 -11.26 65.52
CA GLY I 225 7.26 -11.59 65.36
C GLY I 225 7.79 -11.15 64.00
N ASP I 226 7.84 -12.10 63.07
CA ASP I 226 8.33 -11.93 61.71
C ASP I 226 7.33 -12.38 60.68
N PHE I 227 7.34 -11.70 59.51
CA PHE I 227 6.56 -12.10 58.36
C PHE I 227 7.56 -12.57 57.35
N VAL I 228 7.49 -13.86 57.01
CA VAL I 228 8.39 -14.45 56.03
C VAL I 228 7.62 -14.57 54.72
N HIS I 229 8.18 -13.99 53.67
CA HIS I 229 7.56 -13.95 52.37
C HIS I 229 8.34 -14.82 51.42
N THR I 230 7.79 -16.01 51.09
CA THR I 230 8.39 -16.96 50.16
C THR I 230 7.73 -16.81 48.81
N LEU I 231 8.55 -16.72 47.74
CA LEU I 231 8.04 -16.53 46.38
C LEU I 231 8.40 -17.66 45.45
N GLY I 232 7.49 -17.99 44.54
CA GLY I 232 7.68 -18.98 43.50
C GLY I 232 8.18 -18.24 42.29
N ASP I 233 7.28 -17.97 41.34
CA ASP I 233 7.60 -17.19 40.14
C ASP I 233 7.54 -15.69 40.49
N ALA I 234 8.73 -15.11 40.81
CA ALA I 234 8.93 -13.72 41.15
C ALA I 234 9.26 -12.96 39.84
N HIS I 235 8.31 -12.12 39.34
CA HIS I 235 8.47 -11.41 38.07
C HIS I 235 8.25 -9.91 38.14
N VAL I 236 8.65 -9.22 37.07
CA VAL I 236 8.43 -7.79 36.80
C VAL I 236 7.85 -7.76 35.38
N TYR I 237 6.87 -6.87 35.13
CA TYR I 237 6.34 -6.67 33.79
C TYR I 237 7.29 -5.77 33.05
N SER I 238 7.61 -6.13 31.79
CA SER I 238 8.56 -5.40 30.92
C SER I 238 8.23 -3.91 30.80
N ASN I 239 6.93 -3.58 30.72
CA ASN I 239 6.46 -2.19 30.60
C ASN I 239 6.62 -1.37 31.91
N HIS I 240 6.89 -2.06 33.04
CA HIS I 240 7.10 -1.44 34.35
C HIS I 240 8.58 -1.20 34.68
N CYS I 241 9.50 -1.69 33.84
CA CYS I 241 10.96 -1.63 34.04
C CYS I 241 11.52 -0.21 34.18
N GLU I 242 11.05 0.76 33.37
CA GLU I 242 11.51 2.15 33.45
C GLU I 242 11.16 2.76 34.82
N ALA I 243 9.91 2.53 35.27
CA ALA I 243 9.37 3.00 36.54
C ALA I 243 10.08 2.37 37.73
N LEU I 244 10.42 1.08 37.63
CA LEU I 244 11.13 0.36 38.68
C LEU I 244 12.59 0.85 38.83
N GLU I 245 13.25 1.21 37.72
CA GLU I 245 14.61 1.78 37.73
C GLU I 245 14.64 3.12 38.50
N GLU I 246 13.57 3.93 38.36
CA GLU I 246 13.38 5.19 39.07
C GLU I 246 13.17 4.92 40.58
N GLN I 247 12.45 3.85 40.92
CA GLN I 247 12.17 3.50 42.30
C GLN I 247 13.41 2.98 43.03
N LEU I 248 14.28 2.24 42.30
CA LEU I 248 15.51 1.67 42.86
C LEU I 248 16.46 2.78 43.34
N LYS I 249 16.33 3.99 42.75
CA LYS I 249 17.10 5.20 43.09
C LYS I 249 16.60 5.84 44.42
N ARG I 250 15.46 5.34 44.96
CA ARG I 250 14.83 5.86 46.18
C ARG I 250 15.35 5.14 47.42
N GLU I 251 15.50 5.91 48.49
CA GLU I 251 15.97 5.39 49.76
C GLU I 251 14.76 5.01 50.64
N PRO I 252 14.64 3.75 51.12
CA PRO I 252 13.49 3.41 51.99
C PRO I 252 13.46 4.29 53.25
N ARG I 253 12.25 4.62 53.67
CA ARG I 253 12.04 5.47 54.84
C ARG I 253 11.61 4.58 56.00
N PRO I 254 11.83 4.95 57.28
CA PRO I 254 11.37 4.05 58.36
C PRO I 254 9.90 3.70 58.23
N PHE I 255 9.60 2.42 58.41
CA PHE I 255 8.24 1.87 58.29
C PHE I 255 7.28 2.52 59.34
N PRO I 256 5.94 2.64 59.08
CA PRO I 256 5.05 3.17 60.12
C PRO I 256 4.86 2.22 61.32
N SER I 257 4.12 2.68 62.34
CA SER I 257 3.74 1.80 63.44
C SER I 257 2.23 1.51 63.35
N LEU I 258 1.80 0.38 63.90
CA LEU I 258 0.40 0.00 63.92
C LEU I 258 0.00 -0.39 65.36
N LYS I 259 -1.09 0.22 65.80
CA LYS I 259 -1.71 0.00 67.10
C LYS I 259 -3.16 -0.43 66.87
N ILE I 260 -3.63 -1.40 67.67
CA ILE I 260 -5.03 -1.81 67.66
C ILE I 260 -5.66 -1.07 68.85
N LYS I 261 -6.47 -0.03 68.50
CA LYS I 261 -7.13 0.93 69.39
C LYS I 261 -7.89 0.34 70.57
N ARG I 262 -8.57 -0.81 70.38
CA ARG I 262 -9.33 -1.46 71.46
C ARG I 262 -9.04 -2.95 71.56
N LYS I 263 -9.47 -3.59 72.67
CA LYS I 263 -9.31 -5.03 72.85
C LYS I 263 -10.42 -5.71 72.05
N VAL I 264 -10.03 -6.43 70.99
CA VAL I 264 -10.93 -7.15 70.09
C VAL I 264 -10.85 -8.62 70.52
N GLU I 265 -11.99 -9.22 70.88
CA GLU I 265 -12.09 -10.59 71.35
C GLU I 265 -11.91 -11.66 70.26
N ASN I 266 -12.64 -11.53 69.13
CA ASN I 266 -12.60 -12.45 67.99
C ASN I 266 -12.13 -11.74 66.71
N ILE I 267 -11.44 -12.43 65.77
CA ILE I 267 -10.96 -11.84 64.51
C ILE I 267 -12.10 -11.22 63.68
N SER I 268 -13.26 -11.91 63.67
CA SER I 268 -14.44 -11.47 62.92
C SER I 268 -14.99 -10.14 63.43
N ASP I 269 -14.60 -9.72 64.65
CA ASP I 269 -15.07 -8.50 65.32
C ASP I 269 -14.26 -7.22 65.01
N PHE I 270 -13.22 -7.31 64.20
CA PHE I 270 -12.38 -6.17 63.82
C PHE I 270 -13.11 -5.32 62.77
N LYS I 271 -12.94 -4.00 62.87
CA LYS I 271 -13.45 -3.02 61.92
C LYS I 271 -12.24 -2.14 61.59
N PHE I 272 -12.24 -1.50 60.39
CA PHE I 272 -11.15 -0.63 59.89
C PHE I 272 -10.73 0.45 60.89
N GLU I 273 -11.74 0.93 61.64
CA GLU I 273 -11.62 1.99 62.63
C GLU I 273 -10.81 1.56 63.82
N ASP I 274 -10.61 0.23 64.02
CA ASP I 274 -9.79 -0.28 65.12
C ASP I 274 -8.29 -0.12 64.83
N PHE I 275 -7.93 0.04 63.53
CA PHE I 275 -6.55 0.16 63.08
C PHE I 275 -5.98 1.55 63.22
N GLU I 276 -4.72 1.61 63.69
CA GLU I 276 -4.00 2.86 63.91
C GLU I 276 -2.58 2.88 63.25
N LEU I 277 -2.56 3.08 61.91
CA LEU I 277 -1.36 3.20 61.09
C LEU I 277 -0.78 4.59 61.28
N ASP I 278 0.32 4.69 62.06
CA ASP I 278 0.91 5.98 62.37
C ASP I 278 2.31 6.17 61.78
N GLY I 279 2.56 7.36 61.23
CA GLY I 279 3.86 7.70 60.66
C GLY I 279 4.20 7.09 59.31
N TYR I 280 3.17 6.79 58.47
CA TYR I 280 3.41 6.27 57.13
C TYR I 280 3.76 7.46 56.24
N LYS I 281 5.05 7.58 55.91
CA LYS I 281 5.56 8.68 55.10
C LYS I 281 6.26 8.13 53.84
N PRO I 282 5.51 7.61 52.84
CA PRO I 282 6.19 7.06 51.65
C PRO I 282 6.60 8.11 50.61
N HIS I 283 7.42 7.67 49.65
CA HIS I 283 7.83 8.42 48.48
C HIS I 283 6.58 8.44 47.56
N PRO I 284 6.45 9.36 46.57
CA PRO I 284 5.24 9.35 45.73
C PRO I 284 4.93 8.03 44.98
N LYS I 285 3.65 7.87 44.57
CA LYS I 285 3.20 6.73 43.77
C LYS I 285 3.86 6.83 42.38
N ILE I 286 4.13 5.66 41.75
CA ILE I 286 4.69 5.60 40.40
C ILE I 286 3.70 4.83 39.53
N LYS I 287 3.38 5.38 38.34
CA LYS I 287 2.46 4.77 37.39
C LYS I 287 3.02 3.49 36.78
N MET I 288 2.31 2.35 36.97
CA MET I 288 2.68 1.03 36.44
C MET I 288 1.47 0.34 35.81
N ARG J 5 31.19 -21.99 46.36
CA ARG J 5 31.00 -22.68 47.64
C ARG J 5 29.93 -23.79 47.55
N HIS J 6 30.26 -25.04 48.01
CA HIS J 6 29.42 -26.26 47.97
C HIS J 6 28.00 -26.10 48.53
N ASP J 7 26.98 -26.51 47.77
CA ASP J 7 25.55 -26.40 48.13
C ASP J 7 25.22 -26.90 49.56
N GLU J 8 25.90 -27.97 50.02
CA GLU J 8 25.66 -28.54 51.34
C GLU J 8 25.94 -27.59 52.50
N TYR J 9 26.83 -26.56 52.31
CA TYR J 9 27.11 -25.58 53.36
C TYR J 9 25.83 -24.81 53.80
N GLN J 10 24.78 -24.72 52.94
CA GLN J 10 23.49 -24.06 53.28
C GLN J 10 22.77 -24.86 54.40
N TYR J 11 22.80 -26.19 54.26
CA TYR J 11 22.24 -27.17 55.18
C TYR J 11 23.02 -27.15 56.52
N LEU J 12 24.36 -27.16 56.43
CA LEU J 12 25.27 -27.12 57.58
C LEU J 12 25.17 -25.79 58.35
N ASP J 13 25.12 -24.65 57.63
CA ASP J 13 25.01 -23.33 58.21
C ASP J 13 23.71 -23.15 58.97
N LEU J 14 22.63 -23.76 58.46
CA LEU J 14 21.34 -23.70 59.11
C LEU J 14 21.33 -24.49 60.41
N ILE J 15 21.83 -25.73 60.39
CA ILE J 15 22.00 -26.56 61.61
C ILE J 15 22.75 -25.76 62.70
N ARG J 16 23.91 -25.19 62.34
CA ARG J 16 24.75 -24.31 63.17
C ARG J 16 23.93 -23.16 63.74
N GLN J 17 23.21 -22.43 62.88
CA GLN J 17 22.37 -21.28 63.23
C GLN J 17 21.24 -21.67 64.21
N ILE J 18 20.58 -22.83 63.98
CA ILE J 18 19.51 -23.36 64.84
C ILE J 18 20.05 -23.71 66.23
N MET J 19 21.15 -24.50 66.30
CA MET J 19 21.74 -24.91 67.58
C MET J 19 22.29 -23.75 68.42
N ARG J 20 22.72 -22.66 67.77
CA ARG J 20 23.26 -21.46 68.38
C ARG J 20 22.18 -20.43 68.79
N THR J 21 21.23 -20.07 67.88
CA THR J 21 20.23 -19.03 68.15
C THR J 21 18.73 -19.50 68.17
N GLY J 22 18.48 -20.77 67.93
CA GLY J 22 17.14 -21.34 67.89
C GLY J 22 16.38 -21.34 69.20
N ASN J 23 15.07 -21.62 69.10
CA ASN J 23 14.12 -21.63 70.21
C ASN J 23 13.87 -23.03 70.77
N ARG J 24 14.12 -23.19 72.08
CA ARG J 24 13.91 -24.44 72.77
C ARG J 24 12.41 -24.66 73.08
N LYS J 25 11.92 -25.89 72.81
CA LYS J 25 10.53 -26.31 73.03
C LYS J 25 10.51 -27.76 73.51
N GLY J 26 9.53 -28.11 74.35
CA GLY J 26 9.33 -29.45 74.88
C GLY J 26 10.46 -30.02 75.73
N ASP J 27 10.59 -31.37 75.74
CA ASP J 27 11.60 -32.08 76.51
C ASP J 27 13.02 -32.06 75.92
N THR J 31 10.18 -36.34 72.81
CA THR J 31 11.24 -35.45 73.28
C THR J 31 11.24 -34.14 72.42
N GLY J 32 11.85 -33.09 72.99
CA GLY J 32 11.93 -31.73 72.47
C GLY J 32 12.92 -31.42 71.37
N THR J 33 12.83 -30.18 70.84
CA THR J 33 13.65 -29.67 69.72
C THR J 33 14.19 -28.25 69.97
N ILE J 34 15.09 -27.77 69.06
CA ILE J 34 15.60 -26.40 68.98
C ILE J 34 15.09 -26.02 67.60
N SER J 35 14.45 -24.86 67.46
CA SER J 35 13.85 -24.49 66.16
C SER J 35 14.11 -23.08 65.71
N MET J 36 13.85 -22.87 64.41
CA MET J 36 13.88 -21.57 63.76
C MET J 36 12.74 -21.58 62.75
N PHE J 37 12.21 -20.41 62.39
CA PHE J 37 11.11 -20.36 61.45
C PHE J 37 11.44 -19.64 60.17
N GLY J 38 11.33 -20.33 59.06
CA GLY J 38 11.57 -19.78 57.72
C GLY J 38 12.99 -19.86 57.25
N ALA J 39 13.23 -20.67 56.21
CA ALA J 39 14.55 -20.84 55.57
C ALA J 39 14.38 -21.22 54.11
N GLN J 40 15.46 -21.08 53.32
CA GLN J 40 15.45 -21.39 51.89
C GLN J 40 16.84 -21.74 51.38
N MET J 41 16.95 -22.94 50.75
CA MET J 41 18.18 -23.44 50.12
C MET J 41 17.92 -23.64 48.63
N ARG J 42 18.97 -23.56 47.82
CA ARG J 42 18.89 -23.79 46.38
C ARG J 42 19.99 -24.78 46.04
N TYR J 43 19.60 -25.87 45.38
CA TYR J 43 20.49 -26.94 44.96
C TYR J 43 20.44 -27.03 43.45
N SER J 44 21.59 -26.84 42.79
CA SER J 44 21.70 -26.98 41.34
C SER J 44 21.59 -28.50 40.99
N LEU J 45 20.73 -28.83 40.00
CA LEU J 45 20.55 -30.21 39.49
C LEU J 45 21.11 -30.30 38.05
N ARG J 46 21.87 -29.27 37.63
CA ARG J 46 22.46 -29.14 36.31
C ARG J 46 23.67 -30.02 36.12
N ASP J 47 23.96 -30.40 34.85
CA ASP J 47 25.11 -31.21 34.41
C ASP J 47 25.17 -32.61 35.05
N GLY J 48 24.00 -33.18 35.36
CA GLY J 48 23.90 -34.50 35.97
C GLY J 48 24.10 -34.53 37.48
N ILE J 49 24.38 -33.37 38.10
CA ILE J 49 24.59 -33.24 39.55
C ILE J 49 23.35 -33.63 40.35
N PHE J 50 23.54 -34.55 41.31
CA PHE J 50 22.46 -34.97 42.19
C PHE J 50 22.77 -34.57 43.63
N PRO J 51 21.95 -33.70 44.25
CA PRO J 51 22.24 -33.27 45.62
C PRO J 51 21.92 -34.29 46.71
N LEU J 52 22.62 -35.43 46.66
CA LEU J 52 22.51 -36.41 47.74
C LEU J 52 23.61 -35.96 48.73
N LEU J 53 23.24 -35.49 49.94
CA LEU J 53 24.15 -34.92 50.95
C LEU J 53 25.20 -35.94 51.38
N THR J 54 26.42 -35.42 51.60
CA THR J 54 27.62 -36.19 51.84
C THR J 54 28.21 -36.15 53.27
N THR J 55 27.75 -35.25 54.17
CA THR J 55 28.34 -35.23 55.53
C THR J 55 27.78 -36.35 56.41
N LYS J 56 26.82 -37.09 55.89
CA LYS J 56 26.11 -38.21 56.50
C LYS J 56 25.48 -39.00 55.35
N ARG J 57 25.59 -40.34 55.39
CA ARG J 57 25.02 -41.18 54.33
C ARG J 57 23.49 -41.14 54.35
N VAL J 58 22.88 -40.90 53.18
CA VAL J 58 21.42 -40.88 52.97
C VAL J 58 21.01 -42.21 52.33
N PHE J 59 19.84 -42.75 52.71
CA PHE J 59 19.31 -44.01 52.20
C PHE J 59 18.70 -43.83 50.82
N TRP J 60 19.58 -43.87 49.77
CA TRP J 60 19.22 -43.67 48.36
C TRP J 60 18.08 -44.56 47.88
N ARG J 61 18.18 -45.88 48.13
CA ARG J 61 17.16 -46.85 47.73
C ARG J 61 15.79 -46.54 48.35
N GLY J 62 15.78 -46.12 49.63
CA GLY J 62 14.60 -45.67 50.34
C GLY J 62 13.96 -44.46 49.68
N VAL J 63 14.79 -43.47 49.30
CA VAL J 63 14.38 -42.23 48.60
C VAL J 63 13.66 -42.57 47.31
N ALA J 64 14.35 -43.34 46.44
CA ALA J 64 13.84 -43.71 45.13
C ALA J 64 12.61 -44.59 45.19
N GLU J 65 12.63 -45.67 46.01
CA GLU J 65 11.49 -46.57 46.13
C GLU J 65 10.25 -45.87 46.66
N GLU J 66 10.42 -44.99 47.68
CA GLU J 66 9.32 -44.23 48.28
C GLU J 66 8.65 -43.33 47.26
N LEU J 67 9.44 -42.65 46.41
CA LEU J 67 8.95 -41.74 45.40
C LEU J 67 8.17 -42.46 44.31
N LEU J 68 8.65 -43.67 43.91
CA LEU J 68 8.00 -44.50 42.91
C LEU J 68 6.65 -44.99 43.38
N TRP J 69 6.55 -45.25 44.68
CA TRP J 69 5.36 -45.69 45.41
C TRP J 69 4.34 -44.54 45.46
N PHE J 70 4.80 -43.27 45.68
CA PHE J 70 3.95 -42.05 45.67
C PHE J 70 3.35 -41.85 44.25
N VAL J 71 4.22 -41.93 43.20
CA VAL J 71 3.86 -41.78 41.79
C VAL J 71 2.80 -42.88 41.39
N ARG J 72 2.91 -44.10 41.95
CA ARG J 72 1.95 -45.19 41.77
C ARG J 72 0.56 -44.87 42.38
N GLY J 73 0.53 -43.89 43.29
CA GLY J 73 -0.68 -43.42 43.95
C GLY J 73 -1.08 -44.27 45.14
N SER J 74 -0.18 -45.17 45.57
CA SER J 74 -0.40 -46.11 46.67
C SER J 74 -0.41 -45.42 48.02
N THR J 75 -1.13 -46.01 48.97
CA THR J 75 -1.24 -45.60 50.37
C THR J 75 -1.03 -46.86 51.25
N ASN J 76 -0.59 -47.95 50.61
CA ASN J 76 -0.33 -49.23 51.23
C ASN J 76 1.13 -49.37 51.67
N ALA J 77 1.36 -49.24 52.99
CA ALA J 77 2.67 -49.39 53.65
C ALA J 77 3.31 -50.72 53.31
N LYS J 78 2.47 -51.74 53.12
CA LYS J 78 2.88 -53.11 52.80
C LYS J 78 3.51 -53.22 51.41
N GLU J 79 3.23 -52.27 50.51
CA GLU J 79 3.84 -52.25 49.19
C GLU J 79 5.28 -51.75 49.31
N LEU J 80 5.57 -50.95 50.37
CA LEU J 80 6.92 -50.52 50.70
C LEU J 80 7.70 -51.60 51.46
N GLN J 81 7.10 -52.18 52.53
CA GLN J 81 7.70 -53.27 53.34
C GLN J 81 8.14 -54.49 52.46
N GLU J 82 7.55 -54.59 51.26
CA GLU J 82 7.84 -55.62 50.26
C GLU J 82 9.25 -55.40 49.73
N LYS J 83 9.64 -54.13 49.54
CA LYS J 83 10.94 -53.71 49.03
C LYS J 83 11.96 -53.44 50.13
N ASP J 84 11.70 -53.95 51.36
CA ASP J 84 12.51 -53.81 52.56
C ASP J 84 12.74 -52.33 52.94
N ILE J 85 11.67 -51.50 52.72
CA ILE J 85 11.61 -50.06 53.03
C ILE J 85 10.68 -49.92 54.25
N HIS J 86 11.22 -49.57 55.41
CA HIS J 86 10.46 -49.53 56.65
C HIS J 86 10.24 -48.11 57.22
N ILE J 87 10.33 -47.11 56.34
CA ILE J 87 10.17 -45.70 56.68
C ILE J 87 8.71 -45.36 57.04
N TRP J 88 7.72 -46.13 56.53
CA TRP J 88 6.29 -45.91 56.83
C TRP J 88 5.66 -46.94 57.79
N ASP J 89 6.49 -47.72 58.51
CA ASP J 89 6.03 -48.75 59.45
C ASP J 89 5.35 -48.19 60.71
N GLY J 90 5.90 -47.11 61.28
CA GLY J 90 5.39 -46.48 62.49
C GLY J 90 3.95 -46.01 62.39
N GLU J 106 -7.43 -51.10 58.33
CA GLU J 106 -6.60 -52.30 58.13
C GLU J 106 -5.11 -52.02 58.26
N GLU J 107 -4.32 -53.06 58.66
CA GLU J 107 -2.86 -52.96 58.82
C GLU J 107 -2.19 -52.62 57.46
N GLY J 108 -1.34 -51.60 57.47
CA GLY J 108 -0.69 -51.13 56.26
C GLY J 108 -1.40 -49.95 55.63
N ASP J 109 -2.68 -49.71 55.97
CA ASP J 109 -3.47 -48.58 55.42
C ASP J 109 -3.12 -47.23 56.09
N LEU J 110 -2.42 -46.36 55.35
CA LEU J 110 -1.94 -45.03 55.81
C LEU J 110 -2.99 -43.88 55.75
N GLY J 111 -4.12 -44.14 55.10
CA GLY J 111 -5.12 -43.12 54.88
C GLY J 111 -4.78 -42.32 53.63
N PRO J 112 -5.42 -41.16 53.38
CA PRO J 112 -5.17 -40.45 52.11
C PRO J 112 -3.90 -39.58 52.05
N VAL J 113 -2.75 -40.26 52.20
CA VAL J 113 -1.41 -39.64 52.17
C VAL J 113 -0.97 -39.26 50.72
N TYR J 114 0.30 -38.79 50.55
CA TYR J 114 0.95 -38.27 49.32
C TYR J 114 0.51 -38.90 48.00
N GLY J 115 0.63 -40.23 47.85
CA GLY J 115 0.21 -40.94 46.65
C GLY J 115 -1.24 -40.67 46.29
N PHE J 116 -2.15 -40.72 47.29
CA PHE J 116 -3.59 -40.45 47.09
C PHE J 116 -3.86 -38.97 46.73
N GLN J 117 -3.13 -38.03 47.36
CA GLN J 117 -3.32 -36.59 47.07
C GLN J 117 -2.78 -36.19 45.70
N TRP J 118 -1.61 -36.70 45.32
CA TRP J 118 -0.95 -36.44 44.02
C TRP J 118 -1.77 -36.89 42.81
N ARG J 119 -2.42 -38.08 42.92
CA ARG J 119 -3.13 -38.71 41.82
C ARG J 119 -4.65 -38.55 41.86
N HIS J 120 -5.25 -38.30 43.08
CA HIS J 120 -6.70 -38.29 43.30
C HIS J 120 -7.21 -37.19 44.23
N PHE J 121 -6.55 -36.02 44.26
CA PHE J 121 -6.96 -34.93 45.13
C PHE J 121 -8.49 -34.64 45.08
N GLY J 122 -9.13 -34.68 46.24
CA GLY J 122 -10.54 -34.35 46.37
C GLY J 122 -11.50 -35.53 46.35
N ALA J 123 -11.02 -36.70 45.89
CA ALA J 123 -11.83 -37.92 45.84
C ALA J 123 -12.08 -38.41 47.28
N PRO J 124 -13.26 -39.02 47.57
CA PRO J 124 -13.46 -39.54 48.94
C PRO J 124 -12.60 -40.79 49.18
N TYR J 125 -11.91 -40.81 50.33
CA TYR J 125 -11.06 -41.93 50.71
C TYR J 125 -11.87 -43.04 51.40
N ALA J 126 -11.64 -44.28 50.99
CA ALA J 126 -12.29 -45.46 51.58
C ALA J 126 -11.16 -46.29 52.25
N ASP J 127 -10.43 -47.12 51.45
CA ASP J 127 -9.25 -47.83 51.89
C ASP J 127 -8.22 -47.97 50.76
N MET J 128 -7.00 -48.45 51.09
CA MET J 128 -5.88 -48.69 50.18
C MET J 128 -6.18 -49.70 49.02
N HIS J 129 -7.27 -50.48 49.13
CA HIS J 129 -7.65 -51.46 48.11
C HIS J 129 -8.58 -50.88 47.03
N THR J 130 -9.27 -49.78 47.34
CA THR J 130 -10.24 -49.11 46.46
C THR J 130 -9.58 -48.64 45.16
N ASP J 131 -10.25 -48.87 44.02
CA ASP J 131 -9.80 -48.43 42.71
C ASP J 131 -10.30 -47.00 42.54
N TYR J 132 -9.36 -46.03 42.60
CA TYR J 132 -9.66 -44.60 42.52
C TYR J 132 -9.49 -44.01 41.11
N THR J 133 -9.30 -44.88 40.08
CA THR J 133 -9.15 -44.48 38.68
C THR J 133 -10.25 -43.51 38.26
N GLY J 134 -9.85 -42.33 37.77
CA GLY J 134 -10.77 -41.29 37.33
C GLY J 134 -11.42 -40.47 38.43
N GLN J 135 -11.05 -40.73 39.70
CA GLN J 135 -11.55 -40.01 40.86
C GLN J 135 -10.54 -38.95 41.28
N GLY J 136 -11.06 -37.77 41.63
CA GLY J 136 -10.25 -36.64 42.07
C GLY J 136 -9.36 -36.04 40.98
N VAL J 137 -8.51 -35.11 41.39
CA VAL J 137 -7.58 -34.40 40.50
C VAL J 137 -6.23 -35.11 40.46
N ASP J 138 -5.83 -35.51 39.24
CA ASP J 138 -4.50 -36.10 39.01
C ASP J 138 -3.53 -34.92 38.78
N GLN J 139 -3.09 -34.32 39.90
CA GLN J 139 -2.15 -33.22 39.99
C GLN J 139 -0.82 -33.51 39.31
N LEU J 140 -0.31 -34.77 39.42
CA LEU J 140 0.95 -35.18 38.81
C LEU J 140 0.89 -35.12 37.28
N GLN J 141 -0.16 -35.72 36.69
CA GLN J 141 -0.36 -35.74 35.23
C GLN J 141 -0.67 -34.35 34.69
N GLN J 142 -1.42 -33.56 35.47
CA GLN J 142 -1.78 -32.18 35.14
C GLN J 142 -0.50 -31.33 35.04
N VAL J 143 0.45 -31.50 35.98
CA VAL J 143 1.76 -30.82 36.03
C VAL J 143 2.59 -31.13 34.74
N ILE J 144 2.70 -32.42 34.34
CA ILE J 144 3.40 -32.91 33.14
C ILE J 144 2.79 -32.22 31.91
N ASP J 145 1.45 -32.30 31.73
CA ASP J 145 0.69 -31.72 30.61
C ASP J 145 0.94 -30.21 30.50
N THR J 146 0.89 -29.49 31.64
CA THR J 146 1.15 -28.05 31.72
C THR J 146 2.59 -27.72 31.32
N ILE J 147 3.58 -28.48 31.81
CA ILE J 147 4.99 -28.24 31.45
C ILE J 147 5.18 -28.38 29.92
N LYS J 148 4.53 -29.36 29.31
CA LYS J 148 4.58 -29.69 27.89
C LYS J 148 3.89 -28.66 27.02
N ASN J 149 2.63 -28.30 27.36
CA ASN J 149 1.77 -27.42 26.58
C ASN J 149 1.92 -25.93 26.89
N ASN J 150 2.07 -25.55 28.15
CA ASN J 150 2.27 -24.15 28.54
C ASN J 150 3.36 -24.02 29.62
N PRO J 151 4.66 -24.14 29.23
CA PRO J 151 5.76 -24.08 30.23
C PRO J 151 5.90 -22.78 31.04
N ASP J 152 5.37 -21.66 30.54
CA ASP J 152 5.45 -20.35 31.21
C ASP J 152 4.38 -20.14 32.29
N ASP J 153 3.49 -21.13 32.47
CA ASP J 153 2.38 -21.12 33.43
C ASP J 153 2.91 -21.00 34.86
N ARG J 154 2.28 -20.12 35.65
CA ARG J 154 2.66 -19.84 37.06
C ARG J 154 1.82 -20.56 38.08
N ARG J 155 1.04 -21.57 37.63
CA ARG J 155 0.14 -22.41 38.43
C ARG J 155 0.54 -23.88 38.38
N ILE J 156 1.83 -24.20 38.04
CA ILE J 156 2.30 -25.60 37.98
C ILE J 156 2.55 -26.10 39.41
N ILE J 157 1.46 -26.40 40.13
CA ILE J 157 1.44 -26.81 41.54
C ILE J 157 0.83 -28.18 41.75
N MET J 158 1.47 -28.93 42.66
CA MET J 158 1.04 -30.22 43.17
C MET J 158 0.98 -30.02 44.68
N CYS J 159 -0.23 -30.15 45.24
CA CYS J 159 -0.55 -29.90 46.64
C CYS J 159 -0.98 -31.16 47.36
N ALA J 160 -0.27 -31.51 48.42
CA ALA J 160 -0.59 -32.70 49.23
C ALA J 160 -1.33 -32.26 50.50
N TRP J 161 -1.18 -30.98 50.87
CA TRP J 161 -1.89 -30.47 52.02
C TRP J 161 -3.40 -30.32 51.71
N ASN J 162 -4.20 -31.24 52.24
CA ASN J 162 -5.65 -31.23 52.07
C ASN J 162 -6.31 -31.05 53.45
N PRO J 163 -6.79 -29.82 53.78
CA PRO J 163 -7.45 -29.60 55.09
C PRO J 163 -8.57 -30.58 55.42
N VAL J 164 -9.29 -31.08 54.41
CA VAL J 164 -10.39 -32.04 54.58
C VAL J 164 -9.85 -33.46 54.95
N ASP J 165 -8.81 -33.92 54.24
CA ASP J 165 -8.21 -35.24 54.43
C ASP J 165 -7.11 -35.32 55.49
N VAL J 166 -6.51 -34.18 55.95
CA VAL J 166 -5.43 -34.22 56.94
C VAL J 166 -5.84 -34.97 58.24
N PRO J 167 -7.07 -34.82 58.83
CA PRO J 167 -7.39 -35.64 60.02
C PRO J 167 -7.53 -37.14 59.75
N LYS J 168 -7.75 -37.54 58.48
CA LYS J 168 -7.91 -38.95 58.03
C LYS J 168 -6.55 -39.63 57.76
N MET J 169 -5.48 -38.85 57.59
CA MET J 169 -4.15 -39.39 57.31
C MET J 169 -3.48 -39.86 58.59
N ALA J 170 -2.53 -40.82 58.47
CA ALA J 170 -1.74 -41.37 59.59
C ALA J 170 -0.86 -40.25 60.20
N LEU J 171 -0.15 -39.53 59.32
CA LEU J 171 0.68 -38.38 59.67
C LEU J 171 0.35 -37.24 58.72
N PRO J 172 0.15 -35.98 59.20
CA PRO J 172 -0.12 -34.87 58.27
C PRO J 172 1.12 -34.59 57.42
N PRO J 173 0.96 -34.25 56.12
CA PRO J 173 2.17 -34.09 55.28
C PRO J 173 3.08 -32.92 55.62
N CYS J 174 4.39 -33.21 55.74
CA CYS J 174 5.46 -32.23 55.96
C CYS J 174 5.71 -31.50 54.67
N HIS J 175 5.52 -32.20 53.55
CA HIS J 175 5.70 -31.64 52.21
C HIS J 175 4.33 -31.19 51.70
N CYS J 176 3.98 -29.94 52.02
CA CYS J 176 2.69 -29.31 51.77
C CYS J 176 2.34 -29.15 50.29
N LEU J 177 3.26 -28.59 49.51
CA LEU J 177 3.12 -28.43 48.08
C LEU J 177 4.49 -28.22 47.42
N CYS J 178 4.51 -28.42 46.10
CA CYS J 178 5.66 -28.12 45.26
C CYS J 178 5.22 -27.39 43.97
N GLN J 179 6.05 -26.48 43.51
CA GLN J 179 5.77 -25.72 42.31
C GLN J 179 6.88 -25.97 41.31
N PHE J 180 6.53 -25.98 40.02
CA PHE J 180 7.47 -26.16 38.94
C PHE J 180 7.61 -24.92 38.10
N TYR J 181 8.79 -24.73 37.49
CA TYR J 181 9.13 -23.57 36.69
C TYR J 181 10.01 -24.00 35.51
N VAL J 182 9.78 -23.42 34.33
CA VAL J 182 10.51 -23.72 33.11
C VAL J 182 11.15 -22.46 32.53
N ALA J 183 12.49 -22.47 32.32
CA ALA J 183 13.25 -21.38 31.68
C ALA J 183 14.52 -21.92 31.02
N ASN J 184 14.73 -21.59 29.74
CA ASN J 184 15.86 -22.00 28.89
C ASN J 184 16.08 -23.51 28.87
N GLY J 185 14.98 -24.21 28.63
CA GLY J 185 14.93 -25.67 28.55
C GLY J 185 15.20 -26.39 29.86
N GLU J 186 15.12 -25.65 30.99
CA GLU J 186 15.37 -26.21 32.30
C GLU J 186 14.15 -26.25 33.19
N LEU J 187 13.97 -27.38 33.88
CA LEU J 187 12.90 -27.54 34.84
C LEU J 187 13.40 -27.36 36.28
N SER J 188 12.81 -26.39 37.00
CA SER J 188 13.10 -26.12 38.40
C SER J 188 11.90 -26.49 39.27
N CYS J 189 12.15 -26.84 40.53
CA CYS J 189 11.11 -27.25 41.48
C CYS J 189 11.31 -26.55 42.83
N GLN J 190 10.22 -26.10 43.45
CA GLN J 190 10.27 -25.52 44.79
C GLN J 190 9.34 -26.28 45.69
N LEU J 191 9.86 -26.78 46.81
CA LEU J 191 9.08 -27.50 47.80
C LEU J 191 8.84 -26.63 49.04
N TYR J 192 7.59 -26.58 49.52
CA TYR J 192 7.26 -25.94 50.79
C TYR J 192 7.17 -27.04 51.83
N GLN J 193 8.11 -27.04 52.77
CA GLN J 193 8.13 -28.02 53.83
C GLN J 193 7.78 -27.32 55.17
N ARG J 194 6.59 -27.60 55.72
CA ARG J 194 6.10 -27.01 56.98
C ARG J 194 6.92 -27.39 58.24
N SER J 195 7.45 -28.60 58.25
CA SER J 195 8.19 -29.16 59.37
C SER J 195 9.43 -29.87 58.81
N ALA J 196 10.63 -29.43 59.25
CA ALA J 196 11.92 -29.92 58.77
C ALA J 196 12.86 -30.45 59.82
N ASP J 197 12.88 -31.79 60.02
CA ASP J 197 13.84 -32.41 60.92
C ASP J 197 15.18 -32.35 60.17
N MET J 198 16.01 -31.33 60.55
CA MET J 198 17.34 -31.08 60.00
C MET J 198 18.27 -32.30 60.10
N GLY J 199 18.16 -33.02 61.22
CA GLY J 199 18.98 -34.20 61.55
C GLY J 199 18.88 -35.39 60.60
N LEU J 200 17.72 -36.06 60.55
CA LEU J 200 17.51 -37.22 59.68
C LEU J 200 16.68 -36.94 58.44
N GLY J 201 15.65 -36.11 58.62
CA GLY J 201 14.62 -35.81 57.64
C GLY J 201 15.07 -35.10 56.39
N VAL J 202 15.53 -33.83 56.54
CA VAL J 202 15.92 -32.90 55.46
C VAL J 202 16.84 -33.54 54.34
N PRO J 203 17.93 -34.29 54.59
CA PRO J 203 18.70 -34.86 53.46
C PRO J 203 17.88 -35.77 52.55
N PHE J 204 16.93 -36.52 53.13
CA PHE J 204 16.04 -37.46 52.44
C PHE J 204 15.03 -36.68 51.62
N ASN J 205 14.47 -35.60 52.21
CA ASN J 205 13.50 -34.71 51.58
C ASN J 205 14.09 -34.01 50.36
N ILE J 206 15.39 -33.56 50.46
CA ILE J 206 16.12 -32.88 49.38
C ILE J 206 16.17 -33.80 48.16
N ALA J 207 16.63 -35.05 48.40
CA ALA J 207 16.79 -36.11 47.41
C ALA J 207 15.48 -36.52 46.75
N SER J 208 14.37 -36.66 47.53
CA SER J 208 13.06 -37.06 46.98
C SER J 208 12.59 -36.08 45.92
N TYR J 209 12.63 -34.79 46.18
CA TYR J 209 12.13 -33.78 45.28
C TYR J 209 13.07 -33.41 44.16
N ALA J 210 14.39 -33.58 44.37
CA ALA J 210 15.44 -33.43 43.35
C ALA J 210 15.31 -34.61 42.35
N LEU J 211 14.90 -35.80 42.83
CA LEU J 211 14.67 -36.98 41.96
C LEU J 211 13.36 -36.82 41.16
N LEU J 212 12.31 -36.33 41.80
CA LEU J 212 11.04 -36.02 41.14
C LEU J 212 11.28 -35.06 39.96
N THR J 213 12.09 -33.99 40.18
CA THR J 213 12.43 -33.01 39.13
C THR J 213 13.16 -33.68 37.94
N TYR J 214 14.09 -34.62 38.22
CA TYR J 214 14.83 -35.41 37.22
C TYR J 214 13.88 -36.25 36.39
N MET J 215 12.89 -36.90 37.04
CA MET J 215 11.89 -37.75 36.40
C MET J 215 10.96 -36.92 35.51
N ILE J 216 10.42 -35.81 36.05
CA ILE J 216 9.52 -34.93 35.31
C ILE J 216 10.27 -34.26 34.11
N ALA J 217 11.53 -33.80 34.32
CA ALA J 217 12.38 -33.22 33.27
C ALA J 217 12.59 -34.23 32.15
N HIS J 218 12.82 -35.52 32.51
CA HIS J 218 13.03 -36.65 31.59
C HIS J 218 11.85 -36.93 30.65
N VAL J 219 10.63 -36.93 31.21
CA VAL J 219 9.41 -37.23 30.48
C VAL J 219 8.83 -36.01 29.72
N THR J 220 9.26 -34.78 30.08
CA THR J 220 8.78 -33.57 29.43
C THR J 220 9.81 -32.99 28.46
N ASP J 221 10.87 -33.75 28.18
CA ASP J 221 11.97 -33.41 27.26
C ASP J 221 12.69 -32.10 27.67
N LEU J 222 12.88 -31.92 28.99
CA LEU J 222 13.58 -30.81 29.61
C LEU J 222 14.77 -31.30 30.42
N LYS J 223 15.63 -30.36 30.85
CA LYS J 223 16.82 -30.66 31.65
C LYS J 223 16.59 -30.16 33.06
N PRO J 224 17.00 -30.87 34.12
CA PRO J 224 16.83 -30.31 35.49
C PRO J 224 17.62 -29.00 35.74
N GLY J 225 16.96 -28.05 36.38
CA GLY J 225 17.52 -26.74 36.72
C GLY J 225 17.98 -26.67 38.17
N ASP J 226 17.11 -26.17 39.05
CA ASP J 226 17.35 -26.01 40.49
C ASP J 226 16.27 -26.66 41.31
N PHE J 227 16.64 -27.02 42.55
CA PHE J 227 15.68 -27.51 43.53
C PHE J 227 15.75 -26.48 44.65
N VAL J 228 14.63 -25.76 44.86
CA VAL J 228 14.52 -24.73 45.89
C VAL J 228 13.78 -25.36 47.08
N HIS J 229 14.45 -25.44 48.22
CA HIS J 229 13.92 -26.04 49.43
C HIS J 229 13.53 -24.96 50.43
N THR J 230 12.22 -24.69 50.59
CA THR J 230 11.69 -23.70 51.52
C THR J 230 11.21 -24.43 52.76
N LEU J 231 11.59 -23.90 53.94
CA LEU J 231 11.25 -24.51 55.22
C LEU J 231 10.42 -23.60 56.11
N GLY J 232 9.51 -24.20 56.85
CA GLY J 232 8.67 -23.53 57.84
C GLY J 232 9.38 -23.69 59.18
N ASP J 233 8.95 -24.67 59.99
CA ASP J 233 9.59 -24.97 61.26
C ASP J 233 10.79 -25.89 61.00
N ALA J 234 12.00 -25.27 60.92
CA ALA J 234 13.27 -25.98 60.71
C ALA J 234 13.85 -26.31 62.10
N HIS J 235 14.01 -27.60 62.40
CA HIS J 235 14.43 -28.01 63.74
C HIS J 235 15.40 -29.18 63.83
N VAL J 236 16.02 -29.24 65.01
CA VAL J 236 16.99 -30.23 65.50
C VAL J 236 16.37 -30.83 66.79
N TYR J 237 16.27 -32.17 66.89
CA TYR J 237 15.83 -32.82 68.13
C TYR J 237 16.96 -32.64 69.12
N SER J 238 16.63 -32.26 70.37
CA SER J 238 17.61 -31.98 71.43
C SER J 238 18.58 -33.14 71.67
N ASN J 239 18.09 -34.39 71.57
CA ASN J 239 18.90 -35.61 71.75
C ASN J 239 19.86 -35.87 70.57
N HIS J 240 19.69 -35.16 69.44
CA HIS J 240 20.52 -35.28 68.24
C HIS J 240 21.63 -34.23 68.16
N CYS J 241 21.62 -33.25 69.08
CA CYS J 241 22.55 -32.12 69.12
C CYS J 241 24.04 -32.50 69.19
N GLU J 242 24.40 -33.48 70.01
CA GLU J 242 25.79 -33.96 70.15
C GLU J 242 26.28 -34.56 68.81
N ALA J 243 25.42 -35.36 68.15
CA ALA J 243 25.71 -36.00 66.87
C ALA J 243 25.80 -34.97 65.71
N LEU J 244 25.00 -33.88 65.79
CA LEU J 244 25.02 -32.80 64.80
C LEU J 244 26.28 -31.95 64.90
N GLU J 245 26.81 -31.78 66.13
CA GLU J 245 28.07 -31.07 66.40
C GLU J 245 29.24 -31.81 65.76
N GLU J 246 29.19 -33.15 65.78
CA GLU J 246 30.18 -34.03 65.16
C GLU J 246 30.09 -33.92 63.62
N GLN J 247 28.87 -33.82 63.09
CA GLN J 247 28.60 -33.68 61.66
C GLN J 247 29.08 -32.32 61.11
N LEU J 248 28.92 -31.23 61.90
CA LEU J 248 29.36 -29.87 61.51
C LEU J 248 30.89 -29.76 61.32
N LYS J 249 31.66 -30.69 61.96
CA LYS J 249 33.11 -30.81 61.86
C LYS J 249 33.53 -31.45 60.52
N ARG J 250 32.56 -32.01 59.78
CA ARG J 250 32.78 -32.70 58.50
C ARG J 250 32.67 -31.78 57.30
N GLU J 251 33.57 -31.98 56.34
CA GLU J 251 33.66 -31.20 55.12
C GLU J 251 32.85 -31.86 54.00
N PRO J 252 31.88 -31.16 53.35
CA PRO J 252 31.11 -31.80 52.26
C PRO J 252 32.00 -32.27 51.12
N ARG J 253 31.61 -33.38 50.52
CA ARG J 253 32.32 -34.00 49.40
C ARG J 253 31.57 -33.71 48.10
N PRO J 254 32.21 -33.75 46.91
CA PRO J 254 31.46 -33.49 45.67
C PRO J 254 30.23 -34.41 45.56
N PHE J 255 29.11 -33.82 45.18
CA PHE J 255 27.84 -34.53 45.03
C PHE J 255 27.92 -35.62 43.95
N PRO J 256 27.15 -36.72 44.07
CA PRO J 256 27.15 -37.73 43.00
C PRO J 256 26.46 -37.23 41.71
N SER J 257 26.52 -38.05 40.65
CA SER J 257 25.84 -37.73 39.40
C SER J 257 24.70 -38.71 39.19
N LEU J 258 23.61 -38.27 38.54
CA LEU J 258 22.44 -39.09 38.26
C LEU J 258 22.11 -39.14 36.79
N LYS J 259 21.94 -40.37 36.28
CA LYS J 259 21.58 -40.66 34.90
C LYS J 259 20.38 -41.60 34.89
N ILE J 260 19.46 -41.36 33.95
CA ILE J 260 18.32 -42.24 33.71
C ILE J 260 18.75 -43.07 32.49
N LYS J 261 19.07 -44.36 32.75
CA LYS J 261 19.61 -45.37 31.83
C LYS J 261 18.89 -45.50 30.49
N ARG J 262 17.53 -45.46 30.50
CA ARG J 262 16.72 -45.61 29.31
C ARG J 262 15.71 -44.47 29.15
N LYS J 263 15.14 -44.35 27.94
CA LYS J 263 14.12 -43.36 27.68
C LYS J 263 12.79 -43.90 28.21
N VAL J 264 12.25 -43.22 29.22
CA VAL J 264 10.99 -43.57 29.89
C VAL J 264 9.96 -42.56 29.34
N GLU J 265 8.88 -43.08 28.74
CA GLU J 265 7.85 -42.23 28.14
C GLU J 265 7.01 -41.53 29.22
N ASN J 266 6.39 -42.31 30.14
CA ASN J 266 5.47 -41.83 31.14
C ASN J 266 6.04 -41.88 32.56
N ILE J 267 5.63 -40.92 33.41
CA ILE J 267 6.06 -40.77 34.81
C ILE J 267 5.79 -42.02 35.67
N SER J 268 4.70 -42.76 35.36
CA SER J 268 4.28 -43.98 36.04
C SER J 268 5.14 -45.20 35.64
N ASP J 269 5.94 -45.08 34.55
CA ASP J 269 6.77 -46.17 33.99
C ASP J 269 8.19 -46.29 34.54
N PHE J 270 8.59 -45.45 35.52
CA PHE J 270 9.93 -45.56 36.12
C PHE J 270 10.04 -46.78 37.06
N LYS J 271 11.24 -47.37 37.10
CA LYS J 271 11.63 -48.49 37.96
C LYS J 271 12.92 -48.10 38.63
N PHE J 272 13.22 -48.69 39.81
CA PHE J 272 14.44 -48.37 40.54
C PHE J 272 15.70 -48.57 39.70
N GLU J 273 15.74 -49.67 38.93
CA GLU J 273 16.84 -50.07 38.04
C GLU J 273 17.14 -49.03 36.94
N ASP J 274 16.17 -48.12 36.62
CA ASP J 274 16.33 -47.09 35.59
C ASP J 274 17.30 -45.98 36.01
N PHE J 275 17.54 -45.83 37.32
CA PHE J 275 18.41 -44.81 37.89
C PHE J 275 19.86 -45.29 38.07
N GLU J 276 20.81 -44.41 37.70
CA GLU J 276 22.24 -44.69 37.77
C GLU J 276 22.92 -43.59 38.59
N LEU J 277 23.14 -43.88 39.88
CA LEU J 277 23.79 -42.95 40.80
C LEU J 277 25.29 -43.27 40.87
N ASP J 278 26.09 -42.40 40.22
CA ASP J 278 27.52 -42.56 40.14
C ASP J 278 28.27 -41.60 41.07
N GLY J 279 29.29 -42.14 41.74
CA GLY J 279 30.20 -41.40 42.61
C GLY J 279 29.67 -40.91 43.94
N TYR J 280 28.71 -41.61 44.54
CA TYR J 280 28.22 -41.20 45.86
C TYR J 280 29.21 -41.70 46.92
N LYS J 281 29.99 -40.75 47.46
CA LYS J 281 31.04 -41.05 48.45
C LYS J 281 30.80 -40.28 49.76
N PRO J 282 29.74 -40.58 50.54
CA PRO J 282 29.51 -39.83 51.78
C PRO J 282 30.39 -40.22 52.95
N HIS J 283 30.42 -39.33 53.97
CA HIS J 283 31.09 -39.56 55.23
C HIS J 283 30.24 -40.67 55.93
N PRO J 284 30.70 -41.37 56.99
CA PRO J 284 29.81 -42.39 57.60
C PRO J 284 28.44 -41.89 58.11
N LYS J 285 27.49 -42.81 58.29
CA LYS J 285 26.18 -42.53 58.89
C LYS J 285 26.40 -42.20 60.38
N ILE J 286 25.54 -41.36 60.94
CA ILE J 286 25.60 -40.99 62.36
C ILE J 286 24.27 -41.41 63.00
N LYS J 287 24.35 -42.10 64.15
CA LYS J 287 23.18 -42.57 64.89
C LYS J 287 22.38 -41.40 65.45
N MET J 288 21.12 -41.30 64.99
CA MET J 288 20.15 -40.29 65.41
C MET J 288 18.75 -40.94 65.57
N GLU J 289 18.50 -41.52 66.76
CA GLU J 289 17.21 -42.13 67.08
C GLU J 289 16.31 -41.09 67.72
N MET J 290 15.11 -40.86 67.14
CA MET J 290 14.02 -39.91 67.49
C MET J 290 13.89 -38.79 66.45
N HIS K 6 36.35 -12.24 -36.03
CA HIS K 6 34.92 -12.02 -36.21
C HIS K 6 34.32 -13.25 -36.89
N ASP K 7 33.28 -13.82 -36.26
CA ASP K 7 32.59 -15.06 -36.67
C ASP K 7 31.93 -14.99 -38.06
N GLU K 8 31.58 -13.78 -38.50
CA GLU K 8 30.95 -13.50 -39.79
C GLU K 8 31.86 -13.85 -40.97
N TYR K 9 33.19 -13.89 -40.76
CA TYR K 9 34.14 -14.27 -41.82
C TYR K 9 33.95 -15.73 -42.30
N GLN K 10 33.37 -16.62 -41.46
CA GLN K 10 33.09 -18.02 -41.84
C GLN K 10 32.03 -18.07 -42.96
N TYR K 11 30.99 -17.24 -42.79
CA TYR K 11 29.87 -17.06 -43.71
C TYR K 11 30.38 -16.43 -45.02
N LEU K 12 31.21 -15.36 -44.91
CA LEU K 12 31.77 -14.64 -46.05
C LEU K 12 32.71 -15.51 -46.87
N ASP K 13 33.63 -16.26 -46.18
CA ASP K 13 34.59 -17.15 -46.81
C ASP K 13 33.89 -18.26 -47.58
N LEU K 14 32.75 -18.74 -47.07
CA LEU K 14 31.96 -19.77 -47.74
C LEU K 14 31.32 -19.26 -49.03
N ILE K 15 30.65 -18.06 -49.00
CA ILE K 15 30.07 -17.44 -50.21
C ILE K 15 31.15 -17.35 -51.29
N ARG K 16 32.33 -16.81 -50.91
CA ARG K 16 33.52 -16.65 -51.76
C ARG K 16 33.94 -18.01 -52.35
N GLN K 17 34.07 -19.04 -51.50
CA GLN K 17 34.45 -20.41 -51.88
C GLN K 17 33.45 -21.02 -52.87
N ILE K 18 32.11 -20.81 -52.64
CA ILE K 18 31.04 -21.32 -53.50
C ILE K 18 31.09 -20.65 -54.88
N MET K 19 31.15 -19.31 -54.92
CA MET K 19 31.20 -18.55 -56.19
C MET K 19 32.45 -18.86 -57.04
N ARG K 20 33.57 -19.22 -56.39
CA ARG K 20 34.85 -19.53 -57.02
C ARG K 20 34.98 -21.01 -57.45
N THR K 21 34.68 -21.98 -56.56
CA THR K 21 34.87 -23.42 -56.85
C THR K 21 33.59 -24.29 -56.87
N GLY K 22 32.43 -23.69 -56.61
CA GLY K 22 31.16 -24.40 -56.57
C GLY K 22 30.67 -24.98 -57.88
N ASN K 23 29.67 -25.87 -57.78
CA ASN K 23 29.06 -26.59 -58.90
C ASN K 23 27.78 -25.92 -59.39
N THR K 33 21.66 -22.25 -59.66
CA THR K 33 22.50 -22.13 -58.46
C THR K 33 23.96 -22.55 -58.71
N ILE K 34 24.83 -22.18 -57.77
CA ILE K 34 26.24 -22.58 -57.69
C ILE K 34 26.29 -23.16 -56.28
N SER K 35 26.68 -24.43 -56.13
CA SER K 35 26.63 -25.05 -54.81
C SER K 35 27.85 -25.86 -54.40
N MET K 36 27.93 -26.17 -53.12
CA MET K 36 28.93 -27.00 -52.46
C MET K 36 28.16 -27.88 -51.46
N PHE K 37 28.73 -29.03 -51.06
CA PHE K 37 28.06 -29.92 -50.11
C PHE K 37 28.85 -30.13 -48.83
N GLY K 38 28.23 -29.79 -47.70
CA GLY K 38 28.81 -29.97 -46.37
C GLY K 38 29.65 -28.81 -45.90
N ALA K 39 29.15 -28.08 -44.90
CA ALA K 39 29.86 -26.93 -44.30
C ALA K 39 29.48 -26.82 -42.83
N GLN K 40 30.31 -26.14 -42.01
CA GLN K 40 30.05 -25.96 -40.59
C GLN K 40 30.63 -24.65 -40.07
N MET K 41 29.80 -23.84 -39.40
CA MET K 41 30.18 -22.58 -38.77
C MET K 41 29.86 -22.65 -37.29
N ARG K 42 30.61 -21.92 -36.46
CA ARG K 42 30.39 -21.84 -35.02
C ARG K 42 30.31 -20.37 -34.65
N TYR K 43 29.20 -20.01 -33.98
CA TYR K 43 28.94 -18.65 -33.54
C TYR K 43 28.87 -18.63 -32.02
N SER K 44 29.70 -17.80 -31.38
CA SER K 44 29.67 -17.65 -29.92
C SER K 44 28.47 -16.83 -29.52
N LEU K 45 27.76 -17.25 -28.45
CA LEU K 45 26.57 -16.57 -27.88
C LEU K 45 26.87 -16.09 -26.43
N ARG K 46 28.12 -16.19 -26.07
CA ARG K 46 28.60 -15.84 -24.74
C ARG K 46 28.66 -14.34 -24.52
N ASP K 47 28.49 -13.93 -23.24
CA ASP K 47 28.55 -12.54 -22.72
C ASP K 47 27.55 -11.58 -23.39
N GLY K 48 26.38 -12.12 -23.69
CA GLY K 48 25.30 -11.36 -24.31
C GLY K 48 25.41 -11.18 -25.82
N ILE K 49 26.48 -11.72 -26.47
CA ILE K 49 26.69 -11.59 -27.91
C ILE K 49 25.60 -12.31 -28.73
N PHE K 50 24.97 -11.57 -29.67
CA PHE K 50 23.97 -12.14 -30.55
C PHE K 50 24.45 -12.13 -32.01
N PRO K 51 24.60 -13.31 -32.67
CA PRO K 51 25.12 -13.33 -34.05
C PRO K 51 24.12 -12.92 -35.14
N LEU K 52 23.70 -11.66 -35.12
CA LEU K 52 22.85 -11.09 -36.16
C LEU K 52 23.84 -10.47 -37.16
N LEU K 53 23.94 -11.08 -38.38
CA LEU K 53 24.94 -10.70 -39.39
C LEU K 53 24.86 -9.22 -39.77
N THR K 54 26.05 -8.60 -39.91
CA THR K 54 26.25 -7.16 -40.11
C THR K 54 26.65 -6.69 -41.53
N THR K 55 27.05 -7.60 -42.45
CA THR K 55 27.44 -7.19 -43.83
C THR K 55 26.18 -6.85 -44.69
N LYS K 56 24.99 -7.12 -44.15
CA LYS K 56 23.68 -6.90 -44.76
C LYS K 56 22.68 -6.87 -43.59
N ARG K 57 21.70 -5.94 -43.60
CA ARG K 57 20.71 -5.85 -42.52
C ARG K 57 19.78 -7.06 -42.58
N VAL K 58 19.60 -7.73 -41.42
CA VAL K 58 18.73 -8.90 -41.27
C VAL K 58 17.45 -8.42 -40.62
N PHE K 59 16.30 -8.99 -41.05
CA PHE K 59 14.98 -8.62 -40.53
C PHE K 59 14.76 -9.22 -39.14
N TRP K 60 15.28 -8.54 -38.10
CA TRP K 60 15.23 -8.96 -36.69
C TRP K 60 13.80 -9.29 -36.19
N ARG K 61 12.87 -8.37 -36.44
CA ARG K 61 11.47 -8.53 -36.04
C ARG K 61 10.83 -9.78 -36.68
N GLY K 62 11.18 -10.04 -37.94
CA GLY K 62 10.77 -11.24 -38.67
C GLY K 62 11.31 -12.51 -38.03
N VAL K 63 12.63 -12.56 -37.67
CA VAL K 63 13.25 -13.75 -37.04
C VAL K 63 12.62 -14.02 -35.65
N ALA K 64 12.39 -12.96 -34.81
CA ALA K 64 11.78 -13.12 -33.48
C ALA K 64 10.30 -13.50 -33.52
N GLU K 65 9.47 -12.80 -34.33
CA GLU K 65 8.05 -13.09 -34.46
C GLU K 65 7.82 -14.48 -35.05
N GLU K 66 8.62 -14.89 -36.08
CA GLU K 66 8.52 -16.24 -36.68
C GLU K 66 8.81 -17.32 -35.67
N LEU K 67 9.80 -17.12 -34.82
CA LEU K 67 10.18 -18.12 -33.81
C LEU K 67 9.10 -18.27 -32.73
N LEU K 68 8.48 -17.15 -32.32
CA LEU K 68 7.40 -17.14 -31.32
C LEU K 68 6.16 -17.84 -31.86
N TRP K 69 6.01 -17.78 -33.20
CA TRP K 69 4.96 -18.40 -34.03
C TRP K 69 5.18 -19.92 -34.12
N PHE K 70 6.44 -20.37 -34.13
CA PHE K 70 6.84 -21.80 -34.11
C PHE K 70 6.62 -22.38 -32.70
N VAL K 71 7.08 -21.65 -31.66
CA VAL K 71 6.95 -22.03 -30.23
C VAL K 71 5.47 -22.21 -29.84
N ARG K 72 4.57 -21.34 -30.37
CA ARG K 72 3.11 -21.44 -30.19
C ARG K 72 2.54 -22.74 -30.82
N GLY K 73 3.27 -23.32 -31.77
CA GLY K 73 2.88 -24.50 -32.53
C GLY K 73 1.97 -24.15 -33.71
N SER K 74 2.03 -22.86 -34.15
CA SER K 74 1.16 -22.37 -35.24
C SER K 74 1.63 -22.76 -36.64
N THR K 75 0.66 -23.04 -37.53
CA THR K 75 0.84 -23.42 -38.94
C THR K 75 -0.02 -22.47 -39.80
N ASN K 76 -0.42 -21.34 -39.18
CA ASN K 76 -1.26 -20.29 -39.74
C ASN K 76 -0.46 -19.04 -40.15
N ALA K 77 -0.25 -18.85 -41.47
CA ALA K 77 0.48 -17.73 -42.07
C ALA K 77 -0.17 -16.36 -41.80
N LYS K 78 -1.50 -16.35 -41.56
CA LYS K 78 -2.28 -15.15 -41.25
C LYS K 78 -1.85 -14.50 -39.92
N GLU K 79 -1.38 -15.31 -38.96
CA GLU K 79 -0.93 -14.89 -37.64
C GLU K 79 0.35 -14.10 -37.75
N LEU K 80 1.18 -14.41 -38.78
CA LEU K 80 2.41 -13.70 -39.08
C LEU K 80 2.10 -12.44 -39.88
N GLN K 81 1.20 -12.54 -40.88
CA GLN K 81 0.74 -11.39 -41.73
C GLN K 81 0.17 -10.31 -40.86
N GLU K 82 -0.56 -10.70 -39.81
CA GLU K 82 -1.14 -9.85 -38.78
C GLU K 82 -0.06 -8.96 -38.15
N LYS K 83 1.15 -9.52 -37.98
CA LYS K 83 2.30 -8.84 -37.41
C LYS K 83 3.20 -8.23 -38.50
N ASP K 84 2.67 -8.11 -39.73
CA ASP K 84 3.33 -7.57 -40.94
C ASP K 84 4.61 -8.37 -41.31
N ILE K 85 4.57 -9.70 -41.10
CA ILE K 85 5.61 -10.64 -41.45
C ILE K 85 5.09 -11.43 -42.65
N HIS K 86 5.76 -11.31 -43.80
CA HIS K 86 5.31 -11.91 -45.05
C HIS K 86 6.28 -12.96 -45.61
N ILE K 87 7.11 -13.58 -44.73
CA ILE K 87 8.04 -14.63 -45.19
C ILE K 87 7.32 -15.85 -45.69
N TRP K 88 6.24 -16.22 -45.02
CA TRP K 88 5.52 -17.42 -45.37
C TRP K 88 4.38 -17.22 -46.37
N ASP K 89 4.33 -16.06 -47.05
CA ASP K 89 3.30 -15.78 -48.07
C ASP K 89 3.49 -16.60 -49.36
N GLY K 90 4.74 -16.75 -49.81
CA GLY K 90 5.09 -17.47 -51.02
C GLY K 90 4.69 -18.94 -51.03
N ASP K 104 -8.23 -27.49 -51.88
CA ASP K 104 -8.35 -28.50 -50.84
C ASP K 104 -8.24 -27.94 -49.40
N ARG K 105 -7.17 -27.14 -49.12
CA ARG K 105 -6.82 -26.53 -47.83
C ARG K 105 -7.19 -25.03 -47.78
N GLU K 106 -7.46 -24.48 -46.57
CA GLU K 106 -7.85 -23.08 -46.33
C GLU K 106 -6.64 -22.12 -46.51
N GLU K 107 -6.92 -20.84 -46.85
CA GLU K 107 -5.88 -19.82 -47.02
C GLU K 107 -5.15 -19.55 -45.69
N GLY K 108 -3.83 -19.52 -45.74
CA GLY K 108 -2.99 -19.33 -44.57
C GLY K 108 -2.50 -20.64 -43.98
N ASP K 109 -3.20 -21.76 -44.33
CA ASP K 109 -2.84 -23.11 -43.88
C ASP K 109 -1.64 -23.65 -44.63
N LEU K 110 -0.49 -23.73 -43.93
CA LEU K 110 0.79 -24.19 -44.48
C LEU K 110 1.04 -25.70 -44.38
N GLY K 111 0.12 -26.40 -43.75
CA GLY K 111 0.28 -27.83 -43.53
C GLY K 111 1.13 -28.10 -42.30
N PRO K 112 1.61 -29.36 -42.12
CA PRO K 112 2.39 -29.69 -40.90
C PRO K 112 3.83 -29.15 -40.87
N VAL K 113 3.97 -27.81 -40.87
CA VAL K 113 5.28 -27.13 -40.86
C VAL K 113 5.94 -27.17 -39.41
N TYR K 114 7.01 -26.37 -39.15
CA TYR K 114 7.85 -26.37 -37.93
C TYR K 114 7.11 -26.36 -36.56
N GLY K 115 6.20 -25.43 -36.30
CA GLY K 115 5.47 -25.37 -35.05
C GLY K 115 4.78 -26.68 -34.66
N PHE K 116 4.02 -27.28 -35.63
CA PHE K 116 3.37 -28.61 -35.48
C PHE K 116 4.40 -29.75 -35.24
N GLN K 117 5.52 -29.76 -35.99
CA GLN K 117 6.54 -30.78 -35.83
C GLN K 117 7.20 -30.70 -34.44
N TRP K 118 7.50 -29.46 -33.98
CA TRP K 118 8.11 -29.13 -32.69
C TRP K 118 7.24 -29.49 -31.48
N ARG K 119 5.92 -29.21 -31.53
CA ARG K 119 5.03 -29.47 -30.37
C ARG K 119 4.12 -30.72 -30.51
N HIS K 120 3.93 -31.26 -31.75
CA HIS K 120 3.06 -32.43 -32.00
C HIS K 120 3.60 -33.41 -33.04
N PHE K 121 4.92 -33.73 -33.03
CA PHE K 121 5.49 -34.70 -33.97
C PHE K 121 4.75 -36.06 -33.94
N GLY K 122 4.32 -36.53 -35.13
CA GLY K 122 3.68 -37.83 -35.29
C GLY K 122 2.18 -37.84 -35.21
N ALA K 123 1.58 -36.72 -34.78
CA ALA K 123 0.14 -36.63 -34.72
C ALA K 123 -0.41 -36.50 -36.15
N PRO K 124 -1.63 -36.99 -36.46
CA PRO K 124 -2.17 -36.77 -37.81
C PRO K 124 -2.54 -35.30 -38.01
N TYR K 125 -2.13 -34.70 -39.15
CA TYR K 125 -2.47 -33.31 -39.43
C TYR K 125 -3.80 -33.20 -40.15
N ALA K 126 -4.69 -32.33 -39.65
CA ALA K 126 -6.00 -32.03 -40.21
C ALA K 126 -5.93 -30.62 -40.81
N ASP K 127 -5.99 -29.56 -39.96
CA ASP K 127 -5.90 -28.15 -40.37
C ASP K 127 -5.27 -27.29 -39.27
N MET K 128 -4.98 -25.99 -39.58
CA MET K 128 -4.35 -25.02 -38.66
C MET K 128 -5.22 -24.65 -37.43
N HIS K 129 -6.53 -24.90 -37.49
CA HIS K 129 -7.45 -24.59 -36.40
C HIS K 129 -7.61 -25.72 -35.40
N THR K 130 -7.29 -26.96 -35.81
CA THR K 130 -7.43 -28.19 -35.02
C THR K 130 -6.67 -28.10 -33.69
N ASP K 131 -7.33 -28.56 -32.61
CA ASP K 131 -6.78 -28.63 -31.26
C ASP K 131 -5.99 -29.92 -31.18
N TYR K 132 -4.66 -29.80 -31.21
CA TYR K 132 -3.74 -30.92 -31.17
C TYR K 132 -3.19 -31.21 -29.77
N THR K 133 -3.78 -30.58 -28.71
CA THR K 133 -3.38 -30.77 -27.30
C THR K 133 -3.30 -32.26 -26.94
N GLY K 134 -2.15 -32.68 -26.45
CA GLY K 134 -1.86 -34.06 -26.07
C GLY K 134 -1.59 -35.02 -27.21
N GLN K 135 -1.58 -34.51 -28.46
CA GLN K 135 -1.33 -35.30 -29.68
C GLN K 135 0.11 -35.13 -30.12
N GLY K 136 0.75 -36.24 -30.48
CA GLY K 136 2.13 -36.21 -30.93
C GLY K 136 3.14 -35.91 -29.84
N VAL K 137 4.40 -35.78 -30.26
CA VAL K 137 5.53 -35.54 -29.36
C VAL K 137 5.84 -34.06 -29.26
N ASP K 138 5.80 -33.51 -28.03
CA ASP K 138 6.14 -32.12 -27.77
C ASP K 138 7.65 -32.13 -27.52
N GLN K 139 8.41 -32.05 -28.63
CA GLN K 139 9.85 -32.10 -28.69
C GLN K 139 10.48 -30.92 -28.00
N LEU K 140 9.88 -29.73 -28.12
CA LEU K 140 10.39 -28.50 -27.48
C LEU K 140 10.39 -28.64 -25.96
N GLN K 141 9.27 -29.11 -25.38
CA GLN K 141 9.14 -29.31 -23.94
C GLN K 141 9.99 -30.51 -23.44
N GLN K 142 10.17 -31.58 -24.25
CA GLN K 142 10.99 -32.70 -23.80
C GLN K 142 12.49 -32.30 -23.79
N VAL K 143 12.87 -31.36 -24.67
CA VAL K 143 14.23 -30.82 -24.75
C VAL K 143 14.52 -30.02 -23.47
N ILE K 144 13.60 -29.14 -23.05
CA ILE K 144 13.68 -28.32 -21.84
C ILE K 144 13.76 -29.19 -20.57
N ASP K 145 12.88 -30.19 -20.45
CA ASP K 145 12.85 -31.15 -19.35
C ASP K 145 14.17 -31.91 -19.24
N THR K 146 14.73 -32.36 -20.40
CA THR K 146 16.00 -33.11 -20.47
C THR K 146 17.17 -32.23 -20.04
N ILE K 147 17.22 -30.98 -20.52
CA ILE K 147 18.27 -30.03 -20.13
C ILE K 147 18.29 -29.83 -18.59
N LYS K 148 17.09 -29.70 -17.99
CA LYS K 148 16.88 -29.51 -16.56
C LYS K 148 17.22 -30.74 -15.70
N ASN K 149 16.69 -31.93 -16.08
CA ASN K 149 16.83 -33.18 -15.32
C ASN K 149 18.09 -33.99 -15.63
N ASN K 150 18.49 -34.08 -16.90
CA ASN K 150 19.70 -34.80 -17.27
C ASN K 150 20.50 -34.01 -18.32
N PRO K 151 21.22 -32.93 -17.91
CA PRO K 151 21.97 -32.10 -18.89
C PRO K 151 23.08 -32.80 -19.69
N ASP K 152 23.61 -33.94 -19.17
CA ASP K 152 24.68 -34.71 -19.80
C ASP K 152 24.20 -35.64 -20.93
N ASP K 153 22.88 -35.73 -21.13
CA ASP K 153 22.22 -36.55 -22.13
C ASP K 153 22.67 -36.15 -23.56
N ARG K 154 22.99 -37.15 -24.38
CA ARG K 154 23.44 -36.97 -25.77
C ARG K 154 22.31 -37.20 -26.80
N ARG K 155 21.05 -37.19 -26.34
CA ARG K 155 19.84 -37.37 -27.18
C ARG K 155 18.91 -36.13 -27.12
N ILE K 156 19.46 -34.94 -26.75
CA ILE K 156 18.63 -33.72 -26.67
C ILE K 156 18.37 -33.19 -28.08
N ILE K 157 17.43 -33.84 -28.82
CA ILE K 157 17.10 -33.55 -30.22
C ILE K 157 15.64 -33.13 -30.44
N MET K 158 15.44 -32.19 -31.36
CA MET K 158 14.16 -31.70 -31.86
C MET K 158 14.28 -31.87 -33.40
N CYS K 159 13.47 -32.75 -33.96
CA CYS K 159 13.47 -33.10 -35.38
C CYS K 159 12.21 -32.59 -36.10
N ALA K 160 12.37 -31.75 -37.14
CA ALA K 160 11.26 -31.23 -37.94
C ALA K 160 11.11 -32.05 -39.24
N TRP K 161 12.18 -32.79 -39.62
CA TRP K 161 12.12 -33.62 -40.81
C TRP K 161 11.29 -34.86 -40.51
N ASN K 162 10.07 -34.88 -41.08
CA ASN K 162 9.13 -36.00 -40.94
C ASN K 162 8.89 -36.62 -42.32
N PRO K 163 9.54 -37.77 -42.64
CA PRO K 163 9.32 -38.43 -43.94
C PRO K 163 7.86 -38.67 -44.31
N VAL K 164 7.00 -38.93 -43.29
CA VAL K 164 5.57 -39.17 -43.47
C VAL K 164 4.82 -37.86 -43.85
N ASP K 165 5.11 -36.77 -43.14
CA ASP K 165 4.45 -35.48 -43.33
C ASP K 165 5.06 -34.57 -44.40
N VAL K 166 6.31 -34.82 -44.86
CA VAL K 166 6.97 -33.94 -45.84
C VAL K 166 6.11 -33.78 -47.13
N PRO K 167 5.46 -34.82 -47.73
CA PRO K 167 4.59 -34.55 -48.90
C PRO K 167 3.33 -33.69 -48.61
N LYS K 168 2.88 -33.61 -47.33
CA LYS K 168 1.70 -32.86 -46.87
C LYS K 168 2.00 -31.38 -46.57
N MET K 169 3.31 -31.04 -46.49
CA MET K 169 3.78 -29.68 -46.18
C MET K 169 3.86 -28.82 -47.42
N ALA K 170 3.58 -27.51 -47.27
CA ALA K 170 3.67 -26.52 -48.36
C ALA K 170 5.10 -26.55 -48.97
N LEU K 171 6.11 -26.49 -48.08
CA LEU K 171 7.53 -26.58 -48.43
C LEU K 171 8.19 -27.56 -47.48
N PRO K 172 9.05 -28.49 -47.96
CA PRO K 172 9.75 -29.40 -47.04
C PRO K 172 10.72 -28.62 -46.14
N PRO K 173 10.86 -28.98 -44.85
CA PRO K 173 11.72 -28.18 -43.96
C PRO K 173 13.20 -28.17 -44.32
N CYS K 174 13.82 -26.97 -44.36
CA CYS K 174 15.24 -26.75 -44.61
C CYS K 174 16.01 -27.12 -43.35
N HIS K 175 15.42 -26.85 -42.18
CA HIS K 175 15.98 -27.09 -40.85
C HIS K 175 15.46 -28.42 -40.38
N CYS K 176 16.22 -29.49 -40.71
CA CYS K 176 15.91 -30.88 -40.45
C CYS K 176 15.83 -31.25 -38.98
N LEU K 177 16.87 -30.94 -38.22
CA LEU K 177 16.94 -31.19 -36.79
C LEU K 177 17.93 -30.27 -36.11
N CYS K 178 17.80 -30.16 -34.77
CA CYS K 178 18.74 -29.45 -33.93
C CYS K 178 19.02 -30.25 -32.65
N GLN K 179 20.27 -30.20 -32.17
CA GLN K 179 20.67 -30.87 -30.97
C GLN K 179 21.17 -29.86 -29.96
N PHE K 180 20.94 -30.13 -28.68
CA PHE K 180 21.39 -29.29 -27.57
C PHE K 180 22.46 -29.99 -26.73
N TYR K 181 23.32 -29.19 -26.12
CA TYR K 181 24.49 -29.65 -25.34
C TYR K 181 24.73 -28.74 -24.16
N VAL K 182 25.01 -29.35 -23.00
CA VAL K 182 25.26 -28.64 -21.75
C VAL K 182 26.63 -29.03 -21.20
N ALA K 183 27.48 -28.01 -20.92
CA ALA K 183 28.79 -28.14 -20.31
C ALA K 183 29.20 -26.80 -19.71
N ASN K 184 29.70 -26.83 -18.45
CA ASN K 184 30.16 -25.68 -17.68
C ASN K 184 29.12 -24.54 -17.59
N GLY K 185 27.89 -24.94 -17.31
CA GLY K 185 26.74 -24.05 -17.17
C GLY K 185 26.29 -23.36 -18.45
N GLU K 186 26.68 -23.88 -19.62
CA GLU K 186 26.23 -23.22 -20.82
C GLU K 186 25.63 -24.17 -21.81
N LEU K 187 24.59 -23.64 -22.46
CA LEU K 187 23.80 -24.33 -23.45
C LEU K 187 24.23 -24.01 -24.89
N SER K 188 24.62 -25.04 -25.62
CA SER K 188 25.01 -24.98 -27.03
C SER K 188 23.98 -25.68 -27.90
N CYS K 189 23.80 -25.20 -29.12
CA CYS K 189 22.85 -25.76 -30.07
C CYS K 189 23.52 -26.04 -31.42
N GLN K 190 23.18 -27.17 -32.07
CA GLN K 190 23.65 -27.47 -33.41
C GLN K 190 22.46 -27.71 -34.32
N LEU K 191 22.40 -27.01 -35.45
CA LEU K 191 21.33 -27.16 -36.41
C LEU K 191 21.86 -27.88 -37.67
N TYR K 192 21.09 -28.87 -38.18
CA TYR K 192 21.40 -29.49 -39.46
C TYR K 192 20.47 -28.85 -40.49
N GLN K 193 21.05 -28.09 -41.42
CA GLN K 193 20.29 -27.45 -42.49
C GLN K 193 20.62 -28.12 -43.83
N ARG K 194 19.64 -28.86 -44.40
CA ARG K 194 19.79 -29.60 -45.67
C ARG K 194 20.00 -28.72 -46.90
N SER K 195 19.39 -27.53 -46.91
CA SER K 195 19.43 -26.58 -48.02
C SER K 195 19.67 -25.20 -47.45
N ALA K 196 20.73 -24.53 -47.91
CA ALA K 196 21.08 -23.23 -47.37
C ALA K 196 21.49 -22.18 -48.40
N ASP K 197 20.53 -21.26 -48.74
CA ASP K 197 20.80 -20.13 -49.63
C ASP K 197 21.62 -19.15 -48.81
N MET K 198 22.93 -19.08 -49.07
CA MET K 198 23.84 -18.19 -48.35
C MET K 198 23.43 -16.74 -48.42
N GLY K 199 22.83 -16.35 -49.55
CA GLY K 199 22.37 -15.00 -49.79
C GLY K 199 21.37 -14.47 -48.78
N LEU K 200 20.10 -14.84 -48.95
CA LEU K 200 19.01 -14.34 -48.13
C LEU K 200 18.71 -15.14 -46.90
N GLY K 201 18.70 -16.46 -47.06
CA GLY K 201 18.34 -17.43 -46.05
C GLY K 201 19.21 -17.54 -44.82
N VAL K 202 20.49 -17.93 -45.00
CA VAL K 202 21.46 -18.25 -43.94
C VAL K 202 21.55 -17.16 -42.81
N PRO K 203 21.63 -15.83 -43.07
CA PRO K 203 21.68 -14.87 -41.93
C PRO K 203 20.48 -14.95 -41.01
N PHE K 204 19.27 -15.13 -41.59
CA PHE K 204 17.99 -15.30 -40.92
C PHE K 204 17.96 -16.59 -40.07
N ASN K 205 18.45 -17.70 -40.64
CA ASN K 205 18.56 -19.02 -40.02
C ASN K 205 19.46 -18.98 -38.77
N ILE K 206 20.65 -18.34 -38.90
CA ILE K 206 21.62 -18.18 -37.80
C ILE K 206 20.89 -17.55 -36.60
N ALA K 207 20.19 -16.42 -36.84
CA ALA K 207 19.47 -15.64 -35.84
C ALA K 207 18.33 -16.41 -35.16
N SER K 208 17.52 -17.19 -35.91
CA SER K 208 16.45 -18.03 -35.35
C SER K 208 16.97 -19.09 -34.34
N TYR K 209 17.99 -19.86 -34.71
CA TYR K 209 18.49 -20.87 -33.77
C TYR K 209 19.38 -20.32 -32.70
N ALA K 210 19.95 -19.10 -32.88
CA ALA K 210 20.68 -18.42 -31.82
C ALA K 210 19.68 -17.87 -30.78
N LEU K 211 18.53 -17.32 -31.26
CA LEU K 211 17.48 -16.80 -30.40
C LEU K 211 16.80 -17.91 -29.60
N LEU K 212 16.53 -19.06 -30.25
CA LEU K 212 15.98 -20.24 -29.63
C LEU K 212 16.88 -20.69 -28.44
N THR K 213 18.20 -20.74 -28.66
CA THR K 213 19.21 -21.09 -27.65
C THR K 213 19.12 -20.14 -26.45
N TYR K 214 18.99 -18.81 -26.70
CA TYR K 214 18.86 -17.76 -25.68
C TYR K 214 17.60 -17.97 -24.82
N MET K 215 16.49 -18.34 -25.48
CA MET K 215 15.20 -18.61 -24.85
C MET K 215 15.26 -19.85 -23.96
N ILE K 216 15.79 -20.95 -24.48
CA ILE K 216 15.91 -22.22 -23.76
C ILE K 216 16.89 -22.08 -22.61
N ALA K 217 18.02 -21.36 -22.82
CA ALA K 217 19.03 -21.12 -21.79
C ALA K 217 18.46 -20.36 -20.60
N HIS K 218 17.62 -19.34 -20.90
CA HIS K 218 16.92 -18.48 -19.94
C HIS K 218 15.97 -19.27 -19.03
N VAL K 219 15.10 -20.12 -19.62
CA VAL K 219 14.12 -20.92 -18.89
C VAL K 219 14.77 -22.14 -18.17
N THR K 220 15.97 -22.57 -18.58
CA THR K 220 16.65 -23.72 -17.95
C THR K 220 17.77 -23.30 -16.99
N ASP K 221 17.87 -21.98 -16.71
CA ASP K 221 18.84 -21.33 -15.81
C ASP K 221 20.30 -21.62 -16.20
N LEU K 222 20.57 -21.57 -17.51
CA LEU K 222 21.88 -21.76 -18.09
C LEU K 222 22.28 -20.53 -18.91
N LYS K 223 23.53 -20.46 -19.34
CA LYS K 223 23.98 -19.34 -20.16
C LYS K 223 24.18 -19.84 -21.59
N PRO K 224 23.89 -19.03 -22.64
CA PRO K 224 24.14 -19.50 -24.01
C PRO K 224 25.65 -19.71 -24.28
N GLY K 225 25.96 -20.81 -24.97
CA GLY K 225 27.33 -21.17 -25.33
C GLY K 225 27.65 -20.82 -26.76
N ASP K 226 27.50 -21.81 -27.66
CA ASP K 226 27.75 -21.69 -29.08
C ASP K 226 26.55 -22.10 -29.90
N PHE K 227 26.47 -21.58 -31.12
CA PHE K 227 25.50 -22.01 -32.11
C PHE K 227 26.34 -22.61 -33.25
N VAL K 228 26.20 -23.92 -33.48
CA VAL K 228 26.91 -24.64 -34.53
C VAL K 228 25.94 -24.82 -35.71
N HIS K 229 26.29 -24.23 -36.85
CA HIS K 229 25.48 -24.27 -38.06
C HIS K 229 26.07 -25.22 -39.08
N THR K 230 25.45 -26.39 -39.25
CA THR K 230 25.88 -27.40 -40.21
C THR K 230 25.02 -27.29 -41.44
N LEU K 231 25.65 -27.29 -42.63
CA LEU K 231 24.97 -27.18 -43.91
C LEU K 231 25.15 -28.40 -44.80
N GLY K 232 24.10 -28.74 -45.53
CA GLY K 232 24.08 -29.79 -46.54
C GLY K 232 24.41 -29.14 -47.86
N ASP K 233 23.37 -28.91 -48.66
CA ASP K 233 23.53 -28.23 -49.95
C ASP K 233 23.57 -26.70 -49.71
N ALA K 234 24.80 -26.14 -49.62
CA ALA K 234 25.07 -24.72 -49.42
C ALA K 234 25.21 -24.08 -50.81
N HIS K 235 24.26 -23.19 -51.18
CA HIS K 235 24.23 -22.58 -52.50
C HIS K 235 24.03 -21.06 -52.47
N VAL K 236 24.36 -20.42 -53.60
CA VAL K 236 24.17 -19.00 -53.87
C VAL K 236 23.51 -18.95 -55.24
N TYR K 237 22.29 -18.38 -55.31
CA TYR K 237 21.55 -18.29 -56.56
C TYR K 237 22.33 -17.43 -57.53
N SER K 238 22.43 -17.87 -58.79
CA SER K 238 23.18 -17.20 -59.87
C SER K 238 22.79 -15.73 -60.05
N ASN K 239 21.48 -15.40 -59.90
CA ASN K 239 20.98 -14.04 -60.04
C ASN K 239 21.35 -13.13 -58.85
N HIS K 240 21.84 -13.73 -57.74
CA HIS K 240 22.25 -13.00 -56.53
C HIS K 240 23.77 -12.75 -56.48
N CYS K 241 24.52 -13.24 -57.48
CA CYS K 241 25.99 -13.19 -57.53
C CYS K 241 26.59 -11.79 -57.61
N GLU K 242 25.99 -10.87 -58.40
CA GLU K 242 26.44 -9.48 -58.53
C GLU K 242 26.36 -8.75 -57.18
N ALA K 243 25.23 -8.93 -56.48
CA ALA K 243 24.95 -8.37 -55.16
C ALA K 243 25.85 -8.97 -54.06
N LEU K 244 26.16 -10.29 -54.15
CA LEU K 244 27.03 -10.98 -53.19
C LEU K 244 28.47 -10.52 -53.31
N GLU K 245 28.94 -10.21 -54.54
CA GLU K 245 30.27 -9.67 -54.80
C GLU K 245 30.44 -8.30 -54.12
N GLU K 246 29.37 -7.49 -54.11
CA GLU K 246 29.34 -6.19 -53.45
C GLU K 246 29.37 -6.37 -51.92
N GLN K 247 28.64 -7.38 -51.40
CA GLN K 247 28.59 -7.71 -49.98
C GLN K 247 29.94 -8.23 -49.45
N LEU K 248 30.68 -9.04 -50.25
CA LEU K 248 32.01 -9.56 -49.89
C LEU K 248 33.04 -8.44 -49.67
N LYS K 249 32.83 -7.27 -50.28
CA LYS K 249 33.68 -6.08 -50.16
C LYS K 249 33.47 -5.36 -48.80
N ARG K 250 32.42 -5.77 -48.05
CA ARG K 250 32.06 -5.22 -46.74
C ARG K 250 32.75 -5.93 -45.57
N GLU K 251 33.21 -5.13 -44.60
CA GLU K 251 33.90 -5.60 -43.40
C GLU K 251 32.87 -5.85 -42.27
N PRO K 252 32.81 -7.06 -41.66
CA PRO K 252 31.85 -7.28 -40.56
C PRO K 252 32.05 -6.31 -39.40
N ARG K 253 30.94 -5.89 -38.80
CA ARG K 253 30.94 -4.97 -37.68
C ARG K 253 30.68 -5.76 -36.38
N PRO K 254 31.06 -5.25 -35.19
CA PRO K 254 30.79 -6.02 -33.95
C PRO K 254 29.32 -6.41 -33.83
N PHE K 255 29.07 -7.67 -33.45
CA PHE K 255 27.71 -8.21 -33.31
C PHE K 255 26.92 -7.49 -32.21
N PRO K 256 25.57 -7.37 -32.34
CA PRO K 256 24.80 -6.74 -31.25
C PRO K 256 24.74 -7.61 -29.99
N SER K 257 24.21 -7.05 -28.89
CA SER K 257 24.03 -7.78 -27.65
C SER K 257 22.53 -8.06 -27.45
N LEU K 258 22.20 -9.19 -26.82
CA LEU K 258 20.82 -9.57 -26.55
C LEU K 258 20.59 -9.83 -25.06
N LYS K 259 19.53 -9.19 -24.54
CA LYS K 259 19.09 -9.29 -23.16
C LYS K 259 17.61 -9.65 -23.14
N ILE K 260 17.20 -10.49 -22.19
CA ILE K 260 15.80 -10.82 -21.96
C ILE K 260 15.42 -9.99 -20.74
N LYS K 261 14.63 -8.93 -20.99
CA LYS K 261 14.19 -7.88 -20.06
C LYS K 261 13.60 -8.37 -18.74
N ARG K 262 12.83 -9.48 -18.75
CA ARG K 262 12.18 -10.01 -17.54
C ARG K 262 12.44 -11.51 -17.37
N LYS K 263 12.14 -12.06 -16.18
CA LYS K 263 12.27 -13.49 -15.92
C LYS K 263 11.02 -14.16 -16.49
N VAL K 264 11.23 -14.97 -17.53
CA VAL K 264 10.19 -15.72 -18.23
C VAL K 264 10.30 -17.17 -17.70
N GLU K 265 9.20 -17.69 -17.13
CA GLU K 265 9.14 -19.04 -16.53
C GLU K 265 9.11 -20.18 -17.53
N ASN K 266 8.25 -20.07 -18.56
CA ASN K 266 8.07 -21.10 -19.59
C ASN K 266 8.38 -20.57 -20.98
N ILE K 267 8.87 -21.44 -21.89
CA ILE K 267 9.22 -21.10 -23.29
C ILE K 267 8.04 -20.51 -24.07
N SER K 268 6.81 -20.97 -23.77
CA SER K 268 5.58 -20.52 -24.41
C SER K 268 5.17 -19.09 -23.98
N ASP K 269 5.77 -18.56 -22.89
CA ASP K 269 5.45 -17.25 -22.30
C ASP K 269 6.25 -16.06 -22.86
N PHE K 270 7.13 -16.27 -23.85
CA PHE K 270 7.90 -15.15 -24.42
C PHE K 270 7.05 -14.30 -25.36
N LYS K 271 7.33 -12.98 -25.39
CA LYS K 271 6.70 -11.97 -26.24
C LYS K 271 7.85 -11.20 -26.91
N PHE K 272 7.62 -10.62 -28.09
CA PHE K 272 8.65 -9.86 -28.81
C PHE K 272 9.28 -8.76 -27.94
N GLU K 273 8.47 -8.06 -27.16
CA GLU K 273 8.85 -6.97 -26.26
C GLU K 273 9.80 -7.40 -25.12
N ASP K 274 9.91 -8.72 -24.85
CA ASP K 274 10.81 -9.27 -23.83
C ASP K 274 12.28 -9.22 -24.25
N PHE K 275 12.54 -9.12 -25.56
CA PHE K 275 13.88 -9.08 -26.14
C PHE K 275 14.42 -7.67 -26.29
N GLU K 276 15.70 -7.48 -25.92
CA GLU K 276 16.39 -6.21 -25.97
C GLU K 276 17.65 -6.37 -26.82
N LEU K 277 17.56 -5.99 -28.10
CA LEU K 277 18.68 -6.05 -29.03
C LEU K 277 19.39 -4.72 -29.07
N ASP K 278 20.55 -4.64 -28.39
CA ASP K 278 21.35 -3.42 -28.28
C ASP K 278 22.57 -3.43 -29.20
N GLY K 279 22.81 -2.29 -29.84
CA GLY K 279 23.95 -2.02 -30.72
C GLY K 279 24.00 -2.74 -32.05
N TYR K 280 22.83 -2.99 -32.68
CA TYR K 280 22.80 -3.61 -34.00
C TYR K 280 23.08 -2.53 -35.03
N LYS K 281 24.30 -2.52 -35.58
CA LYS K 281 24.73 -1.51 -36.53
C LYS K 281 25.16 -2.16 -37.86
N PRO K 282 24.22 -2.72 -38.67
CA PRO K 282 24.66 -3.37 -39.92
C PRO K 282 24.91 -2.42 -41.09
N HIS K 283 25.53 -2.97 -42.15
CA HIS K 283 25.74 -2.30 -43.43
C HIS K 283 24.34 -2.30 -44.12
N PRO K 284 24.04 -1.42 -45.10
CA PRO K 284 22.67 -1.44 -45.69
C PRO K 284 22.21 -2.78 -46.29
N LYS K 285 20.89 -2.95 -46.46
CA LYS K 285 20.28 -4.12 -47.09
C LYS K 285 20.67 -4.16 -48.58
N ILE K 286 20.76 -5.37 -49.16
CA ILE K 286 21.07 -5.56 -50.58
C ILE K 286 19.93 -6.35 -51.26
N LYS K 287 19.45 -5.86 -52.42
CA LYS K 287 18.39 -6.49 -53.23
C LYS K 287 18.88 -7.81 -53.82
N MET K 288 18.18 -8.92 -53.53
CA MET K 288 18.51 -10.26 -54.04
C MET K 288 17.26 -11.01 -54.47
N ARG L 5 47.32 -33.38 -47.74
CA ARG L 5 47.38 -34.01 -46.42
C ARG L 5 46.41 -35.21 -46.29
N HIS L 6 46.83 -36.32 -45.65
CA HIS L 6 46.00 -37.53 -45.44
C HIS L 6 44.72 -37.20 -44.67
N ASP L 7 43.57 -37.69 -45.20
CA ASP L 7 42.23 -37.51 -44.64
C ASP L 7 42.07 -37.99 -43.19
N GLU L 8 42.97 -38.89 -42.71
CA GLU L 8 42.92 -39.43 -41.36
C GLU L 8 43.44 -38.42 -40.31
N TYR L 9 44.20 -37.40 -40.72
CA TYR L 9 44.70 -36.37 -39.80
C TYR L 9 43.59 -35.49 -39.16
N GLN L 10 42.39 -35.39 -39.82
CA GLN L 10 41.20 -34.69 -39.29
C GLN L 10 40.70 -35.40 -38.02
N TYR L 11 40.64 -36.72 -38.05
CA TYR L 11 40.23 -37.59 -36.96
C TYR L 11 41.25 -37.51 -35.80
N LEU L 12 42.54 -37.58 -36.13
CA LEU L 12 43.64 -37.49 -35.15
C LEU L 12 43.68 -36.12 -34.47
N ASP L 13 43.58 -35.04 -35.27
CA ASP L 13 43.55 -33.65 -34.76
C ASP L 13 42.37 -33.39 -33.85
N LEU L 14 41.21 -34.01 -34.11
CA LEU L 14 40.03 -33.88 -33.25
C LEU L 14 40.19 -34.56 -31.89
N ILE L 15 40.68 -35.83 -31.85
CA ILE L 15 41.00 -36.54 -30.59
C ILE L 15 41.94 -35.64 -29.74
N ARG L 16 43.02 -35.14 -30.36
CA ARG L 16 44.00 -34.24 -29.75
C ARG L 16 43.33 -32.98 -29.20
N GLN L 17 42.45 -32.33 -30.00
CA GLN L 17 41.68 -31.11 -29.66
C GLN L 17 40.73 -31.35 -28.48
N ILE L 18 40.07 -32.55 -28.43
CA ILE L 18 39.15 -32.95 -27.35
C ILE L 18 39.92 -33.14 -26.05
N MET L 19 41.01 -33.92 -26.07
CA MET L 19 41.84 -34.21 -24.89
C MET L 19 42.49 -32.95 -24.29
N ARG L 20 42.72 -31.93 -25.13
CA ARG L 20 43.36 -30.65 -24.76
C ARG L 20 42.37 -29.57 -24.31
N THR L 21 41.29 -29.32 -25.08
CA THR L 21 40.33 -28.24 -24.75
C THR L 21 38.89 -28.70 -24.40
N GLY L 22 38.63 -30.00 -24.46
CA GLY L 22 37.32 -30.56 -24.15
C GLY L 22 36.82 -30.42 -22.72
N ASN L 23 35.51 -30.66 -22.54
CA ASN L 23 34.79 -30.56 -21.26
C ASN L 23 34.68 -31.91 -20.56
N ARG L 24 35.22 -31.99 -19.35
CA ARG L 24 35.18 -33.21 -18.54
C ARG L 24 33.83 -33.38 -17.85
N LYS L 25 33.26 -34.60 -17.92
CA LYS L 25 31.97 -34.93 -17.32
C LYS L 25 32.04 -36.26 -16.56
N THR L 31 31.69 -44.02 -15.66
CA THR L 31 32.37 -44.01 -16.95
C THR L 31 32.38 -42.53 -17.47
N GLY L 32 33.46 -41.81 -17.16
CA GLY L 32 33.65 -40.40 -17.49
C GLY L 32 34.18 -40.10 -18.88
N THR L 33 33.83 -38.92 -19.41
CA THR L 33 34.26 -38.48 -20.74
C THR L 33 34.87 -37.05 -20.73
N ILE L 34 35.53 -36.72 -21.84
CA ILE L 34 36.05 -35.39 -22.18
C ILE L 34 35.36 -35.14 -23.53
N SER L 35 34.59 -34.07 -23.67
CA SER L 35 33.82 -33.86 -24.90
C SER L 35 33.86 -32.47 -25.46
N MET L 36 33.49 -32.35 -26.73
CA MET L 36 33.37 -31.10 -27.49
C MET L 36 32.03 -31.22 -28.24
N PHE L 37 31.45 -30.10 -28.64
CA PHE L 37 30.19 -30.14 -29.38
C PHE L 37 30.31 -29.51 -30.75
N GLY L 38 30.06 -30.31 -31.78
CA GLY L 38 30.11 -29.87 -33.17
C GLY L 38 31.47 -30.02 -33.83
N ALA L 39 31.55 -30.94 -34.81
CA ALA L 39 32.74 -31.19 -35.61
C ALA L 39 32.34 -31.64 -37.00
N GLN L 40 33.26 -31.56 -37.96
CA GLN L 40 33.01 -31.99 -39.33
C GLN L 40 34.29 -32.43 -40.04
N MET L 41 34.26 -33.64 -40.62
CA MET L 41 35.35 -34.22 -41.40
C MET L 41 34.85 -34.55 -42.78
N ARG L 42 35.74 -34.53 -43.77
CA ARG L 42 35.43 -34.86 -45.16
C ARG L 42 36.41 -35.90 -45.61
N TYR L 43 35.88 -37.04 -46.11
CA TYR L 43 36.66 -38.15 -46.63
C TYR L 43 36.35 -38.33 -48.09
N SER L 44 37.38 -38.24 -48.96
CA SER L 44 37.24 -38.52 -50.38
C SER L 44 37.05 -40.05 -50.60
N LEU L 45 36.06 -40.44 -51.43
CA LEU L 45 35.76 -41.83 -51.82
C LEU L 45 36.08 -42.03 -53.32
N ARG L 46 36.77 -41.06 -53.93
CA ARG L 46 37.13 -41.02 -55.35
C ARG L 46 38.27 -41.96 -55.71
N ASP L 47 38.26 -42.47 -56.97
CA ASP L 47 39.25 -43.36 -57.61
C ASP L 47 39.48 -44.68 -56.86
N GLY L 48 38.38 -45.22 -56.36
CA GLY L 48 38.34 -46.49 -55.62
C GLY L 48 38.82 -46.43 -54.20
N ILE L 49 39.36 -45.29 -53.73
CA ILE L 49 39.89 -45.23 -52.35
C ILE L 49 38.73 -45.32 -51.32
N PHE L 50 38.91 -46.16 -50.30
CA PHE L 50 37.97 -46.42 -49.20
C PHE L 50 38.54 -45.94 -47.87
N PRO L 51 37.86 -44.98 -47.17
CA PRO L 51 38.40 -44.46 -45.91
C PRO L 51 38.24 -45.36 -44.66
N LEU L 52 38.88 -46.55 -44.66
CA LEU L 52 38.94 -47.43 -43.49
C LEU L 52 40.19 -46.95 -42.76
N LEU L 53 40.05 -46.41 -41.54
CA LEU L 53 41.15 -45.80 -40.78
C LEU L 53 42.27 -46.80 -40.47
N THR L 54 43.51 -46.30 -40.60
CA THR L 54 44.76 -47.08 -40.54
C THR L 54 45.63 -46.94 -39.27
N THR L 55 45.35 -45.99 -38.36
CA THR L 55 46.20 -45.85 -37.14
C THR L 55 45.82 -46.91 -36.09
N LYS L 56 44.88 -47.78 -36.43
CA LYS L 56 44.33 -48.82 -35.59
C LYS L 56 43.51 -49.68 -36.58
N ARG L 57 43.47 -51.00 -36.37
CA ARG L 57 42.67 -51.87 -37.25
C ARG L 57 41.17 -51.76 -36.94
N VAL L 58 40.34 -51.61 -38.00
CA VAL L 58 38.87 -51.54 -37.91
C VAL L 58 38.29 -52.91 -38.34
N PHE L 59 37.19 -53.37 -37.68
CA PHE L 59 36.49 -54.62 -37.98
C PHE L 59 35.66 -54.50 -39.27
N TRP L 60 36.32 -54.62 -40.44
CA TRP L 60 35.73 -54.50 -41.78
C TRP L 60 34.50 -55.40 -42.00
N ARG L 61 34.62 -56.69 -41.66
CA ARG L 61 33.53 -57.67 -41.80
C ARG L 61 32.30 -57.25 -40.98
N GLY L 62 32.52 -56.73 -39.77
CA GLY L 62 31.47 -56.21 -38.91
C GLY L 62 30.75 -55.02 -39.54
N VAL L 63 31.53 -54.08 -40.11
CA VAL L 63 31.05 -52.89 -40.82
C VAL L 63 30.10 -53.32 -41.96
N ALA L 64 30.62 -54.17 -42.87
CA ALA L 64 29.89 -54.62 -44.06
C ALA L 64 28.66 -55.44 -43.73
N GLU L 65 28.79 -56.45 -42.85
CA GLU L 65 27.65 -57.29 -42.47
C GLU L 65 26.56 -56.52 -41.76
N GLU L 66 26.94 -55.57 -40.87
CA GLU L 66 25.95 -54.73 -40.17
C GLU L 66 25.13 -53.86 -41.13
N LEU L 67 25.79 -53.30 -42.15
CA LEU L 67 25.15 -52.46 -43.15
C LEU L 67 24.20 -53.24 -44.04
N LEU L 68 24.57 -54.50 -44.40
CA LEU L 68 23.75 -55.36 -45.24
C LEU L 68 22.47 -55.76 -44.51
N TRP L 69 22.58 -55.87 -43.20
CA TRP L 69 21.55 -56.22 -42.24
C TRP L 69 20.58 -55.03 -42.07
N PHE L 70 21.07 -53.77 -42.16
CA PHE L 70 20.25 -52.55 -42.13
C PHE L 70 19.46 -52.45 -43.45
N VAL L 71 20.15 -52.65 -44.59
CA VAL L 71 19.58 -52.58 -45.95
C VAL L 71 18.42 -53.58 -46.10
N ARG L 72 18.57 -54.80 -45.54
CA ARG L 72 17.54 -55.84 -45.54
C ARG L 72 16.28 -55.42 -44.78
N GLY L 73 16.42 -54.40 -43.92
CA GLY L 73 15.33 -53.86 -43.11
C GLY L 73 15.15 -54.62 -41.81
N SER L 74 16.15 -55.47 -41.48
CA SER L 74 16.17 -56.34 -40.32
C SER L 74 16.28 -55.56 -39.01
N THR L 75 15.47 -55.97 -38.03
CA THR L 75 15.39 -55.47 -36.64
C THR L 75 15.70 -56.66 -35.73
N ASN L 76 16.18 -57.77 -36.34
CA ASN L 76 16.50 -59.04 -35.69
C ASN L 76 18.03 -59.22 -35.45
N ALA L 77 18.48 -59.19 -34.17
CA ALA L 77 19.89 -59.34 -33.77
C ALA L 77 20.46 -60.71 -34.07
N LYS L 78 19.60 -61.75 -34.11
CA LYS L 78 19.96 -63.14 -34.39
C LYS L 78 20.47 -63.31 -35.81
N GLU L 79 20.02 -62.49 -36.76
CA GLU L 79 20.42 -62.55 -38.16
C GLU L 79 21.86 -62.11 -38.36
N LEU L 80 22.33 -61.12 -37.57
CA LEU L 80 23.69 -60.61 -37.55
C LEU L 80 24.54 -61.52 -36.71
N GLN L 81 24.01 -62.04 -35.58
CA GLN L 81 24.65 -63.00 -34.65
C GLN L 81 25.01 -64.29 -35.35
N GLU L 82 24.22 -64.64 -36.35
CA GLU L 82 24.34 -65.81 -37.23
C GLU L 82 25.57 -65.66 -38.10
N LYS L 83 25.96 -64.41 -38.36
CA LYS L 83 27.16 -64.11 -39.15
C LYS L 83 28.41 -63.86 -38.26
N ASP L 84 28.31 -64.25 -36.97
CA ASP L 84 29.30 -64.13 -35.90
C ASP L 84 29.68 -62.66 -35.64
N ILE L 85 28.67 -61.76 -35.74
CA ILE L 85 28.79 -60.33 -35.46
C ILE L 85 27.98 -60.11 -34.17
N HIS L 86 28.67 -59.65 -33.11
CA HIS L 86 28.06 -59.52 -31.78
C HIS L 86 27.99 -58.05 -31.28
N ILE L 87 28.00 -57.10 -32.22
CA ILE L 87 27.93 -55.66 -31.94
C ILE L 87 26.55 -55.23 -31.39
N TRP L 88 25.48 -55.99 -31.69
CA TRP L 88 24.11 -55.70 -31.20
C TRP L 88 23.64 -56.59 -30.02
N ASP L 89 24.57 -57.38 -29.41
CA ASP L 89 24.28 -58.26 -28.27
C ASP L 89 24.06 -57.45 -26.99
N GLU L 107 13.20 -62.77 -28.10
CA GLU L 107 14.66 -62.63 -28.04
C GLU L 107 15.22 -62.31 -29.44
N GLY L 108 16.08 -61.29 -29.52
CA GLY L 108 16.68 -60.84 -30.77
C GLY L 108 15.99 -59.62 -31.34
N ASP L 109 14.73 -59.36 -30.91
CA ASP L 109 13.94 -58.21 -31.34
C ASP L 109 14.47 -56.89 -30.74
N LEU L 110 15.06 -56.05 -31.59
CA LEU L 110 15.66 -54.78 -31.15
C LEU L 110 14.70 -53.58 -31.21
N GLY L 111 13.44 -53.82 -31.53
CA GLY L 111 12.44 -52.79 -31.70
C GLY L 111 12.61 -52.19 -33.09
N PRO L 112 12.02 -51.02 -33.39
CA PRO L 112 12.16 -50.43 -34.73
C PRO L 112 13.44 -49.60 -34.96
N VAL L 113 14.60 -50.28 -35.03
CA VAL L 113 15.93 -49.71 -35.24
C VAL L 113 16.20 -49.40 -36.72
N TYR L 114 17.45 -48.95 -37.07
CA TYR L 114 17.91 -48.48 -38.39
C TYR L 114 17.30 -49.16 -39.60
N GLY L 115 17.37 -50.48 -39.66
CA GLY L 115 16.80 -51.26 -40.75
C GLY L 115 15.32 -50.97 -41.00
N PHE L 116 14.56 -50.81 -39.90
CA PHE L 116 13.13 -50.55 -39.98
C PHE L 116 12.82 -49.11 -40.42
N GLN L 117 13.57 -48.15 -39.90
CA GLN L 117 13.43 -46.73 -40.21
C GLN L 117 13.76 -46.46 -41.66
N TRP L 118 14.83 -47.09 -42.14
CA TRP L 118 15.29 -46.95 -43.51
C TRP L 118 14.29 -47.45 -44.53
N ARG L 119 13.64 -48.59 -44.24
CA ARG L 119 12.72 -49.24 -45.19
C ARG L 119 11.22 -49.02 -44.93
N HIS L 120 10.81 -48.68 -43.69
CA HIS L 120 9.38 -48.53 -43.35
C HIS L 120 9.17 -47.40 -42.35
N PHE L 121 9.84 -46.25 -42.52
CA PHE L 121 9.65 -45.11 -41.61
C PHE L 121 8.16 -44.74 -41.48
N GLY L 122 7.67 -44.65 -40.24
CA GLY L 122 6.31 -44.24 -39.92
C GLY L 122 5.28 -45.34 -39.78
N ALA L 123 5.63 -46.56 -40.24
CA ALA L 123 4.76 -47.72 -40.13
C ALA L 123 4.66 -48.14 -38.66
N PRO L 124 3.51 -48.69 -38.21
CA PRO L 124 3.45 -49.17 -36.82
C PRO L 124 4.28 -50.46 -36.65
N TYR L 125 5.10 -50.51 -35.61
CA TYR L 125 5.94 -51.65 -35.36
C TYR L 125 5.25 -52.65 -34.48
N ALA L 126 5.28 -53.94 -34.88
CA ALA L 126 4.73 -55.05 -34.14
C ALA L 126 5.90 -55.90 -33.65
N ASP L 127 6.51 -56.70 -34.54
CA ASP L 127 7.71 -57.50 -34.22
C ASP L 127 8.66 -57.61 -35.41
N MET L 128 9.77 -58.36 -35.25
CA MET L 128 10.79 -58.57 -36.28
C MET L 128 10.37 -59.56 -37.36
N HIS L 129 9.25 -60.25 -37.12
CA HIS L 129 8.72 -61.28 -38.00
C HIS L 129 7.63 -60.75 -38.93
N THR L 130 6.92 -59.67 -38.53
CA THR L 130 5.83 -59.04 -39.29
C THR L 130 6.28 -58.63 -40.70
N ASP L 131 5.38 -58.88 -41.68
CA ASP L 131 5.53 -58.50 -43.08
C ASP L 131 5.09 -57.04 -43.20
N TYR L 132 6.09 -56.14 -43.36
CA TYR L 132 5.87 -54.71 -43.46
C TYR L 132 5.84 -54.20 -44.91
N THR L 133 5.79 -55.12 -45.91
CA THR L 133 5.73 -54.79 -47.34
C THR L 133 4.64 -53.74 -47.62
N GLY L 134 5.04 -52.62 -48.21
CA GLY L 134 4.16 -51.51 -48.55
C GLY L 134 3.81 -50.59 -47.40
N GLN L 135 4.35 -50.85 -46.19
CA GLN L 135 4.09 -50.07 -44.99
C GLN L 135 5.25 -49.08 -44.74
N GLY L 136 4.88 -47.86 -44.36
CA GLY L 136 5.81 -46.78 -44.08
C GLY L 136 6.54 -46.29 -45.32
N VAL L 137 7.51 -45.39 -45.08
CA VAL L 137 8.30 -44.79 -46.14
C VAL L 137 9.60 -45.57 -46.34
N ASP L 138 9.78 -46.10 -47.56
CA ASP L 138 11.01 -46.80 -47.91
C ASP L 138 11.97 -45.71 -48.35
N GLN L 139 12.67 -45.13 -47.36
CA GLN L 139 13.61 -44.05 -47.52
C GLN L 139 14.79 -44.41 -48.36
N LEU L 140 15.28 -45.65 -48.23
CA LEU L 140 16.42 -46.13 -48.98
C LEU L 140 16.10 -46.19 -50.48
N GLN L 141 14.96 -46.80 -50.85
CA GLN L 141 14.52 -46.90 -52.25
C GLN L 141 14.12 -45.52 -52.80
N GLN L 142 13.55 -44.65 -51.95
CA GLN L 142 13.15 -43.29 -52.33
C GLN L 142 14.41 -42.47 -52.70
N VAL L 143 15.50 -42.64 -51.92
CA VAL L 143 16.78 -41.96 -52.11
C VAL L 143 17.37 -42.36 -53.47
N ILE L 144 17.35 -43.67 -53.79
CA ILE L 144 17.87 -44.24 -55.03
C ILE L 144 17.08 -43.71 -56.24
N ASP L 145 15.73 -43.73 -56.17
CA ASP L 145 14.84 -43.23 -57.21
C ASP L 145 15.08 -41.74 -57.47
N THR L 146 15.27 -40.94 -56.40
CA THR L 146 15.52 -39.50 -56.49
C THR L 146 16.88 -39.22 -57.14
N ILE L 147 17.93 -39.97 -56.75
CA ILE L 147 19.26 -39.83 -57.34
C ILE L 147 19.20 -40.07 -58.89
N LYS L 148 18.45 -41.10 -59.30
CA LYS L 148 18.24 -41.51 -60.69
C LYS L 148 17.39 -40.52 -61.51
N ASN L 149 16.21 -40.11 -60.98
CA ASN L 149 15.25 -39.25 -61.67
C ASN L 149 15.53 -37.75 -61.56
N ASN L 150 15.90 -37.26 -60.35
CA ASN L 150 16.20 -35.85 -60.13
C ASN L 150 17.44 -35.69 -59.24
N PRO L 151 18.67 -35.90 -59.79
CA PRO L 151 19.90 -35.80 -58.96
C PRO L 151 20.18 -34.46 -58.27
N ASP L 152 19.61 -33.36 -58.79
CA ASP L 152 19.78 -31.99 -58.27
C ASP L 152 18.88 -31.66 -57.08
N ASP L 153 17.99 -32.61 -56.68
CA ASP L 153 17.06 -32.48 -55.57
C ASP L 153 17.81 -32.26 -54.25
N ARG L 154 17.33 -31.28 -53.45
CA ARG L 154 17.96 -30.90 -52.18
C ARG L 154 17.28 -31.52 -50.95
N ARG L 155 16.42 -32.54 -51.18
CA ARG L 155 15.69 -33.26 -50.14
C ARG L 155 16.03 -34.77 -50.14
N ILE L 156 17.23 -35.14 -50.65
CA ILE L 156 17.64 -36.56 -50.70
C ILE L 156 18.16 -36.96 -49.31
N ILE L 157 17.21 -37.21 -48.39
CA ILE L 157 17.45 -37.54 -46.96
C ILE L 157 16.89 -38.91 -46.56
N MET L 158 17.58 -39.58 -45.66
CA MET L 158 17.21 -40.85 -45.02
C MET L 158 17.41 -40.56 -43.53
N CYS L 159 16.29 -40.57 -42.79
CA CYS L 159 16.26 -40.22 -41.38
C CYS L 159 15.95 -41.44 -40.50
N ALA L 160 16.81 -41.75 -39.54
CA ALA L 160 16.57 -42.88 -38.62
C ALA L 160 16.05 -42.34 -37.27
N TRP L 161 16.30 -41.06 -36.99
CA TRP L 161 15.81 -40.44 -35.76
C TRP L 161 14.31 -40.26 -35.88
N ASN L 162 13.55 -41.13 -35.18
CA ASN L 162 12.11 -41.09 -35.17
C ASN L 162 11.66 -40.78 -33.74
N PRO L 163 11.24 -39.51 -33.44
CA PRO L 163 10.77 -39.17 -32.07
C PRO L 163 9.71 -40.10 -31.51
N VAL L 164 8.85 -40.64 -32.38
CA VAL L 164 7.76 -41.56 -32.02
C VAL L 164 8.32 -42.95 -31.63
N ASP L 165 9.25 -43.49 -32.44
CA ASP L 165 9.82 -44.82 -32.24
C ASP L 165 11.05 -44.90 -31.35
N VAL L 166 11.74 -43.78 -31.03
CA VAL L 166 12.95 -43.80 -30.20
C VAL L 166 12.69 -44.47 -28.82
N PRO L 167 11.57 -44.22 -28.06
CA PRO L 167 11.36 -44.94 -26.79
C PRO L 167 11.15 -46.45 -26.94
N LYS L 168 10.70 -46.90 -28.13
CA LYS L 168 10.44 -48.32 -28.44
C LYS L 168 11.71 -49.08 -28.84
N MET L 169 12.80 -48.35 -29.20
CA MET L 169 14.08 -48.92 -29.64
C MET L 169 14.94 -49.36 -28.46
N ALA L 170 15.70 -50.46 -28.64
CA ALA L 170 16.62 -51.00 -27.63
C ALA L 170 17.64 -49.92 -27.24
N LEU L 171 18.23 -49.26 -28.25
CA LEU L 171 19.15 -48.14 -28.10
C LEU L 171 18.75 -47.04 -29.07
N PRO L 172 18.73 -45.74 -28.64
CA PRO L 172 18.39 -44.65 -29.58
C PRO L 172 19.48 -44.48 -30.64
N PRO L 173 19.10 -44.19 -31.90
CA PRO L 173 20.12 -44.10 -32.96
C PRO L 173 21.13 -42.98 -32.81
N CYS L 174 22.45 -43.29 -32.96
CA CYS L 174 23.57 -42.32 -32.94
C CYS L 174 23.60 -41.58 -34.27
N HIS L 175 23.24 -42.30 -35.35
CA HIS L 175 23.21 -41.82 -36.73
C HIS L 175 21.81 -41.37 -37.03
N CYS L 176 21.54 -40.09 -36.76
CA CYS L 176 20.25 -39.42 -36.88
C CYS L 176 19.70 -39.36 -38.28
N LEU L 177 20.47 -38.84 -39.23
CA LEU L 177 20.12 -38.75 -40.63
C LEU L 177 21.33 -38.65 -41.52
N CYS L 178 21.12 -38.89 -42.82
CA CYS L 178 22.13 -38.73 -43.84
C CYS L 178 21.52 -38.11 -45.09
N GLN L 179 22.26 -37.22 -45.74
CA GLN L 179 21.80 -36.54 -46.95
C GLN L 179 22.75 -36.90 -48.10
N PHE L 180 22.17 -37.01 -49.30
CA PHE L 180 22.92 -37.32 -50.51
C PHE L 180 22.94 -36.13 -51.47
N TYR L 181 24.04 -36.03 -52.23
CA TYR L 181 24.30 -34.91 -53.15
C TYR L 181 24.97 -35.43 -54.40
N VAL L 182 24.54 -34.92 -55.56
CA VAL L 182 25.06 -35.33 -56.87
C VAL L 182 25.60 -34.10 -57.62
N ALA L 183 26.88 -34.18 -58.03
CA ALA L 183 27.61 -33.16 -58.82
C ALA L 183 28.77 -33.80 -59.54
N ASN L 184 28.91 -33.51 -60.85
CA ASN L 184 29.96 -34.00 -61.75
C ASN L 184 30.03 -35.54 -61.81
N GLY L 185 28.85 -36.18 -61.81
CA GLY L 185 28.69 -37.63 -61.86
C GLY L 185 29.11 -38.34 -60.59
N GLU L 186 29.26 -37.58 -59.47
CA GLU L 186 29.65 -38.12 -58.16
C GLU L 186 28.45 -38.15 -57.21
N LEU L 187 28.43 -39.11 -56.27
CA LEU L 187 27.40 -39.28 -55.25
C LEU L 187 28.05 -39.08 -53.86
N SER L 188 27.83 -37.89 -53.24
CA SER L 188 28.35 -37.52 -51.91
C SER L 188 27.32 -37.77 -50.83
N CYS L 189 27.77 -38.09 -49.61
CA CYS L 189 26.89 -38.38 -48.47
C CYS L 189 27.32 -37.59 -47.23
N GLN L 190 26.36 -37.01 -46.49
CA GLN L 190 26.65 -36.34 -45.24
C GLN L 190 25.84 -36.99 -44.13
N LEU L 191 26.53 -37.37 -43.05
CA LEU L 191 25.97 -38.06 -41.87
C LEU L 191 25.91 -37.09 -40.69
N TYR L 192 24.72 -36.98 -40.04
CA TYR L 192 24.62 -36.25 -38.78
C TYR L 192 24.68 -37.29 -37.66
N GLN L 193 25.77 -37.29 -36.87
CA GLN L 193 25.95 -38.21 -35.76
C GLN L 193 25.85 -37.41 -34.44
N ARG L 194 24.77 -37.62 -33.68
CA ARG L 194 24.49 -36.95 -32.40
C ARG L 194 25.48 -37.27 -31.26
N SER L 195 26.03 -38.48 -31.26
CA SER L 195 26.94 -38.97 -30.24
C SER L 195 28.05 -39.74 -30.93
N ALA L 196 29.31 -39.30 -30.74
CA ALA L 196 30.44 -39.93 -31.39
C ALA L 196 31.61 -40.28 -30.48
N ASP L 197 31.79 -41.60 -30.19
CA ASP L 197 32.93 -42.08 -29.39
C ASP L 197 34.13 -42.10 -30.36
N MET L 198 35.08 -41.16 -30.15
CA MET L 198 36.26 -40.99 -31.00
C MET L 198 37.15 -42.19 -31.02
N GLY L 199 37.26 -42.86 -29.88
CA GLY L 199 38.08 -44.06 -29.72
C GLY L 199 37.66 -45.23 -30.59
N LEU L 200 36.63 -45.96 -30.16
CA LEU L 200 36.17 -47.17 -30.83
C LEU L 200 35.10 -46.97 -31.90
N GLY L 201 34.18 -46.04 -31.63
CA GLY L 201 33.02 -45.77 -32.44
C GLY L 201 33.27 -45.22 -33.82
N VAL L 202 33.78 -43.96 -33.88
CA VAL L 202 33.97 -43.13 -35.08
C VAL L 202 34.67 -43.84 -36.27
N PRO L 203 35.77 -44.65 -36.16
CA PRO L 203 36.31 -45.32 -37.35
C PRO L 203 35.31 -46.28 -38.03
N PHE L 204 34.48 -46.96 -37.23
CA PHE L 204 33.48 -47.92 -37.71
C PHE L 204 32.34 -47.17 -38.44
N ASN L 205 31.92 -46.07 -37.85
CA ASN L 205 30.84 -45.20 -38.32
C ASN L 205 31.17 -44.53 -39.65
N ILE L 206 32.44 -44.17 -39.86
CA ILE L 206 33.00 -43.56 -41.09
C ILE L 206 32.90 -44.57 -42.22
N ALA L 207 33.39 -45.82 -41.98
CA ALA L 207 33.41 -46.94 -42.92
C ALA L 207 32.01 -47.36 -43.33
N SER L 208 31.07 -47.41 -42.36
CA SER L 208 29.70 -47.83 -42.58
C SER L 208 29.01 -47.04 -43.68
N TYR L 209 29.06 -45.68 -43.55
CA TYR L 209 28.43 -44.72 -44.44
C TYR L 209 29.22 -44.47 -45.73
N ALA L 210 30.55 -44.67 -45.73
CA ALA L 210 31.40 -44.63 -46.94
C ALA L 210 31.08 -45.88 -47.80
N LEU L 211 30.72 -47.01 -47.15
CA LEU L 211 30.30 -48.23 -47.85
C LEU L 211 28.90 -48.07 -48.45
N LEU L 212 27.98 -47.48 -47.70
CA LEU L 212 26.61 -47.17 -48.15
C LEU L 212 26.66 -46.32 -49.43
N THR L 213 27.54 -45.29 -49.45
CA THR L 213 27.59 -44.44 -50.64
C THR L 213 28.13 -45.20 -51.83
N TYR L 214 29.11 -46.15 -51.64
CA TYR L 214 29.67 -47.00 -52.69
C TYR L 214 28.57 -47.89 -53.29
N MET L 215 27.70 -48.42 -52.43
CA MET L 215 26.58 -49.27 -52.81
C MET L 215 25.52 -48.49 -53.59
N ILE L 216 25.11 -47.33 -53.07
CA ILE L 216 24.12 -46.46 -53.72
C ILE L 216 24.68 -45.93 -55.06
N ALA L 217 25.97 -45.50 -55.08
CA ALA L 217 26.64 -45.02 -56.31
C ALA L 217 26.64 -46.10 -57.40
N HIS L 218 26.90 -47.37 -57.02
CA HIS L 218 26.92 -48.54 -57.90
C HIS L 218 25.56 -48.80 -58.57
N VAL L 219 24.48 -48.84 -57.78
CA VAL L 219 23.11 -49.10 -58.27
C VAL L 219 22.51 -47.87 -59.02
N THR L 220 23.04 -46.64 -58.80
CA THR L 220 22.54 -45.43 -59.48
C THR L 220 23.43 -44.96 -60.65
N ASP L 221 24.44 -45.80 -61.02
CA ASP L 221 25.40 -45.57 -62.10
C ASP L 221 26.18 -44.23 -61.94
N LEU L 222 26.59 -43.95 -60.71
CA LEU L 222 27.39 -42.78 -60.36
C LEU L 222 28.69 -43.23 -59.71
N LYS L 223 29.63 -42.30 -59.53
CA LYS L 223 30.91 -42.56 -58.89
C LYS L 223 30.88 -41.98 -57.49
N PRO L 224 31.45 -42.64 -56.46
CA PRO L 224 31.43 -42.02 -55.11
C PRO L 224 32.26 -40.71 -55.06
N GLY L 225 31.74 -39.72 -54.36
CA GLY L 225 32.39 -38.43 -54.22
C GLY L 225 33.08 -38.29 -52.88
N ASP L 226 32.38 -37.67 -51.91
CA ASP L 226 32.87 -37.46 -50.56
C ASP L 226 31.92 -38.01 -49.52
N PHE L 227 32.47 -38.33 -48.34
CA PHE L 227 31.72 -38.68 -47.15
C PHE L 227 31.99 -37.57 -46.14
N VAL L 228 30.97 -36.79 -45.83
CA VAL L 228 31.02 -35.69 -44.85
C VAL L 228 30.45 -36.22 -43.50
N HIS L 229 31.29 -36.24 -42.49
CA HIS L 229 30.95 -36.74 -41.17
C HIS L 229 30.78 -35.56 -40.21
N THR L 230 29.53 -35.24 -39.87
CA THR L 230 29.18 -34.19 -38.93
C THR L 230 28.89 -34.81 -37.58
N LEU L 231 29.47 -34.21 -36.50
CA LEU L 231 29.34 -34.73 -35.15
C LEU L 231 28.69 -33.76 -34.19
N GLY L 232 27.91 -34.30 -33.27
CA GLY L 232 27.23 -33.55 -32.21
C GLY L 232 28.13 -33.60 -31.01
N ASP L 233 27.82 -34.47 -30.06
CA ASP L 233 28.66 -34.67 -28.87
C ASP L 233 29.80 -35.63 -29.25
N ALA L 234 30.98 -35.06 -29.60
CA ALA L 234 32.20 -35.77 -29.97
C ALA L 234 33.02 -35.95 -28.67
N HIS L 235 33.22 -37.18 -28.23
CA HIS L 235 33.86 -37.44 -26.94
C HIS L 235 34.93 -38.54 -26.97
N VAL L 236 35.73 -38.60 -25.91
CA VAL L 236 36.72 -39.63 -25.63
C VAL L 236 36.45 -40.06 -24.18
N TYR L 237 36.55 -41.37 -23.90
CA TYR L 237 36.37 -41.86 -22.55
C TYR L 237 37.69 -41.66 -21.81
N SER L 238 37.62 -41.14 -20.57
CA SER L 238 38.79 -40.85 -19.72
C SER L 238 39.73 -42.04 -19.53
N ASN L 239 39.17 -43.25 -19.40
CA ASN L 239 39.92 -44.50 -19.23
C ASN L 239 40.64 -44.95 -20.54
N HIS L 240 40.28 -44.34 -21.70
CA HIS L 240 40.89 -44.64 -23.01
C HIS L 240 41.99 -43.64 -23.41
N CYS L 241 42.21 -42.59 -22.58
CA CYS L 241 43.12 -41.49 -22.87
C CYS L 241 44.57 -41.92 -23.06
N GLU L 242 45.08 -42.87 -22.25
CA GLU L 242 46.44 -43.40 -22.37
C GLU L 242 46.64 -44.14 -23.71
N ALA L 243 45.63 -44.93 -24.14
CA ALA L 243 45.63 -45.68 -25.40
C ALA L 243 45.54 -44.74 -26.61
N LEU L 244 44.73 -43.66 -26.48
CA LEU L 244 44.56 -42.64 -27.54
C LEU L 244 45.84 -41.78 -27.73
N GLU L 245 46.64 -41.55 -26.66
CA GLU L 245 47.93 -40.86 -26.71
C GLU L 245 48.94 -41.71 -27.51
N GLU L 246 48.89 -43.05 -27.34
CA GLU L 246 49.74 -43.99 -28.06
C GLU L 246 49.38 -44.02 -29.56
N GLN L 247 48.06 -43.96 -29.87
CA GLN L 247 47.54 -43.93 -31.23
C GLN L 247 47.90 -42.64 -31.97
N LEU L 248 47.86 -41.50 -31.26
CA LEU L 248 48.20 -40.18 -31.81
C LEU L 248 49.65 -40.12 -32.33
N LYS L 249 50.55 -40.98 -31.78
CA LYS L 249 51.96 -41.12 -32.16
C LYS L 249 52.13 -41.87 -33.50
N ARG L 250 51.07 -42.47 -34.04
CA ARG L 250 51.12 -43.21 -35.29
C ARG L 250 50.83 -42.38 -36.51
N GLU L 251 51.54 -42.66 -37.62
CA GLU L 251 51.40 -41.99 -38.89
C GLU L 251 50.36 -42.72 -39.77
N PRO L 252 49.30 -42.04 -40.28
CA PRO L 252 48.33 -42.74 -41.14
C PRO L 252 48.97 -43.31 -42.39
N ARG L 253 48.48 -44.48 -42.80
CA ARG L 253 48.98 -45.20 -43.97
C ARG L 253 47.99 -45.00 -45.13
N PRO L 254 48.41 -45.07 -46.41
CA PRO L 254 47.44 -44.88 -47.50
C PRO L 254 46.24 -45.81 -47.35
N PHE L 255 45.05 -45.23 -47.56
CA PHE L 255 43.77 -45.93 -47.43
C PHE L 255 43.64 -47.14 -48.39
N PRO L 256 42.89 -48.20 -48.04
CA PRO L 256 42.68 -49.28 -49.00
C PRO L 256 41.77 -48.86 -50.18
N SER L 257 41.64 -49.74 -51.18
CA SER L 257 40.77 -49.48 -52.32
C SER L 257 39.59 -50.45 -52.24
N LEU L 258 38.44 -50.04 -52.76
CA LEU L 258 37.23 -50.87 -52.74
C LEU L 258 36.66 -51.02 -54.15
N LYS L 259 36.38 -52.27 -54.52
CA LYS L 259 35.78 -52.67 -55.78
C LYS L 259 34.57 -53.55 -55.51
N ILE L 260 33.49 -53.35 -56.29
CA ILE L 260 32.31 -54.21 -56.25
C ILE L 260 32.48 -55.15 -57.46
N LYS L 261 32.82 -56.44 -57.14
CA LYS L 261 33.15 -57.54 -58.07
C LYS L 261 32.17 -57.77 -59.22
N ARG L 262 30.86 -57.62 -58.98
CA ARG L 262 29.82 -57.85 -60.00
C ARG L 262 28.83 -56.68 -60.09
N LYS L 263 28.02 -56.67 -61.16
CA LYS L 263 26.98 -55.67 -61.34
C LYS L 263 25.78 -56.11 -60.50
N VAL L 264 25.49 -55.31 -59.46
CA VAL L 264 24.38 -55.53 -58.52
C VAL L 264 23.27 -54.58 -58.95
N GLU L 265 22.10 -55.16 -59.24
CA GLU L 265 20.93 -54.44 -59.77
C GLU L 265 20.19 -53.61 -58.74
N ASN L 266 19.87 -54.23 -57.58
CA ASN L 266 19.14 -53.62 -56.48
C ASN L 266 20.00 -53.55 -55.22
N ILE L 267 19.78 -52.52 -54.38
CA ILE L 267 20.51 -52.29 -53.13
C ILE L 267 20.39 -53.47 -52.13
N SER L 268 19.26 -54.19 -52.16
CA SER L 268 18.97 -55.34 -51.30
C SER L 268 19.71 -56.59 -51.74
N ASP L 269 20.28 -56.60 -52.96
CA ASP L 269 20.95 -57.74 -53.57
C ASP L 269 22.45 -57.87 -53.26
N PHE L 270 23.02 -56.97 -52.45
CA PHE L 270 24.45 -57.05 -52.09
C PHE L 270 24.71 -58.17 -51.07
N LYS L 271 25.87 -58.82 -51.19
CA LYS L 271 26.37 -59.87 -50.31
C LYS L 271 27.78 -59.46 -49.92
N PHE L 272 28.28 -59.94 -48.76
CA PHE L 272 29.63 -59.60 -48.31
C PHE L 272 30.71 -59.91 -49.33
N GLU L 273 30.59 -61.05 -50.01
CA GLU L 273 31.50 -61.56 -51.05
C GLU L 273 31.60 -60.66 -52.29
N ASP L 274 30.61 -59.75 -52.49
CA ASP L 274 30.59 -58.82 -53.63
C ASP L 274 31.65 -57.71 -53.50
N PHE L 275 32.12 -57.45 -52.26
CA PHE L 275 33.12 -56.42 -51.94
C PHE L 275 34.54 -56.93 -51.98
N GLU L 276 35.43 -56.14 -52.58
CA GLU L 276 36.84 -56.45 -52.74
C GLU L 276 37.67 -55.32 -52.11
N LEU L 277 38.12 -55.53 -50.87
CA LEU L 277 38.93 -54.54 -50.14
C LEU L 277 40.40 -54.86 -50.32
N ASP L 278 41.05 -54.09 -51.19
CA ASP L 278 42.45 -54.29 -51.53
C ASP L 278 43.39 -53.29 -50.85
N GLY L 279 44.51 -53.81 -50.33
CA GLY L 279 45.56 -53.01 -49.71
C GLY L 279 45.28 -52.41 -48.34
N TYR L 280 44.46 -53.08 -47.49
CA TYR L 280 44.21 -52.57 -46.14
C TYR L 280 45.38 -52.96 -45.26
N LYS L 281 46.24 -51.99 -44.94
CA LYS L 281 47.45 -52.22 -44.17
C LYS L 281 47.45 -51.37 -42.89
N PRO L 282 46.60 -51.65 -41.88
CA PRO L 282 46.58 -50.80 -40.69
C PRO L 282 47.66 -51.10 -39.65
N HIS L 283 47.83 -50.15 -38.71
CA HIS L 283 48.71 -50.27 -37.54
C HIS L 283 47.96 -51.24 -36.61
N PRO L 284 48.63 -51.93 -35.63
CA PRO L 284 47.90 -52.87 -34.76
C PRO L 284 46.68 -52.29 -34.02
N LYS L 285 45.76 -53.17 -33.55
CA LYS L 285 44.58 -52.78 -32.77
C LYS L 285 45.08 -52.33 -31.39
N ILE L 286 44.34 -51.42 -30.75
CA ILE L 286 44.66 -50.95 -29.39
C ILE L 286 43.44 -51.22 -28.50
N LYS L 287 43.67 -51.88 -27.35
CA LYS L 287 42.59 -52.21 -26.41
C LYS L 287 42.05 -50.97 -25.70
N MET L 288 40.73 -50.76 -25.82
CA MET L 288 40.01 -49.63 -25.21
C MET L 288 38.71 -50.12 -24.53
N ARG M 5 -39.80 12.99 37.48
CA ARG M 5 -38.75 12.34 36.70
C ARG M 5 -37.38 12.45 37.42
N HIS M 6 -36.57 11.36 37.44
CA HIS M 6 -35.25 11.33 38.09
C HIS M 6 -34.35 12.51 37.68
N ASP M 7 -33.78 13.24 38.67
CA ASP M 7 -32.92 14.43 38.46
C ASP M 7 -31.70 14.16 37.57
N GLU M 8 -31.18 12.92 37.54
CA GLU M 8 -30.01 12.51 36.75
C GLU M 8 -30.28 12.56 35.24
N TYR M 9 -31.57 12.49 34.84
CA TYR M 9 -31.95 12.62 33.43
C TYR M 9 -31.55 14.00 32.85
N GLN M 10 -31.42 15.04 33.68
CA GLN M 10 -30.98 16.38 33.23
C GLN M 10 -29.54 16.33 32.69
N TYR M 11 -28.67 15.59 33.42
CA TYR M 11 -27.28 15.33 33.11
C TYR M 11 -27.16 14.48 31.85
N LEU M 12 -27.95 13.38 31.78
CA LEU M 12 -27.98 12.45 30.65
C LEU M 12 -28.50 13.10 29.37
N ASP M 13 -29.59 13.89 29.46
CA ASP M 13 -30.19 14.59 28.33
C ASP M 13 -29.23 15.60 27.73
N LEU M 14 -28.41 16.23 28.59
CA LEU M 14 -27.42 17.20 28.14
C LEU M 14 -26.26 16.53 27.38
N ILE M 15 -25.71 15.39 27.90
CA ILE M 15 -24.65 14.63 27.21
C ILE M 15 -25.15 14.26 25.80
N ARG M 16 -26.38 13.72 25.72
CA ARG M 16 -27.07 13.33 24.49
C ARG M 16 -27.16 14.53 23.52
N GLN M 17 -27.64 15.68 24.03
CA GLN M 17 -27.81 16.94 23.28
C GLN M 17 -26.46 17.43 22.73
N ILE M 18 -25.38 17.35 23.56
CA ILE M 18 -24.02 17.80 23.19
C ILE M 18 -23.45 16.93 22.08
N MET M 19 -23.51 15.60 22.25
CA MET M 19 -22.97 14.66 21.26
C MET M 19 -23.68 14.72 19.91
N ARG M 20 -24.96 15.06 19.88
CA ARG M 20 -25.68 15.15 18.63
C ARG M 20 -25.65 16.57 17.98
N THR M 21 -25.88 17.65 18.74
CA THR M 21 -25.95 19.01 18.15
C THR M 21 -24.79 19.98 18.54
N GLY M 22 -23.90 19.54 19.42
CA GLY M 22 -22.78 20.36 19.90
C GLY M 22 -21.76 20.77 18.86
N ASN M 23 -20.91 21.74 19.23
CA ASN M 23 -19.85 22.31 18.39
C ASN M 23 -18.50 21.64 18.64
N ARG M 24 -17.91 21.07 17.58
CA ARG M 24 -16.61 20.42 17.64
C ARG M 24 -15.47 21.44 17.64
N LYS M 25 -14.47 21.25 18.52
CA LYS M 25 -13.32 22.14 18.67
C LYS M 25 -12.02 21.35 18.78
N THR M 31 -8.38 14.18 21.81
CA THR M 31 -7.81 15.45 22.25
C THR M 31 -8.90 16.58 22.26
N GLY M 32 -9.64 16.71 21.16
CA GLY M 32 -10.72 17.67 20.98
C GLY M 32 -11.99 17.42 21.79
N THR M 33 -12.92 18.39 21.70
CA THR M 33 -14.21 18.36 22.40
C THR M 33 -15.38 18.67 21.48
N ILE M 34 -16.59 18.40 21.99
CA ILE M 34 -17.89 18.72 21.40
C ILE M 34 -18.56 19.52 22.51
N SER M 35 -18.98 20.75 22.25
CA SER M 35 -19.52 21.59 23.32
C SER M 35 -20.80 22.37 23.00
N MET M 36 -21.44 22.86 24.05
CA MET M 36 -22.60 23.74 24.04
C MET M 36 -22.33 24.83 25.10
N PHE M 37 -22.99 25.98 24.99
CA PHE M 37 -22.78 27.05 25.97
C PHE M 37 -24.05 27.40 26.73
N GLY M 38 -23.98 27.27 28.07
CA GLY M 38 -25.06 27.62 28.97
C GLY M 38 -26.07 26.51 29.21
N ALA M 39 -26.08 25.97 30.43
CA ALA M 39 -27.00 24.92 30.88
C ALA M 39 -27.29 25.13 32.37
N GLN M 40 -28.37 24.56 32.87
CA GLN M 40 -28.79 24.66 34.26
C GLN M 40 -29.63 23.45 34.68
N MET M 41 -29.21 22.81 35.78
CA MET M 41 -29.83 21.65 36.39
C MET M 41 -30.14 21.97 37.82
N ARG M 42 -31.16 21.32 38.38
CA ARG M 42 -31.58 21.48 39.76
C ARG M 42 -31.66 20.10 40.38
N TYR M 43 -30.94 19.92 41.49
CA TYR M 43 -30.93 18.65 42.23
C TYR M 43 -31.50 18.89 43.61
N SER M 44 -32.59 18.19 43.94
CA SER M 44 -33.23 18.27 45.25
C SER M 44 -32.32 17.57 46.26
N LEU M 45 -32.15 18.20 47.41
CA LEU M 45 -31.30 17.78 48.51
C LEU M 45 -32.14 17.45 49.71
N ARG M 46 -33.47 17.57 49.54
CA ARG M 46 -34.51 17.38 50.56
C ARG M 46 -34.68 15.97 51.02
N ASP M 47 -35.12 15.78 52.28
CA ASP M 47 -35.42 14.49 52.95
C ASP M 47 -34.23 13.53 52.98
N GLY M 48 -33.03 14.07 53.09
CA GLY M 48 -31.81 13.29 53.15
C GLY M 48 -31.26 12.82 51.81
N ILE M 49 -31.94 13.16 50.70
CA ILE M 49 -31.50 12.79 49.34
C ILE M 49 -30.15 13.40 48.97
N PHE M 50 -29.21 12.55 48.53
CA PHE M 50 -27.90 12.98 48.10
C PHE M 50 -27.70 12.70 46.60
N PRO M 51 -27.52 13.74 45.76
CA PRO M 51 -27.39 13.50 44.32
C PRO M 51 -26.03 12.96 43.87
N LEU M 52 -25.71 11.72 44.27
CA LEU M 52 -24.51 11.03 43.85
C LEU M 52 -24.96 10.22 42.63
N LEU M 53 -24.47 10.59 41.42
CA LEU M 53 -24.91 10.02 40.14
C LEU M 53 -24.72 8.49 40.08
N THR M 54 -25.75 7.80 39.56
CA THR M 54 -25.87 6.34 39.54
C THR M 54 -25.63 5.60 38.19
N THR M 55 -25.55 6.28 37.04
CA THR M 55 -25.31 5.58 35.77
C THR M 55 -23.83 5.17 35.60
N LYS M 56 -22.97 5.64 36.53
CA LYS M 56 -21.53 5.40 36.60
C LYS M 56 -21.19 5.61 38.07
N ARG M 57 -20.33 4.74 38.66
CA ARG M 57 -19.91 4.91 40.05
C ARG M 57 -19.01 6.15 40.18
N VAL M 58 -19.36 7.03 41.14
CA VAL M 58 -18.63 8.27 41.44
C VAL M 58 -17.76 7.98 42.65
N PHE M 59 -16.54 8.53 42.65
CA PHE M 59 -15.56 8.35 43.71
C PHE M 59 -15.97 9.20 44.92
N TRP M 60 -16.91 8.68 45.75
CA TRP M 60 -17.45 9.33 46.95
C TRP M 60 -16.37 9.77 47.94
N ARG M 61 -15.47 8.85 48.25
CA ARG M 61 -14.34 9.04 49.14
C ARG M 61 -13.51 10.27 48.68
N GLY M 62 -13.24 10.36 47.37
CA GLY M 62 -12.52 11.45 46.72
C GLY M 62 -13.25 12.78 46.82
N VAL M 63 -14.57 12.77 46.61
CA VAL M 63 -15.47 13.93 46.72
C VAL M 63 -15.37 14.56 48.12
N ALA M 64 -15.61 13.74 49.14
CA ALA M 64 -15.63 14.16 50.52
C ALA M 64 -14.26 14.62 51.03
N GLU M 65 -13.20 13.83 50.77
CA GLU M 65 -11.85 14.20 51.22
C GLU M 65 -11.35 15.47 50.55
N GLU M 66 -11.63 15.65 49.24
CA GLU M 66 -11.24 16.86 48.51
C GLU M 66 -11.91 18.10 49.08
N LEU M 67 -13.20 18.00 49.45
CA LEU M 67 -13.95 19.13 50.02
C LEU M 67 -13.45 19.50 51.41
N LEU M 68 -13.09 18.50 52.22
CA LEU M 68 -12.55 18.71 53.58
C LEU M 68 -11.20 19.42 53.51
N TRP M 69 -10.44 19.14 52.44
CA TRP M 69 -9.14 19.70 52.13
C TRP M 69 -9.29 21.17 51.67
N PHE M 70 -10.37 21.47 50.91
CA PHE M 70 -10.68 22.85 50.50
C PHE M 70 -11.05 23.67 51.72
N VAL M 71 -11.94 23.13 52.60
CA VAL M 71 -12.44 23.75 53.84
C VAL M 71 -11.27 24.08 54.78
N ARG M 72 -10.25 23.18 54.86
CA ARG M 72 -9.02 23.36 55.62
C ARG M 72 -8.19 24.54 55.10
N GLY M 73 -8.41 24.90 53.84
CA GLY M 73 -7.71 25.96 53.13
C GLY M 73 -6.40 25.49 52.53
N SER M 74 -6.25 24.16 52.36
CA SER M 74 -5.04 23.54 51.86
C SER M 74 -4.85 23.64 50.35
N THR M 75 -3.58 23.84 49.93
CA THR M 75 -3.13 23.91 48.53
C THR M 75 -2.04 22.85 48.30
N ASN M 76 -1.96 21.87 49.22
CA ASN M 76 -0.98 20.77 49.27
C ASN M 76 -1.59 19.44 48.81
N ALA M 77 -1.22 19.00 47.59
CA ALA M 77 -1.67 17.74 46.97
C ALA M 77 -1.24 16.49 47.76
N LYS M 78 -0.19 16.60 48.56
CA LYS M 78 0.33 15.48 49.39
C LYS M 78 -0.63 15.10 50.50
N GLU M 79 -1.44 16.06 50.98
CA GLU M 79 -2.43 15.89 52.03
C GLU M 79 -3.58 15.04 51.55
N LEU M 80 -3.78 15.00 50.22
CA LEU M 80 -4.80 14.21 49.55
C LEU M 80 -4.28 12.80 49.29
N GLN M 81 -3.02 12.69 48.85
CA GLN M 81 -2.33 11.43 48.56
C GLN M 81 -2.20 10.68 49.86
N GLU M 82 -1.93 11.41 50.99
CA GLU M 82 -1.83 10.83 52.34
C GLU M 82 -3.12 10.05 52.70
N LYS M 83 -4.24 10.35 51.98
CA LYS M 83 -5.58 9.75 52.09
C LYS M 83 -5.99 8.96 50.83
N ASP M 84 -4.99 8.63 49.99
CA ASP M 84 -5.06 7.87 48.73
C ASP M 84 -5.95 8.55 47.69
N ILE M 85 -5.95 9.89 47.68
CA ILE M 85 -6.68 10.71 46.70
C ILE M 85 -5.63 11.32 45.78
N HIS M 86 -5.67 10.91 44.50
CA HIS M 86 -4.69 11.29 43.48
C HIS M 86 -5.33 12.10 42.33
N ILE M 87 -6.45 12.76 42.62
CA ILE M 87 -7.19 13.60 41.66
C ILE M 87 -6.41 14.88 41.28
N TRP M 88 -5.53 15.36 42.16
CA TRP M 88 -4.72 16.56 41.89
C TRP M 88 -3.23 16.26 41.51
N ASP M 89 -2.88 14.97 41.25
CA ASP M 89 -1.51 14.57 40.86
C ASP M 89 -1.14 15.03 39.45
N GLY M 90 -2.07 14.88 38.50
CA GLY M 90 -1.91 15.23 37.08
C GLY M 90 -1.37 16.61 36.82
N ARG M 105 8.55 25.75 42.14
CA ARG M 105 7.62 25.46 43.24
C ARG M 105 7.81 24.01 43.74
N GLU M 106 7.63 23.79 45.06
CA GLU M 106 7.79 22.47 45.71
C GLU M 106 6.73 21.45 45.24
N GLU M 107 7.06 20.13 45.28
CA GLU M 107 6.14 19.05 44.89
C GLU M 107 4.91 19.02 45.80
N GLY M 108 3.72 19.00 45.19
CA GLY M 108 2.45 19.03 45.91
C GLY M 108 1.83 20.42 45.94
N ASP M 109 2.70 21.46 45.80
CA ASP M 109 2.27 22.86 45.79
C ASP M 109 1.53 23.21 44.50
N LEU M 110 0.20 23.37 44.61
CA LEU M 110 -0.68 23.66 43.49
C LEU M 110 -0.91 25.15 43.20
N GLY M 111 -0.31 26.01 44.03
CA GLY M 111 -0.50 27.44 43.92
C GLY M 111 -1.78 27.87 44.59
N PRO M 112 -2.27 29.10 44.30
CA PRO M 112 -3.46 29.61 45.02
C PRO M 112 -4.79 29.06 44.52
N VAL M 113 -5.02 27.76 44.73
CA VAL M 113 -6.24 27.06 44.32
C VAL M 113 -7.39 27.21 45.38
N TYR M 114 -8.56 26.57 45.15
CA TYR M 114 -9.83 26.66 45.91
C TYR M 114 -9.71 26.91 47.40
N GLY M 115 -8.90 26.11 48.09
CA GLY M 115 -8.66 26.22 49.52
C GLY M 115 -8.21 27.60 49.94
N PHE M 116 -7.26 28.17 49.15
CA PHE M 116 -6.75 29.54 49.36
C PHE M 116 -7.83 30.60 49.09
N GLN M 117 -8.46 30.58 47.91
CA GLN M 117 -9.52 31.54 47.54
C GLN M 117 -10.70 31.58 48.55
N TRP M 118 -11.14 30.41 49.05
CA TRP M 118 -12.23 30.26 50.03
C TRP M 118 -11.94 30.87 51.42
N ARG M 119 -10.72 30.67 51.95
CA ARG M 119 -10.39 31.14 53.29
C ARG M 119 -9.52 32.40 53.32
N HIS M 120 -8.80 32.70 52.22
CA HIS M 120 -7.88 33.86 52.19
C HIS M 120 -7.87 34.55 50.84
N PHE M 121 -9.06 34.87 50.30
CA PHE M 121 -9.15 35.58 49.04
C PHE M 121 -8.45 36.97 49.12
N GLY M 122 -7.53 37.22 48.18
CA GLY M 122 -6.86 38.51 48.07
C GLY M 122 -5.51 38.60 48.74
N ALA M 123 -5.21 37.64 49.64
CA ALA M 123 -3.93 37.60 50.32
C ALA M 123 -2.82 37.22 49.32
N PRO M 124 -1.58 37.70 49.51
CA PRO M 124 -0.51 37.27 48.58
C PRO M 124 -0.11 35.81 48.84
N TYR M 125 0.04 35.02 47.76
CA TYR M 125 0.42 33.62 47.88
C TYR M 125 1.93 33.45 47.87
N ALA M 126 2.44 32.69 48.83
CA ALA M 126 3.86 32.36 48.93
C ALA M 126 4.03 30.88 48.58
N ASP M 127 3.70 29.97 49.52
CA ASP M 127 3.75 28.51 49.36
C ASP M 127 2.67 27.83 50.20
N MET M 128 2.49 26.51 50.02
CA MET M 128 1.49 25.70 50.72
C MET M 128 1.72 25.58 52.25
N HIS M 129 2.95 25.87 52.73
CA HIS M 129 3.27 25.78 54.15
C HIS M 129 3.02 27.09 54.91
N THR M 130 2.78 28.19 54.19
CA THR M 130 2.59 29.50 54.81
C THR M 130 1.34 29.61 55.68
N ASP M 131 1.53 30.25 56.87
CA ASP M 131 0.45 30.51 57.80
C ASP M 131 -0.27 31.74 57.28
N TYR M 132 -1.43 31.52 56.64
CA TYR M 132 -2.24 32.59 56.06
C TYR M 132 -3.36 33.08 56.98
N THR M 133 -3.39 32.59 58.24
CA THR M 133 -4.40 32.95 59.25
C THR M 133 -4.58 34.47 59.31
N GLY M 134 -5.82 34.93 59.14
CA GLY M 134 -6.15 36.35 59.17
C GLY M 134 -5.77 37.16 57.95
N GLN M 135 -5.23 36.49 56.89
CA GLN M 135 -4.83 37.14 55.63
C GLN M 135 -5.94 36.90 54.63
N GLY M 136 -6.28 37.94 53.86
CA GLY M 136 -7.34 37.88 52.86
C GLY M 136 -8.73 37.73 53.44
N VAL M 137 -9.70 37.47 52.57
CA VAL M 137 -11.10 37.32 52.95
C VAL M 137 -11.45 35.85 53.19
N ASP M 138 -11.94 35.54 54.40
CA ASP M 138 -12.47 34.24 54.74
C ASP M 138 -13.96 34.19 54.28
N GLN M 139 -14.12 33.91 53.00
CA GLN M 139 -15.42 33.85 52.33
C GLN M 139 -16.34 32.79 52.89
N LEU M 140 -15.77 31.60 53.25
CA LEU M 140 -16.50 30.48 53.81
C LEU M 140 -17.14 30.85 55.14
N GLN M 141 -16.37 31.44 56.08
CA GLN M 141 -16.87 31.85 57.38
C GLN M 141 -17.83 33.02 57.28
N GLN M 142 -17.61 33.91 56.29
CA GLN M 142 -18.47 35.06 56.04
C GLN M 142 -19.85 34.59 55.59
N VAL M 143 -19.89 33.57 54.74
CA VAL M 143 -21.12 32.93 54.23
C VAL M 143 -21.93 32.32 55.39
N ILE M 144 -21.27 31.58 56.30
CA ILE M 144 -21.89 30.95 57.47
C ILE M 144 -22.48 32.00 58.43
N ASP M 145 -21.72 33.06 58.74
CA ASP M 145 -22.14 34.17 59.59
C ASP M 145 -23.37 34.86 59.01
N THR M 146 -23.37 35.12 57.66
CA THR M 146 -24.48 35.76 56.95
C THR M 146 -25.72 34.88 56.98
N ILE M 147 -25.59 33.57 56.75
CA ILE M 147 -26.73 32.64 56.79
C ILE M 147 -27.40 32.67 58.19
N LYS M 148 -26.58 32.70 59.25
CA LYS M 148 -27.01 32.76 60.65
C LYS M 148 -27.63 34.10 61.05
N ASN M 149 -26.98 35.23 60.72
CA ASN M 149 -27.43 36.57 61.14
C ASN M 149 -28.43 37.23 60.20
N ASN M 150 -28.24 37.12 58.89
CA ASN M 150 -29.16 37.70 57.90
C ASN M 150 -29.44 36.70 56.75
N PRO M 151 -30.28 35.65 56.99
CA PRO M 151 -30.56 34.65 55.95
C PRO M 151 -31.21 35.17 54.65
N ASP M 152 -31.90 36.33 54.70
CA ASP M 152 -32.57 36.93 53.54
C ASP M 152 -31.64 37.74 52.61
N ASP M 153 -30.35 37.85 52.98
CA ASP M 153 -29.31 38.58 52.24
C ASP M 153 -29.12 37.97 50.84
N ARG M 154 -29.03 38.85 49.82
CA ARG M 154 -28.88 38.42 48.42
C ARG M 154 -27.42 38.48 47.89
N ARG M 155 -26.46 38.53 48.85
CA ARG M 155 -25.02 38.66 48.57
C ARG M 155 -24.22 37.54 49.25
N ILE M 156 -24.87 36.39 49.54
CA ILE M 156 -24.20 35.24 50.17
C ILE M 156 -23.38 34.49 49.11
N ILE M 157 -22.20 35.06 48.77
CA ILE M 157 -21.32 34.57 47.69
C ILE M 157 -19.92 34.17 48.17
N MET M 158 -19.39 33.08 47.59
CA MET M 158 -18.03 32.58 47.78
C MET M 158 -17.48 32.46 46.37
N CYS M 159 -16.44 33.27 46.07
CA CYS M 159 -15.81 33.39 44.76
C CYS M 159 -14.40 32.79 44.74
N ALA M 160 -14.21 31.80 43.87
CA ALA M 160 -12.96 31.10 43.66
C ALA M 160 -12.16 31.70 42.49
N TRP M 161 -12.86 32.43 41.59
CA TRP M 161 -12.27 33.04 40.40
C TRP M 161 -11.60 34.34 40.78
N ASN M 162 -10.26 34.36 40.77
CA ASN M 162 -9.44 35.50 41.09
C ASN M 162 -8.60 35.88 39.87
N PRO M 163 -9.01 36.93 39.10
CA PRO M 163 -8.22 37.36 37.92
C PRO M 163 -6.73 37.64 38.19
N VAL M 164 -6.41 38.09 39.42
CA VAL M 164 -5.03 38.37 39.83
C VAL M 164 -4.21 37.07 40.04
N ASP M 165 -4.80 36.08 40.71
CA ASP M 165 -4.15 34.80 41.04
C ASP M 165 -4.30 33.74 39.98
N VAL M 166 -5.18 34.00 38.98
CA VAL M 166 -5.51 33.05 37.90
C VAL M 166 -4.21 32.59 37.14
N PRO M 167 -3.25 33.47 36.77
CA PRO M 167 -2.05 32.99 36.08
C PRO M 167 -1.07 32.14 36.91
N LYS M 168 -0.98 32.33 38.24
CA LYS M 168 -0.05 31.58 39.07
C LYS M 168 -0.59 30.19 39.54
N MET M 169 -1.91 29.93 39.42
CA MET M 169 -2.54 28.64 39.79
C MET M 169 -2.12 27.54 38.81
N ALA M 170 -1.98 26.28 39.30
CA ALA M 170 -1.64 25.12 38.46
C ALA M 170 -2.67 25.00 37.32
N LEU M 171 -3.96 25.03 37.68
CA LEU M 171 -5.08 25.02 36.75
C LEU M 171 -6.07 26.09 37.18
N PRO M 172 -6.61 26.91 36.24
CA PRO M 172 -7.60 27.94 36.62
C PRO M 172 -8.88 27.28 37.14
N PRO M 173 -9.54 27.85 38.17
CA PRO M 173 -10.72 27.17 38.74
C PRO M 173 -11.90 27.06 37.78
N CYS M 174 -12.47 25.83 37.68
CA CYS M 174 -13.66 25.51 36.88
C CYS M 174 -14.91 26.03 37.59
N HIS M 175 -14.88 25.97 38.93
CA HIS M 175 -15.94 26.40 39.82
C HIS M 175 -15.65 27.83 40.25
N CYS M 176 -16.18 28.77 39.46
CA CYS M 176 -15.96 30.22 39.56
C CYS M 176 -16.48 30.83 40.85
N LEU M 177 -17.76 30.60 41.15
CA LEU M 177 -18.41 31.09 42.36
C LEU M 177 -19.63 30.28 42.68
N CYS M 178 -20.08 30.39 43.93
CA CYS M 178 -21.32 29.79 44.39
C CYS M 178 -22.10 30.79 45.29
N GLN M 179 -23.42 30.76 45.18
CA GLN M 179 -24.27 31.63 45.95
C GLN M 179 -25.20 30.77 46.79
N PHE M 180 -25.54 31.27 47.98
CA PHE M 180 -26.44 30.60 48.91
C PHE M 180 -27.73 31.38 49.08
N TYR M 181 -28.82 30.66 49.40
CA TYR M 181 -30.16 31.17 49.54
C TYR M 181 -30.91 30.42 50.62
N VAL M 182 -31.66 31.17 51.45
CA VAL M 182 -32.41 30.63 52.58
C VAL M 182 -33.89 30.94 52.44
N ALA M 183 -34.74 29.89 52.42
CA ALA M 183 -36.21 30.02 52.36
C ALA M 183 -36.88 28.75 52.91
N ASN M 184 -37.93 28.93 53.73
CA ASN M 184 -38.72 27.88 54.39
C ASN M 184 -37.84 26.88 55.19
N GLY M 185 -36.84 27.43 55.90
CA GLY M 185 -35.88 26.69 56.71
C GLY M 185 -34.91 25.85 55.90
N GLU M 186 -34.81 26.13 54.59
CA GLU M 186 -33.97 25.39 53.66
C GLU M 186 -32.84 26.22 53.06
N LEU M 187 -31.63 25.64 53.02
CA LEU M 187 -30.46 26.27 52.45
C LEU M 187 -30.27 25.70 51.07
N SER M 188 -30.28 26.56 50.03
CA SER M 188 -30.04 26.23 48.61
C SER M 188 -28.71 26.85 48.15
N CYS M 189 -28.05 26.19 47.19
CA CYS M 189 -26.77 26.64 46.66
C CYS M 189 -26.79 26.64 45.13
N GLN M 190 -26.16 27.64 44.52
CA GLN M 190 -26.03 27.70 43.06
C GLN M 190 -24.57 27.87 42.73
N LEU M 191 -24.03 26.95 41.93
CA LEU M 191 -22.64 26.97 41.48
C LEU M 191 -22.62 27.47 40.04
N TYR M 192 -21.67 28.38 39.70
CA TYR M 192 -21.39 28.77 38.34
C TYR M 192 -20.12 28.03 37.94
N GLN M 193 -20.26 27.09 36.99
CA GLN M 193 -19.12 26.33 36.48
C GLN M 193 -18.83 26.78 35.03
N ARG M 194 -17.70 27.46 34.81
CA ARG M 194 -17.26 27.98 33.50
C ARG M 194 -16.93 26.91 32.47
N SER M 195 -16.41 25.76 32.93
CA SER M 195 -15.99 24.65 32.09
C SER M 195 -16.44 23.38 32.74
N ALA M 196 -17.22 22.60 32.02
CA ALA M 196 -17.79 21.38 32.55
C ALA M 196 -17.59 20.20 31.62
N ASP M 197 -16.61 19.32 31.95
CA ASP M 197 -16.37 18.06 31.27
C ASP M 197 -17.51 17.18 31.79
N MET M 198 -18.51 16.94 30.94
CA MET M 198 -19.69 16.14 31.26
C MET M 198 -19.36 14.74 31.72
N GLY M 199 -18.35 14.14 31.09
CA GLY M 199 -17.88 12.79 31.37
C GLY M 199 -17.44 12.51 32.78
N LEU M 200 -16.20 12.89 33.10
CA LEU M 200 -15.62 12.65 34.42
C LEU M 200 -15.83 13.77 35.43
N GLY M 201 -15.69 15.03 34.97
CA GLY M 201 -15.81 16.23 35.78
C GLY M 201 -17.12 16.44 36.52
N VAL M 202 -18.20 16.83 35.78
CA VAL M 202 -19.57 17.18 36.25
C VAL M 202 -20.17 16.16 37.29
N PRO M 203 -20.05 14.79 37.18
CA PRO M 203 -20.57 13.90 38.25
C PRO M 203 -20.11 14.20 39.70
N PHE M 204 -18.81 14.46 39.80
CA PHE M 204 -18.03 14.78 40.97
C PHE M 204 -18.33 16.18 41.45
N ASN M 205 -18.49 17.12 40.50
CA ASN M 205 -18.81 18.51 40.77
C ASN M 205 -20.15 18.70 41.47
N ILE M 206 -21.21 17.93 41.04
CA ILE M 206 -22.55 17.96 41.63
C ILE M 206 -22.44 17.52 43.11
N ALA M 207 -21.72 16.40 43.37
CA ALA M 207 -21.53 15.82 44.71
C ALA M 207 -20.78 16.74 45.66
N SER M 208 -19.65 17.35 45.23
CA SER M 208 -18.89 18.29 46.11
C SER M 208 -19.71 19.51 46.61
N TYR M 209 -20.51 20.12 45.74
CA TYR M 209 -21.29 21.29 46.14
C TYR M 209 -22.57 20.93 46.84
N ALA M 210 -23.13 19.72 46.58
CA ALA M 210 -24.29 19.21 47.31
C ALA M 210 -23.82 18.88 48.74
N LEU M 211 -22.58 18.32 48.89
CA LEU M 211 -21.99 18.00 50.19
C LEU M 211 -21.68 19.25 51.00
N LEU M 212 -21.16 20.30 50.33
CA LEU M 212 -20.90 21.60 50.93
C LEU M 212 -22.18 22.19 51.53
N THR M 213 -23.29 22.17 50.77
CA THR M 213 -24.65 22.61 51.17
C THR M 213 -25.15 21.84 52.43
N TYR M 214 -24.88 20.51 52.52
CA TYR M 214 -25.22 19.65 53.68
C TYR M 214 -24.43 20.05 54.92
N MET M 215 -23.13 20.35 54.74
CA MET M 215 -22.22 20.78 55.80
C MET M 215 -22.59 22.14 56.36
N ILE M 216 -22.79 23.14 55.46
CA ILE M 216 -23.19 24.49 55.84
C ILE M 216 -24.58 24.48 56.51
N ALA M 217 -25.54 23.71 55.95
CA ALA M 217 -26.89 23.58 56.48
C ALA M 217 -26.87 23.06 57.92
N HIS M 218 -26.00 22.04 58.19
CA HIS M 218 -25.81 21.40 59.49
C HIS M 218 -25.30 22.38 60.55
N VAL M 219 -24.24 23.14 60.24
CA VAL M 219 -23.64 24.10 61.17
C VAL M 219 -24.50 25.39 61.35
N THR M 220 -25.42 25.69 60.39
CA THR M 220 -26.27 26.88 60.48
C THR M 220 -27.71 26.57 60.93
N ASP M 221 -27.95 25.32 61.36
CA ASP M 221 -29.25 24.79 61.85
C ASP M 221 -30.38 24.93 60.82
N LEU M 222 -30.07 24.55 59.59
CA LEU M 222 -30.93 24.63 58.43
C LEU M 222 -30.95 23.29 57.70
N LYS M 223 -32.00 23.04 56.90
CA LYS M 223 -32.12 21.79 56.13
C LYS M 223 -31.67 22.07 54.69
N PRO M 224 -31.03 21.12 53.97
CA PRO M 224 -30.69 21.40 52.56
C PRO M 224 -31.95 21.52 51.71
N GLY M 225 -31.91 22.41 50.72
CA GLY M 225 -33.01 22.69 49.81
C GLY M 225 -32.77 22.05 48.45
N ASP M 226 -32.10 22.82 47.57
CA ASP M 226 -31.71 22.47 46.19
C ASP M 226 -30.26 22.83 45.90
N PHE M 227 -29.67 22.11 44.94
CA PHE M 227 -28.38 22.43 44.38
C PHE M 227 -28.65 22.78 42.92
N VAL M 228 -28.39 24.05 42.56
CA VAL M 228 -28.57 24.54 41.19
C VAL M 228 -27.18 24.57 40.53
N HIS M 229 -27.05 23.79 39.45
CA HIS M 229 -25.81 23.65 38.72
C HIS M 229 -25.89 24.38 37.41
N THR M 230 -25.23 25.54 37.33
CA THR M 230 -25.17 26.35 36.13
C THR M 230 -23.85 26.09 35.42
N LEU M 231 -23.91 25.85 34.10
CA LEU M 231 -22.73 25.57 33.29
C LEU M 231 -22.50 26.61 32.21
N GLY M 232 -21.23 26.89 31.95
CA GLY M 232 -20.79 27.78 30.90
C GLY M 232 -20.50 26.92 29.69
N ASP M 233 -19.22 26.62 29.46
CA ASP M 233 -18.83 25.73 28.36
C ASP M 233 -19.00 24.27 28.82
N ALA M 234 -20.15 23.65 28.46
CA ALA M 234 -20.52 22.27 28.79
C ALA M 234 -20.04 21.39 27.63
N HIS M 235 -19.09 20.47 27.91
CA HIS M 235 -18.47 19.66 26.86
C HIS M 235 -18.20 18.20 27.19
N VAL M 236 -17.97 17.42 26.13
CA VAL M 236 -17.57 16.02 26.20
C VAL M 236 -16.29 15.92 25.37
N TYR M 237 -15.33 15.11 25.82
CA TYR M 237 -14.10 14.90 25.06
C TYR M 237 -14.40 13.86 24.01
N SER M 238 -13.94 14.09 22.76
CA SER M 238 -14.16 13.21 21.61
C SER M 238 -13.75 11.74 21.87
N ASN M 239 -12.64 11.53 22.59
CA ASN M 239 -12.15 10.20 22.94
C ASN M 239 -13.01 9.47 24.00
N HIS M 240 -13.91 10.22 24.70
CA HIS M 240 -14.81 9.68 25.73
C HIS M 240 -16.21 9.35 25.19
N CYS M 241 -16.49 9.70 23.92
CA CYS M 241 -17.78 9.53 23.26
C CYS M 241 -18.30 8.10 23.21
N GLU M 242 -17.42 7.11 22.95
CA GLU M 242 -17.80 5.70 22.91
C GLU M 242 -18.31 5.25 24.28
N ALA M 243 -17.58 5.61 25.36
CA ALA M 243 -17.91 5.31 26.75
C ALA M 243 -19.21 6.00 27.21
N LEU M 244 -19.44 7.25 26.76
CA LEU M 244 -20.66 8.02 27.07
C LEU M 244 -21.89 7.44 26.41
N GLU M 245 -21.70 6.86 25.20
CA GLU M 245 -22.75 6.18 24.41
C GLU M 245 -23.26 4.94 25.15
N GLU M 246 -22.35 4.25 25.85
CA GLU M 246 -22.64 3.08 26.66
C GLU M 246 -23.37 3.51 27.95
N GLN M 247 -22.95 4.63 28.54
CA GLN M 247 -23.54 5.20 29.75
C GLN M 247 -24.97 5.69 29.52
N LEU M 248 -25.25 6.31 28.34
CA LEU M 248 -26.58 6.80 27.98
C LEU M 248 -27.63 5.69 27.91
N LYS M 249 -27.18 4.44 27.64
CA LYS M 249 -28.03 3.25 27.57
C LYS M 249 -28.53 2.82 28.96
N ARG M 250 -27.87 3.33 30.04
CA ARG M 250 -28.17 3.02 31.44
C ARG M 250 -29.28 3.90 32.05
N GLU M 251 -30.13 3.25 32.87
CA GLU M 251 -31.27 3.86 33.55
C GLU M 251 -30.85 4.31 34.96
N PRO M 252 -31.04 5.61 35.32
CA PRO M 252 -30.66 6.05 36.68
C PRO M 252 -31.41 5.30 37.77
N ARG M 253 -30.71 5.05 38.86
CA ARG M 253 -31.25 4.36 40.02
C ARG M 253 -31.52 5.37 41.14
N PRO M 254 -32.45 5.10 42.09
CA PRO M 254 -32.72 6.10 43.15
C PRO M 254 -31.46 6.53 43.86
N PHE M 255 -31.34 7.85 44.06
CA PHE M 255 -30.18 8.47 44.71
C PHE M 255 -29.99 7.98 46.15
N PRO M 256 -28.72 7.90 46.65
CA PRO M 256 -28.53 7.51 48.06
C PRO M 256 -29.01 8.59 49.05
N SER M 257 -28.98 8.27 50.34
CA SER M 257 -29.33 9.21 51.39
C SER M 257 -28.07 9.59 52.18
N LEU M 258 -28.00 10.83 52.69
CA LEU M 258 -26.88 11.31 53.48
C LEU M 258 -27.30 11.84 54.84
N LYS M 259 -26.58 11.39 55.88
CA LYS M 259 -26.75 11.76 57.29
C LYS M 259 -25.40 12.15 57.89
N ILE M 260 -25.41 13.15 58.76
CA ILE M 260 -24.22 13.58 59.49
C ILE M 260 -24.40 13.00 60.88
N LYS M 261 -23.61 11.94 61.16
CA LYS M 261 -23.60 11.09 62.36
C LYS M 261 -23.59 11.83 63.71
N ARG M 262 -22.83 12.94 63.81
CA ARG M 262 -22.73 13.72 65.05
C ARG M 262 -22.98 15.21 64.83
N LYS M 263 -23.22 15.96 65.93
CA LYS M 263 -23.40 17.40 65.86
C LYS M 263 -22.03 18.04 65.77
N VAL M 264 -21.76 18.66 64.61
CA VAL M 264 -20.51 19.33 64.30
C VAL M 264 -20.77 20.83 64.49
N GLU M 265 -19.97 21.46 65.35
CA GLU M 265 -20.11 22.87 65.72
C GLU M 265 -19.64 23.86 64.63
N ASN M 266 -18.43 23.66 64.09
CA ASN M 266 -17.82 24.50 63.05
C ASN M 266 -17.55 23.71 61.77
N ILE M 267 -17.59 24.38 60.60
CA ILE M 267 -17.34 23.81 59.27
C ILE M 267 -15.98 23.14 59.14
N SER M 268 -14.95 23.68 59.84
CA SER M 268 -13.58 23.17 59.85
C SER M 268 -13.44 21.87 60.64
N ASP M 269 -14.45 21.53 61.47
CA ASP M 269 -14.45 20.36 62.37
C ASP M 269 -15.00 19.05 61.77
N PHE M 270 -15.39 19.05 60.47
CA PHE M 270 -15.88 17.81 59.83
C PHE M 270 -14.74 16.84 59.51
N LYS M 271 -15.03 15.54 59.64
CA LYS M 271 -14.16 14.42 59.31
C LYS M 271 -14.94 13.50 58.40
N PHE M 272 -14.24 12.75 57.55
CA PHE M 272 -14.89 11.85 56.60
C PHE M 272 -15.88 10.89 57.26
N GLU M 273 -15.48 10.34 58.43
CA GLU M 273 -16.24 9.38 59.24
C GLU M 273 -17.59 9.93 59.75
N ASP M 274 -17.76 11.26 59.80
CA ASP M 274 -19.00 11.89 60.27
C ASP M 274 -20.16 11.73 59.29
N PHE M 275 -19.84 11.45 58.02
CA PHE M 275 -20.80 11.27 56.93
C PHE M 275 -21.30 9.79 56.85
N GLU M 276 -22.60 9.61 56.58
CA GLU M 276 -23.25 8.31 56.47
C GLU M 276 -24.01 8.25 55.17
N LEU M 277 -23.39 7.62 54.17
CA LEU M 277 -24.00 7.42 52.86
C LEU M 277 -24.67 6.07 52.81
N ASP M 278 -26.02 6.10 52.80
CA ASP M 278 -26.86 4.91 52.76
C ASP M 278 -27.56 4.71 51.40
N GLY M 279 -27.52 3.47 50.91
CA GLY M 279 -28.16 3.03 49.69
C GLY M 279 -27.58 3.46 48.37
N TYR M 280 -26.24 3.67 48.31
CA TYR M 280 -25.60 4.03 47.06
C TYR M 280 -25.41 2.77 46.21
N LYS M 281 -26.27 2.63 45.19
CA LYS M 281 -26.26 1.44 44.33
C LYS M 281 -26.04 1.86 42.86
N PRO M 282 -24.83 2.32 42.47
CA PRO M 282 -24.65 2.72 41.07
C PRO M 282 -24.39 1.56 40.10
N HIS M 283 -24.47 1.87 38.79
CA HIS M 283 -24.13 0.99 37.69
C HIS M 283 -22.58 0.94 37.69
N PRO M 284 -21.91 -0.07 37.08
CA PRO M 284 -20.43 -0.10 37.10
C PRO M 284 -19.72 1.17 36.58
N LYS M 285 -18.46 1.35 37.00
CA LYS M 285 -17.58 2.43 36.55
C LYS M 285 -17.23 2.22 35.07
N ILE M 286 -16.99 3.34 34.34
CA ILE M 286 -16.59 3.28 32.92
C ILE M 286 -15.26 4.00 32.74
N ARG N 5 -41.43 30.04 19.66
CA ARG N 5 -41.99 30.87 20.73
C ARG N 5 -41.09 32.06 21.08
N HIS N 6 -41.67 33.30 21.15
CA HIS N 6 -41.00 34.56 21.48
C HIS N 6 -40.18 34.44 22.78
N ASP N 7 -38.88 34.83 22.72
CA ASP N 7 -37.94 34.71 23.85
C ASP N 7 -38.41 35.40 25.13
N GLU N 8 -39.21 36.45 25.00
CA GLU N 8 -39.72 37.23 26.14
C GLU N 8 -40.66 36.42 27.03
N TYR N 9 -41.30 35.37 26.47
CA TYR N 9 -42.18 34.52 27.25
C TYR N 9 -41.45 33.82 28.40
N GLN N 10 -40.09 33.64 28.33
CA GLN N 10 -39.28 33.03 29.40
C GLN N 10 -39.33 33.92 30.64
N TYR N 11 -39.23 35.25 30.42
CA TYR N 11 -39.25 36.29 31.43
C TYR N 11 -40.66 36.39 32.04
N LEU N 12 -41.70 36.43 31.18
CA LEU N 12 -43.11 36.46 31.61
C LEU N 12 -43.49 35.23 32.41
N ASP N 13 -43.01 34.05 31.96
CA ASP N 13 -43.20 32.75 32.63
C ASP N 13 -42.58 32.68 34.01
N LEU N 14 -41.35 33.24 34.20
CA LEU N 14 -40.70 33.24 35.52
C LEU N 14 -41.40 34.13 36.53
N ILE N 15 -41.82 35.35 36.10
CA ILE N 15 -42.60 36.32 36.88
C ILE N 15 -43.83 35.63 37.45
N ARG N 16 -44.58 34.97 36.55
CA ARG N 16 -45.80 34.19 36.83
C ARG N 16 -45.48 33.08 37.84
N GLN N 17 -44.39 32.32 37.61
CA GLN N 17 -43.90 31.24 38.49
C GLN N 17 -43.54 31.75 39.91
N ILE N 18 -42.86 32.91 40.00
CA ILE N 18 -42.49 33.58 41.26
C ILE N 18 -43.76 34.03 42.04
N MET N 19 -44.68 34.75 41.39
CA MET N 19 -45.91 35.22 42.02
C MET N 19 -46.83 34.09 42.50
N ARG N 20 -46.76 32.92 41.85
CA ARG N 20 -47.56 31.73 42.17
C ARG N 20 -46.93 30.81 43.23
N THR N 21 -45.65 30.44 43.07
CA THR N 21 -44.95 29.49 43.98
C THR N 21 -43.77 30.06 44.79
N GLY N 22 -43.43 31.33 44.58
CA GLY N 22 -42.31 31.99 45.27
C GLY N 22 -42.47 32.15 46.77
N ASN N 23 -41.33 32.45 47.44
CA ASN N 23 -41.24 32.61 48.89
C ASN N 23 -41.30 34.08 49.30
N ARG N 24 -42.28 34.39 50.16
CA ARG N 24 -42.49 35.74 50.67
C ARG N 24 -41.50 36.05 51.79
N LYS N 25 -40.89 37.25 51.74
CA LYS N 25 -39.90 37.74 52.70
C LYS N 25 -40.18 39.19 53.10
N GLY N 32 -41.39 44.41 51.01
CA GLY N 32 -41.29 42.97 50.93
C GLY N 32 -41.20 42.42 49.51
N THR N 33 -40.71 41.17 49.38
CA THR N 33 -40.55 40.49 48.09
C THR N 33 -41.14 39.07 48.10
N ILE N 34 -41.25 38.50 46.91
CA ILE N 34 -41.66 37.12 46.65
C ILE N 34 -40.49 36.63 45.79
N SER N 35 -39.79 35.58 46.21
CA SER N 35 -38.61 35.14 45.46
C SER N 35 -38.49 33.66 45.21
N MET N 36 -37.58 33.32 44.30
CA MET N 36 -37.21 31.96 43.91
C MET N 36 -35.69 31.97 43.71
N PHE N 37 -35.04 30.80 43.77
CA PHE N 37 -33.60 30.74 43.60
C PHE N 37 -33.17 29.88 42.42
N GLY N 38 -32.46 30.50 41.49
CA GLY N 38 -31.92 29.78 40.33
C GLY N 38 -32.83 29.76 39.11
N ALA N 39 -32.47 30.55 38.06
CA ALA N 39 -33.24 30.59 36.81
C ALA N 39 -32.30 30.85 35.65
N GLN N 40 -32.74 30.55 34.42
CA GLN N 40 -31.93 30.72 33.21
C GLN N 40 -32.79 30.98 31.99
N MET N 41 -32.47 32.06 31.25
CA MET N 41 -33.12 32.42 30.00
C MET N 41 -32.06 32.53 28.91
N ARG N 42 -32.45 32.28 27.65
CA ARG N 42 -31.56 32.38 26.49
C ARG N 42 -32.23 33.31 25.48
N TYR N 43 -31.50 34.34 25.06
CA TYR N 43 -31.97 35.34 24.10
C TYR N 43 -31.08 35.30 22.90
N SER N 44 -31.67 35.06 21.72
CA SER N 44 -30.93 35.06 20.46
C SER N 44 -30.58 36.47 20.08
N LEU N 45 -29.31 36.69 19.71
CA LEU N 45 -28.75 38.01 19.28
C LEU N 45 -28.42 37.99 17.78
N ARG N 46 -28.88 36.93 17.07
CA ARG N 46 -28.63 36.65 15.66
C ARG N 46 -29.50 37.46 14.70
N ASP N 47 -29.01 37.70 13.47
CA ASP N 47 -29.68 38.42 12.36
C ASP N 47 -30.07 39.89 12.73
N GLY N 48 -29.27 40.52 13.58
CA GLY N 48 -29.50 41.89 14.03
C GLY N 48 -30.53 42.04 15.14
N ILE N 49 -31.12 40.92 15.61
CA ILE N 49 -32.14 40.93 16.68
C ILE N 49 -31.59 41.43 18.01
N PHE N 50 -32.26 42.45 18.58
CA PHE N 50 -31.87 42.99 19.88
C PHE N 50 -32.94 42.71 20.92
N PRO N 51 -32.65 41.93 21.99
CA PRO N 51 -33.68 41.59 22.98
C PRO N 51 -34.02 42.72 23.98
N LEU N 52 -34.61 43.81 23.45
CA LEU N 52 -35.09 44.91 24.28
C LEU N 52 -36.56 44.56 24.53
N LEU N 53 -36.91 44.20 25.79
CA LEU N 53 -38.25 43.71 26.16
C LEU N 53 -39.36 44.69 25.79
N THR N 54 -40.46 44.11 25.27
CA THR N 54 -41.60 44.83 24.65
C THR N 54 -42.92 44.88 25.48
N THR N 55 -43.08 44.09 26.57
CA THR N 55 -44.34 44.15 27.35
C THR N 55 -44.38 45.40 28.24
N LYS N 56 -43.26 46.13 28.31
CA LYS N 56 -43.05 47.36 29.09
C LYS N 56 -41.90 48.09 28.40
N ARG N 57 -42.00 49.42 28.25
CA ARG N 57 -40.92 50.20 27.62
C ARG N 57 -39.68 50.24 28.52
N VAL N 58 -38.50 49.93 27.94
CA VAL N 58 -37.20 49.93 28.64
C VAL N 58 -36.45 51.24 28.27
N PHE N 59 -35.73 51.84 29.25
CA PHE N 59 -34.94 53.08 29.07
C PHE N 59 -33.65 52.77 28.31
N TRP N 60 -33.75 52.66 26.96
CA TRP N 60 -32.66 52.30 26.03
C TRP N 60 -31.44 53.19 26.17
N ARG N 61 -31.65 54.52 26.21
CA ARG N 61 -30.58 55.52 26.37
C ARG N 61 -29.80 55.32 27.68
N GLY N 62 -30.52 55.01 28.75
CA GLY N 62 -29.96 54.69 30.06
C GLY N 62 -29.10 53.45 30.00
N VAL N 63 -29.59 52.38 29.33
CA VAL N 63 -28.88 51.11 29.12
C VAL N 63 -27.54 51.37 28.44
N ALA N 64 -27.58 52.01 27.26
CA ALA N 64 -26.42 52.28 26.43
C ALA N 64 -25.41 53.21 27.09
N GLU N 65 -25.87 54.36 27.65
CA GLU N 65 -24.99 55.31 28.31
C GLU N 65 -24.34 54.73 29.55
N GLU N 66 -25.08 53.95 30.37
CA GLU N 66 -24.54 53.28 31.56
C GLU N 66 -23.41 52.31 31.21
N LEU N 67 -23.60 51.51 30.14
CA LEU N 67 -22.59 50.55 29.68
C LEU N 67 -21.32 51.24 29.17
N LEU N 68 -21.46 52.39 28.48
CA LEU N 68 -20.33 53.16 27.95
C LEU N 68 -19.46 53.74 29.07
N TRP N 69 -20.09 54.03 30.21
CA TRP N 69 -19.50 54.50 31.46
C TRP N 69 -18.79 53.35 32.19
N PHE N 70 -19.30 52.12 32.06
CA PHE N 70 -18.66 50.96 32.64
C PHE N 70 -17.37 50.70 31.84
N VAL N 71 -17.47 50.67 30.49
CA VAL N 71 -16.38 50.42 29.54
C VAL N 71 -15.23 51.41 29.76
N ARG N 72 -15.55 52.70 30.02
CA ARG N 72 -14.55 53.74 30.27
C ARG N 72 -13.70 53.48 31.52
N GLY N 73 -14.16 52.58 32.39
CA GLY N 73 -13.53 52.26 33.66
C GLY N 73 -13.83 53.35 34.66
N SER N 74 -14.97 54.03 34.48
CA SER N 74 -15.35 55.14 35.32
C SER N 74 -15.99 54.74 36.63
N THR N 75 -15.65 55.47 37.69
CA THR N 75 -16.22 55.26 39.02
C THR N 75 -16.84 56.58 39.48
N ASN N 76 -17.02 57.52 38.52
CA ASN N 76 -17.52 58.89 38.73
C ASN N 76 -18.94 59.04 38.25
N ALA N 77 -19.86 59.09 39.22
CA ALA N 77 -21.30 59.24 39.03
C ALA N 77 -21.66 60.49 38.20
N LYS N 78 -20.87 61.57 38.38
CA LYS N 78 -21.06 62.85 37.72
C LYS N 78 -20.94 62.76 36.21
N GLU N 79 -20.11 61.84 35.70
CA GLU N 79 -19.91 61.61 34.27
C GLU N 79 -21.17 61.03 33.60
N LEU N 80 -21.97 60.27 34.38
CA LEU N 80 -23.23 59.65 33.96
C LEU N 80 -24.39 60.68 34.05
N GLN N 81 -24.46 61.45 35.17
CA GLN N 81 -25.40 62.55 35.46
C GLN N 81 -25.28 63.62 34.37
N GLU N 82 -24.05 63.81 33.87
CA GLU N 82 -23.71 64.74 32.79
C GLU N 82 -24.47 64.37 31.53
N LYS N 83 -24.77 63.07 31.36
CA LYS N 83 -25.56 62.54 30.24
C LYS N 83 -27.05 62.38 30.58
N ASP N 84 -27.47 63.03 31.68
CA ASP N 84 -28.82 63.08 32.23
C ASP N 84 -29.35 61.69 32.61
N ILE N 85 -28.45 60.82 33.08
CA ILE N 85 -28.76 59.47 33.56
C ILE N 85 -28.54 59.54 35.08
N HIS N 86 -29.62 59.31 35.84
CA HIS N 86 -29.62 59.45 37.29
C HIS N 86 -29.87 58.11 38.03
N ILE N 87 -29.55 57.00 37.36
CA ILE N 87 -29.72 55.64 37.90
C ILE N 87 -28.71 55.34 39.03
N TRP N 88 -27.57 56.04 39.09
CA TRP N 88 -26.54 55.87 40.12
C TRP N 88 -26.52 56.98 41.21
N ASP N 89 -27.56 57.85 41.24
CA ASP N 89 -27.66 58.96 42.19
C ASP N 89 -27.97 58.47 43.61
N GLU N 107 -17.89 63.62 46.45
CA GLU N 107 -19.18 63.57 45.78
C GLU N 107 -19.04 63.04 44.36
N GLY N 108 -19.83 62.00 44.04
CA GLY N 108 -19.78 61.33 42.75
C GLY N 108 -18.92 60.07 42.76
N ASP N 109 -18.04 59.94 43.76
CA ASP N 109 -17.15 58.78 43.92
C ASP N 109 -17.91 57.56 44.43
N LEU N 110 -18.13 56.58 43.55
CA LEU N 110 -18.91 55.36 43.83
C LEU N 110 -18.10 54.21 44.40
N GLY N 111 -16.78 54.41 44.50
CA GLY N 111 -15.84 53.42 45.01
C GLY N 111 -15.36 52.52 43.89
N PRO N 112 -14.86 51.31 44.22
CA PRO N 112 -14.34 50.40 43.17
C PRO N 112 -15.41 49.60 42.39
N VAL N 113 -16.48 50.28 41.92
CA VAL N 113 -17.57 49.67 41.16
C VAL N 113 -17.12 49.15 39.76
N TYR N 114 -18.02 48.40 39.07
CA TYR N 114 -17.92 47.70 37.77
C TYR N 114 -16.78 48.12 36.84
N GLY N 115 -16.85 49.37 36.35
CA GLY N 115 -15.87 49.97 35.46
C GLY N 115 -14.45 49.84 35.93
N PHE N 116 -14.22 50.07 37.22
CA PHE N 116 -12.93 49.88 37.89
C PHE N 116 -12.51 48.38 37.92
N GLN N 117 -13.48 47.44 38.03
CA GLN N 117 -13.20 46.00 38.13
C GLN N 117 -12.95 45.41 36.76
N TRP N 118 -13.67 45.94 35.74
CA TRP N 118 -13.58 45.53 34.33
C TRP N 118 -12.20 45.98 33.75
N ARG N 119 -11.74 47.19 34.08
CA ARG N 119 -10.48 47.68 33.49
C ARG N 119 -9.29 47.65 34.44
N HIS N 120 -9.50 47.51 35.76
CA HIS N 120 -8.38 47.51 36.72
C HIS N 120 -8.61 46.55 37.90
N PHE N 121 -8.83 45.25 37.64
CA PHE N 121 -9.10 44.29 38.73
C PHE N 121 -7.85 43.92 39.53
N GLY N 122 -7.92 44.22 40.84
CA GLY N 122 -6.85 43.93 41.80
C GLY N 122 -6.00 45.12 42.18
N ALA N 123 -6.13 46.24 41.43
CA ALA N 123 -5.41 47.47 41.70
C ALA N 123 -5.95 48.10 42.99
N PRO N 124 -5.09 48.76 43.81
CA PRO N 124 -5.61 49.43 45.00
C PRO N 124 -6.41 50.68 44.61
N TYR N 125 -7.61 50.83 45.19
CA TYR N 125 -8.47 51.97 44.90
C TYR N 125 -8.17 53.13 45.81
N ALA N 126 -7.98 54.32 45.22
CA ALA N 126 -7.72 55.56 45.94
C ALA N 126 -8.97 56.43 45.79
N ASP N 127 -9.16 57.07 44.62
CA ASP N 127 -10.34 57.88 44.28
C ASP N 127 -10.64 57.85 42.77
N MET N 128 -11.77 58.44 42.35
CA MET N 128 -12.21 58.46 40.95
C MET N 128 -11.31 59.30 40.02
N HIS N 129 -10.47 60.19 40.58
CA HIS N 129 -9.57 61.04 39.80
C HIS N 129 -8.22 60.39 39.51
N THR N 130 -7.79 59.42 40.37
CA THR N 130 -6.52 58.70 40.25
C THR N 130 -6.35 58.02 38.86
N ASP N 131 -5.13 58.11 38.30
CA ASP N 131 -4.76 57.52 37.01
C ASP N 131 -4.33 56.07 37.29
N TYR N 132 -5.14 55.11 36.85
CA TYR N 132 -4.96 53.66 37.05
C TYR N 132 -4.48 52.96 35.79
N THR N 133 -3.91 53.73 34.86
CA THR N 133 -3.34 53.18 33.63
C THR N 133 -2.19 52.19 33.99
N GLY N 134 -2.33 50.96 33.51
CA GLY N 134 -1.37 49.88 33.74
C GLY N 134 -1.50 49.19 35.08
N GLN N 135 -2.49 49.61 35.91
CA GLN N 135 -2.76 49.04 37.23
C GLN N 135 -3.93 48.07 37.14
N GLY N 136 -3.79 46.95 37.83
CA GLY N 136 -4.75 45.87 37.85
C GLY N 136 -4.86 45.14 36.54
N VAL N 137 -5.81 44.22 36.48
CA VAL N 137 -6.06 43.40 35.31
C VAL N 137 -7.15 44.05 34.46
N ASP N 138 -6.82 44.37 33.20
CA ASP N 138 -7.81 44.93 32.28
C ASP N 138 -8.55 43.75 31.67
N GLN N 139 -9.59 43.28 32.38
CA GLN N 139 -10.43 42.13 32.07
C GLN N 139 -11.18 42.24 30.77
N LEU N 140 -11.65 43.47 30.42
CA LEU N 140 -12.38 43.76 29.20
C LEU N 140 -11.46 43.61 27.98
N GLN N 141 -10.25 44.22 28.02
CA GLN N 141 -9.27 44.12 26.94
C GLN N 141 -8.70 42.70 26.81
N GLN N 142 -8.58 41.99 27.95
CA GLN N 142 -8.08 40.62 28.01
C GLN N 142 -9.09 39.70 27.29
N VAL N 143 -10.40 39.93 27.51
CA VAL N 143 -11.50 39.17 26.93
C VAL N 143 -11.46 39.33 25.40
N ILE N 144 -11.30 40.58 24.91
CA ILE N 144 -11.22 40.91 23.49
C ILE N 144 -9.96 40.27 22.84
N ASP N 145 -8.78 40.33 23.53
CA ASP N 145 -7.52 39.71 23.08
C ASP N 145 -7.63 38.18 22.99
N THR N 146 -8.26 37.55 24.01
CA THR N 146 -8.49 36.11 24.08
C THR N 146 -9.42 35.66 22.93
N ILE N 147 -10.59 36.32 22.75
CA ILE N 147 -11.54 36.02 21.67
C ILE N 147 -10.84 35.99 20.28
N LYS N 148 -9.97 36.98 20.03
CA LYS N 148 -9.21 37.15 18.81
C LYS N 148 -8.14 36.08 18.59
N ASN N 149 -7.27 35.84 19.60
CA ASN N 149 -6.13 34.92 19.49
C ASN N 149 -6.44 33.47 19.84
N ASN N 150 -7.26 33.21 20.86
CA ASN N 150 -7.65 31.84 21.25
C ASN N 150 -9.16 31.74 21.51
N PRO N 151 -10.01 31.75 20.45
CA PRO N 151 -11.48 31.71 20.66
C PRO N 151 -12.06 30.47 21.38
N ASP N 152 -11.31 29.35 21.38
CA ASP N 152 -11.72 28.09 22.01
C ASP N 152 -11.48 28.04 23.52
N ASP N 153 -10.82 29.07 24.08
CA ASP N 153 -10.49 29.20 25.50
C ASP N 153 -11.76 29.18 26.38
N ARG N 154 -11.70 28.41 27.48
CA ARG N 154 -12.83 28.22 28.41
C ARG N 154 -12.73 29.10 29.66
N ARG N 155 -11.85 30.12 29.62
CA ARG N 155 -11.62 31.06 30.73
C ARG N 155 -11.88 32.50 30.30
N ILE N 156 -12.73 32.73 29.26
CA ILE N 156 -13.05 34.09 28.79
C ILE N 156 -14.08 34.73 29.76
N ILE N 157 -13.59 35.17 30.93
CA ILE N 157 -14.39 35.70 32.03
C ILE N 157 -14.04 37.12 32.39
N MET N 158 -15.08 37.88 32.78
CA MET N 158 -15.03 39.25 33.25
C MET N 158 -15.81 39.20 34.56
N CYS N 159 -15.10 39.39 35.65
CA CYS N 159 -15.63 39.26 36.98
C CYS N 159 -15.63 40.61 37.68
N ALA N 160 -16.81 41.08 38.10
CA ALA N 160 -16.98 42.34 38.83
C ALA N 160 -17.08 42.05 40.32
N TRP N 161 -17.40 40.79 40.69
CA TRP N 161 -17.49 40.41 42.09
C TRP N 161 -16.09 40.28 42.65
N ASN N 162 -15.63 41.30 43.37
CA ASN N 162 -14.30 41.32 43.97
C ASN N 162 -14.47 41.27 45.50
N PRO N 163 -14.32 40.09 46.17
CA PRO N 163 -14.51 40.04 47.64
C PRO N 163 -13.75 41.08 48.48
N VAL N 164 -12.51 41.45 48.09
CA VAL N 164 -11.70 42.45 48.82
C VAL N 164 -12.27 43.93 48.64
N ASP N 165 -12.78 44.29 47.46
CA ASP N 165 -13.30 45.63 47.18
C ASP N 165 -14.83 45.80 47.40
N VAL N 166 -15.65 44.70 47.45
CA VAL N 166 -17.12 44.79 47.62
C VAL N 166 -17.53 45.66 48.86
N PRO N 167 -16.91 45.54 50.06
CA PRO N 167 -17.32 46.43 51.17
C PRO N 167 -17.07 47.94 50.92
N LYS N 168 -16.11 48.28 50.01
CA LYS N 168 -15.73 49.65 49.63
C LYS N 168 -16.68 50.27 48.57
N MET N 169 -17.45 49.43 47.90
CA MET N 169 -18.41 49.84 46.85
C MET N 169 -19.71 50.42 47.43
N ALA N 170 -20.25 51.45 46.75
CA ALA N 170 -21.51 52.12 47.15
C ALA N 170 -22.61 51.05 47.27
N LEU N 171 -22.75 50.23 46.22
CA LEU N 171 -23.67 49.10 46.16
C LEU N 171 -22.88 47.86 45.67
N PRO N 172 -23.05 46.67 46.29
CA PRO N 172 -22.32 45.48 45.81
C PRO N 172 -22.87 45.10 44.42
N PRO N 173 -22.01 44.64 43.49
CA PRO N 173 -22.50 44.35 42.13
C PRO N 173 -23.52 43.20 42.07
N CYS N 174 -24.64 43.41 41.33
CA CYS N 174 -25.70 42.42 41.07
C CYS N 174 -25.20 41.48 40.00
N HIS N 175 -24.39 42.04 39.10
CA HIS N 175 -23.80 41.37 37.96
C HIS N 175 -22.41 40.94 38.36
N CYS N 176 -22.33 39.69 38.87
CA CYS N 176 -21.13 39.07 39.44
C CYS N 176 -20.04 38.79 38.43
N LEU N 177 -20.39 38.08 37.34
CA LEU N 177 -19.49 37.78 36.25
C LEU N 177 -20.22 37.48 34.98
N CYS N 178 -19.49 37.58 33.85
CA CYS N 178 -19.97 37.14 32.56
C CYS N 178 -18.89 36.36 31.81
N GLN N 179 -19.31 35.31 31.11
CA GLN N 179 -18.40 34.46 30.35
C GLN N 179 -18.74 34.57 28.87
N PHE N 180 -17.72 34.51 28.03
CA PHE N 180 -17.88 34.56 26.58
C PHE N 180 -17.50 33.24 25.96
N TYR N 181 -18.13 32.94 24.82
CA TYR N 181 -17.97 31.67 24.11
C TYR N 181 -18.03 31.94 22.61
N VAL N 182 -17.15 31.26 21.86
CA VAL N 182 -17.04 31.41 20.41
C VAL N 182 -17.24 30.04 19.73
N ALA N 183 -18.20 29.97 18.81
CA ALA N 183 -18.49 28.80 17.99
C ALA N 183 -19.23 29.23 16.74
N ASN N 184 -18.77 28.71 15.57
CA ASN N 184 -19.33 28.95 14.23
C ASN N 184 -19.39 30.45 13.89
N GLY N 185 -18.31 31.16 14.23
CA GLY N 185 -18.16 32.60 14.00
C GLY N 185 -19.07 33.46 14.84
N GLU N 186 -19.67 32.88 15.90
CA GLU N 186 -20.62 33.56 16.79
C GLU N 186 -20.10 33.74 18.18
N LEU N 187 -20.31 34.93 18.73
CA LEU N 187 -19.96 35.24 20.09
C LEU N 187 -21.20 35.19 21.01
N SER N 188 -21.15 34.28 21.99
CA SER N 188 -22.19 34.13 23.01
C SER N 188 -21.69 34.66 24.34
N CYS N 189 -22.60 35.15 25.19
CA CYS N 189 -22.28 35.70 26.52
C CYS N 189 -23.24 35.13 27.56
N GLN N 190 -22.70 34.77 28.73
CA GLN N 190 -23.52 34.29 29.84
C GLN N 190 -23.25 35.16 31.03
N LEU N 191 -24.32 35.75 31.60
CA LEU N 191 -24.22 36.57 32.79
C LEU N 191 -24.71 35.82 34.02
N TYR N 192 -23.97 35.90 35.15
CA TYR N 192 -24.43 35.40 36.44
C TYR N 192 -24.90 36.62 37.26
N GLN N 193 -26.21 36.68 37.51
CA GLN N 193 -26.81 37.76 38.28
C GLN N 193 -27.27 37.21 39.63
N ARG N 194 -26.60 37.62 40.72
CA ARG N 194 -26.90 37.19 42.10
C ARG N 194 -28.27 37.63 42.64
N SER N 195 -28.74 38.81 42.18
CA SER N 195 -29.98 39.42 42.62
C SER N 195 -30.69 40.02 41.42
N ALA N 196 -31.92 39.55 41.13
CA ALA N 196 -32.66 40.02 39.96
C ALA N 196 -34.07 40.52 40.23
N ASP N 197 -34.29 41.84 40.13
CA ASP N 197 -35.63 42.41 40.26
C ASP N 197 -36.34 42.25 38.89
N MET N 198 -37.25 41.27 38.82
CA MET N 198 -38.02 40.90 37.64
C MET N 198 -38.85 42.02 37.09
N GLY N 199 -39.43 42.85 37.97
CA GLY N 199 -40.20 44.03 37.58
C GLY N 199 -39.44 45.04 36.73
N LEU N 200 -38.59 45.89 37.36
CA LEU N 200 -37.83 46.96 36.69
C LEU N 200 -36.40 46.63 36.26
N GLY N 201 -35.71 45.83 37.08
CA GLY N 201 -34.31 45.49 36.89
C GLY N 201 -33.96 44.65 35.69
N VAL N 202 -34.48 43.41 35.64
CA VAL N 202 -34.15 42.37 34.63
C VAL N 202 -34.27 42.85 33.15
N PRO N 203 -35.33 43.57 32.66
CA PRO N 203 -35.32 44.02 31.25
C PRO N 203 -34.11 44.89 30.90
N PHE N 204 -33.68 45.78 31.83
CA PHE N 204 -32.53 46.68 31.69
C PHE N 204 -31.24 45.86 31.66
N ASN N 205 -31.12 44.88 32.56
CA ASN N 205 -29.98 43.95 32.68
C ASN N 205 -29.78 43.11 31.40
N ILE N 206 -30.86 42.66 30.77
CA ILE N 206 -30.82 41.89 29.52
C ILE N 206 -30.21 42.75 28.41
N ALA N 207 -30.72 43.96 28.28
CA ALA N 207 -30.27 44.88 27.27
C ALA N 207 -28.79 45.29 27.44
N SER N 208 -28.32 45.49 28.70
CA SER N 208 -26.94 45.89 28.99
C SER N 208 -25.94 44.87 28.46
N TYR N 209 -26.16 43.59 28.77
CA TYR N 209 -25.24 42.54 28.42
C TYR N 209 -25.39 42.05 27.00
N ALA N 210 -26.56 42.23 26.40
CA ALA N 210 -26.81 41.92 24.99
C ALA N 210 -26.05 42.96 24.16
N LEU N 211 -26.07 44.23 24.63
CA LEU N 211 -25.34 45.35 23.98
C LEU N 211 -23.85 45.16 24.09
N LEU N 212 -23.34 44.75 25.25
CA LEU N 212 -21.93 44.44 25.45
C LEU N 212 -21.45 43.38 24.45
N THR N 213 -22.23 42.29 24.29
CA THR N 213 -21.97 41.21 23.33
C THR N 213 -21.86 41.74 21.89
N TYR N 214 -22.79 42.65 21.48
CA TYR N 214 -22.81 43.30 20.17
C TYR N 214 -21.55 44.14 19.95
N MET N 215 -21.12 44.86 20.98
CA MET N 215 -19.91 45.71 20.94
C MET N 215 -18.66 44.88 20.82
N ILE N 216 -18.52 43.82 21.67
CA ILE N 216 -17.36 42.92 21.63
C ILE N 216 -17.32 42.14 20.31
N ALA N 217 -18.48 41.66 19.83
CA ALA N 217 -18.58 40.94 18.55
C ALA N 217 -18.11 41.79 17.38
N HIS N 218 -18.46 43.08 17.40
CA HIS N 218 -18.08 44.09 16.39
C HIS N 218 -16.57 44.31 16.31
N VAL N 219 -15.92 44.53 17.48
CA VAL N 219 -14.48 44.78 17.56
C VAL N 219 -13.64 43.47 17.37
N THR N 220 -14.24 42.27 17.54
CA THR N 220 -13.52 41.01 17.36
C THR N 220 -13.85 40.31 16.03
N ASP N 221 -14.60 41.01 15.14
CA ASP N 221 -15.02 40.54 13.81
C ASP N 221 -15.82 39.21 13.87
N LEU N 222 -16.73 39.13 14.86
CA LEU N 222 -17.61 37.99 15.06
C LEU N 222 -19.05 38.46 15.01
N LYS N 223 -19.99 37.52 14.92
CA LYS N 223 -21.42 37.80 14.89
C LYS N 223 -22.01 37.46 16.26
N PRO N 224 -22.93 38.28 16.83
CA PRO N 224 -23.53 37.90 18.13
C PRO N 224 -24.35 36.60 18.03
N GLY N 225 -24.19 35.74 19.04
CA GLY N 225 -24.88 34.46 19.11
C GLY N 225 -26.08 34.52 20.04
N ASP N 226 -25.86 34.10 21.31
CA ASP N 226 -26.88 34.06 22.34
C ASP N 226 -26.44 34.83 23.54
N PHE N 227 -27.42 35.34 24.30
CA PHE N 227 -27.21 35.95 25.60
C PHE N 227 -27.93 35.03 26.58
N VAL N 228 -27.16 34.40 27.45
CA VAL N 228 -27.67 33.48 28.46
C VAL N 228 -27.72 34.24 29.80
N HIS N 229 -28.92 34.41 30.34
CA HIS N 229 -29.15 35.14 31.59
C HIS N 229 -29.42 34.17 32.73
N THR N 230 -28.42 33.98 33.60
CA THR N 230 -28.53 33.12 34.77
C THR N 230 -28.83 33.97 36.02
N LEU N 231 -29.82 33.55 36.80
CA LEU N 231 -30.25 34.30 38.01
C LEU N 231 -30.07 33.50 39.30
N GLY N 232 -29.73 34.23 40.37
CA GLY N 232 -29.59 33.71 41.72
C GLY N 232 -30.91 33.95 42.41
N ASP N 233 -30.99 34.99 43.24
CA ASP N 233 -32.23 35.37 43.91
C ASP N 233 -33.10 36.21 42.93
N ALA N 234 -34.05 35.55 42.23
CA ALA N 234 -34.98 36.15 41.28
C ALA N 234 -36.25 36.52 42.05
N HIS N 235 -36.59 37.82 42.08
CA HIS N 235 -37.71 38.32 42.88
C HIS N 235 -38.58 39.39 42.23
N VAL N 236 -39.75 39.58 42.83
CA VAL N 236 -40.73 40.62 42.50
C VAL N 236 -41.03 41.33 43.84
N TYR N 237 -41.19 42.66 43.81
CA TYR N 237 -41.59 43.41 45.00
C TYR N 237 -43.09 43.26 45.18
N SER N 238 -43.55 43.00 46.42
CA SER N 238 -44.97 42.81 46.75
C SER N 238 -45.88 43.97 46.31
N ASN N 239 -45.38 45.21 46.43
CA ASN N 239 -46.11 46.42 46.03
C ASN N 239 -46.22 46.57 44.48
N HIS N 240 -45.43 45.78 43.71
CA HIS N 240 -45.42 45.78 42.25
C HIS N 240 -46.31 44.68 41.65
N CYS N 241 -46.86 43.79 42.49
CA CYS N 241 -47.67 42.63 42.08
C CYS N 241 -48.90 42.98 41.25
N GLU N 242 -49.64 44.04 41.62
CA GLU N 242 -50.81 44.46 40.85
C GLU N 242 -50.41 44.95 39.45
N ALA N 243 -49.29 45.70 39.38
CA ALA N 243 -48.72 46.22 38.13
C ALA N 243 -48.17 45.12 37.21
N LEU N 244 -47.58 44.05 37.81
CA LEU N 244 -47.05 42.88 37.11
C LEU N 244 -48.15 42.01 36.53
N GLU N 245 -49.29 41.88 37.24
CA GLU N 245 -50.47 41.14 36.77
C GLU N 245 -51.01 41.76 35.49
N GLU N 246 -50.95 43.13 35.40
CA GLU N 246 -51.40 43.88 34.22
C GLU N 246 -50.44 43.62 33.03
N GLN N 247 -49.14 43.54 33.32
CA GLN N 247 -48.08 43.29 32.35
C GLN N 247 -48.14 41.87 31.79
N LEU N 248 -48.45 40.86 32.64
CA LEU N 248 -48.58 39.45 32.25
C LEU N 248 -49.70 39.24 31.22
N LYS N 249 -50.70 40.15 31.18
CA LYS N 249 -51.83 40.13 30.23
C LYS N 249 -51.40 40.57 28.83
N ARG N 250 -50.20 41.16 28.71
CA ARG N 250 -49.65 41.71 27.47
C ARG N 250 -48.89 40.68 26.63
N GLU N 251 -49.08 40.76 25.32
CA GLU N 251 -48.46 39.89 24.33
C GLU N 251 -47.13 40.49 23.85
N PRO N 252 -45.98 39.77 23.96
CA PRO N 252 -44.70 40.32 23.46
C PRO N 252 -44.78 40.64 21.96
N ARG N 253 -44.11 41.71 21.58
CA ARG N 253 -44.08 42.16 20.20
C ARG N 253 -42.71 41.82 19.60
N PRO N 254 -42.57 41.67 18.25
CA PRO N 254 -41.23 41.37 17.69
C PRO N 254 -40.15 42.33 18.19
N PHE N 255 -39.01 41.78 18.60
CA PHE N 255 -37.87 42.54 19.13
C PHE N 255 -37.31 43.53 18.10
N PRO N 256 -36.75 44.67 18.54
CA PRO N 256 -36.13 45.58 17.56
C PRO N 256 -34.83 45.01 16.96
N SER N 257 -34.26 45.72 15.97
CA SER N 257 -32.99 45.32 15.38
C SER N 257 -31.93 46.34 15.79
N LEU N 258 -30.66 45.89 15.91
CA LEU N 258 -29.55 46.76 16.26
C LEU N 258 -28.42 46.67 15.24
N LYS N 259 -27.96 47.85 14.82
CA LYS N 259 -26.87 48.05 13.88
C LYS N 259 -25.87 49.05 14.46
N ILE N 260 -24.58 48.80 14.23
CA ILE N 260 -23.50 49.70 14.60
C ILE N 260 -23.14 50.42 13.29
N LYS N 261 -23.53 51.72 13.22
CA LYS N 261 -23.44 52.63 12.07
C LYS N 261 -22.06 52.72 11.40
N ARG N 262 -20.97 52.69 12.18
CA ARG N 262 -19.60 52.80 11.65
C ARG N 262 -18.70 51.68 12.20
N LYS N 263 -17.50 51.52 11.59
CA LYS N 263 -16.51 50.55 12.05
C LYS N 263 -15.77 51.20 13.23
N VAL N 264 -15.95 50.61 14.40
CA VAL N 264 -15.32 51.04 15.65
C VAL N 264 -14.14 50.06 15.90
N GLU N 265 -12.89 50.60 15.99
CA GLU N 265 -11.66 49.81 16.14
C GLU N 265 -11.44 49.21 17.54
N ASN N 266 -11.78 49.97 18.59
CA ASN N 266 -11.59 49.61 19.99
C ASN N 266 -12.89 49.71 20.77
N ILE N 267 -13.00 48.96 21.87
CA ILE N 267 -14.18 48.91 22.75
C ILE N 267 -14.45 50.25 23.46
N SER N 268 -13.39 51.00 23.79
CA SER N 268 -13.48 52.30 24.47
C SER N 268 -13.95 53.45 23.54
N ASP N 269 -13.94 53.21 22.21
CA ASP N 269 -14.27 54.19 21.18
C ASP N 269 -15.76 54.29 20.79
N PHE N 270 -16.65 53.57 21.49
CA PHE N 270 -18.10 53.57 21.23
C PHE N 270 -18.81 54.75 21.83
N LYS N 271 -19.68 55.39 21.03
CA LYS N 271 -20.50 56.55 21.41
C LYS N 271 -21.93 56.14 21.24
N PHE N 272 -22.84 56.76 21.99
CA PHE N 272 -24.27 56.44 21.90
C PHE N 272 -24.83 56.54 20.45
N GLU N 273 -24.39 57.56 19.70
CA GLU N 273 -24.78 57.84 18.31
C GLU N 273 -24.40 56.74 17.33
N ASP N 274 -23.44 55.85 17.71
CA ASP N 274 -22.97 54.73 16.88
C ASP N 274 -24.01 53.64 16.74
N PHE N 275 -24.97 53.57 17.70
CA PHE N 275 -26.03 52.56 17.75
C PHE N 275 -27.30 53.01 17.02
N GLU N 276 -27.85 52.08 16.21
CA GLU N 276 -29.05 52.27 15.42
C GLU N 276 -30.09 51.22 15.82
N LEU N 277 -31.00 51.60 16.74
CA LEU N 277 -32.07 50.74 17.22
C LEU N 277 -33.34 50.97 16.38
N ASP N 278 -33.61 50.04 15.46
CA ASP N 278 -34.74 50.11 14.54
C ASP N 278 -35.88 49.19 14.93
N GLY N 279 -37.10 49.74 14.83
CA GLY N 279 -38.36 49.02 15.07
C GLY N 279 -38.70 48.67 16.50
N TYR N 280 -38.28 49.49 17.50
CA TYR N 280 -38.63 49.23 18.89
C TYR N 280 -40.06 49.71 19.12
N LYS N 281 -40.99 48.76 19.22
CA LYS N 281 -42.41 49.08 19.38
C LYS N 281 -42.97 48.46 20.68
N PRO N 282 -42.58 48.94 21.87
CA PRO N 282 -43.10 48.32 23.11
C PRO N 282 -44.51 48.76 23.53
N HIS N 283 -45.09 48.03 24.50
CA HIS N 283 -46.34 48.33 25.16
C HIS N 283 -46.00 49.49 26.12
N PRO N 284 -46.98 50.30 26.59
CA PRO N 284 -46.63 51.40 27.50
C PRO N 284 -45.83 51.04 28.76
N LYS N 285 -45.15 52.04 29.37
CA LYS N 285 -44.44 51.87 30.64
C LYS N 285 -45.50 51.65 31.76
N ILE N 286 -45.13 50.89 32.81
CA ILE N 286 -46.01 50.64 33.96
C ILE N 286 -45.33 51.14 35.23
N LYS N 287 -46.07 51.86 36.08
CA LYS N 287 -45.55 52.39 37.34
C LYS N 287 -45.25 51.31 38.38
N MET N 288 -43.98 51.23 38.80
CA MET N 288 -43.46 50.28 39.81
C MET N 288 -42.47 51.10 40.68
N GLU N 289 -42.91 51.53 41.87
CA GLU N 289 -42.25 52.48 42.77
C GLU N 289 -41.70 51.93 44.12
N MET N 290 -41.39 52.89 45.04
CA MET N 290 -40.91 52.81 46.43
C MET N 290 -40.30 51.45 46.83
N MET O 4 -24.08 4.84 -41.82
CA MET O 4 -24.20 3.38 -41.92
C MET O 4 -23.26 2.79 -42.98
N ARG O 5 -23.25 3.36 -44.23
CA ARG O 5 -22.37 2.89 -45.31
C ARG O 5 -20.90 3.06 -44.91
N HIS O 6 -20.09 2.02 -45.14
CA HIS O 6 -18.66 1.97 -44.79
C HIS O 6 -17.82 3.05 -45.48
N ASP O 7 -17.13 3.90 -44.69
CA ASP O 7 -16.30 4.99 -45.18
C ASP O 7 -15.30 4.60 -46.28
N GLU O 8 -14.81 3.34 -46.29
CA GLU O 8 -13.89 2.77 -47.26
C GLU O 8 -14.49 2.76 -48.67
N TYR O 9 -15.84 2.76 -48.80
CA TYR O 9 -16.49 2.81 -50.11
C TYR O 9 -16.17 4.09 -50.89
N GLN O 10 -15.80 5.20 -50.22
CA GLN O 10 -15.43 6.47 -50.86
C GLN O 10 -14.11 6.27 -51.68
N TYR O 11 -13.17 5.54 -51.08
CA TYR O 11 -11.89 5.17 -51.64
C TYR O 11 -12.09 4.20 -52.84
N LEU O 12 -12.92 3.19 -52.65
CA LEU O 12 -13.26 2.19 -53.68
C LEU O 12 -14.01 2.79 -54.86
N ASP O 13 -15.02 3.64 -54.60
CA ASP O 13 -15.79 4.34 -55.63
C ASP O 13 -14.91 5.24 -56.48
N LEU O 14 -13.88 5.87 -55.88
CA LEU O 14 -12.94 6.72 -56.61
C LEU O 14 -12.04 5.92 -57.54
N ILE O 15 -11.46 4.78 -57.07
CA ILE O 15 -10.64 3.89 -57.91
C ILE O 15 -11.47 3.50 -59.15
N ARG O 16 -12.72 3.03 -58.93
CA ARG O 16 -13.70 2.65 -59.94
C ARG O 16 -13.90 3.78 -60.94
N GLN O 17 -14.19 5.00 -60.43
CA GLN O 17 -14.42 6.21 -61.23
C GLN O 17 -13.20 6.60 -62.08
N ILE O 18 -11.96 6.48 -61.51
CA ILE O 18 -10.71 6.78 -62.20
C ILE O 18 -10.46 5.77 -63.34
N MET O 19 -10.57 4.46 -63.05
CA MET O 19 -10.36 3.40 -64.05
C MET O 19 -11.37 3.43 -65.21
N ARG O 20 -12.58 3.93 -64.95
CA ARG O 20 -13.68 4.06 -65.91
C ARG O 20 -13.62 5.36 -66.73
N THR O 21 -13.48 6.55 -66.08
CA THR O 21 -13.52 7.85 -66.78
C THR O 21 -12.25 8.70 -66.74
N GLY O 22 -11.21 8.22 -66.04
CA GLY O 22 -9.95 8.95 -65.88
C GLY O 22 -9.15 9.18 -67.16
N ASN O 23 -8.16 10.10 -67.07
CA ASN O 23 -7.28 10.52 -68.15
C ASN O 23 -5.95 9.77 -68.13
N ARG O 24 -5.66 9.03 -69.23
CA ARG O 24 -4.43 8.28 -69.38
C ARG O 24 -3.26 9.21 -69.75
N LYS O 25 -2.12 9.09 -69.02
CA LYS O 25 -0.88 9.87 -69.19
C LYS O 25 0.34 8.96 -69.31
N GLY O 32 2.92 4.41 -66.85
CA GLY O 32 1.76 5.25 -67.10
C GLY O 32 0.68 5.22 -66.03
N THR O 33 -0.14 6.28 -66.00
CA THR O 33 -1.24 6.42 -65.03
C THR O 33 -2.57 6.76 -65.72
N ILE O 34 -3.64 6.63 -64.95
CA ILE O 34 -5.00 7.01 -65.30
C ILE O 34 -5.35 7.95 -64.15
N SER O 35 -5.71 9.20 -64.42
CA SER O 35 -5.94 10.14 -63.33
C SER O 35 -7.17 11.01 -63.47
N MET O 36 -7.54 11.63 -62.35
CA MET O 36 -8.64 12.56 -62.21
C MET O 36 -8.10 13.69 -61.28
N PHE O 37 -8.68 14.87 -61.35
CA PHE O 37 -8.24 15.98 -60.50
C PHE O 37 -9.32 16.45 -59.58
N GLY O 38 -9.02 16.41 -58.29
CA GLY O 38 -9.92 16.91 -57.24
C GLY O 38 -10.88 15.90 -56.68
N ALA O 39 -10.63 15.45 -55.44
CA ALA O 39 -11.51 14.51 -54.74
C ALA O 39 -11.52 14.82 -53.23
N GLN O 40 -12.54 14.35 -52.51
CA GLN O 40 -12.67 14.55 -51.08
C GLN O 40 -13.40 13.41 -50.37
N MET O 41 -12.74 12.82 -49.33
CA MET O 41 -13.27 11.76 -48.49
C MET O 41 -13.29 12.21 -47.05
N ARG O 42 -14.23 11.69 -46.25
CA ARG O 42 -14.36 11.99 -44.84
C ARG O 42 -14.38 10.66 -44.08
N TYR O 43 -13.46 10.52 -43.12
CA TYR O 43 -13.35 9.32 -42.31
C TYR O 43 -13.64 9.69 -40.88
N SER O 44 -14.66 9.07 -40.27
CA SER O 44 -14.98 9.27 -38.86
C SER O 44 -13.89 8.59 -37.99
N LEU O 45 -13.43 9.29 -36.95
CA LEU O 45 -12.44 8.77 -36.00
C LEU O 45 -13.07 8.67 -34.60
N ARG O 46 -14.39 8.79 -34.54
CA ARG O 46 -15.20 8.73 -33.31
C ARG O 46 -15.39 7.29 -32.80
N ASP O 47 -15.70 7.12 -31.50
CA ASP O 47 -15.89 5.82 -30.80
C ASP O 47 -14.64 4.90 -30.82
N GLY O 48 -13.43 5.48 -30.94
CA GLY O 48 -12.19 4.72 -31.03
C GLY O 48 -11.92 4.13 -32.41
N ILE O 49 -12.80 4.41 -33.42
CA ILE O 49 -12.66 3.93 -34.80
C ILE O 49 -11.39 4.46 -35.46
N PHE O 50 -10.59 3.53 -35.98
CA PHE O 50 -9.37 3.89 -36.71
C PHE O 50 -9.51 3.50 -38.19
N PRO O 51 -9.48 4.50 -39.12
CA PRO O 51 -9.65 4.17 -40.55
C PRO O 51 -8.45 3.54 -41.24
N LEU O 52 -8.07 2.31 -40.81
CA LEU O 52 -7.01 1.54 -41.44
C LEU O 52 -7.74 0.67 -42.48
N LEU O 53 -7.54 0.93 -43.79
CA LEU O 53 -8.29 0.27 -44.88
C LEU O 53 -8.18 -1.24 -44.85
N THR O 54 -9.32 -1.92 -45.09
CA THR O 54 -9.50 -3.37 -44.94
C THR O 54 -9.60 -4.22 -46.24
N THR O 55 -9.77 -3.63 -47.43
CA THR O 55 -9.86 -4.43 -48.67
C THR O 55 -8.48 -4.88 -49.14
N LYS O 56 -7.43 -4.39 -48.47
CA LYS O 56 -6.02 -4.69 -48.69
C LYS O 56 -5.30 -4.42 -47.37
N ARG O 57 -4.37 -5.29 -46.95
CA ARG O 57 -3.61 -5.07 -45.70
C ARG O 57 -2.66 -3.87 -45.85
N VAL O 58 -2.72 -2.93 -44.87
CA VAL O 58 -1.89 -1.72 -44.79
C VAL O 58 -0.77 -1.98 -43.75
N PHE O 59 0.44 -1.47 -44.01
CA PHE O 59 1.59 -1.61 -43.11
C PHE O 59 1.48 -0.67 -41.91
N TRP O 60 0.70 -1.09 -40.87
CA TRP O 60 0.43 -0.33 -39.64
C TRP O 60 1.69 0.15 -38.91
N ARG O 61 2.66 -0.76 -38.70
CA ARG O 61 3.91 -0.46 -38.02
C ARG O 61 4.71 0.60 -38.77
N GLY O 62 4.69 0.51 -40.11
CA GLY O 62 5.32 1.50 -41.00
C GLY O 62 4.69 2.86 -40.84
N VAL O 63 3.33 2.92 -40.80
CA VAL O 63 2.53 4.13 -40.61
C VAL O 63 2.95 4.82 -39.30
N ALA O 64 2.87 4.08 -38.18
CA ALA O 64 3.16 4.58 -36.85
C ALA O 64 4.60 4.99 -36.65
N GLU O 65 5.56 4.13 -37.07
CA GLU O 65 6.98 4.45 -36.90
C GLU O 65 7.39 5.66 -37.73
N GLU O 66 6.89 5.78 -38.97
CA GLU O 66 7.15 6.94 -39.85
C GLU O 66 6.66 8.25 -39.21
N LEU O 67 5.46 8.22 -38.59
CA LEU O 67 4.86 9.40 -37.92
C LEU O 67 5.65 9.83 -36.67
N LEU O 68 6.15 8.86 -35.84
CA LEU O 68 6.96 9.10 -34.64
C LEU O 68 8.29 9.77 -35.01
N TRP O 69 8.82 9.36 -36.17
CA TRP O 69 10.03 9.84 -36.84
C TRP O 69 9.80 11.30 -37.30
N PHE O 70 8.63 11.61 -37.93
CA PHE O 70 8.28 12.97 -38.36
C PHE O 70 8.19 13.93 -37.14
N VAL O 71 7.46 13.48 -36.08
CA VAL O 71 7.25 14.22 -34.82
C VAL O 71 8.60 14.55 -34.16
N ARG O 72 9.56 13.59 -34.20
CA ARG O 72 10.92 13.74 -33.69
C ARG O 72 11.69 14.83 -34.43
N GLY O 73 11.24 15.15 -35.66
CA GLY O 73 11.83 16.14 -36.55
C GLY O 73 12.97 15.57 -37.37
N SER O 74 12.88 14.25 -37.62
CA SER O 74 13.93 13.47 -38.29
C SER O 74 13.85 13.45 -39.80
N THR O 75 15.02 13.66 -40.43
CA THR O 75 15.23 13.65 -41.88
C THR O 75 16.21 12.52 -42.21
N ASN O 76 16.46 11.62 -41.23
CA ASN O 76 17.38 10.49 -41.28
C ASN O 76 16.66 9.15 -41.53
N ALA O 77 16.76 8.63 -42.77
CA ALA O 77 16.19 7.35 -43.22
C ALA O 77 16.75 6.13 -42.47
N LYS O 78 17.98 6.23 -41.91
CA LYS O 78 18.62 5.17 -41.14
C LYS O 78 17.90 4.87 -39.84
N GLU O 79 17.24 5.88 -39.25
CA GLU O 79 16.47 5.77 -38.02
C GLU O 79 15.23 4.89 -38.24
N LEU O 80 14.68 4.90 -39.48
CA LEU O 80 13.54 4.07 -39.89
C LEU O 80 14.02 2.68 -40.24
N GLN O 81 15.11 2.54 -41.03
CA GLN O 81 15.75 1.28 -41.44
C GLN O 81 16.06 0.43 -40.23
N GLU O 82 16.54 1.11 -39.15
CA GLU O 82 16.86 0.57 -37.84
C GLU O 82 15.66 -0.22 -37.29
N LYS O 83 14.45 0.28 -37.54
CA LYS O 83 13.18 -0.29 -37.10
C LYS O 83 12.55 -1.15 -38.20
N ASP O 84 13.36 -1.54 -39.21
CA ASP O 84 12.98 -2.36 -40.38
C ASP O 84 11.87 -1.72 -41.24
N ILE O 85 11.93 -0.38 -41.36
CA ILE O 85 11.02 0.41 -42.19
C ILE O 85 11.85 0.89 -43.37
N HIS O 86 11.49 0.44 -44.60
CA HIS O 86 12.26 0.72 -45.82
C HIS O 86 11.49 1.55 -46.86
N ILE O 87 10.46 2.25 -46.41
CA ILE O 87 9.62 3.10 -47.23
C ILE O 87 10.36 4.32 -47.79
N TRP O 88 11.43 4.79 -47.08
CA TRP O 88 12.22 5.94 -47.51
C TRP O 88 13.59 5.58 -48.13
N ASP O 89 13.83 4.28 -48.43
CA ASP O 89 15.09 3.83 -49.04
C ASP O 89 15.27 4.29 -50.49
N GLY O 90 14.22 4.15 -51.30
CA GLY O 90 14.21 4.52 -52.72
C GLY O 90 14.58 5.97 -53.01
N ARG O 105 25.40 14.79 -50.52
CA ARG O 105 24.72 14.54 -49.25
C ARG O 105 24.93 13.10 -48.75
N GLU O 106 25.12 12.92 -47.42
CA GLU O 106 25.36 11.63 -46.74
C GLU O 106 24.20 10.63 -46.90
N GLU O 107 24.49 9.30 -46.82
CA GLU O 107 23.50 8.22 -46.93
C GLU O 107 22.50 8.30 -45.76
N GLY O 108 21.23 8.24 -46.11
CA GLY O 108 20.14 8.36 -45.14
C GLY O 108 19.56 9.77 -45.07
N ASP O 109 20.37 10.79 -45.51
CA ASP O 109 19.97 12.21 -45.50
C ASP O 109 19.00 12.52 -46.63
N LEU O 110 17.74 12.74 -46.26
CA LEU O 110 16.63 12.99 -47.21
C LEU O 110 16.39 14.46 -47.54
N GLY O 111 17.16 15.33 -46.90
CA GLY O 111 16.99 16.75 -47.09
C GLY O 111 15.86 17.28 -46.23
N PRO O 112 15.39 18.52 -46.48
CA PRO O 112 14.34 19.10 -45.61
C PRO O 112 12.92 18.56 -45.82
N VAL O 113 12.73 17.27 -45.52
CA VAL O 113 11.43 16.61 -45.66
C VAL O 113 10.52 16.89 -44.42
N TYR O 114 9.35 16.21 -44.30
CA TYR O 114 8.26 16.40 -43.32
C TYR O 114 8.69 16.76 -41.88
N GLY O 115 9.55 15.95 -41.25
CA GLY O 115 10.09 16.20 -39.91
C GLY O 115 10.78 17.55 -39.73
N PHE O 116 11.57 17.99 -40.76
CA PHE O 116 12.24 19.30 -40.78
C PHE O 116 11.25 20.46 -40.92
N GLN O 117 10.25 20.35 -41.79
CA GLN O 117 9.24 21.39 -42.05
C GLN O 117 8.26 21.57 -40.85
N TRP O 118 7.81 20.45 -40.27
CA TRP O 118 6.91 20.42 -39.11
C TRP O 118 7.48 21.10 -37.88
N ARG O 119 8.77 20.84 -37.56
CA ARG O 119 9.47 21.34 -36.38
C ARG O 119 10.38 22.55 -36.61
N HIS O 120 10.82 22.81 -37.86
CA HIS O 120 11.74 23.92 -38.13
C HIS O 120 11.47 24.68 -39.46
N PHE O 121 10.19 24.88 -39.85
CA PHE O 121 9.88 25.58 -41.11
C PHE O 121 10.62 26.92 -41.25
N GLY O 122 11.33 27.09 -42.38
CA GLY O 122 12.03 28.32 -42.71
C GLY O 122 13.48 28.37 -42.31
N ALA O 123 13.92 27.48 -41.40
CA ALA O 123 15.31 27.41 -40.96
C ALA O 123 16.19 26.94 -42.11
N PRO O 124 17.44 27.43 -42.26
CA PRO O 124 18.30 26.88 -43.34
C PRO O 124 18.68 25.41 -43.06
N TYR O 125 18.50 24.52 -44.07
CA TYR O 125 18.85 23.12 -43.92
C TYR O 125 20.31 22.88 -44.24
N ALA O 126 20.99 22.16 -43.36
CA ALA O 126 22.39 21.79 -43.55
C ALA O 126 22.43 20.27 -43.78
N ASP O 127 22.29 19.48 -42.70
CA ASP O 127 22.26 18.03 -42.76
C ASP O 127 21.38 17.44 -41.64
N MET O 128 21.16 16.11 -41.68
CA MET O 128 20.32 15.38 -40.72
C MET O 128 20.89 15.33 -39.28
N HIS O 129 22.21 15.61 -39.11
CA HIS O 129 22.85 15.61 -37.80
C HIS O 129 22.83 16.98 -37.09
N THR O 130 22.60 18.07 -37.85
CA THR O 130 22.56 19.45 -37.35
C THR O 130 21.50 19.64 -36.26
N ASP O 131 21.87 20.38 -35.20
CA ASP O 131 20.98 20.72 -34.08
C ASP O 131 20.22 21.98 -34.49
N TYR O 132 18.94 21.80 -34.82
CA TYR O 132 18.06 22.87 -35.28
C TYR O 132 17.19 23.48 -34.16
N THR O 133 17.49 23.16 -32.88
CA THR O 133 16.77 23.67 -31.70
C THR O 133 16.66 25.21 -31.75
N GLY O 134 15.44 25.71 -31.69
CA GLY O 134 15.14 27.14 -31.73
C GLY O 134 15.13 27.76 -33.11
N GLN O 135 15.42 26.96 -34.17
CA GLN O 135 15.48 27.41 -35.57
C GLN O 135 14.19 27.10 -36.28
N GLY O 136 13.72 28.07 -37.07
CA GLY O 136 12.50 27.98 -37.84
C GLY O 136 11.24 27.94 -36.99
N VAL O 137 10.10 27.69 -37.64
CA VAL O 137 8.80 27.64 -37.00
C VAL O 137 8.46 26.17 -36.63
N ASP O 138 8.22 25.92 -35.33
CA ASP O 138 7.81 24.61 -34.83
C ASP O 138 6.30 24.62 -34.94
N GLN O 139 5.79 24.33 -36.17
CA GLN O 139 4.37 24.32 -36.56
C GLN O 139 3.58 23.34 -35.77
N LEU O 140 4.19 22.16 -35.42
CA LEU O 140 3.51 21.11 -34.64
C LEU O 140 3.13 21.64 -33.26
N GLN O 141 4.08 22.26 -32.56
CA GLN O 141 3.84 22.82 -31.22
C GLN O 141 2.89 24.02 -31.28
N GLN O 142 2.97 24.81 -32.36
CA GLN O 142 2.13 25.99 -32.57
C GLN O 142 0.66 25.56 -32.72
N VAL O 143 0.43 24.44 -33.44
CA VAL O 143 -0.88 23.85 -33.68
C VAL O 143 -1.51 23.42 -32.35
N ILE O 144 -0.72 22.72 -31.49
CA ILE O 144 -1.14 22.21 -30.19
C ILE O 144 -1.51 23.37 -29.25
N ASP O 145 -0.67 24.42 -29.18
CA ASP O 145 -0.90 25.63 -28.38
C ASP O 145 -2.18 26.36 -28.81
N THR O 146 -2.41 26.48 -30.13
CA THR O 146 -3.60 27.12 -30.69
C THR O 146 -4.87 26.32 -30.36
N ILE O 147 -4.82 24.97 -30.49
CA ILE O 147 -5.95 24.10 -30.15
C ILE O 147 -6.36 24.30 -28.67
N LYS O 148 -5.37 24.40 -27.79
CA LYS O 148 -5.52 24.58 -26.34
C LYS O 148 -6.04 25.95 -25.94
N ASN O 149 -5.41 27.02 -26.46
CA ASN O 149 -5.71 28.41 -26.09
C ASN O 149 -6.84 29.07 -26.91
N ASN O 150 -6.91 28.81 -28.22
CA ASN O 150 -7.97 29.36 -29.07
C ASN O 150 -8.50 28.30 -30.04
N PRO O 151 -9.31 27.32 -29.56
CA PRO O 151 -9.81 26.25 -30.46
C PRO O 151 -10.66 26.67 -31.66
N ASP O 152 -11.28 27.86 -31.61
CA ASP O 152 -12.13 28.39 -32.68
C ASP O 152 -11.36 29.05 -33.83
N ASP O 153 -10.03 29.14 -33.70
CA ASP O 153 -9.11 29.73 -34.68
C ASP O 153 -9.17 28.98 -36.01
N ARG O 154 -9.27 29.73 -37.12
CA ARG O 154 -9.36 29.19 -38.48
C ARG O 154 -8.01 29.20 -39.21
N ARG O 155 -6.90 29.29 -38.47
CA ARG O 155 -5.52 29.30 -39.00
C ARG O 155 -4.67 28.18 -38.38
N ILE O 156 -5.30 27.10 -37.88
CA ILE O 156 -4.58 25.95 -37.29
C ILE O 156 -4.01 25.07 -38.43
N ILE O 157 -2.93 25.54 -39.06
CA ILE O 157 -2.29 24.90 -40.22
C ILE O 157 -0.84 24.49 -39.94
N MET O 158 -0.46 23.31 -40.49
CA MET O 158 0.89 22.76 -40.50
C MET O 158 1.18 22.48 -41.98
N CYS O 159 2.12 23.24 -42.55
CA CYS O 159 2.48 23.26 -43.99
C CYS O 159 3.85 22.65 -44.21
N ALA O 160 3.92 21.57 -45.01
CA ALA O 160 5.16 20.91 -45.38
C ALA O 160 5.64 21.42 -46.77
N TRP O 161 4.72 21.98 -47.57
CA TRP O 161 5.06 22.51 -48.88
C TRP O 161 5.80 23.83 -48.71
N ASN O 162 7.10 23.79 -48.95
CA ASN O 162 7.99 24.93 -48.84
C ASN O 162 8.59 25.20 -50.22
N PRO O 163 8.06 26.22 -50.98
CA PRO O 163 8.63 26.53 -52.30
C PRO O 163 10.16 26.76 -52.32
N VAL O 164 10.72 27.29 -51.21
CA VAL O 164 12.16 27.52 -51.07
C VAL O 164 12.96 26.19 -50.91
N ASP O 165 12.47 25.28 -50.06
CA ASP O 165 13.13 24.00 -49.77
C ASP O 165 12.77 22.84 -50.68
N VAL O 166 11.68 22.93 -51.49
CA VAL O 166 11.28 21.82 -52.36
C VAL O 166 12.43 21.40 -53.33
N PRO O 167 13.23 22.29 -53.97
CA PRO O 167 14.35 21.81 -54.81
C PRO O 167 15.46 21.03 -54.09
N LYS O 168 15.70 21.30 -52.79
CA LYS O 168 16.73 20.60 -52.00
C LYS O 168 16.23 19.32 -51.30
N MET O 169 14.91 18.98 -51.47
CA MET O 169 14.32 17.75 -50.90
C MET O 169 14.53 16.58 -51.88
N ALA O 170 14.76 15.36 -51.34
CA ALA O 170 14.95 14.11 -52.11
C ALA O 170 13.72 13.93 -53.02
N LEU O 171 12.52 14.01 -52.41
CA LEU O 171 11.24 13.95 -53.10
C LEU O 171 10.37 15.11 -52.62
N PRO O 172 9.69 15.86 -53.52
CA PRO O 172 8.80 16.94 -53.04
C PRO O 172 7.61 16.36 -52.24
N PRO O 173 7.18 17.02 -51.14
CA PRO O 173 6.11 16.43 -50.31
C PRO O 173 4.75 16.29 -51.02
N CYS O 174 4.11 15.10 -50.89
CA CYS O 174 2.78 14.77 -51.45
C CYS O 174 1.73 15.39 -50.57
N HIS O 175 2.01 15.45 -49.27
CA HIS O 175 1.15 15.99 -48.22
C HIS O 175 1.58 17.44 -47.97
N CYS O 176 0.94 18.35 -48.73
CA CYS O 176 1.22 19.78 -48.78
C CYS O 176 0.97 20.51 -47.47
N LEU O 177 -0.21 20.35 -46.91
CA LEU O 177 -0.59 20.93 -45.64
C LEU O 177 -1.74 20.19 -45.02
N CYS O 178 -1.94 20.41 -43.72
CA CYS O 178 -3.09 19.92 -42.98
C CYS O 178 -3.65 21.02 -42.07
N GLN O 179 -4.97 21.05 -41.93
CA GLN O 179 -5.65 22.02 -41.08
C GLN O 179 -6.41 21.30 -40.00
N PHE O 180 -6.48 21.91 -38.81
CA PHE O 180 -7.23 21.38 -37.67
C PHE O 180 -8.44 22.24 -37.36
N TYR O 181 -9.49 21.60 -36.82
CA TYR O 181 -10.78 22.20 -36.49
C TYR O 181 -11.30 21.58 -35.19
N VAL O 182 -11.86 22.42 -34.32
CA VAL O 182 -12.40 22.01 -33.02
C VAL O 182 -13.86 22.43 -32.91
N ALA O 183 -14.76 21.46 -32.62
CA ALA O 183 -16.19 21.67 -32.40
C ALA O 183 -16.76 20.51 -31.59
N ASN O 184 -17.61 20.81 -30.58
CA ASN O 184 -18.27 19.85 -29.67
C ASN O 184 -17.28 18.89 -29.01
N GLY O 185 -16.14 19.43 -28.57
CA GLY O 185 -15.06 18.68 -27.92
C GLY O 185 -14.34 17.72 -28.84
N GLU O 186 -14.50 17.89 -30.16
CA GLU O 186 -13.90 17.02 -31.16
C GLU O 186 -12.89 17.74 -32.04
N LEU O 187 -11.72 17.12 -32.20
CA LEU O 187 -10.67 17.60 -33.07
C LEU O 187 -10.73 16.87 -34.42
N SER O 188 -11.06 17.61 -35.49
CA SER O 188 -11.07 17.15 -36.87
C SER O 188 -9.84 17.72 -37.63
N CYS O 189 -9.30 16.98 -38.62
CA CYS O 189 -8.11 17.29 -39.45
C CYS O 189 -8.42 17.18 -40.95
N GLN O 190 -7.85 18.09 -41.77
CA GLN O 190 -8.01 18.02 -43.21
C GLN O 190 -6.65 18.04 -43.82
N LEU O 191 -6.36 17.06 -44.67
CA LEU O 191 -5.10 16.98 -45.39
C LEU O 191 -5.28 17.34 -46.86
N TYR O 192 -4.39 18.22 -47.40
CA TYR O 192 -4.36 18.50 -48.84
C TYR O 192 -3.25 17.65 -49.42
N GLN O 193 -3.62 16.69 -50.27
CA GLN O 193 -2.64 15.81 -50.91
C GLN O 193 -2.59 16.11 -52.41
N ARG O 194 -1.48 16.69 -52.90
CA ARG O 194 -1.30 17.09 -54.31
C ARG O 194 -1.23 15.93 -55.28
N SER O 195 -0.68 14.79 -54.84
CA SER O 195 -0.47 13.60 -55.65
C SER O 195 -0.86 12.39 -54.83
N ALA O 196 -1.83 11.60 -55.32
CA ALA O 196 -2.33 10.44 -54.59
C ALA O 196 -2.41 9.18 -55.42
N ASP O 197 -1.46 8.22 -55.19
CA ASP O 197 -1.49 6.90 -55.82
C ASP O 197 -2.55 6.13 -55.08
N MET O 198 -3.73 5.93 -55.70
CA MET O 198 -4.86 5.23 -55.07
C MET O 198 -4.46 3.83 -54.61
N GLY O 199 -3.74 3.13 -55.46
CA GLY O 199 -3.26 1.77 -55.21
C GLY O 199 -2.57 1.59 -53.88
N LEU O 200 -1.28 1.95 -53.80
CA LEU O 200 -0.47 1.75 -52.60
C LEU O 200 -0.36 2.95 -51.66
N GLY O 201 -0.24 4.14 -52.24
CA GLY O 201 -0.01 5.40 -51.52
C GLY O 201 -1.07 5.84 -50.52
N VAL O 202 -2.30 6.14 -51.02
CA VAL O 202 -3.48 6.62 -50.29
C VAL O 202 -3.82 5.86 -48.94
N PRO O 203 -3.99 4.51 -48.88
CA PRO O 203 -4.38 3.89 -47.59
C PRO O 203 -3.43 4.22 -46.45
N PHE O 204 -2.14 4.35 -46.76
CA PHE O 204 -1.08 4.68 -45.83
C PHE O 204 -1.23 6.15 -45.37
N ASN O 205 -1.60 7.03 -46.33
CA ASN O 205 -1.83 8.47 -46.13
C ASN O 205 -3.08 8.74 -45.29
N ILE O 206 -4.15 7.90 -45.42
CA ILE O 206 -5.34 8.04 -44.56
C ILE O 206 -4.92 7.76 -43.08
N ALA O 207 -4.22 6.63 -42.84
CA ALA O 207 -3.77 6.16 -41.53
C ALA O 207 -2.81 7.12 -40.82
N SER O 208 -1.80 7.65 -41.54
CA SER O 208 -0.81 8.59 -40.97
C SER O 208 -1.46 9.82 -40.32
N TYR O 209 -2.39 10.45 -41.05
CA TYR O 209 -3.04 11.68 -40.60
C TYR O 209 -4.16 11.44 -39.62
N ALA O 210 -4.78 10.23 -39.67
CA ALA O 210 -5.77 9.80 -38.69
C ALA O 210 -5.07 9.57 -37.36
N LEU O 211 -3.84 8.99 -37.40
CA LEU O 211 -3.04 8.74 -36.19
C LEU O 211 -2.53 10.05 -35.58
N LEU O 212 -2.11 10.99 -36.43
CA LEU O 212 -1.69 12.32 -36.00
C LEU O 212 -2.82 13.01 -35.22
N THR O 213 -4.07 12.94 -35.75
CA THR O 213 -5.28 13.53 -35.14
C THR O 213 -5.53 12.93 -33.74
N TYR O 214 -5.37 11.57 -33.60
CA TYR O 214 -5.52 10.84 -32.35
C TYR O 214 -4.50 11.31 -31.32
N MET O 215 -3.24 11.54 -31.75
CA MET O 215 -2.15 11.99 -30.92
C MET O 215 -2.35 13.41 -30.44
N ILE O 216 -2.70 14.33 -31.36
CA ILE O 216 -2.95 15.74 -31.03
C ILE O 216 -4.21 15.87 -30.15
N ALA O 217 -5.29 15.11 -30.46
CA ALA O 217 -6.52 15.09 -29.66
C ALA O 217 -6.24 14.65 -28.21
N HIS O 218 -5.39 13.62 -28.03
CA HIS O 218 -4.97 13.05 -26.75
C HIS O 218 -4.26 14.09 -25.88
N VAL O 219 -3.24 14.79 -26.43
CA VAL O 219 -2.44 15.79 -25.70
C VAL O 219 -3.22 17.12 -25.49
N THR O 220 -4.28 17.39 -26.26
CA THR O 220 -5.08 18.63 -26.13
C THR O 220 -6.40 18.42 -25.40
N ASP O 221 -6.60 17.21 -24.82
CA ASP O 221 -7.77 16.77 -24.05
C ASP O 221 -9.09 16.87 -24.85
N LEU O 222 -9.01 16.48 -26.12
CA LEU O 222 -10.14 16.46 -27.04
C LEU O 222 -10.34 15.04 -27.56
N LYS O 223 -11.47 14.80 -28.23
CA LYS O 223 -11.80 13.50 -28.80
C LYS O 223 -11.62 13.60 -30.30
N PRO O 224 -11.12 12.57 -31.01
CA PRO O 224 -11.01 12.67 -32.47
C PRO O 224 -12.39 12.78 -33.15
N GLY O 225 -12.49 13.65 -34.14
CA GLY O 225 -13.72 13.86 -34.89
C GLY O 225 -13.68 13.16 -36.23
N ASP O 226 -13.30 13.92 -37.26
CA ASP O 226 -13.21 13.46 -38.65
C ASP O 226 -11.84 13.70 -39.23
N PHE O 227 -11.47 12.88 -40.23
CA PHE O 227 -10.28 13.07 -41.03
C PHE O 227 -10.81 13.31 -42.44
N VAL O 228 -10.59 14.52 -42.95
CA VAL O 228 -11.02 14.94 -44.28
C VAL O 228 -9.79 14.82 -45.22
N HIS O 229 -9.89 13.96 -46.23
CA HIS O 229 -8.83 13.70 -47.18
C HIS O 229 -9.16 14.35 -48.51
N THR O 230 -8.45 15.45 -48.83
CA THR O 230 -8.62 16.19 -50.08
C THR O 230 -7.48 15.80 -50.99
N LEU O 231 -7.81 15.50 -52.26
CA LEU O 231 -6.84 15.06 -53.27
C LEU O 231 -6.76 15.98 -54.47
N GLY O 232 -5.55 16.15 -54.98
CA GLY O 232 -5.27 16.92 -56.17
C GLY O 232 -5.28 15.94 -57.33
N ASP O 233 -4.09 15.51 -57.77
CA ASP O 233 -3.97 14.54 -58.85
C ASP O 233 -4.11 13.14 -58.23
N ALA O 234 -5.34 12.57 -58.31
CA ALA O 234 -5.71 11.24 -57.82
C ALA O 234 -5.55 10.25 -58.99
N HIS O 235 -4.63 9.28 -58.83
CA HIS O 235 -4.30 8.36 -59.92
C HIS O 235 -4.08 6.91 -59.54
N VAL O 236 -4.17 6.04 -60.56
CA VAL O 236 -3.90 4.61 -60.48
C VAL O 236 -2.85 4.33 -61.53
N TYR O 237 -1.90 3.43 -61.25
CA TYR O 237 -0.90 3.04 -62.24
C TYR O 237 -1.54 2.00 -63.14
N SER O 238 -1.34 2.14 -64.46
CA SER O 238 -1.89 1.24 -65.49
C SER O 238 -1.61 -0.25 -65.25
N ASN O 239 -0.40 -0.56 -64.76
CA ASN O 239 0.03 -1.91 -64.46
C ASN O 239 -0.64 -2.50 -63.20
N HIS O 240 -1.29 -1.64 -62.38
CA HIS O 240 -2.00 -2.05 -61.16
C HIS O 240 -3.50 -2.28 -61.36
N CYS O 241 -4.01 -1.95 -62.56
CA CYS O 241 -5.43 -2.03 -62.92
C CYS O 241 -6.07 -3.42 -62.74
N GLU O 242 -5.36 -4.49 -63.13
CA GLU O 242 -5.85 -5.87 -63.01
C GLU O 242 -6.09 -6.22 -61.53
N ALA O 243 -5.11 -5.87 -60.66
CA ALA O 243 -5.13 -6.10 -59.22
C ALA O 243 -6.21 -5.27 -58.52
N LEU O 244 -6.42 -4.02 -58.99
CA LEU O 244 -7.44 -3.11 -58.46
C LEU O 244 -8.85 -3.61 -58.76
N GLU O 245 -9.08 -4.21 -59.94
CA GLU O 245 -10.37 -4.81 -60.34
C GLU O 245 -10.75 -5.96 -59.37
N GLU O 246 -9.74 -6.75 -58.94
CA GLU O 246 -9.90 -7.83 -57.97
C GLU O 246 -10.23 -7.25 -56.58
N GLN O 247 -9.57 -6.13 -56.19
CA GLN O 247 -9.78 -5.44 -54.92
C GLN O 247 -11.18 -4.82 -54.83
N LEU O 248 -11.69 -4.25 -55.95
CA LEU O 248 -13.04 -3.65 -56.02
C LEU O 248 -14.16 -4.65 -55.73
N LYS O 249 -13.89 -5.96 -55.98
CA LYS O 249 -14.82 -7.06 -55.74
C LYS O 249 -14.94 -7.39 -54.24
N ARG O 250 -14.02 -6.83 -53.43
CA ARG O 250 -13.94 -7.07 -51.98
C ARG O 250 -14.81 -6.14 -51.18
N GLU O 251 -15.47 -6.70 -50.16
CA GLU O 251 -16.36 -5.97 -49.27
C GLU O 251 -15.58 -5.45 -48.05
N PRO O 252 -15.59 -4.11 -47.78
CA PRO O 252 -14.87 -3.60 -46.62
C PRO O 252 -15.33 -4.28 -45.32
N ARG O 253 -14.39 -4.48 -44.41
CA ARG O 253 -14.69 -5.07 -43.10
C ARG O 253 -14.70 -3.94 -42.06
N PRO O 254 -15.45 -4.04 -40.95
CA PRO O 254 -15.43 -2.94 -39.97
C PRO O 254 -14.00 -2.57 -39.55
N PHE O 255 -13.74 -1.27 -39.51
CA PHE O 255 -12.44 -0.69 -39.17
C PHE O 255 -11.96 -1.11 -37.78
N PRO O 256 -10.63 -1.22 -37.54
CA PRO O 256 -10.16 -1.54 -36.19
C PRO O 256 -10.40 -0.37 -35.21
N SER O 257 -10.13 -0.63 -33.91
CA SER O 257 -10.23 0.41 -32.90
C SER O 257 -8.83 0.78 -32.43
N LEU O 258 -8.63 2.05 -32.03
CA LEU O 258 -7.35 2.53 -31.54
C LEU O 258 -7.47 3.15 -30.15
N LYS O 259 -6.60 2.70 -29.26
CA LYS O 259 -6.50 3.15 -27.88
C LYS O 259 -5.06 3.57 -27.59
N ILE O 260 -4.89 4.67 -26.84
CA ILE O 260 -3.59 5.13 -26.36
C ILE O 260 -3.53 4.64 -24.91
N LYS O 261 -2.71 3.59 -24.67
CA LYS O 261 -2.52 2.83 -23.43
C LYS O 261 -2.27 3.66 -22.17
N ARG O 262 -1.56 4.79 -22.27
CA ARG O 262 -1.25 5.66 -21.13
C ARG O 262 -1.49 7.13 -21.44
N LYS O 263 -1.51 7.97 -20.39
CA LYS O 263 -1.65 9.42 -20.55
C LYS O 263 -0.28 9.99 -20.95
N VAL O 264 -0.21 10.51 -22.18
CA VAL O 264 0.99 11.10 -22.76
C VAL O 264 0.83 12.62 -22.66
N GLU O 265 1.79 13.27 -21.98
CA GLU O 265 1.78 14.71 -21.73
C GLU O 265 2.10 15.60 -22.94
N ASN O 266 3.19 15.27 -23.67
CA ASN O 266 3.66 16.00 -24.84
C ASN O 266 3.65 15.12 -26.10
N ILE O 267 3.47 15.75 -27.29
CA ILE O 267 3.41 15.08 -28.59
C ILE O 267 4.70 14.31 -28.91
N SER O 268 5.85 14.80 -28.44
CA SER O 268 7.17 14.20 -28.64
C SER O 268 7.39 12.95 -27.77
N ASP O 269 6.53 12.74 -26.75
CA ASP O 269 6.64 11.65 -25.78
C ASP O 269 5.95 10.32 -26.18
N PHE O 270 5.29 10.23 -27.35
CA PHE O 270 4.63 8.98 -27.80
C PHE O 270 5.66 7.96 -28.31
N LYS O 271 5.42 6.67 -28.02
CA LYS O 271 6.25 5.52 -28.44
C LYS O 271 5.36 4.54 -29.19
N PHE O 272 5.91 3.64 -30.04
CA PHE O 272 5.07 2.68 -30.79
C PHE O 272 4.21 1.82 -29.86
N GLU O 273 4.80 1.38 -28.74
CA GLU O 273 4.17 0.55 -27.69
C GLU O 273 2.94 1.19 -27.04
N ASP O 274 2.83 2.53 -27.08
CA ASP O 274 1.72 3.28 -26.49
C ASP O 274 0.39 3.12 -27.24
N PHE O 275 0.45 2.67 -28.51
CA PHE O 275 -0.71 2.42 -29.37
C PHE O 275 -1.24 1.00 -29.29
N GLU O 276 -2.56 0.87 -29.18
CA GLU O 276 -3.25 -0.42 -29.08
C GLU O 276 -4.28 -0.53 -30.21
N LEU O 277 -3.88 -1.19 -31.30
CA LEU O 277 -4.74 -1.40 -32.47
C LEU O 277 -5.44 -2.74 -32.36
N ASP O 278 -6.73 -2.68 -31.99
CA ASP O 278 -7.57 -3.86 -31.77
C ASP O 278 -8.51 -4.14 -32.93
N GLY O 279 -8.59 -5.41 -33.30
CA GLY O 279 -9.50 -5.92 -34.32
C GLY O 279 -9.25 -5.56 -35.76
N TYR O 280 -7.96 -5.38 -36.16
CA TYR O 280 -7.62 -5.12 -37.55
C TYR O 280 -7.64 -6.45 -38.28
N LYS O 281 -8.71 -6.65 -39.08
CA LYS O 281 -8.90 -7.90 -39.81
C LYS O 281 -9.03 -7.61 -41.31
N PRO O 282 -7.92 -7.24 -42.01
CA PRO O 282 -8.07 -6.94 -43.43
C PRO O 282 -8.06 -8.18 -44.34
N HIS O 283 -8.51 -7.96 -45.60
CA HIS O 283 -8.49 -8.89 -46.72
C HIS O 283 -6.99 -9.02 -47.09
N PRO O 284 -6.52 -10.10 -47.75
CA PRO O 284 -5.07 -10.21 -48.08
C PRO O 284 -4.46 -9.04 -48.86
N LYS O 285 -3.13 -8.88 -48.80
CA LYS O 285 -2.38 -7.88 -49.55
C LYS O 285 -2.47 -8.19 -51.06
N ARG P 5 -27.61 19.55 -63.81
CA ARG P 5 -27.94 20.50 -62.75
C ARG P 5 -26.90 21.64 -62.61
N HIS P 6 -27.38 22.90 -62.49
CA HIS P 6 -26.58 24.13 -62.36
C HIS P 6 -25.54 24.01 -61.24
N ASP P 7 -24.27 24.32 -61.54
CA ASP P 7 -23.15 24.21 -60.61
C ASP P 7 -23.33 25.05 -59.35
N GLU P 8 -24.06 26.16 -59.45
CA GLU P 8 -24.34 27.09 -58.36
C GLU P 8 -25.09 26.46 -57.19
N TYR P 9 -25.86 25.38 -57.49
CA TYR P 9 -26.61 24.62 -56.49
C TYR P 9 -25.70 23.99 -55.43
N GLN P 10 -24.41 23.76 -55.74
CA GLN P 10 -23.42 23.22 -54.78
C GLN P 10 -23.18 24.22 -53.64
N TYR P 11 -23.07 25.49 -53.99
CA TYR P 11 -22.90 26.64 -53.11
C TYR P 11 -24.15 26.84 -52.23
N LEU P 12 -25.34 26.81 -52.86
CA LEU P 12 -26.63 26.93 -52.18
C LEU P 12 -26.91 25.76 -51.22
N ASP P 13 -26.66 24.52 -51.66
CA ASP P 13 -26.86 23.32 -50.85
C ASP P 13 -25.95 23.32 -49.62
N LEU P 14 -24.74 23.89 -49.75
CA LEU P 14 -23.81 23.97 -48.63
C LEU P 14 -24.26 24.98 -47.59
N ILE P 15 -24.73 26.21 -48.02
CA ILE P 15 -25.27 27.23 -47.10
C ILE P 15 -26.40 26.58 -46.28
N ARG P 16 -27.34 25.90 -46.97
CA ARG P 16 -28.48 25.17 -46.40
C ARG P 16 -27.99 24.16 -45.35
N GLN P 17 -27.00 23.33 -45.72
CA GLN P 17 -26.40 22.30 -44.87
C GLN P 17 -25.73 22.91 -43.61
N ILE P 18 -25.06 24.08 -43.77
CA ILE P 18 -24.39 24.77 -42.65
C ILE P 18 -25.42 25.37 -41.69
N MET P 19 -26.43 26.12 -42.21
CA MET P 19 -27.47 26.78 -41.42
C MET P 19 -28.36 25.81 -40.61
N ARG P 20 -28.50 24.56 -41.06
CA ARG P 20 -29.31 23.55 -40.40
C ARG P 20 -28.52 22.62 -39.50
N THR P 21 -27.37 22.06 -39.96
CA THR P 21 -26.61 21.10 -39.16
C THR P 21 -25.23 21.62 -38.59
N GLY P 22 -24.91 22.88 -38.85
CA GLY P 22 -23.65 23.52 -38.45
C GLY P 22 -23.42 23.78 -36.98
N ASN P 23 -22.15 24.01 -36.64
CA ASN P 23 -21.71 24.27 -35.27
C ASN P 23 -21.62 25.76 -34.99
N ARG P 24 -22.36 26.22 -33.98
CA ARG P 24 -22.37 27.62 -33.56
C ARG P 24 -21.19 27.90 -32.64
N THR P 33 -20.67 32.81 -35.65
CA THR P 33 -20.80 32.00 -36.88
C THR P 33 -21.44 30.64 -36.61
N ILE P 34 -21.84 29.98 -37.71
CA ILE P 34 -22.35 28.61 -37.78
C ILE P 34 -21.39 27.99 -38.80
N SER P 35 -20.69 26.90 -38.45
CA SER P 35 -19.72 26.35 -39.36
C SER P 35 -19.74 24.83 -39.52
N MET P 36 -19.09 24.36 -40.58
CA MET P 36 -18.88 22.96 -40.93
C MET P 36 -17.39 22.89 -41.34
N PHE P 37 -16.75 21.70 -41.22
CA PHE P 37 -15.37 21.56 -41.62
C PHE P 37 -15.20 20.60 -42.79
N GLY P 38 -14.64 21.10 -43.89
CA GLY P 38 -14.35 20.30 -45.07
C GLY P 38 -15.48 20.23 -46.08
N ALA P 39 -15.29 20.84 -47.27
CA ALA P 39 -16.26 20.84 -48.36
C ALA P 39 -15.53 20.93 -49.69
N GLN P 40 -16.21 20.58 -50.81
CA GLN P 40 -15.62 20.61 -52.15
C GLN P 40 -16.66 20.81 -53.24
N MET P 41 -16.44 21.83 -54.09
CA MET P 41 -17.30 22.17 -55.24
C MET P 41 -16.46 22.12 -56.50
N ARG P 42 -17.09 21.83 -57.64
CA ARG P 42 -16.45 21.78 -58.94
C ARG P 42 -17.26 22.65 -59.88
N TYR P 43 -16.60 23.63 -60.50
CA TYR P 43 -17.20 24.56 -61.45
C TYR P 43 -16.56 24.37 -62.80
N SER P 44 -17.37 24.04 -63.81
CA SER P 44 -16.90 23.88 -65.18
C SER P 44 -16.59 25.28 -65.73
N LEU P 45 -15.40 25.42 -66.38
CA LEU P 45 -14.97 26.66 -67.00
C LEU P 45 -14.82 26.42 -68.51
N ARG P 46 -15.49 25.35 -69.01
CA ARG P 46 -15.50 24.95 -70.42
C ARG P 46 -16.51 25.74 -71.26
N ASP P 47 -16.21 25.88 -72.57
CA ASP P 47 -17.04 26.53 -73.61
C ASP P 47 -17.37 28.00 -73.32
N GLY P 48 -16.42 28.69 -72.72
CA GLY P 48 -16.53 30.11 -72.37
C GLY P 48 -17.28 30.40 -71.09
N ILE P 49 -17.82 29.37 -70.40
CA ILE P 49 -18.59 29.53 -69.16
C ILE P 49 -17.76 30.10 -68.02
N PHE P 50 -18.27 31.20 -67.42
CA PHE P 50 -17.61 31.81 -66.27
C PHE P 50 -18.50 31.68 -65.02
N PRO P 51 -18.05 30.95 -63.97
CA PRO P 51 -18.90 30.78 -62.79
C PRO P 51 -18.98 31.99 -61.84
N LEU P 52 -19.61 33.08 -62.34
CA LEU P 52 -19.87 34.26 -61.54
C LEU P 52 -21.27 34.05 -61.00
N LEU P 53 -21.44 33.88 -59.66
CA LEU P 53 -22.74 33.51 -59.04
C LEU P 53 -23.80 34.50 -59.31
N THR P 54 -24.97 33.95 -59.59
CA THR P 54 -26.14 34.68 -60.02
C THR P 54 -27.22 34.86 -58.95
N THR P 55 -27.14 34.18 -57.78
CA THR P 55 -28.17 34.29 -56.73
C THR P 55 -28.06 35.63 -56.00
N LYS P 56 -26.93 36.32 -56.19
CA LYS P 56 -26.56 37.59 -55.58
C LYS P 56 -25.50 38.19 -56.51
N ARG P 57 -25.54 39.52 -56.75
CA ARG P 57 -24.55 40.17 -57.61
C ARG P 57 -23.16 40.19 -56.96
N VAL P 58 -22.13 39.77 -57.73
CA VAL P 58 -20.71 39.71 -57.31
C VAL P 58 -20.00 40.91 -57.94
N PHE P 59 -19.06 41.54 -57.20
CA PHE P 59 -18.30 42.71 -57.69
C PHE P 59 -17.20 42.28 -58.67
N TRP P 60 -17.58 42.08 -59.95
CA TRP P 60 -16.72 41.61 -61.05
C TRP P 60 -15.45 42.45 -61.22
N ARG P 61 -15.60 43.78 -61.30
CA ARG P 61 -14.48 44.72 -61.44
C ARG P 61 -13.48 44.61 -60.27
N GLY P 62 -13.99 44.43 -59.06
CA GLY P 62 -13.20 44.19 -57.85
C GLY P 62 -12.40 42.90 -57.95
N VAL P 63 -13.05 41.81 -58.42
CA VAL P 63 -12.44 40.47 -58.63
C VAL P 63 -11.25 40.60 -59.57
N ALA P 64 -11.52 41.14 -60.79
CA ALA P 64 -10.53 41.28 -61.85
C ALA P 64 -9.38 42.23 -61.47
N GLU P 65 -9.68 43.43 -60.92
CA GLU P 65 -8.65 44.40 -60.51
C GLU P 65 -7.76 43.91 -59.40
N GLU P 66 -8.33 43.15 -58.45
CA GLU P 66 -7.60 42.61 -57.31
C GLU P 66 -6.61 41.58 -57.79
N LEU P 67 -7.02 40.72 -58.76
CA LEU P 67 -6.19 39.66 -59.31
C LEU P 67 -5.04 40.21 -60.12
N LEU P 68 -5.30 41.27 -60.90
CA LEU P 68 -4.27 41.94 -61.71
C LEU P 68 -3.20 42.59 -60.82
N TRP P 69 -3.61 43.11 -59.65
CA TRP P 69 -2.78 43.69 -58.59
C TRP P 69 -1.94 42.57 -57.92
N PHE P 70 -2.49 41.34 -57.69
CA PHE P 70 -1.75 40.19 -57.15
C PHE P 70 -0.65 39.74 -58.14
N VAL P 71 -1.02 39.59 -59.44
CA VAL P 71 -0.14 39.22 -60.56
C VAL P 71 1.05 40.22 -60.68
N ARG P 72 0.78 41.54 -60.47
CA ARG P 72 1.78 42.61 -60.46
C ARG P 72 2.78 42.44 -59.30
N GLY P 73 2.37 41.70 -58.26
CA GLY P 73 3.17 41.42 -57.07
C GLY P 73 3.05 42.52 -56.03
N SER P 74 1.99 43.32 -56.16
CA SER P 74 1.76 44.48 -55.29
C SER P 74 1.23 44.11 -53.90
N THR P 75 1.66 44.90 -52.89
CA THR P 75 1.24 44.78 -51.46
C THR P 75 0.75 46.16 -50.96
N ASN P 76 0.40 47.05 -51.92
CA ASN P 76 -0.01 48.43 -51.71
C ASN P 76 -1.49 48.63 -51.96
N ALA P 77 -2.26 48.71 -50.86
CA ALA P 77 -3.71 48.90 -50.91
C ALA P 77 -4.13 50.19 -51.63
N LYS P 78 -3.23 51.18 -51.70
CA LYS P 78 -3.46 52.46 -52.38
C LYS P 78 -3.57 52.28 -53.88
N GLU P 79 -2.88 51.26 -54.43
CA GLU P 79 -2.89 50.90 -55.86
C GLU P 79 -4.31 50.44 -56.27
N LEU P 80 -5.03 49.74 -55.35
CA LEU P 80 -6.42 49.29 -55.53
C LEU P 80 -7.40 50.42 -55.32
N GLN P 81 -7.23 51.22 -54.24
CA GLN P 81 -8.05 52.41 -53.89
C GLN P 81 -8.07 53.38 -55.06
N GLU P 82 -6.92 53.51 -55.75
CA GLU P 82 -6.69 54.32 -56.94
C GLU P 82 -7.68 53.91 -58.03
N LYS P 83 -8.01 52.60 -58.11
CA LYS P 83 -8.94 52.02 -59.07
C LYS P 83 -10.36 51.89 -58.50
N ASP P 84 -10.62 52.60 -57.38
CA ASP P 84 -11.87 52.64 -56.62
C ASP P 84 -12.29 51.26 -56.09
N ILE P 85 -11.27 50.45 -55.69
CA ILE P 85 -11.46 49.12 -55.09
C ILE P 85 -11.06 49.28 -53.62
N HIS P 86 -12.04 49.07 -52.72
CA HIS P 86 -11.89 49.29 -51.28
C HIS P 86 -12.02 48.01 -50.44
N ILE P 87 -11.77 46.87 -51.07
CA ILE P 87 -11.86 45.56 -50.45
C ILE P 87 -10.73 45.32 -49.40
N TRP P 88 -9.59 46.02 -49.54
CA TRP P 88 -8.46 45.88 -48.62
C TRP P 88 -8.26 47.09 -47.69
N ASP P 89 -9.27 47.97 -47.57
CA ASP P 89 -9.22 49.18 -46.74
C ASP P 89 -9.12 48.89 -45.22
N GLY P 90 -9.45 47.68 -44.79
CA GLY P 90 -9.27 47.27 -43.41
C GLY P 90 -7.83 46.90 -43.09
N GLU P 106 3.57 52.05 -42.64
CA GLU P 106 3.03 53.03 -43.57
C GLU P 106 1.64 52.65 -44.07
N GLU P 107 0.80 53.68 -44.31
CA GLU P 107 -0.57 53.52 -44.78
C GLU P 107 -0.59 52.88 -46.17
N GLY P 108 -1.44 51.87 -46.33
CA GLY P 108 -1.55 51.13 -47.57
C GLY P 108 -0.64 49.91 -47.64
N ASP P 109 0.28 49.76 -46.67
CA ASP P 109 1.21 48.62 -46.63
C ASP P 109 0.62 47.40 -45.90
N LEU P 110 0.28 46.39 -46.68
CA LEU P 110 -0.39 45.19 -46.18
C LEU P 110 0.54 44.10 -45.68
N GLY P 111 1.84 44.30 -45.83
CA GLY P 111 2.79 43.28 -45.44
C GLY P 111 2.98 42.28 -46.57
N PRO P 112 3.61 41.11 -46.26
CA PRO P 112 3.90 40.10 -47.32
C PRO P 112 2.70 39.26 -47.79
N VAL P 113 1.64 39.93 -48.28
CA VAL P 113 0.41 39.28 -48.71
C VAL P 113 0.58 38.60 -50.10
N TYR P 114 -0.52 38.01 -50.65
CA TYR P 114 -0.66 37.26 -51.93
C TYR P 114 0.31 37.68 -53.07
N GLY P 115 0.26 38.94 -53.50
CA GLY P 115 1.13 39.45 -54.56
C GLY P 115 2.59 39.19 -54.28
N PHE P 116 3.00 39.39 -53.02
CA PHE P 116 4.39 39.13 -52.61
C PHE P 116 4.73 37.65 -52.51
N GLN P 117 3.76 36.82 -52.07
CA GLN P 117 4.00 35.38 -51.95
C GLN P 117 4.04 34.67 -53.30
N TRP P 118 3.28 35.17 -54.27
CA TRP P 118 3.17 34.60 -55.62
C TRP P 118 4.41 34.86 -56.49
N ARG P 119 4.98 36.06 -56.39
CA ARG P 119 6.12 36.55 -57.18
C ARG P 119 7.46 36.53 -56.46
N HIS P 120 7.49 36.61 -55.09
CA HIS P 120 8.78 36.64 -54.36
C HIS P 120 8.80 35.75 -53.08
N PHE P 121 8.22 34.51 -53.14
CA PHE P 121 8.16 33.63 -51.96
C PHE P 121 9.55 33.41 -51.32
N GLY P 122 9.65 33.68 -50.02
CA GLY P 122 10.89 33.47 -49.26
C GLY P 122 11.84 34.65 -49.17
N ALA P 123 11.59 35.72 -49.97
CA ALA P 123 12.39 36.93 -49.93
C ALA P 123 12.04 37.71 -48.65
N PRO P 124 13.02 38.40 -48.01
CA PRO P 124 12.67 39.17 -46.80
C PRO P 124 11.84 40.41 -47.19
N TYR P 125 10.73 40.64 -46.47
CA TYR P 125 9.86 41.80 -46.70
C TYR P 125 10.41 43.01 -45.94
N ALA P 126 10.48 44.14 -46.63
CA ALA P 126 10.91 45.39 -46.03
C ALA P 126 9.58 46.20 -46.05
N ASP P 127 9.28 46.91 -47.15
CA ASP P 127 7.98 47.56 -47.29
C ASP P 127 7.48 47.46 -48.75
N MET P 128 6.26 47.93 -49.05
CA MET P 128 5.64 47.93 -50.38
C MET P 128 6.43 48.71 -51.47
N HIS P 129 7.39 49.57 -51.07
CA HIS P 129 8.19 50.36 -52.00
C HIS P 129 9.50 49.68 -52.45
N THR P 130 9.98 48.68 -51.69
CA THR P 130 11.21 47.91 -51.97
C THR P 130 11.06 47.22 -53.32
N ASP P 131 12.16 47.16 -54.08
CA ASP P 131 12.25 46.45 -55.35
C ASP P 131 12.79 45.01 -55.04
N TYR P 132 11.90 43.98 -55.07
CA TYR P 132 12.26 42.59 -54.79
C TYR P 132 12.53 41.78 -56.06
N THR P 133 12.63 42.45 -57.22
CA THR P 133 12.89 41.80 -58.50
C THR P 133 14.08 40.84 -58.40
N GLY P 134 13.85 39.57 -58.77
CA GLY P 134 14.87 38.54 -58.70
C GLY P 134 15.06 37.90 -57.33
N GLN P 135 14.34 38.40 -56.30
CA GLN P 135 14.39 37.88 -54.92
C GLN P 135 13.20 36.96 -54.69
N GLY P 136 13.47 35.87 -53.98
CA GLY P 136 12.48 34.86 -53.69
C GLY P 136 12.05 34.05 -54.89
N VAL P 137 11.11 33.15 -54.68
CA VAL P 137 10.56 32.28 -55.73
C VAL P 137 9.38 32.91 -56.46
N ASP P 138 9.51 32.99 -57.78
CA ASP P 138 8.40 33.44 -58.60
C ASP P 138 7.64 32.17 -58.96
N GLN P 139 6.59 31.87 -58.15
CA GLN P 139 5.73 30.70 -58.27
C GLN P 139 4.78 30.84 -59.43
N LEU P 140 4.30 32.05 -59.73
CA LEU P 140 3.39 32.24 -60.84
C LEU P 140 4.07 31.89 -62.19
N GLN P 141 5.28 32.39 -62.43
CA GLN P 141 6.04 32.12 -63.64
C GLN P 141 6.50 30.67 -63.71
N GLN P 142 6.83 30.07 -62.56
CA GLN P 142 7.26 28.68 -62.46
C GLN P 142 6.11 27.75 -62.88
N VAL P 143 4.88 28.08 -62.44
CA VAL P 143 3.64 27.36 -62.77
C VAL P 143 3.40 27.36 -64.30
N ILE P 144 3.54 28.54 -64.94
CA ILE P 144 3.35 28.75 -66.38
C ILE P 144 4.38 27.94 -67.19
N ASP P 145 5.66 27.99 -66.79
CA ASP P 145 6.76 27.23 -67.41
C ASP P 145 6.52 25.72 -67.32
N THR P 146 6.06 25.24 -66.14
CA THR P 146 5.76 23.83 -65.89
C THR P 146 4.59 23.38 -66.77
N ILE P 147 3.51 24.18 -66.87
CA ILE P 147 2.35 23.85 -67.70
C ILE P 147 2.78 23.67 -69.18
N LYS P 148 3.66 24.58 -69.66
CA LYS P 148 4.19 24.60 -71.02
C LYS P 148 5.15 23.44 -71.32
N ASN P 149 6.14 23.20 -70.44
CA ASN P 149 7.21 22.22 -70.63
C ASN P 149 6.89 20.81 -70.15
N ASN P 150 6.24 20.66 -68.99
CA ASN P 150 5.84 19.34 -68.47
C ASN P 150 4.42 19.39 -67.92
N PRO P 151 3.37 19.42 -68.81
CA PRO P 151 1.97 19.50 -68.31
C PRO P 151 1.47 18.36 -67.41
N ASP P 152 2.11 17.19 -67.45
CA ASP P 152 1.74 16.02 -66.63
C ASP P 152 2.26 16.07 -65.20
N ASP P 153 3.10 17.07 -64.88
CA ASP P 153 3.70 17.27 -63.56
C ASP P 153 2.64 17.41 -62.45
N ARG P 154 2.87 16.71 -61.32
CA ARG P 154 1.93 16.69 -60.18
C ARG P 154 2.32 17.64 -59.05
N ARG P 155 3.25 18.60 -59.33
CA ARG P 155 3.77 19.60 -58.39
C ARG P 155 3.52 21.03 -58.89
N ILE P 156 2.50 21.23 -59.75
CA ILE P 156 2.16 22.57 -60.25
C ILE P 156 1.39 23.34 -59.16
N ILE P 157 2.11 23.83 -58.14
CA ILE P 157 1.57 24.51 -56.97
C ILE P 157 2.06 25.94 -56.80
N MET P 158 1.14 26.83 -56.39
CA MET P 158 1.37 28.20 -56.01
C MET P 158 0.83 28.31 -54.58
N CYS P 159 1.72 28.54 -53.62
CA CYS P 159 1.45 28.60 -52.19
C CYS P 159 1.59 30.02 -51.61
N ALA P 160 0.51 30.53 -51.00
CA ALA P 160 0.52 31.83 -50.34
C ALA P 160 0.70 31.67 -48.84
N TRP P 161 0.42 30.47 -48.32
CA TRP P 161 0.58 30.20 -46.89
C TRP P 161 2.07 30.05 -46.59
N ASN P 162 2.64 31.07 -45.96
CA ASN P 162 4.03 31.11 -45.56
C ASN P 162 4.10 31.19 -44.03
N PRO P 163 4.37 30.06 -43.33
CA PRO P 163 4.50 30.09 -41.86
C PRO P 163 5.45 31.17 -41.29
N VAL P 164 6.52 31.52 -42.03
CA VAL P 164 7.49 32.55 -41.64
C VAL P 164 6.88 33.98 -41.76
N ASP P 165 6.18 34.25 -42.88
CA ASP P 165 5.60 35.57 -43.17
C ASP P 165 4.18 35.80 -42.64
N VAL P 166 3.42 34.74 -42.24
CA VAL P 166 2.03 34.91 -41.77
C VAL P 166 1.96 35.91 -40.56
N PRO P 167 2.86 35.90 -39.53
CA PRO P 167 2.75 36.92 -38.47
C PRO P 167 3.05 38.36 -38.94
N LYS P 168 3.75 38.53 -40.09
CA LYS P 168 4.09 39.84 -40.67
C LYS P 168 2.96 40.43 -41.53
N MET P 169 1.97 39.60 -41.91
CA MET P 169 0.84 39.95 -42.78
C MET P 169 -0.28 40.62 -42.02
N ALA P 170 -0.97 41.58 -42.68
CA ALA P 170 -2.13 42.32 -42.13
C ALA P 170 -3.21 41.31 -41.73
N LEU P 171 -3.54 40.41 -42.66
CA LEU P 171 -4.48 39.32 -42.45
C LEU P 171 -3.83 38.04 -42.98
N PRO P 172 -3.86 36.91 -42.24
CA PRO P 172 -3.30 35.66 -42.77
C PRO P 172 -4.10 35.21 -44.00
N PRO P 173 -3.44 34.65 -45.05
CA PRO P 173 -4.18 34.32 -46.27
C PRO P 173 -5.24 33.24 -46.09
N CYS P 174 -6.44 33.54 -46.60
CA CYS P 174 -7.59 32.63 -46.60
C CYS P 174 -7.40 31.60 -47.71
N HIS P 175 -6.63 31.96 -48.78
CA HIS P 175 -6.32 31.09 -49.91
C HIS P 175 -4.90 30.62 -49.78
N CYS P 176 -4.77 29.44 -49.14
CA CYS P 176 -3.52 28.78 -48.74
C CYS P 176 -2.63 28.36 -49.89
N LEU P 177 -3.18 27.59 -50.83
CA LEU P 177 -2.50 27.18 -52.04
C LEU P 177 -3.48 26.82 -53.14
N CYS P 178 -2.97 26.78 -54.37
CA CYS P 178 -3.70 26.33 -55.52
C CYS P 178 -2.82 25.42 -56.40
N GLN P 179 -3.42 24.35 -56.92
CA GLN P 179 -2.71 23.41 -57.77
C GLN P 179 -3.34 23.44 -59.15
N PHE P 180 -2.52 23.20 -60.17
CA PHE P 180 -2.94 23.16 -61.56
C PHE P 180 -2.77 21.76 -62.11
N TYR P 181 -3.63 21.40 -63.06
CA TYR P 181 -3.68 20.07 -63.67
C TYR P 181 -4.01 20.24 -65.15
N VAL P 182 -3.35 19.46 -66.00
CA VAL P 182 -3.53 19.50 -67.45
C VAL P 182 -3.89 18.10 -67.96
N ALA P 183 -5.00 17.99 -68.69
CA ALA P 183 -5.41 16.75 -69.35
C ALA P 183 -6.23 17.08 -70.60
N ASN P 184 -5.80 16.52 -71.76
CA ASN P 184 -6.43 16.67 -73.07
C ASN P 184 -6.64 18.15 -73.47
N GLY P 185 -5.59 18.92 -73.29
CA GLY P 185 -5.62 20.35 -73.61
C GLY P 185 -6.39 21.23 -72.65
N GLU P 186 -6.77 20.69 -71.47
CA GLU P 186 -7.54 21.40 -70.45
C GLU P 186 -6.82 21.65 -69.13
N LEU P 187 -6.79 22.94 -68.75
CA LEU P 187 -6.19 23.45 -67.52
C LEU P 187 -7.25 23.49 -66.42
N SER P 188 -7.02 22.74 -65.37
CA SER P 188 -7.89 22.74 -64.20
C SER P 188 -7.11 23.33 -63.03
N CYS P 189 -7.82 23.96 -62.10
CA CYS P 189 -7.23 24.57 -60.90
C CYS P 189 -7.99 24.13 -59.64
N GLN P 190 -7.25 23.84 -58.56
CA GLN P 190 -7.85 23.54 -57.27
C GLN P 190 -7.31 24.52 -56.25
N LEU P 191 -8.20 25.12 -55.47
CA LEU P 191 -7.87 26.07 -54.40
C LEU P 191 -8.12 25.36 -53.08
N TYR P 192 -7.23 25.55 -52.13
CA TYR P 192 -7.47 25.13 -50.77
C TYR P 192 -7.75 26.43 -50.00
N GLN P 193 -8.97 26.59 -49.54
CA GLN P 193 -9.37 27.75 -48.77
C GLN P 193 -9.60 27.35 -47.30
N ARG P 194 -8.74 27.82 -46.39
CA ARG P 194 -8.83 27.48 -44.96
C ARG P 194 -10.05 28.04 -44.22
N SER P 195 -10.50 29.21 -44.64
CA SER P 195 -11.62 29.93 -44.05
C SER P 195 -12.50 30.45 -45.17
N ALA P 196 -13.76 30.06 -45.19
CA ALA P 196 -14.70 30.47 -46.25
C ALA P 196 -16.04 30.97 -45.75
N ASP P 197 -16.27 32.29 -45.76
CA ASP P 197 -17.57 32.82 -45.40
C ASP P 197 -18.37 32.73 -46.69
N MET P 198 -19.36 31.83 -46.68
CA MET P 198 -20.27 31.51 -47.79
C MET P 198 -21.00 32.70 -48.33
N GLY P 199 -21.49 33.56 -47.44
CA GLY P 199 -22.24 34.76 -47.79
C GLY P 199 -21.54 35.76 -48.70
N LEU P 200 -20.57 36.49 -48.15
CA LEU P 200 -19.89 37.52 -48.94
C LEU P 200 -18.58 37.10 -49.61
N GLY P 201 -17.77 36.33 -48.88
CA GLY P 201 -16.45 35.89 -49.32
C GLY P 201 -16.39 34.96 -50.51
N VAL P 202 -16.96 33.74 -50.38
CA VAL P 202 -16.97 32.63 -51.35
C VAL P 202 -17.37 33.02 -52.78
N PRO P 203 -18.42 33.82 -53.13
CA PRO P 203 -18.68 34.08 -54.56
C PRO P 203 -17.56 34.86 -55.26
N PHE P 204 -16.81 35.68 -54.49
CA PHE P 204 -15.69 36.47 -54.95
C PHE P 204 -14.48 35.55 -55.13
N ASN P 205 -14.26 34.64 -54.14
CA ASN P 205 -13.16 33.69 -54.14
C ASN P 205 -13.19 32.69 -55.31
N ILE P 206 -14.41 32.20 -55.72
CA ILE P 206 -14.64 31.33 -56.87
C ILE P 206 -14.28 32.06 -58.20
N ALA P 207 -14.80 33.29 -58.37
CA ALA P 207 -14.51 34.11 -59.54
C ALA P 207 -12.98 34.42 -59.67
N SER P 208 -12.28 34.75 -58.54
CA SER P 208 -10.84 35.08 -58.56
C SER P 208 -10.01 33.97 -59.18
N TYR P 209 -10.20 32.74 -58.71
CA TYR P 209 -9.39 31.61 -59.14
C TYR P 209 -9.83 31.01 -60.46
N ALA P 210 -11.11 31.14 -60.84
CA ALA P 210 -11.63 30.78 -62.16
C ALA P 210 -11.02 31.74 -63.18
N LEU P 211 -10.90 33.04 -62.82
CA LEU P 211 -10.28 34.06 -63.70
C LEU P 211 -8.81 33.83 -63.87
N LEU P 212 -8.10 33.48 -62.79
CA LEU P 212 -6.68 33.12 -62.83
C LEU P 212 -6.46 31.94 -63.83
N THR P 213 -7.31 30.90 -63.76
CA THR P 213 -7.27 29.73 -64.64
C THR P 213 -7.46 30.16 -66.11
N TYR P 214 -8.41 31.08 -66.39
CA TYR P 214 -8.67 31.62 -67.73
C TYR P 214 -7.44 32.34 -68.29
N MET P 215 -6.77 33.14 -67.43
CA MET P 215 -5.54 33.88 -67.74
C MET P 215 -4.36 32.94 -68.01
N ILE P 216 -4.15 31.95 -67.14
CA ILE P 216 -3.06 30.98 -67.31
C ILE P 216 -3.31 30.10 -68.56
N ALA P 217 -4.57 29.67 -68.78
CA ALA P 217 -5.01 28.92 -69.94
C ALA P 217 -4.70 29.71 -71.22
N HIS P 218 -5.04 31.01 -71.26
CA HIS P 218 -4.79 31.89 -72.40
C HIS P 218 -3.32 31.99 -72.81
N VAL P 219 -2.42 32.20 -71.83
CA VAL P 219 -0.99 32.38 -72.08
C VAL P 219 -0.26 31.06 -72.40
N THR P 220 -0.75 29.92 -71.86
CA THR P 220 -0.11 28.59 -72.07
C THR P 220 -0.71 27.79 -73.24
N ASP P 221 -1.62 28.43 -74.02
CA ASP P 221 -2.32 27.88 -75.20
C ASP P 221 -3.13 26.62 -74.86
N LEU P 222 -3.83 26.68 -73.70
CA LEU P 222 -4.70 25.64 -73.21
C LEU P 222 -6.10 26.21 -73.03
N LYS P 223 -7.09 25.33 -72.81
CA LYS P 223 -8.48 25.73 -72.60
C LYS P 223 -8.82 25.54 -71.14
N PRO P 224 -9.58 26.42 -70.49
CA PRO P 224 -9.97 26.16 -69.08
C PRO P 224 -10.84 24.88 -68.95
N GLY P 225 -10.55 24.08 -67.91
CA GLY P 225 -11.26 22.86 -67.59
C GLY P 225 -12.24 23.09 -66.46
N ASP P 226 -11.81 22.77 -65.23
CA ASP P 226 -12.60 22.90 -64.01
C ASP P 226 -11.91 23.76 -62.97
N PHE P 227 -12.70 24.32 -62.05
CA PHE P 227 -12.22 25.03 -60.89
C PHE P 227 -12.78 24.25 -59.74
N VAL P 228 -11.89 23.64 -58.96
CA VAL P 228 -12.23 22.81 -57.79
C VAL P 228 -11.97 23.71 -56.55
N HIS P 229 -13.05 23.96 -55.80
CA HIS P 229 -13.02 24.79 -54.61
C HIS P 229 -13.12 23.93 -53.37
N THR P 230 -12.00 23.76 -52.66
CA THR P 230 -11.94 22.98 -51.43
C THR P 230 -11.95 23.94 -50.25
N LEU P 231 -12.79 23.64 -49.24
CA LEU P 231 -12.94 24.49 -48.06
C LEU P 231 -12.55 23.78 -46.77
N GLY P 232 -11.97 24.57 -45.86
CA GLY P 232 -11.63 24.14 -44.52
C GLY P 232 -12.80 24.50 -43.62
N ASP P 233 -12.67 25.61 -42.88
CA ASP P 233 -13.76 26.10 -42.04
C ASP P 233 -14.75 26.91 -42.92
N ALA P 234 -15.84 26.23 -43.39
CA ALA P 234 -16.90 26.82 -44.21
C ALA P 234 -17.98 27.32 -43.24
N HIS P 235 -18.26 28.63 -43.28
CA HIS P 235 -19.16 29.26 -42.32
C HIS P 235 -20.06 30.33 -42.88
N VAL P 236 -21.09 30.64 -42.08
CA VAL P 236 -22.05 31.72 -42.32
C VAL P 236 -22.09 32.53 -41.03
N TYR P 237 -22.21 33.86 -41.15
CA TYR P 237 -22.32 34.72 -39.97
C TYR P 237 -23.76 34.68 -39.51
N SER P 238 -23.99 34.54 -38.19
CA SER P 238 -25.32 34.42 -37.59
C SER P 238 -26.27 35.56 -37.95
N ASN P 239 -25.74 36.79 -38.04
CA ASN P 239 -26.50 37.99 -38.40
C ASN P 239 -26.90 38.02 -39.90
N HIS P 240 -26.28 37.16 -40.74
CA HIS P 240 -26.53 37.05 -42.18
C HIS P 240 -27.53 35.94 -42.53
N CYS P 241 -27.96 35.15 -41.53
CA CYS P 241 -28.83 33.99 -41.71
C CYS P 241 -30.20 34.31 -42.32
N GLU P 242 -30.83 35.43 -41.94
CA GLU P 242 -32.12 35.86 -42.51
C GLU P 242 -31.98 36.15 -44.01
N ALA P 243 -30.89 36.86 -44.39
CA ALA P 243 -30.55 37.22 -45.77
C ALA P 243 -30.20 35.97 -46.62
N LEU P 244 -29.51 34.97 -46.01
CA LEU P 244 -29.15 33.69 -46.64
C LEU P 244 -30.40 32.87 -46.96
N GLU P 245 -31.40 32.87 -46.06
CA GLU P 245 -32.69 32.17 -46.22
C GLU P 245 -33.52 32.70 -47.41
N GLU P 246 -33.53 34.03 -47.61
CA GLU P 246 -34.20 34.68 -48.74
C GLU P 246 -33.45 34.38 -50.09
N GLN P 247 -32.11 34.20 -50.01
CA GLN P 247 -31.23 33.87 -51.13
C GLN P 247 -31.32 32.37 -51.54
N LEU P 248 -31.66 31.49 -50.59
CA LEU P 248 -31.86 30.05 -50.86
C LEU P 248 -33.15 29.80 -51.66
N LYS P 249 -34.13 30.72 -51.53
CA LYS P 249 -35.41 30.74 -52.25
C LYS P 249 -35.18 31.28 -53.70
N ARG P 250 -33.92 31.55 -54.04
CA ARG P 250 -33.54 32.07 -55.36
C ARG P 250 -33.02 30.99 -56.26
N GLU P 251 -33.45 31.07 -57.51
CA GLU P 251 -33.10 30.12 -58.53
C GLU P 251 -31.91 30.61 -59.36
N PRO P 252 -30.80 29.84 -59.43
CA PRO P 252 -29.65 30.28 -60.23
C PRO P 252 -30.01 30.51 -61.69
N ARG P 253 -29.37 31.51 -62.28
CA ARG P 253 -29.58 31.88 -63.67
C ARG P 253 -28.37 31.39 -64.47
N PRO P 254 -28.48 31.17 -65.81
CA PRO P 254 -27.29 30.74 -66.57
C PRO P 254 -26.09 31.64 -66.34
N PHE P 255 -24.93 31.03 -66.10
CA PHE P 255 -23.67 31.74 -65.84
C PHE P 255 -23.24 32.59 -67.05
N PRO P 256 -22.52 33.72 -66.83
CA PRO P 256 -22.08 34.52 -67.98
C PRO P 256 -20.96 33.81 -68.75
N SER P 257 -20.58 34.40 -69.90
CA SER P 257 -19.47 33.88 -70.71
C SER P 257 -18.29 34.84 -70.59
N LEU P 258 -17.06 34.31 -70.68
CA LEU P 258 -15.84 35.12 -70.59
C LEU P 258 -14.93 34.88 -71.79
N LYS P 259 -14.52 35.99 -72.41
CA LYS P 259 -13.62 36.04 -73.56
C LYS P 259 -12.49 37.02 -73.29
N ILE P 260 -11.27 36.67 -73.73
CA ILE P 260 -10.11 37.56 -73.64
C ILE P 260 -9.97 38.14 -75.06
N LYS P 261 -10.34 39.42 -75.19
CA LYS P 261 -10.43 40.23 -76.42
C LYS P 261 -9.21 40.20 -77.32
N ARG P 262 -7.99 40.17 -76.73
CA ARG P 262 -6.75 40.15 -77.50
C ARG P 262 -5.81 39.04 -77.03
N LYS P 263 -4.86 38.68 -77.89
CA LYS P 263 -3.85 37.69 -77.55
C LYS P 263 -2.82 38.32 -76.56
N VAL P 264 -2.70 37.71 -75.38
CA VAL P 264 -1.83 38.15 -74.29
C VAL P 264 -0.66 37.14 -74.17
N GLU P 265 0.57 37.63 -74.36
CA GLU P 265 1.79 36.83 -74.31
C GLU P 265 2.21 36.42 -72.88
N ASN P 266 2.37 37.43 -72.00
CA ASN P 266 2.80 37.20 -70.63
C ASN P 266 1.67 37.46 -69.65
N ILE P 267 1.68 36.73 -68.51
CA ILE P 267 0.66 36.83 -67.46
C ILE P 267 0.55 38.24 -66.85
N SER P 268 1.68 39.00 -66.83
CA SER P 268 1.78 40.35 -66.29
C SER P 268 1.17 41.41 -67.21
N ASP P 269 0.80 41.06 -68.45
CA ASP P 269 0.30 42.02 -69.44
C ASP P 269 -1.24 42.12 -69.56
N PHE P 270 -1.96 41.55 -68.60
CA PHE P 270 -3.41 41.67 -68.67
C PHE P 270 -3.81 43.02 -68.14
N LYS P 271 -4.85 43.56 -68.74
CA LYS P 271 -5.49 44.78 -68.34
C LYS P 271 -6.95 44.44 -68.18
N PHE P 272 -7.67 45.20 -67.33
CA PHE P 272 -9.09 44.94 -67.08
C PHE P 272 -9.91 44.93 -68.38
N GLU P 273 -9.59 45.84 -69.30
CA GLU P 273 -10.25 46.04 -70.59
C GLU P 273 -10.13 44.83 -71.53
N ASP P 274 -9.19 43.89 -71.24
CA ASP P 274 -8.96 42.70 -72.06
C ASP P 274 -10.03 41.68 -71.89
N PHE P 275 -10.75 41.73 -70.77
CA PHE P 275 -11.81 40.80 -70.41
C PHE P 275 -13.18 41.24 -70.92
N GLU P 276 -13.93 40.28 -71.49
CA GLU P 276 -15.26 40.50 -72.06
C GLU P 276 -16.23 39.56 -71.36
N LEU P 277 -16.93 40.09 -70.34
CA LEU P 277 -17.92 39.34 -69.57
C LEU P 277 -19.30 39.59 -70.16
N ASP P 278 -19.80 38.61 -70.90
CA ASP P 278 -21.09 38.71 -71.57
C ASP P 278 -22.18 37.91 -70.87
N GLY P 279 -23.36 38.52 -70.78
CA GLY P 279 -24.58 37.93 -70.25
C GLY P 279 -24.65 37.70 -68.76
N TYR P 280 -24.01 38.56 -67.96
CA TYR P 280 -24.08 38.44 -66.50
C TYR P 280 -25.38 39.07 -66.05
N LYS P 281 -26.35 38.21 -65.71
CA LYS P 281 -27.68 38.68 -65.31
C LYS P 281 -28.01 38.16 -63.90
N PRO P 282 -27.35 38.67 -62.83
CA PRO P 282 -27.64 38.15 -61.49
C PRO P 282 -28.90 38.71 -60.84
N HIS P 283 -29.34 38.04 -59.77
CA HIS P 283 -30.42 38.47 -58.91
C HIS P 283 -29.87 39.69 -58.13
N PRO P 284 -30.72 40.62 -57.62
CA PRO P 284 -30.16 41.78 -56.87
C PRO P 284 -29.19 41.43 -55.73
N LYS P 285 -28.35 42.41 -55.34
CA LYS P 285 -27.43 42.29 -54.20
C LYS P 285 -28.28 42.20 -52.90
N ILE P 286 -27.78 41.48 -51.88
CA ILE P 286 -28.45 41.36 -50.58
C ILE P 286 -27.49 41.91 -49.52
N LYS P 287 -27.99 42.80 -48.64
CA LYS P 287 -27.17 43.41 -47.60
C LYS P 287 -26.84 42.40 -46.49
N MET P 288 -25.54 42.24 -46.23
CA MET P 288 -24.96 41.33 -45.24
C MET P 288 -23.82 42.05 -44.51
S SO4 Q . -14.98 -33.03 11.81
O1 SO4 Q . -15.99 -31.99 11.97
O2 SO4 Q . -14.04 -32.63 10.78
O3 SO4 Q . -15.64 -34.24 11.36
O4 SO4 Q . -14.26 -33.31 13.04
S SO4 R . 4.04 -52.07 -4.71
O1 SO4 R . 4.61 -51.01 -5.55
O2 SO4 R . 2.61 -52.10 -4.95
O3 SO4 R . 4.56 -53.38 -5.04
O4 SO4 R . 4.36 -51.84 -3.32
S SO4 S . 1.02 0.18 -5.88
O1 SO4 S . 0.88 1.38 -5.09
O2 SO4 S . -0.03 0.18 -6.91
O3 SO4 S . 2.34 0.14 -6.57
O4 SO4 S . 0.88 -0.97 -4.96
S SO4 T . 42.30 -20.73 -0.50
O1 SO4 T . 41.04 -21.29 0.00
O2 SO4 T . 42.10 -19.50 -1.27
O3 SO4 T . 42.86 -21.75 -1.40
O4 SO4 T . 43.19 -20.48 0.61
S SO4 U . 25.65 -0.05 17.20
O1 SO4 U . 25.29 -0.04 18.63
O2 SO4 U . 24.76 0.77 16.39
O3 SO4 U . 25.61 -1.39 16.68
O4 SO4 U . 27.01 0.44 17.06
S SO4 V . -30.55 4.41 5.00
O1 SO4 V . -30.10 5.61 4.34
O2 SO4 V . -31.28 4.76 6.22
O3 SO4 V . -29.42 3.55 5.34
O4 SO4 V . -31.42 3.69 4.09
S SO4 W . -38.35 20.37 -20.95
O1 SO4 W . -38.18 21.80 -20.61
O2 SO4 W . -38.56 20.22 -22.37
O3 SO4 W . -37.15 19.66 -20.54
O4 SO4 W . -39.48 19.83 -20.22
S SO4 X . 0.73 52.42 -16.21
O1 SO4 X . 0.31 53.80 -16.44
O2 SO4 X . 0.58 51.70 -17.46
O3 SO4 X . 2.13 52.39 -15.76
O4 SO4 X . -0.09 51.81 -15.18
S SO4 Y . 9.68 36.98 10.52
O1 SO4 Y . 9.48 38.18 9.76
O2 SO4 Y . 9.59 37.29 11.95
O3 SO4 Y . 11.00 36.46 10.14
O4 SO4 Y . 8.69 35.98 10.19
S SO4 Z . 5.16 -32.91 62.94
O1 SO4 Z . 5.74 -31.71 62.39
O2 SO4 Z . 4.45 -32.58 64.19
O3 SO4 Z . 6.25 -33.86 63.26
O4 SO4 Z . 4.20 -33.49 62.00
S SO4 AA . -1.11 -15.66 37.16
O1 SO4 AA . -2.19 -14.70 37.27
O2 SO4 AA . -0.73 -15.98 35.75
O3 SO4 AA . 0.01 -15.02 37.84
O4 SO4 AA . -1.55 -16.91 37.76
S SO4 BA . 37.39 -35.68 53.85
O1 SO4 BA . 37.51 -34.33 54.36
O2 SO4 BA . 36.29 -35.68 52.89
O3 SO4 BA . 38.60 -36.06 53.16
O4 SO4 BA . 37.16 -36.53 55.00
S SO4 CA . 24.42 -42.62 -26.14
O1 SO4 CA . 23.22 -43.22 -26.72
O2 SO4 CA . 24.78 -41.43 -26.84
O3 SO4 CA . 25.53 -43.58 -26.23
O4 SO4 CA . 24.17 -42.23 -24.74
S SO4 DA . 14.46 -26.49 -51.40
O1 SO4 DA . 14.74 -25.06 -51.57
O2 SO4 DA . 13.42 -26.71 -50.41
O3 SO4 DA . 15.67 -27.13 -50.95
O4 SO4 DA . 14.02 -27.10 -52.66
S SO4 EA . -29.75 43.82 46.79
O1 SO4 EA . -30.56 44.18 47.98
O2 SO4 EA . -30.52 44.14 45.55
O3 SO4 EA . -29.43 42.39 46.89
O4 SO4 EA . -28.48 44.61 46.84
S SO4 FA . -10.24 23.98 31.21
O1 SO4 FA . -11.27 24.92 30.83
O2 SO4 FA . -9.45 24.52 32.32
O3 SO4 FA . -9.38 23.76 30.04
O4 SO4 FA . -10.85 22.70 31.59
S SO4 GA . -10.12 34.41 -40.46
O1 SO4 GA . -10.02 35.12 -39.18
O2 SO4 GA . -11.41 34.68 -41.12
O3 SO4 GA . -9.99 32.97 -40.26
O4 SO4 GA . -9.03 34.90 -41.32
S SO4 HA . 5.12 12.62 -57.83
O1 SO4 HA . 5.41 12.91 -59.23
O2 SO4 HA . 3.90 13.29 -57.49
O3 SO4 HA . 4.95 11.15 -57.65
O4 SO4 HA . 6.21 13.10 -56.97
#